data_5MHF
#
_entry.id   5MHF
#
_cell.length_a   108.010
_cell.length_b   130.920
_cell.length_c   135.370
_cell.angle_alpha   90.00
_cell.angle_beta   99.53
_cell.angle_gamma   90.00
#
_symmetry.space_group_name_H-M   'P 1 21 1'
#
loop_
_entity.id
_entity.type
_entity.pdbx_description
1 polymer 'Mannosyl-oligosaccharide glucosidase'
2 branched 2-acetamido-2-deoxy-beta-D-glucopyranose-(1-4)-2-acetamido-2-deoxy-beta-D-glucopyranose
3 branched beta-D-mannopyranose-(1-4)-2-acetamido-2-deoxy-beta-D-glucopyranose-(1-4)-2-acetamido-2-deoxy-beta-D-glucopyranose
4 non-polymer 'SULFATE ION'
5 non-polymer "N-9'-methoxynonyl-1-deoxynojirimycin"
6 non-polymer 2,5,8,11,14,17,20,23-OCTAOXAPENTACOSAN-25-OL
7 water water
#
_entity_poly.entity_id   1
_entity_poly.type   'polypeptide(L)'
_entity_poly.pdbx_seq_one_letter_code
;ETGWVLAWLRVRRALTLHPAPSALPPDSSSPAVAPELFWGTYRPHVYFGMKTRSP(MLY)PLLTGLMWAQQGATPGTPP
(MLY)LRHTCEQGDGVGPYGWEFHDGRTFGRQHIHDGALRLTTEFVKRPGGQHGGDWSWRVTVEPQASGTPSFPLVSLFF
YVVTDGQEVLLPEIGAKGQL(MLY)SISGHTSELGDFRLTLLPPTSPGDTVPKHGSYNVFWSSNPGLPQLTDMVKSRLNS
WFQHRPPGASPDRYLGLPGSL(MLY)WEERGPSGQGQFLIQQVTLKAPFSVEFVFESGSAATGGNQASGRLVGSQLTQAL
ESHAAAF(MLY)ERFE(MLY)TFQL(MLY)E(MLY)GLSPEEQALGQVALSGLLGGIGYFYGQGLVLPDTSMEGSEQK
(SME)DPALFPPVPLFSGVPSRSFFPRGFLWDEGFHQLVVQRWDPHLTREALGHWLGLLNADGWIGREQILGDEARARVP
PEFLVQRAAHANPPTLLLPVVH(SME)LEGHDPDDLAFLR(MLY)AFPRLHAWFSWLHQSQAGPVPLSYRWRGRDLALPT
LLNP(MLY)TLPSGLDDYPRASHPSTAERHLDLRCWVALGARVLSQLAEQLGETEAAAELGPLAASLEEPGSLDELHWAP
ELGVFADFGNHTKAVQL(MLY)SRPPQGLVRVVGRPPPRLQYVDALGYVSLFPLLLQLLDPSSPRLGPLLDVLADSRHLW
SPFGLRSLSASSLFY(MLY)QRNTEHDPPYWRGAVWLNINYLALGALHHYGHVEGPHKVQAA(MLY)LYHELRANVVRNV
RQQYQATGFLWEQYSDQDGRGMGCRPFQGWTSLVLLIMAEEYASWSHPQFEKHHHHHH
;
_entity_poly.pdbx_strand_id   A,B,C,D
#
# COMPACT_ATOMS: atom_id res chain seq x y z
N LEU A 6 -27.09 38.80 -39.94
CA LEU A 6 -28.31 37.99 -40.00
C LEU A 6 -28.42 37.11 -38.73
N ALA A 7 -27.84 35.89 -38.77
CA ALA A 7 -27.79 34.96 -37.66
C ALA A 7 -26.43 35.16 -36.98
N TRP A 8 -25.44 35.56 -37.80
CA TRP A 8 -24.07 35.84 -37.37
C TRP A 8 -23.97 37.15 -36.61
N LEU A 9 -24.96 38.05 -36.80
CA LEU A 9 -25.01 39.31 -36.06
C LEU A 9 -25.39 39.03 -34.61
N ARG A 10 -26.34 38.07 -34.39
CA ARG A 10 -26.80 37.63 -33.07
C ARG A 10 -25.67 36.91 -32.30
N VAL A 11 -24.82 36.16 -33.03
CA VAL A 11 -23.66 35.49 -32.45
C VAL A 11 -22.69 36.55 -31.95
N ARG A 12 -22.45 37.61 -32.73
CA ARG A 12 -21.47 38.60 -32.29
C ARG A 12 -22.02 39.38 -31.12
N ARG A 13 -23.35 39.54 -31.02
CA ARG A 13 -24.07 40.18 -29.92
C ARG A 13 -23.85 39.43 -28.56
N ALA A 14 -23.92 38.09 -28.60
CA ALA A 14 -23.62 37.17 -27.49
C ALA A 14 -22.16 37.33 -27.00
N LEU A 15 -21.25 37.72 -27.90
CA LEU A 15 -19.83 37.85 -27.62
C LEU A 15 -19.34 39.32 -27.53
N THR A 16 -20.26 40.28 -27.40
CA THR A 16 -19.96 41.72 -27.30
C THR A 16 -20.36 42.21 -25.91
N LEU A 17 -19.56 43.15 -25.32
CA LEU A 17 -19.87 43.73 -24.00
C LEU A 17 -21.08 44.66 -24.17
N HIS A 18 -21.94 44.73 -23.13
CA HIS A 18 -23.14 45.59 -23.14
C HIS A 18 -22.75 47.07 -23.43
N PRO A 19 -23.49 47.77 -24.34
CA PRO A 19 -23.17 49.18 -24.66
C PRO A 19 -23.50 50.23 -23.58
N ALA A 20 -24.29 49.88 -22.52
CA ALA A 20 -24.69 50.83 -21.47
C ALA A 20 -23.49 51.46 -20.71
N PRO A 21 -23.64 52.66 -20.09
CA PRO A 21 -22.52 53.24 -19.31
C PRO A 21 -21.99 52.31 -18.21
N SER A 22 -20.68 52.40 -17.92
CA SER A 22 -20.06 51.58 -16.90
C SER A 22 -20.57 51.96 -15.50
N ALA A 23 -20.71 50.95 -14.61
CA ALA A 23 -21.14 51.18 -13.23
C ALA A 23 -19.94 51.68 -12.39
N LEU A 24 -18.72 51.56 -12.93
CA LEU A 24 -17.49 52.01 -12.28
C LEU A 24 -16.90 53.24 -12.96
N PRO A 25 -16.20 54.14 -12.20
CA PRO A 25 -15.50 55.27 -12.84
C PRO A 25 -14.48 54.84 -13.91
N PRO A 26 -14.13 55.76 -14.85
CA PRO A 26 -13.29 55.41 -16.03
C PRO A 26 -12.08 54.47 -15.83
N ASP A 27 -11.14 54.83 -14.95
CA ASP A 27 -9.92 54.04 -14.70
C ASP A 27 -9.93 53.72 -13.21
N SER A 28 -11.02 53.07 -12.77
CA SER A 28 -11.40 52.75 -11.38
C SER A 28 -10.32 52.09 -10.54
N SER A 29 -9.49 51.22 -11.15
CA SER A 29 -8.48 50.49 -10.39
C SER A 29 -7.10 51.13 -10.35
N SER A 30 -6.88 52.24 -11.11
CA SER A 30 -5.59 52.92 -11.12
C SER A 30 -5.28 53.53 -9.74
N PRO A 31 -4.00 53.59 -9.32
CA PRO A 31 -3.70 54.18 -8.00
C PRO A 31 -4.01 55.67 -7.87
N ALA A 32 -4.21 56.38 -9.02
CA ALA A 32 -4.61 57.78 -8.99
C ALA A 32 -6.06 57.89 -8.50
N VAL A 33 -6.91 56.90 -8.86
CA VAL A 33 -8.32 56.82 -8.50
C VAL A 33 -8.54 56.07 -7.17
N ALA A 34 -8.02 54.83 -7.05
CA ALA A 34 -8.18 54.02 -5.83
C ALA A 34 -6.83 53.63 -5.20
N PRO A 35 -6.10 54.58 -4.55
CA PRO A 35 -4.79 54.23 -3.98
C PRO A 35 -4.79 53.18 -2.87
N GLU A 36 -5.81 53.19 -2.01
CA GLU A 36 -5.92 52.25 -0.89
C GLU A 36 -6.11 50.79 -1.28
N LEU A 37 -6.63 50.53 -2.50
CA LEU A 37 -6.91 49.16 -2.96
C LEU A 37 -5.95 48.66 -4.07
N PHE A 38 -4.97 49.46 -4.52
CA PHE A 38 -4.08 49.00 -5.61
C PHE A 38 -3.36 47.68 -5.27
N TRP A 39 -2.75 47.61 -4.09
CA TRP A 39 -2.09 46.39 -3.61
C TRP A 39 -3.03 45.63 -2.70
N GLY A 40 -2.84 44.32 -2.64
CA GLY A 40 -3.62 43.46 -1.74
C GLY A 40 -3.34 41.98 -1.91
N THR A 41 -3.88 41.17 -0.99
CA THR A 41 -3.78 39.70 -1.01
C THR A 41 -4.84 39.16 -1.99
N TYR A 42 -4.68 39.53 -3.28
CA TYR A 42 -5.66 39.25 -4.34
C TYR A 42 -5.43 37.96 -5.14
N ARG A 43 -4.71 36.99 -4.55
CA ARG A 43 -4.42 35.69 -5.15
C ARG A 43 -4.92 34.67 -4.11
N PRO A 44 -6.25 34.40 -4.03
CA PRO A 44 -6.80 33.54 -2.95
C PRO A 44 -6.32 32.08 -2.90
N HIS A 45 -5.94 31.52 -4.06
CA HIS A 45 -5.47 30.13 -4.11
C HIS A 45 -4.00 29.92 -3.67
N VAL A 46 -3.31 30.98 -3.27
CA VAL A 46 -1.92 30.93 -2.81
C VAL A 46 -1.97 31.13 -1.30
N TYR A 47 -1.25 30.33 -0.50
CA TYR A 47 -1.28 30.52 0.96
C TYR A 47 -0.99 31.98 1.42
N PHE A 48 0.07 32.63 0.85
CA PHE A 48 0.46 33.99 1.18
C PHE A 48 1.16 34.65 0.02
N GLY A 49 0.60 35.76 -0.47
CA GLY A 49 1.12 36.52 -1.58
C GLY A 49 0.34 37.79 -1.85
N MET A 50 0.86 38.63 -2.76
CA MET A 50 0.22 39.90 -3.13
C MET A 50 0.31 40.17 -4.63
N LYS A 51 -0.51 41.09 -5.12
CA LYS A 51 -0.53 41.54 -6.52
C LYS A 51 -1.22 42.91 -6.61
N THR A 52 -1.06 43.57 -7.75
CA THR A 52 -1.69 44.87 -8.07
C THR A 52 -2.98 44.64 -8.88
N ARG A 53 -3.94 45.57 -8.79
CA ARG A 53 -5.21 45.48 -9.53
C ARG A 53 -4.95 46.03 -10.94
N SER A 54 -4.33 45.19 -11.77
CA SER A 54 -3.87 45.56 -13.10
C SER A 54 -3.88 44.40 -14.10
N PRO A 55 -4.09 44.67 -15.43
CA PRO A 55 -3.99 43.58 -16.43
C PRO A 55 -2.55 43.07 -16.64
N PRO A 57 0.11 42.79 -13.96
CA PRO A 57 0.50 43.05 -12.56
C PRO A 57 1.90 42.65 -12.14
N LEU A 58 2.34 43.19 -10.98
CA LEU A 58 3.55 42.79 -10.28
C LEU A 58 3.02 41.81 -9.22
N LEU A 59 3.62 40.61 -9.15
CA LEU A 59 3.18 39.54 -8.24
C LEU A 59 4.26 39.18 -7.24
N THR A 60 3.84 38.85 -6.00
CA THR A 60 4.76 38.35 -4.97
C THR A 60 4.14 37.15 -4.31
N GLY A 61 4.99 36.34 -3.69
CA GLY A 61 4.51 35.16 -3.00
C GLY A 61 5.53 34.50 -2.11
N LEU A 62 5.00 33.60 -1.27
CA LEU A 62 5.75 32.81 -0.32
C LEU A 62 5.63 31.32 -0.66
N MET A 63 6.69 30.57 -0.37
CA MET A 63 6.77 29.12 -0.45
C MET A 63 7.52 28.68 0.80
N TRP A 64 7.34 27.44 1.24
CA TRP A 64 8.10 26.93 2.35
C TRP A 64 8.27 25.43 2.25
N ALA A 65 9.29 24.90 2.94
CA ALA A 65 9.59 23.48 3.00
C ALA A 65 10.34 23.14 4.28
N GLN A 66 9.93 22.06 4.94
CA GLN A 66 10.63 21.56 6.12
C GLN A 66 11.78 20.64 5.67
N GLN A 67 13.00 20.91 6.15
CA GLN A 67 14.17 20.08 5.82
C GLN A 67 14.26 18.88 6.78
N GLY A 68 15.10 17.93 6.44
CA GLY A 68 15.29 16.70 7.23
C GLY A 68 14.27 15.64 6.89
N ALA A 69 13.80 15.64 5.63
CA ALA A 69 12.81 14.71 5.09
C ALA A 69 13.44 13.41 4.64
N THR A 70 12.59 12.39 4.44
CA THR A 70 12.96 11.04 4.03
C THR A 70 13.63 11.02 2.64
N PRO A 71 14.73 10.28 2.45
CA PRO A 71 15.38 10.24 1.13
C PRO A 71 14.60 9.51 0.01
N GLY A 72 15.01 9.76 -1.24
CA GLY A 72 14.45 9.25 -2.49
C GLY A 72 13.14 9.96 -2.81
N THR A 73 12.61 10.53 -1.74
CA THR A 73 11.37 11.23 -1.51
C THR A 73 11.77 12.65 -1.04
N PRO A 74 11.74 13.60 -2.01
CA PRO A 74 12.16 14.98 -1.73
C PRO A 74 11.16 15.74 -0.85
N PRO A 75 11.62 16.79 -0.11
CA PRO A 75 10.72 17.54 0.77
C PRO A 75 9.50 18.11 0.06
N LEU A 77 7.19 20.82 -0.94
CA LEU A 77 7.23 22.27 -1.12
C LEU A 77 5.81 22.85 -1.07
N ARG A 78 5.55 23.82 -0.15
CA ARG A 78 4.23 24.45 0.00
C ARG A 78 4.12 25.81 -0.71
N HIS A 79 3.04 26.00 -1.50
CA HIS A 79 2.79 27.23 -2.27
C HIS A 79 1.30 27.55 -2.47
N THR A 80 0.52 26.60 -2.99
CA THR A 80 -0.92 26.79 -3.23
C THR A 80 -1.77 25.93 -2.29
N CYS A 81 -3.00 26.38 -2.05
CA CYS A 81 -3.98 25.81 -1.15
C CYS A 81 -4.60 24.50 -1.68
N GLU A 82 -3.83 23.43 -1.80
CA GLU A 82 -4.36 22.15 -2.30
C GLU A 82 -5.02 21.41 -1.12
N GLN A 83 -6.30 20.98 -1.25
CA GLN A 83 -7.07 20.38 -0.13
C GLN A 83 -6.47 19.05 0.45
N GLY A 84 -5.70 18.30 -0.34
CA GLY A 84 -5.11 17.05 0.16
C GLY A 84 -3.60 17.03 0.34
N ASP A 85 -2.95 18.21 0.54
CA ASP A 85 -1.48 18.31 0.70
C ASP A 85 -0.93 18.06 2.13
N GLY A 86 -1.82 17.78 3.09
CA GLY A 86 -1.37 17.53 4.47
C GLY A 86 -1.33 18.74 5.38
N VAL A 87 -1.49 19.95 4.84
CA VAL A 87 -1.53 21.20 5.60
C VAL A 87 -2.93 21.33 6.23
N GLY A 88 -3.00 22.03 7.36
CA GLY A 88 -4.27 22.35 7.99
C GLY A 88 -4.34 22.07 9.47
N PRO A 89 -5.15 22.83 10.24
CA PRO A 89 -5.97 23.97 9.80
C PRO A 89 -5.15 25.24 9.48
N TYR A 90 -5.77 26.19 8.76
CA TYR A 90 -5.18 27.48 8.39
C TYR A 90 -6.29 28.49 8.12
N GLY A 91 -5.97 29.77 8.25
CA GLY A 91 -6.91 30.82 7.97
C GLY A 91 -6.57 32.16 8.56
N TRP A 92 -7.28 33.22 8.10
CA TRP A 92 -7.12 34.58 8.56
C TRP A 92 -7.82 34.78 9.90
N GLU A 93 -7.06 35.27 10.89
CA GLU A 93 -7.58 35.60 12.24
C GLU A 93 -8.10 37.04 12.17
N PHE A 94 -7.32 37.92 11.50
CA PHE A 94 -7.63 39.32 11.21
C PHE A 94 -7.33 39.62 9.75
N HIS A 95 -8.16 40.46 9.13
CA HIS A 95 -8.03 40.98 7.77
C HIS A 95 -9.16 41.99 7.62
N ASP A 96 -8.86 43.29 7.43
CA ASP A 96 -9.95 44.27 7.25
C ASP A 96 -10.25 44.57 5.79
N GLY A 97 -9.60 43.83 4.89
CA GLY A 97 -9.75 43.97 3.45
C GLY A 97 -9.06 45.19 2.89
N ARG A 98 -8.21 45.86 3.68
CA ARG A 98 -7.60 47.11 3.23
C ARG A 98 -6.21 47.44 3.71
N THR A 99 -5.95 47.32 5.01
CA THR A 99 -4.68 47.79 5.56
C THR A 99 -3.80 46.73 6.17
N PHE A 100 -4.38 45.69 6.75
CA PHE A 100 -3.59 44.70 7.45
C PHE A 100 -4.28 43.33 7.48
N GLY A 101 -3.51 42.33 7.89
CA GLY A 101 -3.98 40.96 8.07
C GLY A 101 -2.99 40.10 8.84
N ARG A 102 -3.53 39.11 9.55
CA ARG A 102 -2.81 38.09 10.31
C ARG A 102 -3.46 36.73 10.07
N GLN A 103 -2.66 35.78 9.56
CA GLN A 103 -3.04 34.41 9.26
C GLN A 103 -2.14 33.40 10.01
N HIS A 104 -2.72 32.25 10.42
CA HIS A 104 -2.02 31.12 11.06
C HIS A 104 -2.11 29.88 10.16
N ILE A 105 -1.00 29.12 10.03
CA ILE A 105 -0.96 27.92 9.18
C ILE A 105 -0.37 26.78 9.99
N HIS A 106 -1.14 25.70 10.19
CA HIS A 106 -0.64 24.52 10.91
C HIS A 106 -0.19 23.50 9.88
N ASP A 107 1.08 23.08 9.98
CA ASP A 107 1.64 22.14 9.02
C ASP A 107 2.51 21.14 9.74
N GLY A 108 1.93 20.00 10.09
CA GLY A 108 2.64 18.93 10.79
C GLY A 108 3.31 19.43 12.05
N ALA A 109 4.65 19.32 12.14
CA ALA A 109 5.43 19.79 13.29
C ALA A 109 5.64 21.33 13.36
N LEU A 110 5.16 22.06 12.33
CA LEU A 110 5.31 23.52 12.19
C LEU A 110 4.04 24.33 12.34
N ARG A 111 4.18 25.58 12.88
CA ARG A 111 3.12 26.61 12.96
C ARG A 111 3.67 27.89 12.33
N LEU A 112 3.04 28.35 11.25
CA LEU A 112 3.45 29.57 10.58
C LEU A 112 2.47 30.74 10.85
N THR A 113 3.03 31.95 11.02
CA THR A 113 2.25 33.19 11.17
C THR A 113 2.69 34.09 10.01
N THR A 114 1.73 34.47 9.15
CA THR A 114 1.96 35.35 8.00
C THR A 114 1.14 36.63 8.22
N GLU A 115 1.84 37.74 8.49
CA GLU A 115 1.20 39.04 8.76
C GLU A 115 1.66 40.09 7.74
N PHE A 116 0.80 41.09 7.47
CA PHE A 116 1.13 42.21 6.57
C PHE A 116 0.49 43.50 7.08
N VAL A 117 1.12 44.63 6.75
CA VAL A 117 0.65 45.99 7.02
C VAL A 117 0.94 46.81 5.73
N LYS A 118 -0.06 47.58 5.25
CA LYS A 118 0.07 48.45 4.09
C LYS A 118 0.16 49.89 4.58
N ARG A 119 1.10 50.65 4.01
CA ARG A 119 1.28 52.05 4.38
C ARG A 119 1.09 52.95 3.15
N PRO A 120 0.07 53.85 3.16
CA PRO A 120 -0.12 54.74 2.00
C PRO A 120 0.97 55.80 1.86
N GLY A 121 1.04 56.40 0.67
CA GLY A 121 2.03 57.41 0.33
C GLY A 121 2.50 57.29 -1.09
N GLY A 122 2.85 58.43 -1.70
CA GLY A 122 3.27 58.51 -3.09
C GLY A 122 2.10 58.60 -4.05
N GLN A 123 2.34 58.22 -5.31
CA GLN A 123 1.31 58.28 -6.36
C GLN A 123 1.04 56.90 -6.98
N HIS A 124 1.70 55.84 -6.44
CA HIS A 124 1.64 54.51 -7.03
C HIS A 124 1.09 53.37 -6.12
N GLY A 125 0.27 53.72 -5.14
CA GLY A 125 -0.37 52.73 -4.27
C GLY A 125 0.28 52.43 -2.94
N GLY A 126 1.33 53.18 -2.59
CA GLY A 126 2.04 53.06 -1.33
C GLY A 126 2.99 51.89 -1.15
N ASP A 127 3.31 51.59 0.13
CA ASP A 127 4.22 50.55 0.58
C ASP A 127 3.51 49.42 1.32
N TRP A 128 4.24 48.31 1.55
CA TRP A 128 3.81 47.15 2.34
C TRP A 128 5.00 46.39 2.92
N SER A 129 4.77 45.69 4.05
CA SER A 129 5.76 44.88 4.75
C SER A 129 5.11 43.58 5.21
N TRP A 130 5.84 42.48 5.10
CA TRP A 130 5.39 41.16 5.55
C TRP A 130 6.29 40.71 6.68
N ARG A 131 5.73 39.94 7.62
CA ARG A 131 6.46 39.26 8.69
C ARG A 131 5.98 37.80 8.66
N VAL A 132 6.91 36.86 8.47
CA VAL A 132 6.65 35.42 8.48
C VAL A 132 7.40 34.84 9.67
N THR A 133 6.64 34.24 10.61
CA THR A 133 7.14 33.64 11.85
C THR A 133 6.98 32.12 11.76
N VAL A 134 8.06 31.40 12.08
CA VAL A 134 8.10 29.94 12.04
C VAL A 134 8.38 29.45 13.44
N GLU A 135 7.45 28.69 14.03
CA GLU A 135 7.62 28.16 15.37
C GLU A 135 7.32 26.67 15.39
N PRO A 136 7.94 25.90 16.32
CA PRO A 136 7.58 24.48 16.43
C PRO A 136 6.21 24.32 17.11
N GLN A 137 5.45 23.26 16.76
CA GLN A 137 4.16 22.93 17.36
C GLN A 137 4.38 22.53 18.81
N ALA A 138 3.57 23.09 19.73
CA ALA A 138 3.65 22.82 21.16
C ALA A 138 3.32 21.35 21.48
N SER A 143 11.63 20.49 20.12
CA SER A 143 11.91 20.38 18.69
C SER A 143 12.38 21.73 18.13
N PHE A 144 13.44 21.68 17.32
CA PHE A 144 14.02 22.83 16.64
C PHE A 144 14.20 22.38 15.21
N PRO A 145 13.08 22.37 14.45
CA PRO A 145 13.15 21.86 13.08
C PRO A 145 13.79 22.84 12.10
N LEU A 146 14.55 22.31 11.12
CA LEU A 146 15.18 23.15 10.10
C LEU A 146 14.18 23.47 8.98
N VAL A 147 14.01 24.79 8.67
CA VAL A 147 13.01 25.24 7.70
C VAL A 147 13.57 26.20 6.64
N SER A 148 13.13 26.02 5.38
CA SER A 148 13.45 26.93 4.27
C SER A 148 12.18 27.75 3.92
N LEU A 149 12.33 29.07 3.85
CA LEU A 149 11.29 29.99 3.40
C LEU A 149 11.73 30.57 2.05
N PHE A 150 10.80 30.76 1.12
CA PHE A 150 11.09 31.31 -0.21
C PHE A 150 10.26 32.56 -0.46
N PHE A 151 10.91 33.66 -0.89
CA PHE A 151 10.23 34.91 -1.19
C PHE A 151 10.54 35.28 -2.63
N TYR A 152 9.49 35.31 -3.49
CA TYR A 152 9.64 35.59 -4.92
C TYR A 152 8.90 36.82 -5.39
N VAL A 153 9.29 37.28 -6.57
CA VAL A 153 8.69 38.38 -7.31
C VAL A 153 8.63 37.96 -8.78
N VAL A 154 7.53 38.30 -9.46
CA VAL A 154 7.30 38.00 -10.87
C VAL A 154 6.94 39.30 -11.58
N THR A 155 7.71 39.65 -12.64
CA THR A 155 7.45 40.83 -13.46
C THR A 155 6.63 40.43 -14.67
N ASP A 156 6.24 41.43 -15.48
CA ASP A 156 5.48 41.29 -16.70
C ASP A 156 6.27 41.78 -17.93
N GLY A 157 6.16 41.03 -19.04
CA GLY A 157 6.74 41.34 -20.34
C GLY A 157 8.22 41.69 -20.39
N GLN A 158 8.52 42.95 -20.71
CA GLN A 158 9.86 43.50 -20.90
C GLN A 158 10.48 44.07 -19.58
N GLU A 159 9.73 44.01 -18.45
CA GLU A 159 10.23 44.54 -17.16
C GLU A 159 11.37 43.72 -16.60
N VAL A 160 12.44 44.39 -16.14
CA VAL A 160 13.64 43.74 -15.60
C VAL A 160 13.92 44.14 -14.15
N LEU A 161 14.58 43.25 -13.41
CA LEU A 161 14.95 43.47 -12.01
C LEU A 161 16.45 43.75 -11.88
N LEU A 162 16.80 44.74 -11.04
CA LEU A 162 18.19 45.15 -10.79
C LEU A 162 18.65 44.75 -9.38
N PRO A 163 19.42 43.64 -9.27
CA PRO A 163 19.87 43.20 -7.95
C PRO A 163 20.98 44.04 -7.33
N GLU A 164 21.05 43.99 -5.98
CA GLU A 164 22.05 44.63 -5.14
C GLU A 164 22.82 43.51 -4.42
N ILE A 165 24.01 43.16 -4.95
CA ILE A 165 24.89 42.12 -4.40
C ILE A 165 25.95 42.77 -3.50
N GLN A 170 26.62 40.23 -1.22
CA GLN A 170 25.46 39.38 -0.93
C GLN A 170 24.13 40.06 -1.31
N LEU A 171 23.04 39.28 -1.55
CA LEU A 171 21.78 39.87 -2.03
C LEU A 171 21.04 40.74 -0.99
N SER A 173 19.11 43.80 -1.75
CA SER A 173 17.80 44.23 -2.22
C SER A 173 17.65 44.05 -3.73
N ILE A 174 16.45 44.34 -4.26
CA ILE A 174 16.12 44.29 -5.68
C ILE A 174 15.36 45.58 -6.02
N SER A 175 15.80 46.30 -7.05
CA SER A 175 15.11 47.49 -7.52
C SER A 175 14.44 47.20 -8.87
N GLY A 176 13.35 47.89 -9.15
CA GLY A 176 12.61 47.73 -10.40
C GLY A 176 11.88 48.98 -10.83
N HIS A 177 11.22 48.88 -11.99
CA HIS A 177 10.43 49.96 -12.57
C HIS A 177 9.36 49.39 -13.48
N THR A 178 8.14 49.89 -13.33
CA THR A 178 6.98 49.56 -14.15
C THR A 178 6.24 50.87 -14.45
N SER A 179 5.43 50.87 -15.51
CA SER A 179 4.61 52.02 -15.90
C SER A 179 3.64 52.41 -14.78
N GLU A 180 3.04 51.39 -14.13
CA GLU A 180 2.06 51.60 -13.07
C GLU A 180 2.62 51.87 -11.69
N LEU A 181 3.79 51.30 -11.35
CA LEU A 181 4.38 51.45 -10.02
C LEU A 181 5.49 52.48 -9.93
N GLY A 182 6.06 52.85 -11.09
CA GLY A 182 7.22 53.74 -11.14
C GLY A 182 8.40 52.99 -10.56
N ASP A 183 9.31 53.71 -9.86
CA ASP A 183 10.47 53.07 -9.22
C ASP A 183 10.08 52.43 -7.89
N PHE A 184 10.62 51.22 -7.61
CA PHE A 184 10.34 50.51 -6.36
C PHE A 184 11.53 49.65 -5.90
N ARG A 185 11.49 49.23 -4.62
CA ARG A 185 12.52 48.39 -4.03
C ARG A 185 11.90 47.29 -3.16
N LEU A 186 12.45 46.07 -3.26
CA LEU A 186 12.09 44.89 -2.47
C LEU A 186 13.30 44.48 -1.65
N THR A 187 13.11 44.30 -0.33
CA THR A 187 14.18 43.90 0.59
C THR A 187 13.81 42.73 1.50
N LEU A 188 14.65 41.67 1.50
CA LEU A 188 14.53 40.55 2.42
C LEU A 188 15.49 40.82 3.59
N LEU A 189 14.96 41.23 4.74
CA LEU A 189 15.77 41.56 5.91
C LEU A 189 16.27 40.34 6.64
N PRO A 190 17.46 40.42 7.31
CA PRO A 190 17.97 39.25 8.04
C PRO A 190 17.02 38.73 9.13
N PRO A 191 16.95 37.40 9.32
CA PRO A 191 16.05 36.85 10.35
C PRO A 191 16.43 37.19 11.78
N THR A 192 15.42 37.13 12.67
CA THR A 192 15.55 37.38 14.11
C THR A 192 14.80 36.27 14.86
N SER A 193 14.93 36.22 16.19
CA SER A 193 14.08 35.31 16.94
C SER A 193 12.71 36.05 17.17
N PRO A 194 11.58 35.30 17.34
CA PRO A 194 10.27 35.97 17.42
C PRO A 194 10.15 36.89 18.63
N GLY A 195 9.69 38.11 18.37
CA GLY A 195 9.51 39.15 19.37
C GLY A 195 10.77 39.92 19.74
N ASP A 196 11.85 39.73 18.96
CA ASP A 196 13.13 40.39 19.18
C ASP A 196 13.68 41.02 17.88
N THR A 197 14.63 41.96 18.02
CA THR A 197 15.28 42.69 16.94
C THR A 197 16.72 42.20 16.65
N VAL A 198 17.25 41.31 17.51
CA VAL A 198 18.61 40.80 17.40
C VAL A 198 18.74 39.79 16.26
N PRO A 199 19.64 40.08 15.27
CA PRO A 199 19.81 39.17 14.12
C PRO A 199 20.32 37.78 14.48
N LYS A 200 19.82 36.80 13.73
CA LYS A 200 20.12 35.37 13.80
C LYS A 200 20.75 34.99 12.45
N HIS A 201 21.70 34.04 12.46
CA HIS A 201 22.34 33.62 11.22
C HIS A 201 21.46 32.74 10.33
N GLY A 202 21.37 33.09 9.05
CA GLY A 202 20.63 32.35 8.02
C GLY A 202 21.49 31.98 6.82
N SER A 203 21.11 30.89 6.11
CA SER A 203 21.78 30.40 4.89
C SER A 203 20.98 30.88 3.69
N TYR A 204 21.66 31.38 2.65
CA TYR A 204 20.99 31.96 1.48
C TYR A 204 21.29 31.29 0.14
N ASN A 205 20.23 31.09 -0.63
CA ASN A 205 20.22 30.53 -1.98
C ASN A 205 19.30 31.37 -2.81
N VAL A 206 19.51 31.38 -4.14
CA VAL A 206 18.71 32.23 -5.03
C VAL A 206 18.64 31.67 -6.46
N PHE A 207 17.48 31.82 -7.09
CA PHE A 207 17.23 31.41 -8.48
C PHE A 207 16.68 32.64 -9.24
N TRP A 208 17.18 32.87 -10.46
CA TRP A 208 16.76 34.01 -11.28
C TRP A 208 16.75 33.68 -12.76
N SER A 209 15.59 33.83 -13.41
CA SER A 209 15.43 33.61 -14.85
C SER A 209 14.12 34.21 -15.36
N SER A 210 13.70 33.82 -16.58
CA SER A 210 12.45 34.27 -17.16
C SER A 210 11.29 33.52 -16.48
N ASN A 211 10.14 34.20 -16.37
CA ASN A 211 8.94 33.70 -15.77
C ASN A 211 8.38 32.53 -16.57
N PRO A 212 8.24 31.33 -15.96
CA PRO A 212 7.72 30.18 -16.72
C PRO A 212 6.19 30.07 -16.78
N GLY A 213 5.50 31.05 -16.21
CA GLY A 213 4.06 31.05 -16.08
C GLY A 213 3.70 30.74 -14.65
N LEU A 214 2.65 31.43 -14.12
CA LEU A 214 2.22 31.30 -12.72
C LEU A 214 1.78 29.88 -12.31
N PRO A 215 1.08 29.04 -13.12
CA PRO A 215 0.78 27.68 -12.67
C PRO A 215 2.01 26.74 -12.70
N GLN A 216 3.17 27.22 -13.23
CA GLN A 216 4.42 26.44 -13.33
C GLN A 216 5.49 26.82 -12.30
N LEU A 217 5.27 27.83 -11.44
CA LEU A 217 6.24 28.25 -10.43
C LEU A 217 6.64 27.12 -9.47
N THR A 218 5.65 26.37 -8.94
CA THR A 218 5.88 25.28 -7.99
C THR A 218 6.89 24.22 -8.55
N ASP A 219 6.63 23.71 -9.77
CA ASP A 219 7.44 22.68 -10.45
C ASP A 219 8.83 23.14 -10.82
N MET A 220 8.96 24.42 -11.22
CA MET A 220 10.23 25.05 -11.55
C MET A 220 11.14 25.07 -10.31
N VAL A 221 10.59 25.45 -9.12
CA VAL A 221 11.35 25.47 -7.85
C VAL A 221 11.75 24.04 -7.44
N LYS A 222 10.79 23.07 -7.49
CA LYS A 222 11.03 21.64 -7.18
C LYS A 222 12.19 21.10 -8.01
N SER A 223 12.25 21.51 -9.31
CA SER A 223 13.29 21.09 -10.23
C SER A 223 14.65 21.67 -9.92
N ARG A 224 14.69 22.85 -9.31
CA ARG A 224 15.96 23.50 -9.04
C ARG A 224 16.44 23.30 -7.60
N LEU A 225 15.75 22.44 -6.82
CA LEU A 225 16.15 22.09 -5.45
C LEU A 225 16.91 20.76 -5.60
N ASN A 226 18.05 20.82 -6.31
CA ASN A 226 18.78 19.63 -6.70
C ASN A 226 20.20 19.47 -6.14
N SER A 227 20.67 20.39 -5.26
CA SER A 227 22.01 20.27 -4.69
C SER A 227 22.08 20.61 -3.20
N TRP A 228 22.85 19.77 -2.44
CA TRP A 228 23.06 19.84 -0.98
C TRP A 228 23.98 20.95 -0.54
N PHE A 229 23.64 21.58 0.59
CA PHE A 229 24.39 22.67 1.18
C PHE A 229 24.50 22.44 2.68
N GLN A 230 25.27 23.30 3.37
CA GLN A 230 25.44 23.21 4.81
C GLN A 230 25.08 24.54 5.53
N HIS A 231 24.16 24.45 6.49
CA HIS A 231 23.76 25.57 7.33
C HIS A 231 24.72 25.58 8.50
N ARG A 232 25.53 26.65 8.61
CA ARG A 232 26.58 26.76 9.62
C ARG A 232 26.36 27.92 10.61
N PRO A 233 25.44 27.78 11.60
CA PRO A 233 25.28 28.85 12.59
C PRO A 233 26.44 28.87 13.61
N PRO A 234 26.73 30.01 14.27
CA PRO A 234 27.81 30.01 15.29
C PRO A 234 27.35 29.36 16.60
N GLY A 235 28.26 28.62 17.24
CA GLY A 235 27.98 27.96 18.51
C GLY A 235 27.07 26.74 18.44
N ALA A 236 26.88 26.17 17.23
CA ALA A 236 26.01 25.01 17.02
C ALA A 236 26.60 24.05 16.00
N SER A 237 26.10 22.81 15.96
CA SER A 237 26.56 21.82 14.98
C SER A 237 25.95 22.16 13.61
N PRO A 238 26.68 21.96 12.48
CA PRO A 238 26.07 22.28 11.16
C PRO A 238 24.96 21.31 10.76
N ASP A 239 24.09 21.74 9.83
CA ASP A 239 22.98 20.94 9.30
C ASP A 239 22.94 20.93 7.78
N ARG A 240 22.65 19.75 7.19
CA ARG A 240 22.55 19.62 5.73
C ARG A 240 21.13 19.92 5.22
N TYR A 241 21.04 20.60 4.06
CA TYR A 241 19.75 20.97 3.45
C TYR A 241 19.80 21.03 1.90
N LEU A 242 18.64 20.82 1.26
CA LEU A 242 18.50 20.90 -0.20
C LEU A 242 18.21 22.35 -0.59
N GLY A 243 18.93 22.85 -1.58
CA GLY A 243 18.74 24.23 -2.01
C GLY A 243 18.94 24.57 -3.47
N LEU A 244 18.58 25.83 -3.80
CA LEU A 244 18.71 26.51 -5.09
C LEU A 244 20.19 26.97 -5.22
N PRO A 245 20.67 27.56 -6.35
CA PRO A 245 22.09 27.97 -6.42
C PRO A 245 22.53 28.87 -5.27
N GLY A 246 23.78 28.66 -4.82
CA GLY A 246 24.39 29.40 -3.70
C GLY A 246 24.76 30.84 -4.00
N SER A 247 24.82 31.20 -5.30
CA SER A 247 25.22 32.52 -5.76
C SER A 247 24.28 32.98 -6.88
N LEU A 248 24.09 34.30 -7.00
CA LEU A 248 23.22 34.89 -8.02
C LEU A 248 23.83 34.85 -9.42
N TRP A 250 21.98 34.86 -13.54
CA TRP A 250 20.84 34.81 -14.45
C TRP A 250 20.93 33.53 -15.26
N GLU A 251 19.82 32.84 -15.39
CA GLU A 251 19.72 31.65 -16.21
C GLU A 251 18.96 32.00 -17.50
N GLU A 252 19.49 31.57 -18.67
CA GLU A 252 18.83 31.87 -19.96
C GLU A 252 17.57 31.01 -20.21
N SER A 256 13.17 36.02 -24.28
CA SER A 256 11.84 35.48 -24.60
C SER A 256 10.67 36.41 -24.19
N GLY A 257 11.01 37.58 -23.59
CA GLY A 257 10.11 38.65 -23.16
C GLY A 257 8.77 38.26 -22.58
N GLN A 258 8.77 37.39 -21.55
CA GLN A 258 7.56 36.92 -20.84
C GLN A 258 7.64 37.27 -19.33
N GLY A 259 8.46 38.27 -18.99
CA GLY A 259 8.70 38.72 -17.63
C GLY A 259 9.79 37.92 -16.93
N GLN A 260 10.22 38.39 -15.74
CA GLN A 260 11.26 37.73 -14.93
C GLN A 260 10.66 37.11 -13.67
N PHE A 261 11.36 36.10 -13.11
CA PHE A 261 11.06 35.35 -11.88
C PHE A 261 12.36 35.25 -11.05
N LEU A 262 12.35 35.83 -9.84
CA LEU A 262 13.48 35.81 -8.91
C LEU A 262 12.98 35.37 -7.55
N ILE A 263 13.48 34.22 -7.08
CA ILE A 263 13.09 33.62 -5.81
C ILE A 263 14.31 33.51 -4.88
N GLN A 264 14.16 34.03 -3.65
CA GLN A 264 15.18 34.04 -2.59
C GLN A 264 14.84 33.01 -1.52
N GLN A 265 15.81 32.12 -1.22
CA GLN A 265 15.64 31.09 -0.20
C GLN A 265 16.44 31.43 1.06
N VAL A 266 15.81 31.29 2.23
CA VAL A 266 16.42 31.50 3.55
C VAL A 266 16.16 30.24 4.42
N THR A 267 17.22 29.68 5.02
CA THR A 267 17.18 28.45 5.80
C THR A 267 17.86 28.59 7.16
N LEU A 268 17.15 28.16 8.23
CA LEU A 268 17.65 28.14 9.61
C LEU A 268 16.67 27.37 10.52
N LYS A 269 17.09 27.14 11.77
CA LYS A 269 16.32 26.39 12.74
C LYS A 269 15.24 27.27 13.37
N ALA A 270 14.01 26.73 13.50
CA ALA A 270 12.89 27.41 14.16
C ALA A 270 13.19 27.47 15.68
N PRO A 271 12.68 28.48 16.43
CA PRO A 271 11.81 29.59 16.02
C PRO A 271 12.53 30.83 15.46
N PHE A 272 11.94 31.46 14.43
CA PHE A 272 12.48 32.68 13.83
C PHE A 272 11.39 33.48 13.13
N SER A 273 11.65 34.76 12.87
CA SER A 273 10.79 35.63 12.08
C SER A 273 11.63 36.39 11.05
N VAL A 274 11.10 36.54 9.83
CA VAL A 274 11.78 37.21 8.72
C VAL A 274 10.82 38.20 8.04
N GLU A 275 11.33 39.40 7.71
CA GLU A 275 10.56 40.49 7.11
C GLU A 275 10.89 40.74 5.65
N PHE A 276 9.84 40.88 4.80
CA PHE A 276 9.99 41.14 3.37
C PHE A 276 9.30 42.47 3.11
N VAL A 277 10.08 43.49 2.74
CA VAL A 277 9.59 44.87 2.60
C VAL A 277 9.52 45.37 1.17
N PHE A 278 8.44 46.10 0.85
CA PHE A 278 8.22 46.77 -0.44
C PHE A 278 8.21 48.28 -0.21
N GLU A 279 9.08 49.01 -0.92
CA GLU A 279 9.16 50.47 -0.79
C GLU A 279 8.99 51.16 -2.15
N SER A 280 8.03 52.09 -2.22
CA SER A 280 7.68 52.88 -3.39
C SER A 280 8.53 54.13 -3.45
N GLY A 281 9.14 54.38 -4.63
CA GLY A 281 9.99 55.53 -4.91
C GLY A 281 9.33 56.87 -4.64
N SER A 282 8.06 57.01 -5.07
CA SER A 282 7.25 58.22 -4.88
C SER A 282 6.87 58.46 -3.42
N ALA A 283 6.75 57.38 -2.62
CA ALA A 283 6.40 57.45 -1.19
C ALA A 283 7.58 57.85 -0.30
N ALA A 284 8.82 57.80 -0.82
CA ALA A 284 10.06 58.15 -0.12
C ALA A 284 10.16 59.63 0.29
N ARG A 293 10.69 53.83 8.98
CA ARG A 293 10.69 52.60 8.17
C ARG A 293 9.85 51.48 8.81
N LEU A 294 8.96 50.85 8.01
CA LEU A 294 8.05 49.80 8.46
C LEU A 294 8.75 48.43 8.64
N VAL A 295 9.53 48.35 9.72
CA VAL A 295 10.33 47.19 10.09
C VAL A 295 10.38 47.05 11.60
N GLY A 296 10.89 45.91 12.06
CA GLY A 296 11.14 45.59 13.46
C GLY A 296 10.11 46.09 14.45
N SER A 297 10.56 46.96 15.39
CA SER A 297 9.71 47.53 16.45
C SER A 297 8.57 48.39 15.92
N GLN A 298 8.80 49.17 14.85
CA GLN A 298 7.78 50.00 14.21
C GLN A 298 6.68 49.13 13.56
N LEU A 299 7.07 47.99 12.95
CA LEU A 299 6.13 47.04 12.36
C LEU A 299 5.29 46.34 13.45
N THR A 300 5.93 46.00 14.61
CA THR A 300 5.28 45.36 15.77
C THR A 300 4.19 46.29 16.33
N GLN A 301 4.52 47.58 16.44
CA GLN A 301 3.65 48.67 16.91
C GLN A 301 2.48 48.91 15.92
N ALA A 302 2.72 48.80 14.60
CA ALA A 302 1.71 48.99 13.55
C ALA A 302 0.69 47.85 13.62
N LEU A 303 1.18 46.61 13.80
CA LEU A 303 0.36 45.40 13.92
C LEU A 303 -0.58 45.46 15.12
N GLU A 304 -0.07 45.86 16.31
CA GLU A 304 -0.87 46.00 17.53
C GLU A 304 -1.92 47.11 17.43
N SER A 305 -1.57 48.24 16.78
CA SER A 305 -2.47 49.37 16.57
C SER A 305 -3.62 48.99 15.62
N HIS A 306 -3.31 48.21 14.57
CA HIS A 306 -4.29 47.75 13.60
C HIS A 306 -5.25 46.72 14.19
N ALA A 307 -4.72 45.75 14.98
CA ALA A 307 -5.50 44.71 15.66
C ALA A 307 -6.50 45.32 16.68
N ALA A 308 -6.06 46.35 17.43
CA ALA A 308 -6.88 47.02 18.42
C ALA A 308 -8.00 47.81 17.73
N ALA A 309 -7.65 48.57 16.64
CA ALA A 309 -8.60 49.36 15.85
C ALA A 309 -9.67 48.46 15.23
N PHE A 310 -9.25 47.26 14.76
CA PHE A 310 -10.13 46.24 14.17
C PHE A 310 -11.19 45.78 15.17
N GLU A 312 -12.26 47.26 17.94
CA GLU A 312 -13.11 48.40 18.26
C GLU A 312 -14.17 48.60 17.17
N ARG A 313 -13.76 48.56 15.90
CA ARG A 313 -14.62 48.70 14.73
C ARG A 313 -15.60 47.50 14.60
N PHE A 314 -15.12 46.27 14.89
CA PHE A 314 -15.94 45.04 14.83
C PHE A 314 -17.13 45.08 15.82
N GLU A 315 -16.88 45.58 17.04
CA GLU A 315 -17.90 45.68 18.07
C GLU A 315 -18.93 46.74 17.71
N THR A 317 -19.70 47.82 14.65
CA THR A 317 -20.44 47.40 13.46
C THR A 317 -21.48 46.32 13.79
N PHE A 318 -21.03 45.22 14.43
CA PHE A 318 -21.87 44.06 14.66
C PHE A 318 -22.47 43.93 16.05
N GLN A 319 -21.94 44.64 17.07
CA GLN A 319 -22.44 44.70 18.47
C GLN A 319 -22.71 43.33 19.14
N LEU A 320 -21.90 42.33 18.83
CA LEU A 320 -22.03 40.97 19.36
C LEU A 320 -21.94 40.86 20.88
N GLU A 322 -22.62 43.42 23.01
CA GLU A 322 -23.83 44.10 23.45
C GLU A 322 -25.07 43.19 23.29
N GLY A 324 -25.18 40.03 23.68
CA GLY A 324 -25.01 38.88 24.56
C GLY A 324 -24.36 37.64 23.99
N LEU A 325 -23.57 37.75 22.91
CA LEU A 325 -22.85 36.60 22.34
C LEU A 325 -21.65 36.26 23.25
N SER A 326 -21.32 34.97 23.39
CA SER A 326 -20.20 34.49 24.21
C SER A 326 -18.84 34.92 23.61
N PRO A 327 -17.72 34.94 24.39
CA PRO A 327 -16.41 35.29 23.78
C PRO A 327 -16.01 34.37 22.61
N GLU A 328 -16.38 33.07 22.71
CA GLU A 328 -16.16 32.04 21.70
C GLU A 328 -16.96 32.35 20.41
N GLU A 329 -18.25 32.78 20.57
CA GLU A 329 -19.10 33.16 19.44
C GLU A 329 -18.56 34.43 18.78
N GLN A 330 -18.01 35.36 19.59
CA GLN A 330 -17.40 36.63 19.13
C GLN A 330 -16.17 36.32 18.28
N ALA A 331 -15.35 35.33 18.72
CA ALA A 331 -14.15 34.87 18.03
C ALA A 331 -14.54 34.24 16.68
N LEU A 332 -15.64 33.45 16.65
CA LEU A 332 -16.17 32.83 15.43
C LEU A 332 -16.56 33.90 14.40
N GLY A 333 -17.23 34.97 14.84
CA GLY A 333 -17.66 36.06 13.97
C GLY A 333 -16.49 36.77 13.32
N GLN A 334 -15.48 37.07 14.14
CA GLN A 334 -14.25 37.73 13.73
C GLN A 334 -13.54 36.94 12.60
N VAL A 335 -13.49 35.60 12.74
CA VAL A 335 -12.88 34.67 11.78
C VAL A 335 -13.75 34.57 10.51
N ALA A 336 -15.10 34.50 10.68
CA ALA A 336 -16.06 34.48 9.55
C ALA A 336 -15.82 35.70 8.64
N LEU A 337 -15.66 36.90 9.23
CA LEU A 337 -15.40 38.11 8.45
C LEU A 337 -14.00 38.13 7.79
N SER A 338 -12.94 37.88 8.60
CA SER A 338 -11.53 37.86 8.16
C SER A 338 -11.23 36.90 7.00
N GLY A 339 -11.78 35.69 7.07
CA GLY A 339 -11.62 34.70 6.01
C GLY A 339 -12.25 35.13 4.70
N LEU A 340 -13.43 35.79 4.76
CA LEU A 340 -14.15 36.30 3.59
C LEU A 340 -13.38 37.44 2.91
N LEU A 341 -12.93 38.44 3.70
CA LEU A 341 -12.13 39.58 3.19
C LEU A 341 -10.78 39.09 2.67
N GLY A 342 -10.20 38.07 3.32
CA GLY A 342 -8.93 37.46 2.93
C GLY A 342 -8.98 36.66 1.63
N GLY A 343 -10.18 36.29 1.18
CA GLY A 343 -10.39 35.53 -0.06
C GLY A 343 -10.80 36.37 -1.25
N ILE A 344 -10.83 37.73 -1.10
CA ILE A 344 -11.13 38.65 -2.21
C ILE A 344 -9.94 38.63 -3.19
N GLY A 345 -10.24 38.37 -4.47
CA GLY A 345 -9.25 38.32 -5.52
C GLY A 345 -9.46 39.29 -6.66
N TYR A 346 -8.41 39.45 -7.48
CA TYR A 346 -8.42 40.29 -8.70
C TYR A 346 -8.05 39.40 -9.86
N PHE A 347 -8.93 39.31 -10.87
CA PHE A 347 -8.74 38.46 -12.05
C PHE A 347 -8.85 39.24 -13.33
N TYR A 348 -8.15 38.83 -14.40
CA TYR A 348 -8.17 39.49 -15.71
C TYR A 348 -7.98 38.46 -16.82
N GLY A 349 -8.83 38.54 -17.85
CA GLY A 349 -8.71 37.64 -18.99
C GLY A 349 -9.96 37.46 -19.83
N GLN A 350 -9.86 36.52 -20.79
CA GLN A 350 -10.93 36.15 -21.71
C GLN A 350 -11.53 34.80 -21.30
N GLY A 351 -12.84 34.80 -20.99
CA GLY A 351 -13.56 33.57 -20.67
C GLY A 351 -14.02 32.88 -21.94
N LEU A 352 -14.43 31.61 -21.83
CA LEU A 352 -14.94 30.84 -22.98
C LEU A 352 -16.48 30.86 -22.92
N VAL A 353 -17.10 31.08 -24.07
CA VAL A 353 -18.57 31.21 -24.20
C VAL A 353 -19.12 30.36 -25.35
N LEU A 354 -20.30 29.74 -25.13
CA LEU A 354 -21.03 29.02 -26.17
C LEU A 354 -22.32 29.79 -26.49
N PRO A 355 -22.42 30.50 -27.64
CA PRO A 355 -23.67 31.23 -27.97
C PRO A 355 -24.87 30.28 -28.07
N ASP A 356 -26.05 30.78 -27.72
CA ASP A 356 -27.27 30.02 -27.77
C ASP A 356 -27.79 29.92 -29.22
N THR A 357 -28.13 28.70 -29.70
CA THR A 357 -28.74 28.51 -31.03
C THR A 357 -29.92 27.52 -30.97
N ASP A 367 -19.34 25.91 -31.96
CA ASP A 367 -18.07 25.77 -31.27
C ASP A 367 -17.80 26.88 -30.24
N PRO A 368 -16.94 26.62 -29.22
CA PRO A 368 -16.68 27.66 -28.21
C PRO A 368 -15.93 28.87 -28.81
N ALA A 369 -16.22 30.06 -28.26
CA ALA A 369 -15.60 31.32 -28.65
C ALA A 369 -15.08 32.06 -27.41
N LEU A 370 -14.13 32.98 -27.60
CA LEU A 370 -13.58 33.81 -26.54
C LEU A 370 -14.43 35.07 -26.34
N PHE A 371 -14.61 35.48 -25.08
CA PHE A 371 -15.34 36.70 -24.72
C PHE A 371 -14.30 37.86 -24.67
N PRO A 372 -14.65 39.17 -24.73
CA PRO A 372 -13.60 40.20 -24.64
C PRO A 372 -12.84 40.20 -23.29
N PRO A 373 -11.54 40.62 -23.24
CA PRO A 373 -10.84 40.62 -21.93
C PRO A 373 -11.49 41.60 -20.96
N VAL A 374 -11.66 41.16 -19.69
CA VAL A 374 -12.31 41.98 -18.67
C VAL A 374 -11.69 41.79 -17.28
N PRO A 375 -11.73 42.83 -16.42
CA PRO A 375 -11.27 42.61 -15.04
C PRO A 375 -12.40 42.14 -14.11
N LEU A 376 -12.04 41.46 -13.01
CA LEU A 376 -13.04 41.07 -12.01
C LEU A 376 -12.44 41.18 -10.61
N PHE A 377 -13.13 41.92 -9.75
CA PHE A 377 -12.74 42.12 -8.35
C PHE A 377 -13.89 41.46 -7.58
N SER A 378 -13.60 40.33 -6.90
CA SER A 378 -14.66 39.53 -6.30
C SER A 378 -14.22 38.64 -5.13
N GLY A 379 -15.17 38.28 -4.27
CA GLY A 379 -14.96 37.27 -3.24
C GLY A 379 -14.95 35.91 -3.91
N VAL A 380 -14.39 34.89 -3.23
CA VAL A 380 -14.35 33.52 -3.79
C VAL A 380 -15.05 32.54 -2.81
N PRO A 381 -15.70 31.44 -3.26
CA PRO A 381 -16.35 30.51 -2.30
C PRO A 381 -15.37 29.72 -1.40
N SER A 382 -14.21 29.32 -1.94
CA SER A 382 -13.20 28.53 -1.23
C SER A 382 -11.78 28.89 -1.68
N ARG A 383 -10.84 29.04 -0.74
CA ARG A 383 -9.44 29.24 -1.12
C ARG A 383 -8.87 27.98 -1.75
N SER A 384 -9.47 26.81 -1.45
CA SER A 384 -9.10 25.49 -1.98
C SER A 384 -9.48 25.24 -3.46
N PHE A 385 -10.24 26.17 -4.06
CA PHE A 385 -10.72 26.13 -5.46
CA PHE A 385 -10.64 26.02 -5.45
C PHE A 385 -9.77 26.89 -6.39
N PHE A 386 -9.77 26.57 -7.72
CA PHE A 386 -9.01 27.35 -8.72
C PHE A 386 -9.61 28.75 -8.68
N PRO A 387 -8.78 29.82 -8.69
CA PRO A 387 -9.30 31.19 -8.39
C PRO A 387 -10.37 31.70 -9.35
N ARG A 388 -11.65 31.51 -8.97
CA ARG A 388 -12.78 31.83 -9.84
C ARG A 388 -13.95 32.57 -9.16
N GLY A 389 -14.69 33.35 -9.96
CA GLY A 389 -15.89 34.04 -9.49
C GLY A 389 -17.13 33.21 -9.78
N PHE A 390 -18.09 33.18 -8.83
CA PHE A 390 -19.37 32.47 -8.97
C PHE A 390 -20.48 33.46 -8.68
N LEU A 391 -21.39 33.64 -9.68
CA LEU A 391 -22.46 34.62 -9.72
C LEU A 391 -23.45 34.63 -8.51
N TRP A 392 -24.15 33.52 -8.20
CA TRP A 392 -25.10 33.56 -7.06
C TRP A 392 -24.37 33.51 -5.68
N ASP A 393 -23.15 32.98 -5.61
CA ASP A 393 -22.38 32.99 -4.35
C ASP A 393 -22.04 34.44 -3.96
N GLU A 394 -21.62 35.27 -4.95
CA GLU A 394 -21.25 36.66 -4.74
C GLU A 394 -22.32 37.54 -4.06
N GLY A 395 -23.61 37.33 -4.38
CA GLY A 395 -24.71 38.04 -3.73
C GLY A 395 -24.71 37.83 -2.21
N PHE A 396 -24.46 36.56 -1.78
CA PHE A 396 -24.37 36.19 -0.37
C PHE A 396 -23.10 36.74 0.28
N HIS A 397 -21.93 36.70 -0.44
CA HIS A 397 -20.65 37.24 0.05
C HIS A 397 -20.77 38.75 0.37
N GLN A 398 -21.41 39.51 -0.53
CA GLN A 398 -21.57 40.95 -0.45
C GLN A 398 -22.56 41.40 0.63
N LEU A 399 -23.48 40.51 1.09
CA LEU A 399 -24.37 40.82 2.21
C LEU A 399 -23.53 41.05 3.48
N VAL A 400 -22.43 40.27 3.65
CA VAL A 400 -21.52 40.35 4.79
C VAL A 400 -20.56 41.55 4.60
N VAL A 401 -19.86 41.63 3.44
CA VAL A 401 -18.91 42.69 3.10
C VAL A 401 -19.50 44.11 3.24
N GLN A 402 -20.73 44.36 2.71
CA GLN A 402 -21.35 45.70 2.74
C GLN A 402 -21.53 46.27 4.15
N ARG A 403 -21.78 45.42 5.16
CA ARG A 403 -21.93 45.84 6.56
C ARG A 403 -20.58 46.39 7.10
N TRP A 404 -19.46 45.81 6.65
CA TRP A 404 -18.11 46.19 7.09
C TRP A 404 -17.54 47.37 6.26
N ASP A 405 -17.61 47.28 4.92
CA ASP A 405 -17.03 48.27 4.02
C ASP A 405 -17.92 48.44 2.77
N PRO A 406 -18.78 49.48 2.74
CA PRO A 406 -19.66 49.67 1.56
C PRO A 406 -18.94 49.95 0.24
N HIS A 407 -17.77 50.58 0.30
CA HIS A 407 -16.97 50.86 -0.89
C HIS A 407 -16.51 49.58 -1.59
N LEU A 408 -16.13 48.52 -0.82
CA LEU A 408 -15.70 47.23 -1.36
C LEU A 408 -16.81 46.56 -2.15
N THR A 409 -18.05 46.68 -1.66
CA THR A 409 -19.26 46.15 -2.28
C THR A 409 -19.55 46.85 -3.61
N ARG A 410 -19.45 48.19 -3.65
CA ARG A 410 -19.62 48.99 -4.87
C ARG A 410 -18.60 48.56 -5.94
N GLU A 411 -17.33 48.32 -5.52
CA GLU A 411 -16.24 47.84 -6.37
C GLU A 411 -16.55 46.46 -6.96
N ALA A 412 -16.93 45.50 -6.10
CA ALA A 412 -17.29 44.14 -6.52
C ALA A 412 -18.54 44.09 -7.41
N LEU A 413 -19.64 44.78 -7.04
CA LEU A 413 -20.85 44.80 -7.88
C LEU A 413 -20.62 45.50 -9.22
N GLY A 414 -19.84 46.59 -9.19
CA GLY A 414 -19.48 47.34 -10.40
C GLY A 414 -18.71 46.47 -11.40
N HIS A 415 -17.80 45.60 -10.88
CA HIS A 415 -17.02 44.67 -11.74
C HIS A 415 -17.89 43.54 -12.33
N TRP A 416 -18.79 42.94 -11.52
CA TRP A 416 -19.69 41.89 -12.01
C TRP A 416 -20.63 42.44 -13.11
N LEU A 417 -21.15 43.67 -12.93
CA LEU A 417 -22.01 44.34 -13.93
C LEU A 417 -21.25 44.68 -15.21
N GLY A 418 -19.91 44.73 -15.15
CA GLY A 418 -19.05 44.96 -16.31
C GLY A 418 -18.89 43.74 -17.20
N LEU A 419 -19.41 42.58 -16.76
CA LEU A 419 -19.33 41.30 -17.47
C LEU A 419 -20.50 41.01 -18.40
N LEU A 420 -21.55 41.87 -18.38
CA LEU A 420 -22.72 41.69 -19.23
C LEU A 420 -22.42 41.69 -20.74
N ASN A 421 -23.03 40.74 -21.48
CA ASN A 421 -22.95 40.79 -22.92
C ASN A 421 -24.10 41.71 -23.40
N ALA A 422 -24.17 42.01 -24.73
CA ALA A 422 -25.19 42.90 -25.30
C ALA A 422 -26.64 42.43 -25.11
N ASP A 423 -26.87 41.14 -24.76
CA ASP A 423 -28.21 40.58 -24.48
C ASP A 423 -28.60 40.69 -22.98
N GLY A 424 -27.64 40.96 -22.11
CA GLY A 424 -27.90 41.08 -20.67
C GLY A 424 -27.51 39.82 -19.91
N TRP A 425 -26.68 38.94 -20.52
CA TRP A 425 -26.25 37.70 -19.85
C TRP A 425 -24.87 37.87 -19.16
N ILE A 426 -24.69 37.22 -18.00
CA ILE A 426 -23.43 37.14 -17.25
C ILE A 426 -23.18 35.63 -17.02
N GLY A 427 -22.00 35.13 -17.46
CA GLY A 427 -21.60 33.74 -17.21
C GLY A 427 -21.58 33.44 -15.71
N ARG A 428 -22.18 32.32 -15.31
CA ARG A 428 -22.32 31.94 -13.90
C ARG A 428 -20.97 31.61 -13.20
N GLU A 429 -19.95 31.18 -13.97
CA GLU A 429 -18.62 30.87 -13.44
C GLU A 429 -17.57 31.62 -14.26
N GLN A 430 -16.82 32.54 -13.61
CA GLN A 430 -15.84 33.42 -14.27
C GLN A 430 -14.41 32.90 -14.11
N ILE A 431 -13.87 32.32 -15.18
CA ILE A 431 -12.54 31.67 -15.20
C ILE A 431 -11.63 32.54 -16.02
N LEU A 432 -10.94 33.50 -15.33
CA LEU A 432 -10.15 34.51 -16.01
C LEU A 432 -8.64 34.47 -15.68
N GLY A 433 -7.86 34.17 -16.69
CA GLY A 433 -6.42 34.04 -16.58
C GLY A 433 -5.94 32.61 -16.36
N ASP A 434 -4.63 32.43 -16.49
CA ASP A 434 -3.89 31.16 -16.42
C ASP A 434 -4.10 30.33 -15.17
N GLU A 435 -3.93 30.94 -13.99
CA GLU A 435 -4.10 30.20 -12.73
C GLU A 435 -5.53 29.69 -12.56
N ALA A 436 -6.54 30.49 -13.02
CA ALA A 436 -7.94 30.10 -12.91
C ALA A 436 -8.28 28.94 -13.84
N ARG A 437 -7.71 28.92 -15.05
CA ARG A 437 -7.93 27.83 -16.01
C ARG A 437 -7.30 26.50 -15.51
N ALA A 438 -6.19 26.59 -14.74
CA ALA A 438 -5.47 25.50 -14.05
C ALA A 438 -5.43 24.14 -14.75
N ARG A 439 -4.95 24.13 -16.01
CA ARG A 439 -4.72 22.93 -16.82
C ARG A 439 -6.00 22.06 -17.12
N VAL A 440 -7.21 22.64 -17.01
CA VAL A 440 -8.48 21.95 -17.30
C VAL A 440 -8.72 22.10 -18.81
N PRO A 441 -9.13 21.02 -19.53
CA PRO A 441 -9.41 21.17 -20.98
C PRO A 441 -10.51 22.19 -21.25
N PRO A 442 -10.37 22.99 -22.33
CA PRO A 442 -11.38 24.04 -22.62
C PRO A 442 -12.85 23.60 -22.68
N GLU A 443 -13.10 22.32 -23.01
CA GLU A 443 -14.43 21.69 -23.12
C GLU A 443 -15.23 21.86 -21.82
N PHE A 444 -14.52 21.84 -20.68
CA PHE A 444 -15.07 21.94 -19.33
C PHE A 444 -14.99 23.36 -18.74
N LEU A 445 -14.49 24.34 -19.53
CA LEU A 445 -14.38 25.73 -19.10
C LEU A 445 -15.46 26.63 -19.72
N VAL A 446 -16.15 26.14 -20.75
CA VAL A 446 -17.11 26.91 -21.54
C VAL A 446 -18.42 27.24 -20.77
N GLN A 447 -18.79 28.54 -20.79
CA GLN A 447 -20.03 29.02 -20.17
C GLN A 447 -21.08 29.11 -21.26
N ARG A 448 -22.28 28.66 -20.97
CA ARG A 448 -23.36 28.69 -21.95
C ARG A 448 -24.24 29.92 -21.80
N ALA A 449 -24.29 30.72 -22.88
CA ALA A 449 -25.07 31.96 -22.98
C ALA A 449 -26.58 31.77 -22.76
N ALA A 450 -27.10 30.54 -22.96
CA ALA A 450 -28.50 30.20 -22.72
C ALA A 450 -28.84 30.00 -21.23
N HIS A 451 -27.79 29.74 -20.39
CA HIS A 451 -27.95 29.35 -18.98
C HIS A 451 -27.79 30.49 -17.96
N ALA A 452 -28.70 30.51 -16.97
CA ALA A 452 -28.75 31.53 -15.91
C ALA A 452 -28.13 31.08 -14.55
N ASN A 453 -28.37 31.87 -13.51
CA ASN A 453 -27.99 31.65 -12.11
C ASN A 453 -28.86 32.56 -11.25
N PRO A 454 -29.24 32.17 -10.00
CA PRO A 454 -30.06 33.06 -9.17
C PRO A 454 -29.50 34.49 -9.06
N PRO A 455 -30.40 35.52 -9.16
CA PRO A 455 -29.93 36.92 -9.13
C PRO A 455 -29.72 37.49 -7.73
N THR A 456 -28.89 36.81 -6.93
CA THR A 456 -28.62 37.21 -5.54
C THR A 456 -27.87 38.55 -5.44
N LEU A 457 -27.25 39.04 -6.54
CA LEU A 457 -26.60 40.37 -6.55
C LEU A 457 -27.59 41.49 -6.19
N LEU A 458 -28.90 41.22 -6.35
CA LEU A 458 -29.96 42.18 -5.99
C LEU A 458 -30.22 42.24 -4.47
N LEU A 459 -29.81 41.19 -3.69
CA LEU A 459 -29.99 41.18 -2.22
C LEU A 459 -29.16 42.32 -1.53
N PRO A 460 -27.84 42.53 -1.80
CA PRO A 460 -27.16 43.71 -1.21
C PRO A 460 -27.73 45.06 -1.70
N VAL A 461 -28.41 45.08 -2.87
CA VAL A 461 -29.04 46.30 -3.43
C VAL A 461 -30.18 46.78 -2.48
N VAL A 462 -30.97 45.84 -1.92
CA VAL A 462 -32.06 46.14 -0.97
C VAL A 462 -31.51 46.91 0.26
N HIS A 463 -30.37 46.46 0.81
CA HIS A 463 -29.76 47.10 1.97
C HIS A 463 -29.25 48.51 1.66
N LEU A 465 -30.45 50.59 -0.57
CA LEU A 465 -31.66 51.39 -0.70
C LEU A 465 -32.18 51.85 0.67
N GLU A 466 -32.21 50.93 1.63
CA GLU A 466 -32.66 51.09 3.02
C GLU A 466 -31.82 52.12 3.80
N GLY A 467 -30.52 52.17 3.55
CA GLY A 467 -29.60 53.04 4.28
C GLY A 467 -29.51 54.49 3.84
N HIS A 468 -30.05 54.79 2.64
CA HIS A 468 -30.06 56.13 2.02
C HIS A 468 -28.70 56.90 2.06
N ASP A 469 -27.58 56.16 1.92
CA ASP A 469 -26.24 56.78 1.90
C ASP A 469 -26.02 57.41 0.50
N PRO A 470 -25.49 58.66 0.41
CA PRO A 470 -25.35 59.31 -0.91
C PRO A 470 -24.45 58.61 -1.92
N ASP A 471 -23.37 57.98 -1.42
CA ASP A 471 -22.44 57.26 -2.30
C ASP A 471 -23.09 56.00 -2.86
N ASP A 472 -23.90 55.31 -2.05
CA ASP A 472 -24.60 54.12 -2.52
C ASP A 472 -25.66 54.53 -3.54
N LEU A 473 -26.34 55.64 -3.29
CA LEU A 473 -27.36 56.15 -4.20
C LEU A 473 -26.79 56.62 -5.54
N ALA A 474 -25.65 57.31 -5.50
CA ALA A 474 -24.98 57.78 -6.72
C ALA A 474 -24.51 56.56 -7.57
N PHE A 475 -24.10 55.46 -6.89
CA PHE A 475 -23.67 54.23 -7.56
C PHE A 475 -24.85 53.52 -8.23
N LEU A 476 -25.98 53.38 -7.51
CA LEU A 476 -27.20 52.74 -8.02
C LEU A 476 -27.83 53.48 -9.19
N ARG A 477 -27.69 54.82 -9.22
CA ARG A 477 -28.17 55.68 -10.31
C ARG A 477 -27.41 55.32 -11.60
N ALA A 479 -25.57 52.45 -12.03
CA ALA A 479 -25.70 51.02 -12.28
C ALA A 479 -27.07 50.56 -12.79
N PHE A 480 -28.14 51.38 -12.62
CA PHE A 480 -29.50 51.00 -12.98
C PHE A 480 -29.69 50.43 -14.42
N PRO A 481 -29.20 51.03 -15.54
CA PRO A 481 -29.45 50.41 -16.85
C PRO A 481 -28.88 48.99 -16.98
N ARG A 482 -27.74 48.73 -16.34
CA ARG A 482 -27.11 47.39 -16.31
C ARG A 482 -27.90 46.38 -15.46
N LEU A 483 -28.35 46.78 -14.25
CA LEU A 483 -29.16 45.93 -13.36
C LEU A 483 -30.48 45.57 -14.05
N HIS A 484 -31.09 46.56 -14.75
CA HIS A 484 -32.33 46.38 -15.49
C HIS A 484 -32.19 45.45 -16.72
N ALA A 485 -31.10 45.61 -17.50
CA ALA A 485 -30.79 44.76 -18.66
C ALA A 485 -30.60 43.31 -18.25
N TRP A 486 -29.88 43.09 -17.14
CA TRP A 486 -29.59 41.77 -16.58
C TRP A 486 -30.85 41.08 -16.08
N PHE A 487 -31.74 41.83 -15.37
CA PHE A 487 -32.99 41.26 -14.88
C PHE A 487 -33.92 40.91 -16.02
N SER A 488 -34.03 41.82 -17.02
CA SER A 488 -34.89 41.62 -18.20
C SER A 488 -34.46 40.36 -18.95
N TRP A 489 -33.12 40.14 -19.10
CA TRP A 489 -32.56 38.95 -19.74
C TRP A 489 -33.07 37.69 -18.99
N LEU A 490 -33.00 37.71 -17.66
CA LEU A 490 -33.45 36.54 -16.88
C LEU A 490 -34.90 36.13 -17.13
N HIS A 491 -35.87 37.04 -17.01
CA HIS A 491 -37.25 36.57 -17.18
C HIS A 491 -37.64 36.31 -18.63
N GLN A 492 -36.97 36.97 -19.61
CA GLN A 492 -37.22 36.72 -21.03
C GLN A 492 -36.56 35.40 -21.52
N SER A 493 -35.27 35.19 -21.18
CA SER A 493 -34.54 33.99 -21.61
C SER A 493 -35.02 32.69 -20.94
N GLN A 494 -35.59 32.79 -19.74
CA GLN A 494 -36.03 31.60 -19.01
C GLN A 494 -37.58 31.46 -18.93
N ALA A 495 -38.32 32.08 -19.88
CA ALA A 495 -39.80 32.03 -19.94
C ALA A 495 -40.29 30.56 -19.99
N GLY A 496 -41.32 30.23 -19.20
CA GLY A 496 -41.89 28.89 -19.13
C GLY A 496 -42.91 28.60 -20.22
N PRO A 497 -43.60 27.44 -20.18
CA PRO A 497 -44.58 27.10 -21.23
C PRO A 497 -45.86 27.93 -21.23
N VAL A 498 -46.25 28.48 -20.07
CA VAL A 498 -47.49 29.28 -19.90
C VAL A 498 -47.16 30.67 -19.31
N PRO A 499 -48.07 31.67 -19.41
CA PRO A 499 -47.78 32.99 -18.80
C PRO A 499 -47.54 32.94 -17.29
N LEU A 500 -46.56 33.74 -16.84
CA LEU A 500 -46.10 33.88 -15.46
C LEU A 500 -45.41 32.59 -14.91
N SER A 501 -44.96 31.71 -15.83
CA SER A 501 -44.21 30.50 -15.47
C SER A 501 -42.79 30.62 -16.03
N TYR A 502 -41.84 29.94 -15.39
CA TYR A 502 -40.42 29.99 -15.77
C TYR A 502 -39.80 28.60 -15.72
N ARG A 503 -38.82 28.36 -16.59
CA ARG A 503 -38.17 27.05 -16.68
C ARG A 503 -36.65 27.24 -16.83
N TRP A 504 -35.85 26.68 -15.88
CA TRP A 504 -34.38 26.79 -15.98
C TRP A 504 -33.90 26.06 -17.25
N ARG A 505 -33.19 26.77 -18.14
CA ARG A 505 -32.56 26.12 -19.28
C ARG A 505 -31.30 25.41 -18.74
N GLY A 506 -30.90 24.34 -19.37
CA GLY A 506 -29.65 23.68 -19.02
C GLY A 506 -29.70 22.48 -18.11
N ARG A 507 -30.87 21.82 -17.99
CA ARG A 507 -30.94 20.57 -17.22
C ARG A 507 -30.10 19.54 -18.02
N ASP A 508 -29.41 18.58 -17.35
CA ASP A 508 -28.57 17.61 -18.06
C ASP A 508 -29.35 16.90 -19.16
N LEU A 509 -28.63 16.56 -20.23
CA LEU A 509 -29.17 15.75 -21.33
C LEU A 509 -29.36 14.35 -20.77
N ALA A 510 -30.58 13.80 -20.90
CA ALA A 510 -30.94 12.47 -20.37
C ALA A 510 -29.94 11.41 -20.84
N LEU A 511 -29.25 10.78 -19.87
CA LEU A 511 -28.25 9.75 -20.08
C LEU A 511 -28.64 8.50 -19.32
N PRO A 512 -28.26 7.28 -19.80
CA PRO A 512 -28.61 6.07 -19.03
C PRO A 512 -27.91 5.97 -17.68
N THR A 513 -26.83 6.74 -17.46
CA THR A 513 -26.05 6.74 -16.21
C THR A 513 -26.63 7.64 -15.09
N LEU A 514 -27.43 8.65 -15.45
CA LEU A 514 -28.01 9.63 -14.52
C LEU A 514 -29.33 9.20 -13.91
N LEU A 515 -29.42 9.13 -12.57
CA LEU A 515 -30.68 8.80 -11.87
C LEU A 515 -31.73 9.90 -12.14
N ASN A 516 -31.36 11.17 -11.94
CA ASN A 516 -32.23 12.32 -12.17
C ASN A 516 -31.37 13.45 -12.78
N PRO A 517 -31.68 13.97 -14.00
CA PRO A 517 -30.87 15.07 -14.56
C PRO A 517 -30.72 16.27 -13.65
N THR A 519 -29.77 20.20 -12.42
CA THR A 519 -30.14 21.56 -12.84
C THR A 519 -29.03 22.51 -12.34
N LEU A 520 -27.81 22.35 -12.88
CA LEU A 520 -26.63 23.16 -12.51
C LEU A 520 -26.90 24.69 -12.51
N PRO A 521 -27.60 25.28 -13.51
CA PRO A 521 -27.84 26.74 -13.47
C PRO A 521 -28.64 27.24 -12.26
N SER A 522 -29.50 26.40 -11.63
CA SER A 522 -30.29 26.77 -10.44
C SER A 522 -29.46 27.02 -9.14
N GLY A 523 -28.25 26.47 -9.12
CA GLY A 523 -27.34 26.50 -7.97
C GLY A 523 -27.50 25.27 -7.08
N LEU A 524 -28.68 24.66 -7.09
CA LEU A 524 -28.94 23.44 -6.28
C LEU A 524 -28.80 22.23 -7.21
N ASP A 525 -27.54 21.93 -7.60
CA ASP A 525 -27.06 20.96 -8.60
C ASP A 525 -27.90 19.69 -8.78
N ASP A 526 -27.97 18.80 -7.78
CA ASP A 526 -28.70 17.54 -7.87
C ASP A 526 -30.05 17.52 -7.09
N TYR A 527 -30.69 18.70 -6.85
CA TYR A 527 -32.01 18.68 -6.19
C TYR A 527 -32.96 17.99 -7.17
N PRO A 528 -33.73 17.00 -6.71
CA PRO A 528 -34.60 16.27 -7.64
C PRO A 528 -35.72 17.10 -8.23
N ARG A 529 -35.82 17.00 -9.55
CA ARG A 529 -36.86 17.62 -10.35
C ARG A 529 -37.46 16.52 -11.26
N ALA A 530 -38.28 16.87 -12.28
CA ALA A 530 -38.92 15.84 -13.13
C ALA A 530 -37.92 14.85 -13.72
N SER A 531 -38.23 13.55 -13.62
CA SER A 531 -37.40 12.44 -14.09
C SER A 531 -37.11 12.49 -15.59
N HIS A 532 -38.07 12.96 -16.39
CA HIS A 532 -37.98 13.04 -17.85
C HIS A 532 -38.09 14.50 -18.31
N PRO A 533 -36.96 15.25 -18.38
CA PRO A 533 -37.02 16.67 -18.76
C PRO A 533 -37.69 16.99 -20.10
N SER A 534 -38.45 18.11 -20.15
CA SER A 534 -39.16 18.58 -21.34
C SER A 534 -39.45 20.10 -21.22
N THR A 535 -40.01 20.72 -22.30
CA THR A 535 -40.37 22.14 -22.36
C THR A 535 -41.67 22.44 -21.60
N ALA A 536 -42.37 21.39 -21.10
CA ALA A 536 -43.61 21.53 -20.32
C ALA A 536 -43.32 21.76 -18.81
N GLU A 537 -42.04 21.72 -18.40
CA GLU A 537 -41.65 21.93 -17.00
C GLU A 537 -41.92 23.34 -16.50
N ARG A 538 -42.26 23.46 -15.19
CA ARG A 538 -42.48 24.72 -14.50
C ARG A 538 -41.62 24.65 -13.23
N HIS A 539 -40.68 25.62 -13.05
CA HIS A 539 -39.77 25.63 -11.88
C HIS A 539 -40.12 26.70 -10.86
N LEU A 540 -40.43 26.25 -9.63
CA LEU A 540 -40.86 27.09 -8.51
C LEU A 540 -39.82 28.10 -8.04
N ASP A 541 -38.58 27.66 -7.76
CA ASP A 541 -37.53 28.55 -7.26
C ASP A 541 -37.24 29.71 -8.22
N LEU A 542 -37.16 29.43 -9.54
CA LEU A 542 -36.94 30.43 -10.57
C LEU A 542 -38.09 31.46 -10.60
N ARG A 543 -39.37 31.01 -10.56
CA ARG A 543 -40.50 31.96 -10.52
C ARG A 543 -40.36 32.93 -9.32
N CYS A 544 -39.99 32.39 -8.15
CA CYS A 544 -39.78 33.16 -6.92
C CYS A 544 -38.64 34.19 -7.03
N TRP A 545 -37.50 33.83 -7.67
CA TRP A 545 -36.37 34.74 -7.90
C TRP A 545 -36.78 35.90 -8.80
N VAL A 546 -37.62 35.62 -9.83
CA VAL A 546 -38.14 36.63 -10.76
C VAL A 546 -39.07 37.61 -10.03
N ALA A 547 -39.99 37.09 -9.16
CA ALA A 547 -40.91 37.90 -8.36
C ALA A 547 -40.14 38.85 -7.43
N LEU A 548 -39.08 38.34 -6.74
CA LEU A 548 -38.23 39.14 -5.88
C LEU A 548 -37.45 40.20 -6.65
N GLY A 549 -36.85 39.81 -7.78
CA GLY A 549 -36.09 40.70 -8.64
C GLY A 549 -36.90 41.85 -9.20
N ALA A 550 -38.15 41.57 -9.61
CA ALA A 550 -39.06 42.59 -10.13
C ALA A 550 -39.42 43.59 -9.03
N ARG A 551 -39.65 43.10 -7.80
CA ARG A 551 -39.97 43.94 -6.64
C ARG A 551 -38.80 44.85 -6.26
N VAL A 552 -37.59 44.28 -6.12
CA VAL A 552 -36.36 45.02 -5.78
C VAL A 552 -36.10 46.16 -6.79
N LEU A 553 -36.16 45.85 -8.09
CA LEU A 553 -35.93 46.80 -9.17
C LEU A 553 -37.04 47.83 -9.36
N SER A 554 -38.30 47.49 -9.04
CA SER A 554 -39.39 48.49 -9.11
C SER A 554 -39.22 49.56 -8.01
N GLN A 555 -38.79 49.11 -6.81
CA GLN A 555 -38.50 49.97 -5.65
C GLN A 555 -37.34 50.92 -6.00
N LEU A 556 -36.24 50.38 -6.60
CA LEU A 556 -35.08 51.16 -7.02
C LEU A 556 -35.49 52.20 -8.09
N ALA A 557 -36.23 51.77 -9.14
CA ALA A 557 -36.73 52.64 -10.20
C ALA A 557 -37.57 53.80 -9.66
N GLU A 558 -38.41 53.53 -8.63
CA GLU A 558 -39.24 54.57 -8.03
C GLU A 558 -38.40 55.59 -7.25
N GLN A 559 -37.43 55.11 -6.48
CA GLN A 559 -36.51 55.96 -5.73
C GLN A 559 -35.64 56.88 -6.64
N LEU A 560 -35.23 56.36 -7.83
CA LEU A 560 -34.38 57.08 -8.77
C LEU A 560 -35.11 58.03 -9.72
N GLY A 561 -36.41 57.82 -9.92
CA GLY A 561 -37.22 58.60 -10.84
C GLY A 561 -37.19 58.04 -12.25
N GLU A 562 -36.97 56.72 -12.37
CA GLU A 562 -36.92 55.96 -13.64
C GLU A 562 -38.37 55.60 -14.00
N THR A 563 -39.15 56.61 -14.42
CA THR A 563 -40.58 56.52 -14.71
C THR A 563 -41.01 55.34 -15.61
N GLU A 564 -40.43 55.21 -16.82
CA GLU A 564 -40.77 54.15 -17.75
C GLU A 564 -40.39 52.73 -17.21
N ALA A 565 -39.24 52.60 -16.51
CA ALA A 565 -38.82 51.33 -15.93
C ALA A 565 -39.79 50.89 -14.80
N ALA A 566 -40.15 51.83 -13.89
CA ALA A 566 -41.13 51.64 -12.78
C ALA A 566 -42.50 51.21 -13.30
N ALA A 567 -42.95 51.78 -14.45
CA ALA A 567 -44.23 51.47 -15.12
C ALA A 567 -44.26 50.03 -15.69
N GLU A 568 -43.08 49.44 -15.93
CA GLU A 568 -42.96 48.08 -16.42
C GLU A 568 -42.77 47.10 -15.23
N LEU A 569 -41.83 47.41 -14.31
CA LEU A 569 -41.43 46.59 -13.17
C LEU A 569 -42.49 46.46 -12.06
N GLY A 570 -43.19 47.55 -11.77
CA GLY A 570 -44.26 47.57 -10.78
C GLY A 570 -45.36 46.56 -11.09
N PRO A 571 -46.04 46.66 -12.27
CA PRO A 571 -47.08 45.67 -12.61
C PRO A 571 -46.59 44.22 -12.72
N LEU A 572 -45.34 43.99 -13.16
CA LEU A 572 -44.81 42.63 -13.26
C LEU A 572 -44.65 42.02 -11.84
N ALA A 573 -44.11 42.83 -10.87
CA ALA A 573 -43.94 42.42 -9.47
C ALA A 573 -45.30 42.08 -8.85
N ALA A 574 -46.33 42.93 -9.04
CA ALA A 574 -47.68 42.66 -8.54
C ALA A 574 -48.30 41.40 -9.16
N SER A 575 -48.16 41.20 -10.48
CA SER A 575 -48.70 40.00 -11.16
C SER A 575 -48.07 38.68 -10.61
N LEU A 576 -46.83 38.75 -10.13
CA LEU A 576 -46.13 37.58 -9.63
C LEU A 576 -46.32 37.37 -8.11
N GLU A 577 -46.65 38.46 -7.35
CA GLU A 577 -46.94 38.47 -5.89
C GLU A 577 -48.29 37.81 -5.64
N GLU A 578 -49.24 38.09 -6.54
CA GLU A 578 -50.63 37.63 -6.56
C GLU A 578 -50.78 36.12 -6.19
N PRO A 579 -51.65 35.75 -5.22
CA PRO A 579 -51.70 34.33 -4.80
C PRO A 579 -52.38 33.35 -5.76
N GLY A 580 -53.40 33.79 -6.51
CA GLY A 580 -54.14 32.95 -7.46
C GLY A 580 -53.28 32.29 -8.53
N SER A 581 -52.45 33.09 -9.21
CA SER A 581 -51.54 32.58 -10.22
C SER A 581 -50.48 31.61 -9.64
N LEU A 582 -49.85 31.96 -8.48
CA LEU A 582 -48.88 31.06 -7.82
C LEU A 582 -49.51 29.71 -7.46
N ASP A 583 -50.77 29.73 -6.98
CA ASP A 583 -51.52 28.51 -6.62
C ASP A 583 -51.79 27.63 -7.84
N GLU A 584 -52.31 28.25 -8.92
CA GLU A 584 -52.63 27.59 -10.19
C GLU A 584 -51.38 26.93 -10.79
N LEU A 585 -50.22 27.58 -10.70
CA LEU A 585 -49.00 27.08 -11.29
C LEU A 585 -48.16 26.17 -10.41
N HIS A 586 -48.20 26.32 -9.07
CA HIS A 586 -47.30 25.54 -8.23
C HIS A 586 -47.93 24.90 -6.99
N TRP A 587 -49.19 25.23 -6.59
CA TRP A 587 -49.75 24.54 -5.41
C TRP A 587 -50.17 23.08 -5.70
N ALA A 588 -49.55 22.11 -5.00
CA ALA A 588 -49.83 20.68 -5.17
C ALA A 588 -50.65 20.15 -3.98
N PRO A 589 -52.00 20.06 -4.09
CA PRO A 589 -52.82 19.61 -2.94
C PRO A 589 -52.56 18.17 -2.49
N GLU A 590 -52.21 17.27 -3.43
CA GLU A 590 -51.90 15.88 -3.12
C GLU A 590 -50.58 15.74 -2.33
N LEU A 591 -49.73 16.81 -2.38
CA LEU A 591 -48.45 16.86 -1.68
C LEU A 591 -48.48 17.80 -0.45
N GLY A 592 -49.45 18.71 -0.41
CA GLY A 592 -49.60 19.70 0.66
C GLY A 592 -48.48 20.73 0.69
N VAL A 593 -47.82 20.97 -0.46
CA VAL A 593 -46.71 21.91 -0.63
C VAL A 593 -46.77 22.52 -2.04
N PHE A 594 -45.96 23.56 -2.26
CA PHE A 594 -45.71 24.16 -3.58
C PHE A 594 -44.65 23.25 -4.21
N ALA A 595 -44.74 22.96 -5.52
CA ALA A 595 -43.83 22.03 -6.19
C ALA A 595 -43.49 22.38 -7.67
N ASP A 596 -42.40 21.76 -8.18
CA ASP A 596 -42.01 21.84 -9.59
C ASP A 596 -42.99 20.92 -10.34
N PHE A 597 -43.16 21.13 -11.64
CA PHE A 597 -44.07 20.36 -12.49
C PHE A 597 -43.29 19.84 -13.69
N GLY A 598 -43.63 18.64 -14.14
CA GLY A 598 -43.03 18.02 -15.31
C GLY A 598 -43.45 16.58 -15.54
N ASN A 599 -42.88 15.97 -16.62
CA ASN A 599 -43.11 14.56 -17.01
C ASN A 599 -42.27 13.70 -16.06
N HIS A 600 -42.93 13.11 -15.07
CA HIS A 600 -42.25 12.44 -13.98
C HIS A 600 -42.84 11.08 -13.54
N THR A 601 -41.94 10.23 -13.02
CA THR A 601 -42.25 8.97 -12.34
C THR A 601 -41.28 8.81 -11.18
N LYS A 602 -41.80 8.35 -10.04
CA LYS A 602 -41.00 8.03 -8.85
C LYS A 602 -40.26 6.69 -9.07
N ALA A 603 -40.75 5.85 -10.04
CA ALA A 603 -40.21 4.53 -10.37
C ALA A 603 -38.91 4.57 -11.21
N VAL A 604 -37.84 5.11 -10.61
CA VAL A 604 -36.52 5.21 -11.25
C VAL A 604 -35.48 4.79 -10.20
N GLN A 605 -34.56 3.90 -10.59
CA GLN A 605 -33.52 3.37 -9.71
C GLN A 605 -32.21 3.17 -10.42
N LEU A 606 -31.09 3.25 -9.69
CA LEU A 606 -29.75 2.94 -10.22
C LEU A 606 -29.45 1.44 -9.95
N SER A 608 -27.00 -2.18 -11.20
CA SER A 608 -25.86 -2.69 -11.95
C SER A 608 -26.30 -3.70 -13.00
N ARG A 609 -25.83 -3.49 -14.22
CA ARG A 609 -26.17 -4.38 -15.33
C ARG A 609 -24.90 -4.75 -16.02
N PRO A 610 -24.35 -5.96 -15.84
CA PRO A 610 -23.16 -6.29 -16.65
C PRO A 610 -23.59 -6.43 -18.13
N PRO A 611 -22.84 -5.84 -19.10
CA PRO A 611 -21.54 -5.16 -18.98
C PRO A 611 -21.56 -3.64 -18.74
N GLN A 612 -22.77 -3.02 -18.81
CA GLN A 612 -23.05 -1.58 -18.70
C GLN A 612 -22.46 -0.80 -17.51
N GLY A 613 -22.38 -1.46 -16.35
CA GLY A 613 -22.03 -0.81 -15.09
C GLY A 613 -23.34 -0.39 -14.46
N LEU A 614 -23.29 0.56 -13.54
CA LEU A 614 -24.48 1.08 -12.86
C LEU A 614 -25.28 2.01 -13.78
N VAL A 615 -26.55 1.65 -14.05
CA VAL A 615 -27.44 2.40 -14.98
C VAL A 615 -28.83 2.69 -14.37
N ARG A 616 -29.58 3.65 -14.95
CA ARG A 616 -30.92 3.94 -14.47
C ARG A 616 -31.93 3.01 -15.11
N VAL A 617 -32.86 2.53 -14.29
CA VAL A 617 -33.92 1.60 -14.68
C VAL A 617 -35.28 2.25 -14.38
N VAL A 618 -36.04 2.57 -15.43
CA VAL A 618 -37.37 3.15 -15.31
C VAL A 618 -38.35 2.00 -15.27
N GLY A 619 -39.14 1.95 -14.21
CA GLY A 619 -40.13 0.90 -14.01
C GLY A 619 -41.54 1.41 -14.19
N ARG A 620 -42.47 0.82 -13.43
CA ARG A 620 -43.89 1.16 -13.45
C ARG A 620 -44.31 1.86 -12.13
N PRO A 621 -45.16 2.92 -12.18
CA PRO A 621 -45.87 3.48 -13.34
C PRO A 621 -45.00 4.29 -14.30
N PRO A 622 -45.35 4.34 -15.60
CA PRO A 622 -44.54 5.16 -16.55
C PRO A 622 -44.65 6.66 -16.26
N PRO A 623 -43.72 7.52 -16.78
CA PRO A 623 -43.84 8.97 -16.49
C PRO A 623 -45.05 9.62 -17.12
N ARG A 624 -45.59 10.64 -16.42
CA ARG A 624 -46.71 11.46 -16.86
C ARG A 624 -46.55 12.87 -16.27
N LEU A 625 -47.20 13.87 -16.89
CA LEU A 625 -47.13 15.26 -16.43
C LEU A 625 -47.87 15.39 -15.09
N GLN A 626 -47.16 15.86 -14.06
CA GLN A 626 -47.71 16.02 -12.68
C GLN A 626 -46.72 16.81 -11.82
N TYR A 627 -47.12 17.15 -10.59
CA TYR A 627 -46.23 17.81 -9.63
C TYR A 627 -45.20 16.81 -9.11
N VAL A 628 -43.97 17.27 -8.93
CA VAL A 628 -42.84 16.44 -8.47
C VAL A 628 -42.73 16.39 -6.94
N ASP A 629 -42.80 15.17 -6.37
CA ASP A 629 -42.64 14.94 -4.93
C ASP A 629 -41.14 14.99 -4.57
N ALA A 630 -40.71 16.12 -3.99
CA ALA A 630 -39.31 16.40 -3.62
C ALA A 630 -39.35 17.50 -2.57
N LEU A 631 -39.74 17.12 -1.36
CA LEU A 631 -39.92 18.05 -0.25
C LEU A 631 -38.57 18.52 0.29
N GLY A 632 -38.25 19.79 0.11
CA GLY A 632 -36.97 20.34 0.54
C GLY A 632 -36.84 21.84 0.33
N TYR A 633 -35.61 22.36 0.14
CA TYR A 633 -35.39 23.81 -0.03
C TYR A 633 -36.27 24.46 -1.10
N VAL A 634 -36.42 23.81 -2.28
CA VAL A 634 -37.23 24.36 -3.38
C VAL A 634 -38.71 24.60 -2.95
N SER A 635 -39.31 23.65 -2.21
CA SER A 635 -40.68 23.66 -1.68
C SER A 635 -41.01 24.93 -0.87
N LEU A 636 -40.00 25.46 -0.18
CA LEU A 636 -40.05 26.59 0.73
C LEU A 636 -39.88 27.98 0.09
N PHE A 637 -39.55 28.05 -1.19
CA PHE A 637 -39.22 29.32 -1.86
C PHE A 637 -40.22 30.47 -1.67
N PRO A 638 -41.56 30.33 -1.76
CA PRO A 638 -42.43 31.49 -1.45
C PRO A 638 -42.29 32.00 -0.01
N LEU A 639 -41.90 31.12 0.94
CA LEU A 639 -41.65 31.51 2.33
C LEU A 639 -40.25 32.15 2.47
N LEU A 640 -39.20 31.49 1.96
CA LEU A 640 -37.81 31.98 2.00
C LEU A 640 -37.64 33.39 1.44
N LEU A 641 -38.31 33.67 0.32
CA LEU A 641 -38.17 34.98 -0.33
C LEU A 641 -39.28 35.97 0.09
N GLN A 642 -40.00 35.64 1.20
CA GLN A 642 -41.04 36.46 1.84
C GLN A 642 -42.12 36.95 0.86
N LEU A 643 -42.59 36.04 -0.01
CA LEU A 643 -43.62 36.34 -1.03
C LEU A 643 -45.04 36.07 -0.55
N LEU A 644 -45.21 35.26 0.52
CA LEU A 644 -46.53 34.96 1.06
C LEU A 644 -47.03 36.08 1.96
N ASP A 645 -48.31 36.40 1.86
CA ASP A 645 -48.95 37.34 2.77
C ASP A 645 -48.96 36.66 4.17
N PRO A 646 -48.82 37.43 5.29
CA PRO A 646 -48.89 36.81 6.62
C PRO A 646 -50.18 36.02 6.88
N SER A 647 -51.28 36.35 6.18
CA SER A 647 -52.56 35.64 6.33
C SER A 647 -52.81 34.61 5.19
N SER A 648 -51.77 34.33 4.37
CA SER A 648 -51.89 33.34 3.28
C SER A 648 -52.30 31.94 3.83
N PRO A 649 -53.29 31.25 3.19
CA PRO A 649 -53.66 29.88 3.63
C PRO A 649 -52.55 28.81 3.42
N ARG A 650 -51.45 29.18 2.70
CA ARG A 650 -50.33 28.29 2.40
C ARG A 650 -49.13 28.45 3.35
N LEU A 651 -49.11 29.55 4.14
CA LEU A 651 -48.04 29.83 5.11
C LEU A 651 -47.95 28.75 6.23
N GLY A 652 -49.08 28.44 6.88
CA GLY A 652 -49.17 27.41 7.93
C GLY A 652 -48.57 26.08 7.48
N PRO A 653 -49.11 25.46 6.37
CA PRO A 653 -48.52 24.21 5.85
C PRO A 653 -47.00 24.19 5.62
N LEU A 654 -46.40 25.31 5.13
CA LEU A 654 -44.96 25.40 4.87
C LEU A 654 -44.18 25.44 6.18
N LEU A 655 -44.76 26.15 7.18
CA LEU A 655 -44.17 26.24 8.52
C LEU A 655 -44.09 24.86 9.19
N ASP A 656 -45.16 24.04 9.04
CA ASP A 656 -45.28 22.68 9.58
C ASP A 656 -44.25 21.71 9.00
N VAL A 657 -44.04 21.73 7.66
CA VAL A 657 -43.05 20.84 6.99
C VAL A 657 -41.58 21.21 7.37
N LEU A 658 -41.32 22.52 7.58
CA LEU A 658 -40.03 23.08 7.99
C LEU A 658 -39.68 22.59 9.42
N ALA A 659 -40.68 22.59 10.34
CA ALA A 659 -40.55 22.22 11.75
C ALA A 659 -40.54 20.71 12.00
N ASP A 660 -40.93 19.90 10.99
CA ASP A 660 -41.07 18.45 11.13
C ASP A 660 -39.71 17.70 11.06
N SER A 661 -39.39 16.95 12.14
CA SER A 661 -38.15 16.14 12.25
C SER A 661 -38.08 15.05 11.20
N ARG A 662 -39.24 14.52 10.74
CA ARG A 662 -39.31 13.49 9.68
C ARG A 662 -39.00 14.12 8.30
N HIS A 663 -39.08 15.46 8.20
CA HIS A 663 -38.81 16.17 6.96
C HIS A 663 -37.51 16.98 6.99
N LEU A 664 -37.61 18.30 7.23
CA LEU A 664 -36.50 19.25 7.12
C LEU A 664 -35.80 19.62 8.44
N TRP A 665 -36.47 19.44 9.59
CA TRP A 665 -35.91 19.82 10.88
C TRP A 665 -34.89 18.84 11.47
N SER A 666 -33.57 19.19 11.39
CA SER A 666 -32.49 18.38 12.00
C SER A 666 -31.94 19.12 13.26
N PRO A 667 -31.18 18.48 14.18
CA PRO A 667 -30.64 19.24 15.33
C PRO A 667 -29.56 20.28 14.95
N PHE A 668 -29.15 20.33 13.66
CA PHE A 668 -28.06 21.20 13.21
C PHE A 668 -28.48 22.26 12.19
N GLY A 669 -29.79 22.36 11.94
CA GLY A 669 -30.37 23.29 10.98
C GLY A 669 -31.29 22.60 9.99
N LEU A 670 -31.73 23.33 8.97
CA LEU A 670 -32.67 22.81 7.95
C LEU A 670 -31.99 21.94 6.91
N ARG A 671 -32.59 20.76 6.64
CA ARG A 671 -32.07 19.81 5.63
C ARG A 671 -32.42 20.32 4.26
N SER A 672 -31.54 20.07 3.26
CA SER A 672 -31.80 20.46 1.87
C SER A 672 -32.93 19.66 1.23
N LEU A 673 -33.17 18.43 1.72
CA LEU A 673 -34.19 17.48 1.27
C LEU A 673 -34.67 16.62 2.46
N SER A 674 -35.99 16.35 2.46
CA SER A 674 -36.68 15.55 3.47
C SER A 674 -36.00 14.20 3.72
N ALA A 675 -35.85 13.80 5.00
CA ALA A 675 -35.25 12.52 5.43
C ALA A 675 -36.14 11.33 5.03
N SER A 676 -37.41 11.61 4.69
CA SER A 676 -38.40 10.64 4.25
C SER A 676 -38.44 10.49 2.71
N SER A 677 -37.65 11.30 1.95
CA SER A 677 -37.61 11.25 0.49
C SER A 677 -36.86 10.02 -0.02
N LEU A 678 -37.30 9.46 -1.16
CA LEU A 678 -36.61 8.32 -1.79
C LEU A 678 -35.26 8.73 -2.37
N PHE A 679 -35.02 10.06 -2.56
CA PHE A 679 -33.74 10.60 -3.02
C PHE A 679 -32.79 10.96 -1.86
N TYR A 680 -33.26 10.86 -0.59
CA TYR A 680 -32.43 11.18 0.60
C TYR A 680 -31.12 10.32 0.63
N GLN A 682 -29.07 9.84 -1.73
CA GLN A 682 -28.87 9.02 -2.93
C GLN A 682 -27.91 9.64 -3.91
N ARG A 683 -26.92 8.84 -4.35
CA ARG A 683 -25.97 9.27 -5.36
C ARG A 683 -26.67 9.33 -6.73
N ASN A 684 -26.29 10.30 -7.57
CA ASN A 684 -26.85 10.46 -8.91
C ASN A 684 -26.20 9.52 -9.93
N THR A 685 -24.91 9.24 -9.77
CA THR A 685 -24.14 8.31 -10.59
C THR A 685 -23.16 7.60 -9.64
N GLU A 686 -22.36 6.69 -10.20
CA GLU A 686 -21.27 5.99 -9.55
C GLU A 686 -20.22 7.01 -9.06
N HIS A 687 -20.02 8.12 -9.80
CA HIS A 687 -19.05 9.17 -9.49
C HIS A 687 -19.62 10.43 -8.82
N ASP A 688 -20.97 10.50 -8.66
CA ASP A 688 -21.61 11.68 -8.08
C ASP A 688 -22.35 11.40 -6.77
N PRO A 689 -21.70 11.71 -5.60
CA PRO A 689 -22.37 11.54 -4.30
C PRO A 689 -23.53 12.53 -4.08
N PRO A 690 -24.45 12.30 -3.10
CA PRO A 690 -25.52 13.27 -2.82
C PRO A 690 -24.91 14.62 -2.39
N TYR A 691 -25.51 15.72 -2.85
CA TYR A 691 -25.00 17.06 -2.59
C TYR A 691 -26.01 17.98 -1.94
N TRP A 692 -27.19 18.13 -2.56
CA TRP A 692 -28.31 18.93 -2.05
C TRP A 692 -29.47 17.95 -1.80
N ARG A 693 -29.11 16.75 -1.27
CA ARG A 693 -30.04 15.66 -1.00
C ARG A 693 -30.07 15.24 0.48
N GLY A 694 -30.01 16.22 1.39
CA GLY A 694 -30.06 15.97 2.83
C GLY A 694 -29.24 16.88 3.71
N ALA A 695 -28.08 17.31 3.21
CA ALA A 695 -27.12 18.12 3.96
C ALA A 695 -27.64 19.55 4.29
N VAL A 696 -27.09 20.18 5.36
CA VAL A 696 -27.45 21.53 5.82
C VAL A 696 -26.55 22.56 5.16
N TRP A 697 -27.14 23.55 4.46
CA TRP A 697 -26.38 24.59 3.77
C TRP A 697 -26.66 25.92 4.45
N LEU A 698 -25.60 26.72 4.67
CA LEU A 698 -25.74 27.98 5.40
C LEU A 698 -26.43 29.14 4.63
N ASN A 699 -26.36 29.15 3.28
CA ASN A 699 -27.01 30.24 2.52
C ASN A 699 -28.55 30.16 2.61
N ILE A 700 -29.12 28.96 2.45
CA ILE A 700 -30.56 28.76 2.50
C ILE A 700 -31.09 28.87 3.94
N ASN A 701 -30.30 28.41 4.93
CA ASN A 701 -30.63 28.55 6.35
C ASN A 701 -30.66 30.02 6.76
N TYR A 702 -29.77 30.86 6.19
CA TYR A 702 -29.73 32.32 6.41
C TYR A 702 -31.05 32.95 5.87
N LEU A 703 -31.48 32.56 4.64
CA LEU A 703 -32.71 33.06 4.04
C LEU A 703 -33.93 32.62 4.85
N ALA A 704 -33.95 31.36 5.34
CA ALA A 704 -35.04 30.85 6.20
C ALA A 704 -35.10 31.65 7.50
N LEU A 705 -33.92 32.00 8.08
CA LEU A 705 -33.85 32.76 9.31
C LEU A 705 -34.33 34.20 9.12
N GLY A 706 -34.03 34.80 7.97
CA GLY A 706 -34.54 36.13 7.63
C GLY A 706 -36.05 36.16 7.49
N ALA A 707 -36.62 35.10 6.86
CA ALA A 707 -38.06 34.90 6.66
C ALA A 707 -38.81 34.66 7.98
N LEU A 708 -38.27 33.79 8.85
CA LEU A 708 -38.89 33.54 10.16
C LEU A 708 -38.85 34.80 11.05
N HIS A 709 -37.76 35.58 10.97
CA HIS A 709 -37.62 36.83 11.72
C HIS A 709 -38.70 37.80 11.24
N HIS A 710 -38.95 37.82 9.92
CA HIS A 710 -39.95 38.68 9.30
C HIS A 710 -41.37 38.30 9.75
N TYR A 711 -41.76 37.03 9.56
CA TYR A 711 -43.11 36.57 9.90
C TYR A 711 -43.38 36.55 11.41
N GLY A 712 -42.32 36.45 12.22
CA GLY A 712 -42.43 36.51 13.67
C GLY A 712 -42.55 37.92 14.22
N HIS A 713 -42.34 38.96 13.39
CA HIS A 713 -42.36 40.37 13.82
C HIS A 713 -43.48 41.21 13.19
N VAL A 714 -44.25 40.64 12.24
CA VAL A 714 -45.41 41.31 11.64
C VAL A 714 -46.69 40.64 12.15
N GLU A 715 -47.80 41.39 12.18
CA GLU A 715 -49.08 40.87 12.66
C GLU A 715 -49.67 39.83 11.71
N GLY A 716 -50.16 38.74 12.27
CA GLY A 716 -50.70 37.65 11.47
C GLY A 716 -51.01 36.43 12.31
N PRO A 717 -51.76 35.45 11.74
CA PRO A 717 -52.18 34.29 12.56
C PRO A 717 -51.06 33.29 12.88
N HIS A 718 -49.88 33.40 12.23
CA HIS A 718 -48.74 32.50 12.45
C HIS A 718 -47.51 33.18 13.07
N LYS A 719 -47.67 34.44 13.53
CA LYS A 719 -46.60 35.24 14.15
C LYS A 719 -45.89 34.51 15.31
N VAL A 720 -46.69 33.90 16.22
CA VAL A 720 -46.20 33.18 17.42
C VAL A 720 -45.32 31.98 17.04
N GLN A 721 -45.83 31.09 16.15
CA GLN A 721 -45.10 29.90 15.69
C GLN A 721 -43.81 30.31 14.95
N ALA A 722 -43.87 31.38 14.10
CA ALA A 722 -42.68 31.82 13.34
C ALA A 722 -41.61 32.41 14.27
N ALA A 723 -42.04 33.20 15.31
CA ALA A 723 -41.10 33.78 16.27
C ALA A 723 -40.39 32.68 17.06
N LEU A 725 -39.93 29.28 16.11
CA LEU A 725 -39.04 28.55 15.21
C LEU A 725 -37.78 29.34 14.91
N TYR A 726 -37.88 30.69 14.76
CA TYR A 726 -36.72 31.55 14.52
C TYR A 726 -35.64 31.35 15.62
N HIS A 727 -36.05 31.43 16.91
CA HIS A 727 -35.14 31.29 18.06
C HIS A 727 -34.49 29.91 18.14
N GLU A 728 -35.28 28.85 17.91
CA GLU A 728 -34.81 27.46 17.93
C GLU A 728 -33.82 27.20 16.79
N LEU A 729 -34.16 27.64 15.55
CA LEU A 729 -33.29 27.43 14.37
C LEU A 729 -31.97 28.19 14.50
N ARG A 730 -32.02 29.45 14.95
CA ARG A 730 -30.83 30.28 15.16
C ARG A 730 -29.87 29.62 16.15
N ALA A 731 -30.38 29.12 17.31
CA ALA A 731 -29.60 28.44 18.35
C ALA A 731 -28.89 27.20 17.80
N ASN A 732 -29.60 26.36 17.02
CA ASN A 732 -29.04 25.14 16.41
C ASN A 732 -27.94 25.38 15.38
N VAL A 733 -28.16 26.36 14.48
CA VAL A 733 -27.20 26.69 13.44
C VAL A 733 -25.92 27.27 14.05
N VAL A 734 -26.04 28.28 14.93
CA VAL A 734 -24.88 28.95 15.55
C VAL A 734 -24.03 27.94 16.35
N ARG A 735 -24.68 27.12 17.21
CA ARG A 735 -24.04 26.11 18.05
C ARG A 735 -23.17 25.14 17.23
N ASN A 736 -23.75 24.52 16.20
CA ASN A 736 -23.04 23.57 15.37
C ASN A 736 -21.84 24.15 14.61
N VAL A 737 -22.02 25.33 13.97
CA VAL A 737 -20.95 25.99 13.23
C VAL A 737 -19.79 26.33 14.18
N ARG A 738 -20.11 26.82 15.41
CA ARG A 738 -19.12 27.12 16.46
C ARG A 738 -18.35 25.84 16.90
N GLN A 739 -19.10 24.76 17.23
CA GLN A 739 -18.50 23.49 17.70
C GLN A 739 -17.60 22.85 16.65
N GLN A 740 -18.04 22.85 15.37
CA GLN A 740 -17.23 22.27 14.28
C GLN A 740 -15.98 23.07 14.03
N TYR A 741 -16.06 24.40 14.24
CA TYR A 741 -14.88 25.27 14.10
C TYR A 741 -13.88 24.97 15.20
N GLN A 742 -14.37 24.68 16.41
CA GLN A 742 -13.54 24.33 17.57
C GLN A 742 -12.84 22.98 17.34
N ALA A 743 -13.59 22.00 16.82
CA ALA A 743 -13.09 20.65 16.58
C ALA A 743 -12.12 20.56 15.38
N THR A 744 -12.33 21.37 14.32
CA THR A 744 -11.54 21.28 13.07
C THR A 744 -10.72 22.51 12.66
N GLY A 745 -11.08 23.69 13.16
CA GLY A 745 -10.41 24.93 12.76
C GLY A 745 -10.89 25.46 11.42
N PHE A 746 -12.01 24.92 10.90
CA PHE A 746 -12.57 25.34 9.61
C PHE A 746 -14.10 25.65 9.65
N LEU A 747 -14.53 26.49 8.67
CA LEU A 747 -15.92 26.80 8.33
C LEU A 747 -16.06 25.96 7.03
N TRP A 748 -17.08 25.09 6.98
CA TRP A 748 -17.26 24.14 5.88
C TRP A 748 -18.32 24.49 4.86
N GLU A 749 -18.25 23.85 3.67
CA GLU A 749 -19.21 24.02 2.58
C GLU A 749 -20.63 23.61 2.99
N GLN A 750 -20.76 22.52 3.76
CA GLN A 750 -22.03 21.97 4.24
C GLN A 750 -21.81 21.17 5.51
N TYR A 751 -22.92 20.86 6.21
CA TYR A 751 -22.89 20.13 7.49
C TYR A 751 -23.81 18.92 7.50
N SER A 752 -23.35 17.81 8.13
CA SER A 752 -24.16 16.59 8.23
C SER A 752 -25.46 16.88 9.04
N ASP A 753 -26.59 16.38 8.54
CA ASP A 753 -27.87 16.52 9.23
C ASP A 753 -28.02 15.43 10.34
N GLN A 754 -27.11 14.41 10.37
CA GLN A 754 -27.08 13.31 11.34
C GLN A 754 -26.19 13.60 12.56
N ASP A 755 -24.95 14.10 12.36
CA ASP A 755 -24.05 14.39 13.50
C ASP A 755 -23.46 15.83 13.51
N GLY A 756 -23.84 16.65 12.52
CA GLY A 756 -23.37 18.02 12.46
C GLY A 756 -21.99 18.24 11.89
N ARG A 757 -21.23 17.16 11.62
CA ARG A 757 -19.85 17.28 11.11
C ARG A 757 -19.75 18.01 9.78
N GLY A 758 -18.74 18.87 9.68
CA GLY A 758 -18.42 19.60 8.48
C GLY A 758 -18.08 18.65 7.36
N MET A 759 -18.57 18.91 6.15
CA MET A 759 -18.34 18.06 4.99
C MET A 759 -18.08 18.93 3.77
N GLY A 760 -17.63 18.29 2.70
CA GLY A 760 -17.36 18.97 1.44
C GLY A 760 -16.07 19.73 1.49
N CYS A 761 -16.01 20.89 0.81
CA CYS A 761 -14.83 21.75 0.73
CA CYS A 761 -14.76 21.64 0.82
C CYS A 761 -14.67 22.61 1.99
N ARG A 762 -13.43 23.02 2.31
CA ARG A 762 -13.06 23.91 3.39
C ARG A 762 -11.64 24.51 3.12
N PRO A 763 -11.34 25.76 3.51
CA PRO A 763 -12.25 26.75 4.11
C PRO A 763 -13.32 27.18 3.11
N PHE A 764 -14.56 27.45 3.60
CA PHE A 764 -15.63 27.86 2.69
C PHE A 764 -16.15 29.22 3.11
N GLN A 765 -15.34 30.24 2.81
CA GLN A 765 -15.65 31.63 3.11
C GLN A 765 -15.64 32.51 1.84
N GLY A 766 -16.67 32.38 0.99
CA GLY A 766 -17.81 31.46 1.10
C GLY A 766 -18.97 31.95 1.92
N TRP A 767 -20.19 31.52 1.55
CA TRP A 767 -21.40 31.96 2.23
C TRP A 767 -21.57 31.37 3.69
N THR A 768 -20.66 30.46 4.12
CA THR A 768 -20.72 29.94 5.51
C THR A 768 -20.42 31.12 6.50
N SER A 769 -19.78 32.19 5.99
CA SER A 769 -19.50 33.46 6.67
C SER A 769 -20.80 34.16 7.11
N LEU A 770 -21.97 33.78 6.50
CA LEU A 770 -23.30 34.34 6.88
C LEU A 770 -23.63 34.10 8.34
N VAL A 771 -22.91 33.16 9.02
CA VAL A 771 -23.05 32.83 10.44
C VAL A 771 -22.86 34.10 11.28
N LEU A 772 -22.03 35.06 10.81
CA LEU A 772 -21.84 36.34 11.48
C LEU A 772 -23.17 37.15 11.46
N LEU A 773 -23.87 37.22 10.30
CA LEU A 773 -25.13 37.95 10.16
C LEU A 773 -26.24 37.27 10.98
N ILE A 774 -26.17 35.94 11.13
CA ILE A 774 -27.12 35.18 11.96
C ILE A 774 -26.92 35.59 13.45
N MET A 775 -25.66 35.62 13.91
CA MET A 775 -25.31 36.03 15.28
C MET A 775 -25.69 37.49 15.55
N ALA A 776 -25.47 38.38 14.57
CA ALA A 776 -25.81 39.80 14.69
C ALA A 776 -27.31 40.07 14.47
N GLU A 777 -28.04 39.07 13.90
CA GLU A 777 -29.47 39.19 13.58
C GLU A 777 -29.69 40.36 12.59
N GLU A 778 -28.86 40.38 11.53
CA GLU A 778 -28.87 41.39 10.48
C GLU A 778 -29.39 40.78 9.17
N TYR A 779 -30.66 41.02 8.88
CA TYR A 779 -31.36 40.50 7.70
C TYR A 779 -31.92 41.68 6.90
N ALA A 780 -31.68 41.68 5.59
CA ALA A 780 -32.13 42.74 4.68
C ALA A 780 -33.61 42.50 4.38
N SER A 781 -34.46 43.52 4.58
CA SER A 781 -35.90 43.43 4.35
C SER A 781 -36.33 44.28 3.17
N TRP A 782 -37.01 43.61 2.23
CA TRP A 782 -37.52 44.14 0.98
C TRP A 782 -39.04 44.33 0.99
N SER A 783 -39.57 44.79 2.14
CA SER A 783 -40.98 45.13 2.34
C SER A 783 -41.13 46.51 3.00
N LEU B 6 9.69 -59.65 16.69
CA LEU B 6 11.06 -59.12 16.64
C LEU B 6 11.17 -57.70 16.03
N ALA B 7 10.10 -57.20 15.39
CA ALA B 7 10.10 -55.86 14.78
C ALA B 7 9.94 -54.74 15.83
N TRP B 8 9.09 -54.98 16.86
CA TRP B 8 8.81 -54.05 17.97
C TRP B 8 10.09 -53.70 18.74
N LEU B 9 10.99 -54.69 18.89
CA LEU B 9 12.26 -54.55 19.60
C LEU B 9 13.21 -53.54 18.97
N ARG B 10 13.30 -53.52 17.64
CA ARG B 10 14.13 -52.59 16.85
C ARG B 10 13.57 -51.15 16.87
N VAL B 11 12.26 -50.98 17.06
CA VAL B 11 11.66 -49.64 17.15
C VAL B 11 12.11 -49.02 18.46
N ARG B 12 12.09 -49.79 19.56
CA ARG B 12 12.48 -49.19 20.83
C ARG B 12 13.97 -48.89 20.85
N ARG B 13 14.81 -49.65 20.09
CA ARG B 13 16.26 -49.43 19.91
C ARG B 13 16.52 -48.04 19.27
N ALA B 14 15.78 -47.73 18.20
CA ALA B 14 15.79 -46.43 17.50
C ALA B 14 15.44 -45.26 18.46
N LEU B 15 14.63 -45.54 19.50
CA LEU B 15 14.16 -44.53 20.46
C LEU B 15 14.83 -44.64 21.85
N THR B 16 15.95 -45.37 21.94
CA THR B 16 16.71 -45.55 23.19
C THR B 16 18.08 -44.90 23.05
N LEU B 17 18.58 -44.26 24.14
CA LEU B 17 19.92 -43.64 24.16
C LEU B 17 20.97 -44.76 24.09
N HIS B 18 22.11 -44.50 23.41
CA HIS B 18 23.19 -45.48 23.26
C HIS B 18 23.70 -45.93 24.65
N PRO B 19 23.90 -47.26 24.87
CA PRO B 19 24.35 -47.75 26.20
C PRO B 19 25.81 -47.51 26.58
N ALA B 20 26.68 -47.07 25.64
CA ALA B 20 28.12 -46.82 25.89
C ALA B 20 28.36 -45.75 26.99
N PRO B 21 29.51 -45.76 27.70
CA PRO B 21 29.76 -44.71 28.72
C PRO B 21 29.67 -43.29 28.17
N SER B 22 29.26 -42.34 29.01
CA SER B 22 29.12 -40.93 28.61
C SER B 22 30.48 -40.31 28.31
N ALA B 23 30.53 -39.40 27.31
CA ALA B 23 31.77 -38.70 26.95
C ALA B 23 32.00 -37.52 27.94
N LEU B 24 30.97 -37.17 28.72
CA LEU B 24 31.02 -36.11 29.72
C LEU B 24 31.00 -36.66 31.15
N PRO B 25 31.62 -35.94 32.13
CA PRO B 25 31.51 -36.36 33.53
C PRO B 25 30.06 -36.48 34.05
N PRO B 26 29.82 -37.27 35.14
CA PRO B 26 28.45 -37.53 35.65
C PRO B 26 27.44 -36.35 35.71
N ASP B 27 27.77 -35.27 36.41
CA ASP B 27 26.89 -34.10 36.54
C ASP B 27 27.69 -32.90 36.00
N SER B 28 28.13 -33.01 34.74
CA SER B 28 29.01 -32.08 34.04
C SER B 28 28.60 -30.60 34.05
N SER B 29 27.28 -30.30 34.08
CA SER B 29 26.82 -28.90 34.05
C SER B 29 26.57 -28.27 35.41
N SER B 30 26.61 -29.05 36.53
CA SER B 30 26.36 -28.52 37.88
C SER B 30 27.42 -27.46 38.29
N PRO B 31 27.06 -26.39 39.03
CA PRO B 31 28.08 -25.41 39.43
C PRO B 31 29.20 -25.97 40.32
N ALA B 32 29.04 -27.20 40.89
CA ALA B 32 30.07 -27.87 41.68
C ALA B 32 31.18 -28.40 40.74
N VAL B 33 30.78 -28.86 39.54
CA VAL B 33 31.68 -29.42 38.53
C VAL B 33 32.23 -28.34 37.57
N ALA B 34 31.32 -27.56 36.92
CA ALA B 34 31.74 -26.49 36.02
C ALA B 34 31.16 -25.13 36.45
N PRO B 35 31.79 -24.48 37.47
CA PRO B 35 31.27 -23.17 37.95
C PRO B 35 31.36 -22.01 36.97
N GLU B 36 32.45 -21.97 36.17
CA GLU B 36 32.69 -20.90 35.20
C GLU B 36 31.69 -20.85 34.05
N LEU B 37 31.02 -21.98 33.74
CA LEU B 37 30.06 -22.05 32.64
C LEU B 37 28.58 -22.16 33.05
N PHE B 38 28.26 -22.17 34.37
CA PHE B 38 26.86 -22.33 34.79
C PHE B 38 25.93 -21.26 34.22
N TRP B 39 26.33 -19.98 34.33
CA TRP B 39 25.58 -18.86 33.76
C TRP B 39 26.20 -18.48 32.42
N GLY B 40 25.40 -17.89 31.53
CA GLY B 40 25.85 -17.42 30.24
C GLY B 40 24.74 -16.93 29.35
N THR B 41 25.11 -16.29 28.22
CA THR B 41 24.19 -15.78 27.19
C THR B 41 23.80 -16.97 26.27
N TYR B 42 23.11 -17.96 26.88
CA TYR B 42 22.75 -19.23 26.25
C TYR B 42 21.37 -19.29 25.58
N ARG B 43 20.83 -18.10 25.21
CA ARG B 43 19.53 -17.98 24.53
C ARG B 43 19.84 -17.19 23.25
N PRO B 44 20.39 -17.84 22.18
CA PRO B 44 20.85 -17.08 21.00
C PRO B 44 19.79 -16.32 20.20
N HIS B 45 18.52 -16.75 20.25
CA HIS B 45 17.44 -16.11 19.51
C HIS B 45 16.87 -14.83 20.18
N VAL B 46 17.34 -14.49 21.38
CA VAL B 46 16.95 -13.28 22.14
C VAL B 46 18.07 -12.26 21.92
N TYR B 47 17.77 -10.97 21.73
CA TYR B 47 18.83 -9.95 21.56
C TYR B 47 19.84 -9.96 22.73
N PHE B 48 19.33 -9.91 23.97
CA PHE B 48 20.15 -9.88 25.17
C PHE B 48 19.43 -10.54 26.33
N GLY B 49 20.05 -11.59 26.88
CA GLY B 49 19.50 -12.37 28.00
C GLY B 49 20.46 -13.39 28.54
N MET B 50 20.13 -13.94 29.71
CA MET B 50 20.95 -14.97 30.36
C MET B 50 20.12 -16.10 30.92
N LYS B 51 20.75 -17.25 31.08
CA LYS B 51 20.15 -18.55 31.43
C LYS B 51 21.20 -19.41 32.19
N THR B 52 20.76 -20.41 32.97
CA THR B 52 21.64 -21.41 33.62
C THR B 52 21.68 -22.70 32.79
N ARG B 53 22.79 -23.46 32.86
CA ARG B 53 22.93 -24.75 32.16
C ARG B 53 22.20 -25.81 33.00
N SER B 54 20.85 -25.85 32.88
CA SER B 54 19.99 -26.70 33.69
C SER B 54 18.67 -27.10 32.99
N PRO B 55 18.10 -28.30 33.30
CA PRO B 55 16.78 -28.66 32.74
C PRO B 55 15.62 -27.82 33.31
N PRO B 57 15.82 -24.19 34.30
CA PRO B 57 16.65 -22.98 34.49
C PRO B 57 15.96 -21.73 35.03
N LEU B 58 16.79 -20.78 35.50
CA LEU B 58 16.38 -19.42 35.84
C LEU B 58 16.73 -18.62 34.60
N LEU B 59 15.81 -17.77 34.12
CA LEU B 59 16.01 -17.01 32.88
C LEU B 59 15.82 -15.52 33.11
N THR B 60 16.64 -14.71 32.41
CA THR B 60 16.55 -13.25 32.44
C THR B 60 16.64 -12.75 31.02
N GLY B 61 16.08 -11.57 30.78
CA GLY B 61 16.13 -11.00 29.45
C GLY B 61 15.80 -9.54 29.39
N LEU B 62 16.04 -8.95 28.20
CA LEU B 62 15.81 -7.56 27.90
C LEU B 62 14.81 -7.41 26.75
N MET B 63 14.02 -6.34 26.82
CA MET B 63 13.10 -5.86 25.79
C MET B 63 13.27 -4.34 25.73
N TRP B 64 12.86 -3.72 24.61
CA TRP B 64 12.89 -2.27 24.48
C TRP B 64 11.85 -1.78 23.50
N ALA B 65 11.40 -0.53 23.70
CA ALA B 65 10.43 0.14 22.84
C ALA B 65 10.70 1.65 22.79
N GLN B 66 10.74 2.21 21.58
CA GLN B 66 10.88 3.66 21.40
C GLN B 66 9.48 4.27 21.44
N GLN B 67 9.29 5.30 22.30
CA GLN B 67 7.99 5.98 22.47
C GLN B 67 7.84 7.16 21.51
N GLY B 68 6.60 7.41 21.11
CA GLY B 68 6.27 8.49 20.17
C GLY B 68 5.97 7.98 18.78
N ALA B 69 5.37 6.76 18.69
CA ALA B 69 4.93 6.10 17.45
C ALA B 69 3.58 6.68 17.03
N THR B 70 3.21 6.57 15.73
CA THR B 70 1.93 7.09 15.22
C THR B 70 0.77 6.41 15.96
N PRO B 71 -0.20 7.16 16.53
CA PRO B 71 -1.26 6.52 17.34
C PRO B 71 -2.16 5.53 16.60
N GLY B 72 -2.74 4.60 17.36
CA GLY B 72 -3.58 3.51 16.86
C GLY B 72 -2.70 2.32 16.54
N THR B 73 -1.42 2.61 16.17
CA THR B 73 -0.35 1.68 15.85
C THR B 73 0.62 1.71 17.04
N PRO B 74 0.56 0.64 17.86
CA PRO B 74 1.38 0.58 19.07
C PRO B 74 2.87 0.45 18.77
N PRO B 75 3.72 0.97 19.69
CA PRO B 75 5.17 0.89 19.50
C PRO B 75 5.68 -0.53 19.27
N LEU B 77 7.79 -3.45 19.93
CA LEU B 77 8.47 -4.06 21.06
C LEU B 77 9.55 -5.00 20.51
N ARG B 78 10.82 -4.78 20.90
CA ARG B 78 11.95 -5.63 20.48
C ARG B 78 12.28 -6.61 21.56
N HIS B 79 12.50 -7.89 21.19
CA HIS B 79 12.86 -8.94 22.17
C HIS B 79 13.73 -10.05 21.55
N THR B 80 13.17 -10.77 20.57
CA THR B 80 13.80 -11.84 19.83
C THR B 80 14.27 -11.30 18.49
N CYS B 81 15.31 -11.96 17.91
CA CYS B 81 16.00 -11.62 16.66
C CYS B 81 15.17 -12.01 15.41
N GLU B 82 14.09 -11.29 15.11
CA GLU B 82 13.29 -11.60 13.90
C GLU B 82 13.95 -10.86 12.72
N GLN B 83 14.31 -11.57 11.62
CA GLN B 83 15.05 -10.97 10.49
C GLN B 83 14.34 -9.79 9.75
N GLY B 84 13.01 -9.71 9.79
CA GLY B 84 12.30 -8.60 9.13
C GLY B 84 11.66 -7.56 10.04
N ASP B 85 12.17 -7.41 11.28
CA ASP B 85 11.62 -6.49 12.29
C ASP B 85 12.11 -5.03 12.19
N GLY B 86 13.05 -4.74 11.28
CA GLY B 86 13.57 -3.38 11.10
C GLY B 86 14.82 -3.02 11.88
N VAL B 87 15.28 -3.91 12.78
CA VAL B 87 16.49 -3.71 13.57
C VAL B 87 17.67 -4.11 12.66
N GLY B 88 18.83 -3.52 12.93
CA GLY B 88 20.07 -3.89 12.25
C GLY B 88 20.87 -2.73 11.74
N PRO B 89 22.21 -2.87 11.65
CA PRO B 89 23.01 -4.05 12.05
C PRO B 89 23.14 -4.21 13.57
N TYR B 90 23.52 -5.42 14.00
CA TYR B 90 23.74 -5.75 15.42
C TYR B 90 24.72 -6.92 15.51
N GLY B 91 25.37 -7.06 16.67
CA GLY B 91 26.29 -8.17 16.91
C GLY B 91 27.28 -7.94 18.02
N TRP B 92 27.96 -9.03 18.45
CA TRP B 92 29.00 -9.01 19.48
C TRP B 92 30.30 -8.46 18.91
N GLU B 93 30.83 -7.40 19.58
CA GLU B 93 32.13 -6.78 19.26
C GLU B 93 33.19 -7.58 20.02
N PHE B 94 32.89 -7.91 21.30
CA PHE B 94 33.70 -8.73 22.19
C PHE B 94 32.79 -9.75 22.86
N HIS B 95 33.28 -10.99 23.00
CA HIS B 95 32.68 -12.12 23.72
C HIS B 95 33.74 -13.22 23.73
N ASP B 96 34.23 -13.60 24.94
CA ASP B 96 35.25 -14.64 25.15
C ASP B 96 34.65 -16.02 25.47
N GLY B 97 33.31 -16.08 25.50
CA GLY B 97 32.56 -17.29 25.78
C GLY B 97 32.55 -17.70 27.24
N ARG B 98 33.05 -16.82 28.14
CA ARG B 98 33.18 -17.19 29.54
C ARG B 98 32.94 -16.11 30.59
N THR B 99 33.57 -14.94 30.44
CA THR B 99 33.52 -13.93 31.51
C THR B 99 32.87 -12.61 31.14
N PHE B 100 32.96 -12.19 29.88
CA PHE B 100 32.44 -10.88 29.49
C PHE B 100 31.99 -10.79 28.03
N GLY B 101 31.29 -9.70 27.73
CA GLY B 101 30.84 -9.40 26.39
C GLY B 101 30.32 -7.99 26.20
N ARG B 102 30.46 -7.49 24.96
CA ARG B 102 29.97 -6.20 24.51
C ARG B 102 29.34 -6.35 23.12
N GLN B 103 28.07 -5.96 23.00
CA GLN B 103 27.30 -6.00 21.76
C GLN B 103 26.70 -4.62 21.46
N HIS B 104 26.62 -4.29 20.14
CA HIS B 104 26.00 -3.05 19.65
C HIS B 104 24.74 -3.40 18.84
N ILE B 105 23.66 -2.62 19.02
CA ILE B 105 22.39 -2.84 18.32
C ILE B 105 21.97 -1.52 17.70
N HIS B 106 21.84 -1.48 16.36
CA HIS B 106 21.36 -0.28 15.67
C HIS B 106 19.87 -0.46 15.37
N ASP B 107 19.04 0.47 15.84
CA ASP B 107 17.59 0.38 15.63
C ASP B 107 17.01 1.75 15.29
N GLY B 108 17.00 2.05 13.99
CA GLY B 108 16.53 3.32 13.45
C GLY B 108 17.30 4.48 14.04
N ALA B 109 16.61 5.35 14.80
CA ALA B 109 17.21 6.54 15.44
C ALA B 109 18.03 6.25 16.72
N LEU B 110 18.03 4.98 17.20
CA LEU B 110 18.74 4.59 18.42
C LEU B 110 19.94 3.69 18.17
N ARG B 111 20.88 3.73 19.12
CA ARG B 111 22.03 2.83 19.21
C ARG B 111 22.08 2.29 20.65
N LEU B 112 21.93 0.97 20.78
CA LEU B 112 21.97 0.30 22.07
C LEU B 112 23.29 -0.43 22.28
N THR B 113 23.81 -0.38 23.51
CA THR B 113 25.01 -1.12 23.89
C THR B 113 24.66 -1.99 25.07
N THR B 114 24.82 -3.31 24.90
CA THR B 114 24.51 -4.29 25.93
C THR B 114 25.78 -5.00 26.32
N GLU B 115 26.25 -4.76 27.55
CA GLU B 115 27.49 -5.34 28.07
C GLU B 115 27.24 -6.16 29.34
N PHE B 116 28.08 -7.17 29.60
CA PHE B 116 28.00 -8.01 30.80
C PHE B 116 29.39 -8.41 31.28
N VAL B 117 29.52 -8.65 32.59
CA VAL B 117 30.72 -9.16 33.26
C VAL B 117 30.22 -10.20 34.29
N LYS B 118 30.87 -11.39 34.31
CA LYS B 118 30.56 -12.46 35.27
C LYS B 118 31.67 -12.48 36.31
N ARG B 119 31.29 -12.57 37.59
CA ARG B 119 32.26 -12.60 38.69
C ARG B 119 32.11 -13.92 39.47
N PRO B 120 33.16 -14.77 39.50
CA PRO B 120 33.06 -16.04 40.24
C PRO B 120 33.03 -15.82 41.76
N GLY B 121 32.56 -16.85 42.46
CA GLY B 121 32.43 -16.85 43.92
C GLY B 121 31.27 -17.72 44.36
N GLY B 122 31.36 -18.23 45.59
CA GLY B 122 30.32 -19.08 46.16
C GLY B 122 30.33 -20.49 45.63
N GLN B 123 29.19 -21.18 45.72
CA GLN B 123 29.08 -22.58 45.31
C GLN B 123 28.02 -22.78 44.22
N HIS B 124 27.40 -21.67 43.75
CA HIS B 124 26.28 -21.73 42.81
C HIS B 124 26.48 -21.01 41.45
N GLY B 125 27.73 -20.86 41.01
CA GLY B 125 28.02 -20.27 39.70
C GLY B 125 28.38 -18.79 39.66
N GLY B 126 28.47 -18.15 40.83
CA GLY B 126 28.85 -16.75 40.97
C GLY B 126 27.80 -15.71 40.67
N ASP B 127 28.28 -14.47 40.41
CA ASP B 127 27.47 -13.28 40.12
C ASP B 127 27.64 -12.80 38.68
N TRP B 128 26.77 -11.84 38.27
CA TRP B 128 26.81 -11.15 36.99
C TRP B 128 26.13 -9.79 37.05
N SER B 129 26.56 -8.85 36.19
CA SER B 129 26.01 -7.51 36.09
C SER B 129 25.90 -7.14 34.61
N TRP B 130 24.81 -6.45 34.26
CA TRP B 130 24.56 -5.95 32.92
C TRP B 130 24.58 -4.44 32.94
N ARG B 131 25.02 -3.83 31.83
CA ARG B 131 24.93 -2.39 31.59
C ARG B 131 24.33 -2.22 30.19
N VAL B 132 23.17 -1.53 30.12
CA VAL B 132 22.46 -1.23 28.87
C VAL B 132 22.50 0.28 28.70
N THR B 133 23.12 0.75 27.61
CA THR B 133 23.27 2.15 27.26
C THR B 133 22.43 2.47 26.03
N VAL B 134 21.65 3.56 26.11
CA VAL B 134 20.77 4.00 25.04
C VAL B 134 21.22 5.39 24.59
N GLU B 135 21.65 5.52 23.33
CA GLU B 135 22.12 6.80 22.81
C GLU B 135 21.45 7.10 21.48
N PRO B 136 21.28 8.41 21.13
CA PRO B 136 20.74 8.72 19.80
C PRO B 136 21.80 8.50 18.71
N GLN B 137 21.35 8.17 17.49
CA GLN B 137 22.24 7.95 16.34
C GLN B 137 22.86 9.29 15.94
N ALA B 138 24.19 9.31 15.76
CA ALA B 138 24.97 10.48 15.38
C ALA B 138 24.55 11.01 14.01
N SER B 143 18.61 15.07 18.65
CA SER B 143 17.52 14.16 18.99
C SER B 143 17.69 13.58 20.40
N PHE B 144 16.59 13.61 21.17
CA PHE B 144 16.52 13.06 22.52
C PHE B 144 15.26 12.22 22.55
N PRO B 145 15.32 10.98 22.04
CA PRO B 145 14.11 10.17 21.98
C PRO B 145 13.74 9.53 23.32
N LEU B 146 12.42 9.47 23.61
CA LEU B 146 11.91 8.83 24.82
C LEU B 146 11.90 7.29 24.60
N VAL B 147 12.61 6.54 25.47
CA VAL B 147 12.78 5.10 25.35
C VAL B 147 12.36 4.36 26.62
N SER B 148 11.68 3.21 26.43
CA SER B 148 11.31 2.28 27.48
C SER B 148 12.23 1.04 27.35
N LEU B 149 12.86 0.61 28.48
CA LEU B 149 13.67 -0.61 28.59
C LEU B 149 12.94 -1.54 29.55
N PHE B 150 12.98 -2.84 29.27
CA PHE B 150 12.30 -3.85 30.07
C PHE B 150 13.30 -4.92 30.50
N PHE B 151 13.30 -5.26 31.78
CA PHE B 151 14.21 -6.26 32.36
C PHE B 151 13.35 -7.29 33.06
N TYR B 152 13.41 -8.54 32.60
CA TYR B 152 12.57 -9.57 33.16
C TYR B 152 13.33 -10.77 33.73
N VAL B 153 12.60 -11.57 34.53
CA VAL B 153 13.08 -12.82 35.12
C VAL B 153 11.94 -13.83 35.04
N VAL B 154 12.27 -15.11 34.72
CA VAL B 154 11.34 -16.23 34.65
C VAL B 154 11.87 -17.36 35.56
N THR B 155 11.03 -17.84 36.50
CA THR B 155 11.35 -18.96 37.39
C THR B 155 10.69 -20.23 36.86
N ASP B 156 11.05 -21.39 37.47
CA ASP B 156 10.55 -22.71 37.11
C ASP B 156 9.61 -23.31 38.17
N GLY B 157 8.55 -23.95 37.69
CA GLY B 157 7.56 -24.67 38.50
C GLY B 157 6.97 -23.94 39.67
N GLN B 158 7.29 -24.41 40.91
CA GLN B 158 6.76 -23.86 42.15
C GLN B 158 7.64 -22.77 42.78
N GLU B 159 8.76 -22.37 42.11
CA GLU B 159 9.64 -21.30 42.62
C GLU B 159 8.97 -19.92 42.60
N VAL B 160 9.10 -19.17 43.70
CA VAL B 160 8.47 -17.85 43.85
C VAL B 160 9.48 -16.72 44.05
N LEU B 161 9.08 -15.50 43.68
CA LEU B 161 9.89 -14.29 43.80
C LEU B 161 9.37 -13.40 44.93
N LEU B 162 10.29 -12.88 45.75
CA LEU B 162 9.97 -12.01 46.88
C LEU B 162 10.40 -10.55 46.61
N PRO B 163 9.44 -9.68 46.23
CA PRO B 163 9.79 -8.27 45.97
C PRO B 163 10.07 -7.46 47.23
N GLU B 164 10.98 -6.47 47.11
CA GLU B 164 11.32 -5.61 48.23
C GLU B 164 11.10 -4.16 47.82
N ILE B 165 10.21 -3.50 48.55
CA ILE B 165 9.84 -2.09 48.36
C ILE B 165 10.91 -1.19 48.99
N GLN B 170 8.40 2.02 46.29
CA GLN B 170 8.81 1.61 44.94
C GLN B 170 9.77 0.36 44.96
N LEU B 171 9.86 -0.40 43.81
CA LEU B 171 10.58 -1.69 43.63
C LEU B 171 12.14 -1.62 43.63
N SER B 173 14.44 -4.27 44.84
CA SER B 173 15.06 -5.53 44.42
C SER B 173 14.07 -6.69 44.45
N ILE B 174 14.53 -7.88 44.00
CA ILE B 174 13.77 -9.13 44.01
C ILE B 174 14.68 -10.22 44.57
N SER B 175 14.21 -10.96 45.60
CA SER B 175 14.98 -12.07 46.15
C SER B 175 14.29 -13.39 45.76
N GLY B 176 15.09 -14.44 45.63
CA GLY B 176 14.63 -15.76 45.26
C GLY B 176 15.46 -16.90 45.82
N HIS B 177 15.01 -18.13 45.55
CA HIS B 177 15.67 -19.35 45.97
C HIS B 177 15.29 -20.50 45.05
N THR B 178 16.30 -21.26 44.63
CA THR B 178 16.16 -22.47 43.80
C THR B 178 17.12 -23.50 44.37
N SER B 179 16.87 -24.79 44.07
CA SER B 179 17.71 -25.92 44.48
C SER B 179 19.14 -25.75 43.95
N GLU B 180 19.27 -25.30 42.69
CA GLU B 180 20.55 -25.13 42.04
C GLU B 180 21.29 -23.84 42.34
N LEU B 181 20.57 -22.74 42.56
CA LEU B 181 21.21 -21.44 42.81
C LEU B 181 21.28 -21.02 44.27
N GLY B 182 20.49 -21.67 45.12
CA GLY B 182 20.40 -21.30 46.53
C GLY B 182 19.73 -19.95 46.62
N ASP B 183 20.12 -19.13 47.60
CA ASP B 183 19.56 -17.78 47.77
C ASP B 183 20.24 -16.80 46.81
N PHE B 184 19.42 -15.89 46.23
CA PHE B 184 19.91 -14.88 45.28
C PHE B 184 19.12 -13.58 45.30
N ARG B 185 19.69 -12.55 44.65
CA ARG B 185 19.04 -11.24 44.54
C ARG B 185 19.26 -10.62 43.15
N LEU B 186 18.20 -10.01 42.59
CA LEU B 186 18.19 -9.26 41.34
C LEU B 186 17.85 -7.81 41.64
N THR B 187 18.68 -6.88 41.15
CA THR B 187 18.48 -5.44 41.38
C THR B 187 18.50 -4.62 40.07
N LEU B 188 17.50 -3.76 39.89
CA LEU B 188 17.51 -2.81 38.78
C LEU B 188 17.89 -1.45 39.39
N LEU B 189 19.13 -1.00 39.13
CA LEU B 189 19.63 0.25 39.69
C LEU B 189 19.15 1.48 38.96
N PRO B 190 19.01 2.65 39.65
CA PRO B 190 18.53 3.85 38.96
C PRO B 190 19.40 4.29 37.78
N PRO B 191 18.78 4.81 36.69
CA PRO B 191 19.57 5.21 35.52
C PRO B 191 20.48 6.42 35.76
N THR B 192 21.54 6.50 34.94
CA THR B 192 22.54 7.58 34.94
C THR B 192 22.77 8.04 33.51
N SER B 193 23.54 9.13 33.33
CA SER B 193 23.95 9.53 31.99
C SER B 193 25.19 8.65 31.64
N PRO B 194 25.44 8.35 30.35
CA PRO B 194 26.52 7.42 29.99
C PRO B 194 27.91 7.92 30.39
N GLY B 195 28.65 7.04 31.04
CA GLY B 195 29.99 7.35 31.50
C GLY B 195 30.07 8.01 32.84
N ASP B 196 28.93 8.23 33.53
CA ASP B 196 28.95 8.83 34.85
C ASP B 196 28.06 8.08 35.86
N THR B 197 28.18 8.47 37.14
CA THR B 197 27.49 7.88 38.28
C THR B 197 26.35 8.76 38.82
N VAL B 198 26.12 9.96 38.24
CA VAL B 198 25.07 10.87 38.69
C VAL B 198 23.66 10.38 38.28
N PRO B 199 22.75 10.12 39.25
CA PRO B 199 21.41 9.62 38.90
C PRO B 199 20.55 10.58 38.09
N LYS B 200 19.75 9.99 37.20
CA LYS B 200 18.82 10.64 36.28
C LYS B 200 17.42 10.14 36.63
N HIS B 201 16.40 11.02 36.55
CA HIS B 201 15.03 10.61 36.89
C HIS B 201 14.40 9.70 35.82
N GLY B 202 13.83 8.59 36.26
CA GLY B 202 13.13 7.63 35.41
C GLY B 202 11.71 7.38 35.89
N SER B 203 10.84 6.85 35.00
CA SER B 203 9.45 6.49 35.28
C SER B 203 9.37 4.96 35.33
N TYR B 204 8.64 4.40 36.32
CA TYR B 204 8.59 2.95 36.55
C TYR B 204 7.21 2.31 36.47
N ASN B 205 7.15 1.16 35.80
CA ASN B 205 5.96 0.34 35.62
C ASN B 205 6.42 -1.11 35.75
N VAL B 206 5.57 -1.99 36.29
CA VAL B 206 5.92 -3.39 36.52
C VAL B 206 4.71 -4.34 36.31
N PHE B 207 4.97 -5.51 35.73
CA PHE B 207 3.98 -6.57 35.51
C PHE B 207 4.49 -7.84 36.21
N TRP B 208 3.58 -8.54 36.93
CA TRP B 208 3.93 -9.74 37.69
C TRP B 208 2.79 -10.74 37.71
N SER B 209 3.06 -11.97 37.21
CA SER B 209 2.08 -13.07 37.21
C SER B 209 2.77 -14.41 36.95
N SER B 210 1.98 -15.42 36.55
CA SER B 210 2.55 -16.72 36.21
C SER B 210 3.10 -16.66 34.78
N ASN B 211 4.15 -17.45 34.54
CA ASN B 211 4.84 -17.58 33.27
C ASN B 211 3.93 -18.14 32.19
N PRO B 212 3.64 -17.38 31.11
CA PRO B 212 2.77 -17.91 30.05
C PRO B 212 3.48 -18.83 29.04
N GLY B 213 4.77 -19.08 29.27
CA GLY B 213 5.61 -19.84 28.37
C GLY B 213 6.54 -18.87 27.68
N LEU B 214 7.81 -19.29 27.44
CA LEU B 214 8.83 -18.43 26.86
C LEU B 214 8.51 -17.90 25.44
N PRO B 215 7.90 -18.67 24.49
CA PRO B 215 7.57 -18.06 23.18
C PRO B 215 6.38 -17.09 23.26
N GLN B 216 5.69 -17.01 24.42
CA GLN B 216 4.52 -16.14 24.64
C GLN B 216 4.85 -14.82 25.32
N LEU B 217 6.11 -14.67 25.80
CA LEU B 217 6.56 -13.48 26.54
C LEU B 217 6.29 -12.15 25.83
N THR B 218 6.68 -11.99 24.54
CA THR B 218 6.51 -10.74 23.78
C THR B 218 5.03 -10.29 23.63
N ASP B 219 4.12 -11.22 23.29
CA ASP B 219 2.69 -10.95 23.09
C ASP B 219 1.98 -10.58 24.38
N MET B 220 2.35 -11.24 25.49
CA MET B 220 1.83 -10.97 26.82
C MET B 220 2.16 -9.52 27.21
N VAL B 221 3.39 -9.04 26.94
CA VAL B 221 3.83 -7.66 27.22
C VAL B 221 3.09 -6.68 26.31
N LYS B 222 3.02 -6.95 24.99
CA LYS B 222 2.31 -6.11 24.03
C LYS B 222 0.85 -5.90 24.46
N SER B 223 0.21 -6.95 24.98
CA SER B 223 -1.18 -6.90 25.44
C SER B 223 -1.33 -6.03 26.71
N ARG B 224 -0.30 -6.00 27.57
CA ARG B 224 -0.39 -5.25 28.83
C ARG B 224 0.17 -3.80 28.75
N LEU B 225 0.55 -3.30 27.55
CA LEU B 225 0.97 -1.90 27.38
C LEU B 225 -0.29 -1.21 26.85
N ASN B 226 -1.33 -1.18 27.68
CA ASN B 226 -2.67 -0.72 27.31
C ASN B 226 -3.12 0.60 27.95
N SER B 227 -2.26 1.29 28.71
CA SER B 227 -2.65 2.57 29.28
C SER B 227 -1.50 3.61 29.27
N TRP B 228 -1.90 4.90 29.19
CA TRP B 228 -1.03 6.07 29.13
C TRP B 228 -0.60 6.59 30.50
N PHE B 229 0.66 7.03 30.57
CA PHE B 229 1.28 7.58 31.77
C PHE B 229 2.04 8.84 31.39
N GLN B 230 2.51 9.59 32.39
CA GLN B 230 3.31 10.78 32.11
C GLN B 230 4.69 10.68 32.78
N HIS B 231 5.76 10.90 31.98
CA HIS B 231 7.15 10.95 32.43
C HIS B 231 7.40 12.39 32.83
N ARG B 232 7.64 12.62 34.13
CA ARG B 232 7.81 13.95 34.70
C ARG B 232 9.20 14.18 35.29
N PRO B 233 10.22 14.46 34.45
CA PRO B 233 11.53 14.80 35.00
C PRO B 233 11.56 16.22 35.61
N PRO B 234 12.45 16.53 36.57
CA PRO B 234 12.44 17.89 37.14
C PRO B 234 13.07 18.93 36.20
N GLY B 235 12.47 20.11 36.15
CA GLY B 235 12.93 21.23 35.32
C GLY B 235 12.80 21.05 33.81
N ALA B 236 11.95 20.11 33.36
CA ALA B 236 11.71 19.82 31.95
C ALA B 236 10.22 19.62 31.68
N SER B 237 9.82 19.65 30.41
CA SER B 237 8.41 19.49 30.03
C SER B 237 8.04 18.01 30.15
N PRO B 238 6.81 17.64 30.61
CA PRO B 238 6.49 16.21 30.70
C PRO B 238 6.26 15.55 29.36
N ASP B 239 6.35 14.21 29.30
CA ASP B 239 6.12 13.41 28.09
C ASP B 239 5.17 12.23 28.33
N ARG B 240 4.26 11.97 27.38
CA ARG B 240 3.33 10.85 27.49
C ARG B 240 3.94 9.54 26.93
N TYR B 241 3.66 8.40 27.59
CA TYR B 241 4.15 7.08 27.17
C TYR B 241 3.17 5.95 27.52
N LEU B 242 3.23 4.83 26.75
CA LEU B 242 2.41 3.65 27.00
C LEU B 242 3.16 2.74 27.99
N GLY B 243 2.49 2.38 29.08
CA GLY B 243 3.11 1.54 30.10
C GLY B 243 2.27 0.40 30.66
N LEU B 244 2.97 -0.49 31.39
CA LEU B 244 2.47 -1.63 32.18
C LEU B 244 1.88 -1.01 33.49
N PRO B 245 1.30 -1.78 34.46
CA PRO B 245 0.75 -1.14 35.68
C PRO B 245 1.79 -0.28 36.42
N GLY B 246 1.32 0.85 36.97
CA GLY B 246 2.12 1.82 37.71
C GLY B 246 2.57 1.39 39.08
N SER B 247 1.92 0.35 39.64
CA SER B 247 2.24 -0.18 40.97
C SER B 247 2.27 -1.70 40.95
N LEU B 248 3.06 -2.31 41.84
CA LEU B 248 3.19 -3.77 41.89
C LEU B 248 1.98 -4.47 42.52
N TRP B 250 0.28 -8.65 42.17
CA TRP B 250 0.28 -9.99 41.58
C TRP B 250 -1.01 -10.20 40.80
N GLU B 251 -0.90 -10.69 39.56
CA GLU B 251 -2.07 -11.00 38.73
C GLU B 251 -2.33 -12.51 38.76
N GLU B 252 -3.61 -12.93 38.95
CA GLU B 252 -3.99 -14.34 38.98
C GLU B 252 -4.26 -14.84 37.56
N SER B 256 -0.93 -22.89 40.46
CA SER B 256 -0.83 -23.08 39.00
C SER B 256 0.47 -23.83 38.54
N GLY B 257 1.56 -23.72 39.30
CA GLY B 257 2.85 -24.40 39.11
C GLY B 257 3.58 -24.36 37.78
N GLN B 258 3.47 -23.26 37.03
CA GLN B 258 4.15 -23.13 35.73
C GLN B 258 5.34 -22.16 35.74
N GLY B 259 5.62 -21.60 36.91
CA GLY B 259 6.68 -20.64 37.08
C GLY B 259 6.13 -19.23 37.20
N GLN B 260 7.01 -18.29 37.53
CA GLN B 260 6.69 -16.89 37.72
C GLN B 260 7.41 -15.99 36.72
N PHE B 261 6.71 -14.96 36.19
CA PHE B 261 7.20 -13.96 35.25
C PHE B 261 7.02 -12.55 35.85
N LEU B 262 8.15 -11.81 36.01
CA LEU B 262 8.16 -10.45 36.54
C LEU B 262 9.02 -9.57 35.63
N ILE B 263 8.40 -8.58 34.98
CA ILE B 263 9.06 -7.67 34.06
C ILE B 263 8.97 -6.22 34.58
N GLN B 264 10.15 -5.54 34.67
CA GLN B 264 10.29 -4.15 35.14
C GLN B 264 10.55 -3.21 33.97
N GLN B 265 9.72 -2.16 33.85
CA GLN B 265 9.83 -1.15 32.80
C GLN B 265 10.39 0.16 33.37
N VAL B 266 11.38 0.73 32.65
CA VAL B 266 12.00 2.03 32.95
C VAL B 266 11.96 2.90 31.69
N THR B 267 11.48 4.14 31.82
CA THR B 267 11.27 5.10 30.72
C THR B 267 11.93 6.48 31.02
N LEU B 268 12.76 6.96 30.05
CA LEU B 268 13.52 8.22 30.10
C LEU B 268 13.82 8.70 28.68
N LYS B 269 14.34 9.94 28.60
CA LYS B 269 14.88 10.43 27.36
C LYS B 269 16.36 10.02 27.25
N ALA B 270 16.78 9.55 26.06
CA ALA B 270 18.18 9.18 25.76
C ALA B 270 19.02 10.47 25.74
N PRO B 271 20.35 10.44 26.05
CA PRO B 271 21.16 9.27 26.40
C PRO B 271 21.16 8.90 27.89
N PHE B 272 21.18 7.60 28.18
CA PHE B 272 21.23 7.06 29.55
C PHE B 272 21.80 5.65 29.58
N SER B 273 22.27 5.24 30.77
CA SER B 273 22.77 3.89 31.12
C SER B 273 21.94 3.36 32.28
N VAL B 274 21.70 2.05 32.29
CA VAL B 274 21.00 1.39 33.40
C VAL B 274 21.66 0.01 33.67
N GLU B 275 21.88 -0.30 34.97
CA GLU B 275 22.51 -1.54 35.39
C GLU B 275 21.53 -2.52 36.04
N PHE B 276 21.64 -3.80 35.66
CA PHE B 276 20.80 -4.87 36.17
C PHE B 276 21.77 -5.86 36.81
N VAL B 277 21.62 -6.08 38.13
CA VAL B 277 22.55 -6.84 38.95
C VAL B 277 22.02 -8.18 39.49
N PHE B 278 22.87 -9.24 39.38
CA PHE B 278 22.57 -10.55 39.98
C PHE B 278 23.60 -10.85 41.06
N GLU B 279 23.13 -11.11 42.29
CA GLU B 279 24.02 -11.41 43.42
C GLU B 279 23.66 -12.73 44.08
N SER B 280 24.65 -13.63 44.18
CA SER B 280 24.55 -14.97 44.78
C SER B 280 24.82 -14.89 46.29
N GLY B 281 23.92 -15.48 47.06
CA GLY B 281 24.00 -15.56 48.53
C GLY B 281 25.29 -16.16 49.04
N SER B 282 25.73 -17.29 48.42
CA SER B 282 26.97 -17.99 48.79
C SER B 282 28.23 -17.21 48.43
N ALA B 283 28.17 -16.34 47.41
CA ALA B 283 29.29 -15.51 46.96
C ALA B 283 29.53 -14.28 47.86
N ALA B 284 28.55 -13.92 48.72
CA ALA B 284 28.60 -12.79 49.64
C ALA B 284 29.67 -12.94 50.73
N GLY B 292 34.67 -5.24 46.21
CA GLY B 292 33.53 -4.31 46.14
C GLY B 292 32.50 -4.68 45.10
N ARG B 293 31.24 -4.23 45.31
CA ARG B 293 30.06 -4.45 44.47
C ARG B 293 30.26 -4.11 42.97
N LEU B 294 29.85 -5.04 42.08
CA LEU B 294 30.00 -4.91 40.63
C LEU B 294 28.97 -3.95 39.99
N VAL B 295 29.16 -2.65 40.28
CA VAL B 295 28.29 -1.55 39.83
C VAL B 295 29.18 -0.33 39.55
N GLY B 296 28.63 0.62 38.82
CA GLY B 296 29.25 1.90 38.49
C GLY B 296 30.70 1.86 38.06
N SER B 297 31.58 2.54 38.83
CA SER B 297 33.01 2.65 38.53
C SER B 297 33.76 1.31 38.58
N GLN B 298 33.35 0.39 39.49
CA GLN B 298 33.92 -0.95 39.62
C GLN B 298 33.65 -1.75 38.35
N LEU B 299 32.40 -1.67 37.85
CA LEU B 299 31.95 -2.34 36.64
C LEU B 299 32.68 -1.80 35.41
N THR B 300 32.89 -0.45 35.34
CA THR B 300 33.60 0.22 34.24
C THR B 300 35.04 -0.29 34.15
N GLN B 301 35.69 -0.42 35.32
CA GLN B 301 37.06 -0.91 35.50
C GLN B 301 37.17 -2.39 35.08
N ALA B 302 36.15 -3.22 35.42
CA ALA B 302 36.09 -4.64 35.09
C ALA B 302 35.99 -4.82 33.56
N LEU B 303 35.13 -4.00 32.91
CA LEU B 303 34.91 -4.02 31.46
C LEU B 303 36.19 -3.69 30.69
N GLU B 304 36.91 -2.63 31.10
CA GLU B 304 38.15 -2.23 30.44
C GLU B 304 39.29 -3.26 30.63
N SER B 305 39.36 -3.88 31.80
CA SER B 305 40.35 -4.91 32.12
C SER B 305 40.10 -6.18 31.28
N HIS B 306 38.81 -6.55 31.10
CA HIS B 306 38.42 -7.71 30.32
C HIS B 306 38.66 -7.52 28.82
N ALA B 307 38.35 -6.32 28.28
CA ALA B 307 38.57 -5.95 26.87
C ALA B 307 40.07 -5.95 26.51
N ALA B 308 40.92 -5.46 27.43
CA ALA B 308 42.36 -5.42 27.24
C ALA B 308 42.95 -6.86 27.25
N ALA B 309 42.52 -7.69 28.22
CA ALA B 309 42.94 -9.10 28.35
C ALA B 309 42.53 -9.91 27.11
N PHE B 310 41.35 -9.62 26.56
CA PHE B 310 40.82 -10.25 25.34
C PHE B 310 41.73 -9.97 24.14
N GLU B 312 44.89 -9.00 24.08
CA GLU B 312 46.19 -9.63 24.34
C GLU B 312 46.13 -11.12 23.98
N ARG B 313 45.07 -11.81 24.45
CA ARG B 313 44.84 -13.23 24.20
C ARG B 313 44.56 -13.49 22.70
N PHE B 314 43.81 -12.62 22.03
CA PHE B 314 43.48 -12.73 20.59
C PHE B 314 44.71 -12.71 19.69
N GLU B 315 45.68 -11.82 20.01
CA GLU B 315 46.93 -11.70 19.26
C GLU B 315 47.80 -12.93 19.47
N THR B 317 46.81 -15.99 20.32
CA THR B 317 46.19 -17.16 19.71
C THR B 317 46.25 -17.16 18.18
N PHE B 318 45.85 -16.06 17.55
CA PHE B 318 45.73 -16.00 16.09
C PHE B 318 46.86 -15.26 15.37
N GLN B 319 47.62 -14.40 16.06
CA GLN B 319 48.81 -13.64 15.55
C GLN B 319 48.57 -12.92 14.23
N LEU B 320 47.44 -12.24 14.08
CA LEU B 320 47.10 -11.53 12.86
C LEU B 320 47.93 -10.30 12.59
N GLU B 322 51.13 -9.99 13.50
CA GLU B 322 52.40 -10.62 13.16
C GLU B 322 52.37 -11.18 11.72
N GLY B 324 50.81 -9.98 9.20
CA GLY B 324 50.62 -8.87 8.27
C GLY B 324 49.20 -8.48 7.88
N LEU B 325 48.20 -8.86 8.68
CA LEU B 325 46.80 -8.48 8.39
C LEU B 325 46.59 -6.99 8.75
N SER B 326 45.75 -6.28 7.96
CA SER B 326 45.43 -4.86 8.17
C SER B 326 44.61 -4.66 9.47
N PRO B 327 44.55 -3.44 10.07
CA PRO B 327 43.70 -3.24 11.26
C PRO B 327 42.22 -3.59 11.04
N GLU B 328 41.72 -3.33 9.81
CA GLU B 328 40.36 -3.63 9.37
C GLU B 328 40.13 -5.16 9.31
N GLU B 329 41.12 -5.92 8.81
CA GLU B 329 41.06 -7.38 8.75
C GLU B 329 41.11 -7.96 10.16
N GLN B 330 41.89 -7.33 11.06
CA GLN B 330 42.03 -7.71 12.47
C GLN B 330 40.68 -7.53 13.19
N ALA B 331 39.97 -6.42 12.88
CA ALA B 331 38.65 -6.09 13.43
C ALA B 331 37.63 -7.14 12.96
N LEU B 332 37.70 -7.55 11.67
CA LEU B 332 36.85 -8.58 11.08
C LEU B 332 37.00 -9.92 11.81
N GLY B 333 38.25 -10.31 12.08
CA GLY B 333 38.56 -11.55 12.78
C GLY B 333 37.98 -11.61 14.17
N GLN B 334 38.13 -10.50 14.90
CA GLN B 334 37.64 -10.27 16.26
C GLN B 334 36.11 -10.43 16.32
N VAL B 335 35.40 -9.92 15.30
CA VAL B 335 33.94 -9.98 15.19
C VAL B 335 33.48 -11.41 14.83
N ALA B 336 34.21 -12.10 13.92
CA ALA B 336 33.95 -13.48 13.50
C ALA B 336 33.99 -14.43 14.73
N LEU B 337 34.98 -14.22 15.63
CA LEU B 337 35.08 -15.06 16.83
C LEU B 337 33.99 -14.73 17.86
N SER B 338 33.80 -13.43 18.16
CA SER B 338 32.83 -12.95 19.16
C SER B 338 31.38 -13.30 18.84
N GLY B 339 30.99 -13.19 17.57
CA GLY B 339 29.66 -13.57 17.13
C GLY B 339 29.37 -15.06 17.28
N LEU B 340 30.39 -15.91 17.02
CA LEU B 340 30.28 -17.36 17.16
C LEU B 340 30.12 -17.79 18.63
N LEU B 341 31.00 -17.27 19.53
CA LEU B 341 30.92 -17.59 20.97
C LEU B 341 29.61 -17.05 21.61
N GLY B 342 29.14 -15.90 21.11
CA GLY B 342 27.91 -15.27 21.56
C GLY B 342 26.65 -16.00 21.16
N GLY B 343 26.75 -16.84 20.13
CA GLY B 343 25.63 -17.66 19.63
C GLY B 343 25.57 -19.05 20.23
N ILE B 344 26.48 -19.36 21.21
CA ILE B 344 26.48 -20.65 21.91
C ILE B 344 25.25 -20.69 22.85
N GLY B 345 24.45 -21.74 22.70
CA GLY B 345 23.24 -21.91 23.50
C GLY B 345 23.19 -23.20 24.29
N TYR B 346 22.23 -23.27 25.22
CA TYR B 346 21.96 -24.44 26.06
C TYR B 346 20.49 -24.81 25.85
N PHE B 347 20.25 -26.05 25.44
CA PHE B 347 18.89 -26.55 25.16
C PHE B 347 18.62 -27.83 25.89
N TYR B 348 17.34 -28.10 26.21
CA TYR B 348 16.90 -29.31 26.91
C TYR B 348 15.50 -29.72 26.47
N GLY B 349 15.31 -31.00 26.18
CA GLY B 349 13.99 -31.50 25.80
C GLY B 349 13.95 -32.79 25.00
N GLN B 350 12.73 -33.15 24.54
CA GLN B 350 12.46 -34.34 23.74
C GLN B 350 12.26 -33.98 22.27
N GLY B 351 13.11 -34.52 21.39
CA GLY B 351 12.98 -34.35 19.95
C GLY B 351 11.98 -35.33 19.36
N LEU B 352 11.52 -35.10 18.14
CA LEU B 352 10.60 -36.00 17.44
C LEU B 352 11.40 -36.85 16.47
N VAL B 353 11.13 -38.17 16.46
CA VAL B 353 11.85 -39.14 15.64
C VAL B 353 10.90 -40.05 14.85
N LEU B 354 11.25 -40.38 13.60
CA LEU B 354 10.55 -41.36 12.79
C LEU B 354 11.45 -42.60 12.59
N PRO B 355 11.17 -43.74 13.28
CA PRO B 355 12.01 -44.93 13.09
C PRO B 355 12.01 -45.43 11.65
N ASP B 356 13.14 -46.02 11.23
CA ASP B 356 13.27 -46.57 9.89
C ASP B 356 12.59 -47.95 9.82
N THR B 357 11.75 -48.17 8.79
CA THR B 357 11.08 -49.47 8.56
C THR B 357 11.13 -49.92 7.08
N ASP B 367 4.16 -43.66 12.62
CA ASP B 367 3.90 -42.34 13.19
C ASP B 367 5.07 -41.78 13.99
N PRO B 368 5.15 -40.44 14.16
CA PRO B 368 6.27 -39.88 14.93
C PRO B 368 6.22 -40.28 16.41
N ALA B 369 7.42 -40.43 17.02
CA ALA B 369 7.59 -40.75 18.42
C ALA B 369 8.56 -39.74 19.09
N LEU B 370 8.47 -39.61 20.41
CA LEU B 370 9.36 -38.74 21.19
C LEU B 370 10.63 -39.52 21.57
N PHE B 371 11.77 -38.84 21.53
CA PHE B 371 13.09 -39.38 21.92
C PHE B 371 13.26 -39.08 23.43
N PRO B 372 14.17 -39.74 24.21
CA PRO B 372 14.32 -39.37 25.63
C PRO B 372 14.79 -37.91 25.84
N PRO B 373 14.42 -37.24 26.98
CA PRO B 373 14.91 -35.86 27.19
C PRO B 373 16.43 -35.83 27.32
N VAL B 374 17.07 -34.85 26.64
CA VAL B 374 18.54 -34.72 26.65
C VAL B 374 18.99 -33.26 26.66
N PRO B 375 20.18 -32.96 27.24
CA PRO B 375 20.71 -31.60 27.13
C PRO B 375 21.58 -31.42 25.87
N LEU B 376 21.70 -30.18 25.40
CA LEU B 376 22.59 -29.86 24.28
C LEU B 376 23.25 -28.50 24.49
N PHE B 377 24.57 -28.48 24.45
CA PHE B 377 25.40 -27.27 24.59
C PHE B 377 26.08 -27.15 23.22
N SER B 378 25.70 -26.11 22.43
CA SER B 378 26.13 -26.04 21.04
C SER B 378 26.14 -24.63 20.44
N GLY B 379 26.94 -24.43 19.40
CA GLY B 379 26.91 -23.22 18.60
C GLY B 379 25.67 -23.29 17.71
N VAL B 380 25.22 -22.13 17.18
CA VAL B 380 24.04 -22.09 16.30
C VAL B 380 24.46 -21.50 14.93
N PRO B 381 23.85 -21.90 13.77
CA PRO B 381 24.25 -21.28 12.48
C PRO B 381 23.90 -19.78 12.36
N SER B 382 22.75 -19.34 12.90
CA SER B 382 22.26 -17.96 12.83
C SER B 382 21.44 -17.57 14.08
N ARG B 383 21.63 -16.36 14.61
CA ARG B 383 20.83 -15.89 15.73
C ARG B 383 19.39 -15.62 15.29
N SER B 384 19.17 -15.37 13.96
CA SER B 384 17.88 -15.14 13.29
C SER B 384 17.00 -16.38 13.18
N PHE B 385 17.59 -17.56 13.39
CA PHE B 385 16.95 -18.90 13.36
CA PHE B 385 16.77 -18.76 13.31
C PHE B 385 16.39 -19.26 14.72
N PHE B 386 15.36 -20.14 14.79
CA PHE B 386 14.85 -20.66 16.07
C PHE B 386 16.03 -21.39 16.76
N PRO B 387 16.16 -21.39 18.11
CA PRO B 387 17.43 -21.92 18.70
C PRO B 387 17.62 -23.41 18.48
N ARG B 388 18.39 -23.76 17.43
CA ARG B 388 18.56 -25.17 17.08
C ARG B 388 20.01 -25.57 16.79
N GLY B 389 20.28 -26.86 17.00
CA GLY B 389 21.57 -27.44 16.68
C GLY B 389 21.49 -28.10 15.32
N PHE B 390 22.55 -27.99 14.50
CA PHE B 390 22.67 -28.60 13.16
C PHE B 390 23.98 -29.35 13.16
N LEU B 391 23.91 -30.68 12.91
CA LEU B 391 25.01 -31.66 12.99
C LEU B 391 26.27 -31.32 12.14
N TRP B 392 26.17 -31.15 10.80
CA TRP B 392 27.40 -30.85 10.03
C TRP B 392 27.88 -29.39 10.20
N ASP B 393 27.00 -28.46 10.59
CA ASP B 393 27.42 -27.07 10.87
C ASP B 393 28.35 -27.04 12.08
N GLU B 394 27.98 -27.79 13.14
CA GLU B 394 28.74 -27.86 14.40
C GLU B 394 30.22 -28.24 14.25
N GLY B 395 30.55 -29.17 13.34
CA GLY B 395 31.94 -29.54 13.06
C GLY B 395 32.78 -28.34 12.62
N PHE B 396 32.19 -27.48 11.74
CA PHE B 396 32.83 -26.25 11.27
C PHE B 396 32.92 -25.20 12.38
N HIS B 397 31.85 -25.05 13.22
CA HIS B 397 31.83 -24.10 14.35
C HIS B 397 32.98 -24.40 15.35
N GLN B 398 33.16 -25.68 15.68
CA GLN B 398 34.15 -26.15 16.64
C GLN B 398 35.61 -26.07 16.15
N LEU B 399 35.84 -25.99 14.83
CA LEU B 399 37.18 -25.78 14.29
C LEU B 399 37.71 -24.40 14.76
N VAL B 400 36.80 -23.39 14.83
CA VAL B 400 37.11 -22.02 15.28
C VAL B 400 37.22 -21.98 16.82
N VAL B 401 36.17 -22.47 17.53
CA VAL B 401 36.10 -22.50 19.00
C VAL B 401 37.34 -23.18 19.65
N GLN B 402 37.75 -24.38 19.15
CA GLN B 402 38.86 -25.15 19.76
C GLN B 402 40.19 -24.39 19.80
N ARG B 403 40.46 -23.51 18.82
CA ARG B 403 41.68 -22.69 18.79
C ARG B 403 41.68 -21.66 19.95
N TRP B 404 40.48 -21.16 20.32
CA TRP B 404 40.32 -20.18 21.39
C TRP B 404 40.20 -20.82 22.78
N ASP B 405 39.34 -21.85 22.92
CA ASP B 405 39.04 -22.49 24.20
C ASP B 405 38.79 -24.00 23.99
N PRO B 406 39.82 -24.86 24.22
CA PRO B 406 39.62 -26.31 24.01
C PRO B 406 38.57 -26.96 24.90
N HIS B 407 38.39 -26.44 26.12
CA HIS B 407 37.41 -26.94 27.07
C HIS B 407 35.98 -26.79 26.53
N LEU B 408 35.67 -25.65 25.85
CA LEU B 408 34.35 -25.39 25.27
C LEU B 408 34.01 -26.43 24.18
N THR B 409 35.00 -26.81 23.38
CA THR B 409 34.90 -27.83 22.33
C THR B 409 34.61 -29.21 22.92
N ARG B 410 35.29 -29.59 24.01
CA ARG B 410 35.08 -30.87 24.70
C ARG B 410 33.64 -30.93 25.24
N GLU B 411 33.13 -29.79 25.78
CA GLU B 411 31.75 -29.66 26.27
C GLU B 411 30.73 -29.84 25.15
N ALA B 412 30.93 -29.16 24.02
CA ALA B 412 30.05 -29.24 22.87
C ALA B 412 30.06 -30.62 22.20
N LEU B 413 31.25 -31.19 21.96
CA LEU B 413 31.33 -32.53 21.36
C LEU B 413 30.78 -33.61 22.27
N GLY B 414 31.02 -33.49 23.59
CA GLY B 414 30.51 -34.41 24.59
C GLY B 414 28.98 -34.42 24.61
N HIS B 415 28.35 -33.23 24.43
CA HIS B 415 26.88 -33.10 24.38
C HIS B 415 26.27 -33.69 23.09
N TRP B 416 26.89 -33.43 21.92
CA TRP B 416 26.42 -34.01 20.65
C TRP B 416 26.51 -35.54 20.68
N LEU B 417 27.59 -36.09 21.24
CA LEU B 417 27.78 -37.55 21.37
C LEU B 417 26.77 -38.20 22.34
N GLY B 418 26.17 -37.38 23.21
CA GLY B 418 25.13 -37.81 24.15
C GLY B 418 23.77 -38.00 23.50
N LEU B 419 23.64 -37.59 22.22
CA LEU B 419 22.40 -37.68 21.43
C LEU B 419 22.21 -38.97 20.64
N LEU B 420 23.25 -39.82 20.56
CA LEU B 420 23.23 -41.09 19.83
C LEU B 420 22.09 -42.03 20.28
N ASN B 421 21.40 -42.68 19.31
CA ASN B 421 20.46 -43.72 19.68
C ASN B 421 21.28 -45.06 19.82
N ALA B 422 20.61 -46.17 20.19
CA ALA B 422 21.29 -47.46 20.32
C ALA B 422 21.89 -48.02 19.00
N ASP B 423 21.44 -47.53 17.83
CA ASP B 423 21.97 -47.93 16.51
C ASP B 423 23.17 -47.09 16.04
N GLY B 424 23.42 -45.96 16.71
CA GLY B 424 24.53 -45.08 16.38
C GLY B 424 24.11 -43.84 15.61
N TRP B 425 22.79 -43.56 15.52
CA TRP B 425 22.28 -42.40 14.76
C TRP B 425 22.13 -41.14 15.64
N ILE B 426 22.39 -39.94 15.05
CA ILE B 426 22.16 -38.61 15.65
C ILE B 426 21.29 -37.83 14.65
N GLY B 427 20.14 -37.30 15.12
CA GLY B 427 19.29 -36.45 14.29
C GLY B 427 20.03 -35.22 13.79
N ARG B 428 19.93 -34.94 12.48
CA ARG B 428 20.68 -33.84 11.83
C ARG B 428 20.29 -32.41 12.31
N GLU B 429 19.03 -32.21 12.74
CA GLU B 429 18.56 -30.94 13.26
C GLU B 429 17.95 -31.22 14.65
N GLN B 430 18.51 -30.59 15.71
CA GLN B 430 18.11 -30.75 17.12
C GLN B 430 17.21 -29.63 17.61
N ILE B 431 15.92 -29.94 17.80
CA ILE B 431 14.83 -29.00 18.17
C ILE B 431 14.36 -29.34 19.57
N LEU B 432 15.09 -28.82 20.57
CA LEU B 432 14.87 -29.16 21.98
C LEU B 432 14.31 -28.01 22.82
N GLY B 433 13.09 -28.19 23.29
CA GLY B 433 12.40 -27.19 24.10
C GLY B 433 11.45 -26.32 23.32
N ASP B 434 10.61 -25.60 24.07
CA ASP B 434 9.54 -24.72 23.62
C ASP B 434 9.95 -23.63 22.61
N GLU B 435 10.99 -22.84 22.94
CA GLU B 435 11.45 -21.77 22.03
C GLU B 435 11.96 -22.33 20.71
N ALA B 436 12.62 -23.51 20.74
CA ALA B 436 13.18 -24.13 19.53
C ALA B 436 12.07 -24.64 18.61
N ARG B 437 11.00 -25.22 19.19
CA ARG B 437 9.83 -25.71 18.46
C ARG B 437 9.06 -24.56 17.79
N ALA B 438 9.06 -23.38 18.44
CA ALA B 438 8.50 -22.10 18.00
C ALA B 438 7.21 -22.17 17.14
N ARG B 439 6.17 -22.83 17.65
CA ARG B 439 4.82 -22.95 17.04
C ARG B 439 4.77 -23.61 15.63
N VAL B 440 5.78 -24.42 15.26
CA VAL B 440 5.82 -25.13 13.98
C VAL B 440 5.05 -26.46 14.20
N PRO B 441 4.16 -26.88 13.25
CA PRO B 441 3.46 -28.16 13.44
C PRO B 441 4.44 -29.33 13.55
N PRO B 442 4.15 -30.32 14.43
CA PRO B 442 5.07 -31.47 14.62
C PRO B 442 5.50 -32.22 13.36
N GLU B 443 4.66 -32.20 12.30
CA GLU B 443 4.90 -32.86 11.01
C GLU B 443 6.22 -32.39 10.37
N PHE B 444 6.59 -31.13 10.62
CA PHE B 444 7.78 -30.47 10.09
C PHE B 444 8.94 -30.45 11.08
N LEU B 445 8.76 -31.06 12.29
CA LEU B 445 9.80 -31.12 13.32
C LEU B 445 10.49 -32.49 13.40
N VAL B 446 9.92 -33.51 12.74
CA VAL B 446 10.34 -34.89 12.84
C VAL B 446 11.67 -35.18 12.13
N GLN B 447 12.57 -35.86 12.87
CA GLN B 447 13.87 -36.29 12.37
C GLN B 447 13.78 -37.75 11.96
N ARG B 448 14.31 -38.09 10.78
CA ARG B 448 14.23 -39.45 10.26
C ARG B 448 15.47 -40.22 10.59
N ALA B 449 15.29 -41.33 11.37
CA ALA B 449 16.34 -42.25 11.81
C ALA B 449 17.10 -42.88 10.64
N ALA B 450 16.48 -42.95 9.44
CA ALA B 450 17.17 -43.48 8.25
C ALA B 450 18.13 -42.48 7.60
N HIS B 451 18.02 -41.18 7.96
CA HIS B 451 18.77 -40.11 7.26
C HIS B 451 20.01 -39.59 8.01
N ALA B 452 21.13 -39.42 7.25
CA ALA B 452 22.41 -38.97 7.78
C ALA B 452 22.68 -37.46 7.58
N ASN B 453 23.93 -37.05 7.83
CA ASN B 453 24.49 -35.72 7.66
C ASN B 453 26.02 -35.87 7.65
N PRO B 454 26.79 -35.02 6.90
CA PRO B 454 28.25 -35.18 6.90
C PRO B 454 28.87 -35.22 8.31
N PRO B 455 29.84 -36.14 8.53
CA PRO B 455 30.44 -36.29 9.88
C PRO B 455 31.57 -35.29 10.19
N THR B 456 31.27 -33.99 10.04
CA THR B 456 32.26 -32.94 10.26
C THR B 456 32.75 -32.83 11.72
N LEU B 457 32.04 -33.46 12.68
CA LEU B 457 32.45 -33.49 14.10
C LEU B 457 33.82 -34.14 14.24
N LEU B 458 34.23 -34.95 13.24
CA LEU B 458 35.55 -35.61 13.22
C LEU B 458 36.69 -34.63 12.83
N LEU B 459 36.37 -33.48 12.16
CA LEU B 459 37.39 -32.49 11.77
C LEU B 459 38.06 -31.86 13.03
N PRO B 460 37.35 -31.34 14.07
CA PRO B 460 38.07 -30.87 15.29
C PRO B 460 38.81 -31.99 16.04
N VAL B 461 38.42 -33.27 15.85
CA VAL B 461 39.10 -34.44 16.46
C VAL B 461 40.55 -34.57 15.92
N VAL B 462 40.77 -34.31 14.60
CA VAL B 462 42.10 -34.34 13.97
C VAL B 462 43.07 -33.36 14.69
N HIS B 463 42.60 -32.14 14.96
CA HIS B 463 43.41 -31.12 15.63
C HIS B 463 43.76 -31.49 17.09
N LEU B 465 44.22 -34.54 18.35
CA LEU B 465 45.22 -35.62 18.23
C LEU B 465 46.59 -34.95 18.03
N GLU B 466 46.67 -34.08 17.01
CA GLU B 466 47.86 -33.32 16.61
C GLU B 466 48.55 -32.57 17.76
N GLY B 467 47.76 -31.99 18.66
CA GLY B 467 48.27 -31.19 19.77
C GLY B 467 48.77 -31.92 21.00
N HIS B 468 48.44 -33.23 21.12
CA HIS B 468 48.81 -34.12 22.22
C HIS B 468 48.59 -33.52 23.66
N ASP B 469 47.53 -32.70 23.85
CA ASP B 469 47.20 -32.13 25.16
C ASP B 469 46.56 -33.22 26.03
N PRO B 470 46.95 -33.36 27.32
CA PRO B 470 46.43 -34.48 28.15
C PRO B 470 44.93 -34.50 28.37
N ASP B 471 44.31 -33.32 28.55
CA ASP B 471 42.88 -33.20 28.76
C ASP B 471 42.11 -33.62 27.51
N ASP B 472 42.64 -33.29 26.32
CA ASP B 472 42.06 -33.65 25.03
C ASP B 472 42.12 -35.16 24.81
N LEU B 473 43.28 -35.77 25.14
CA LEU B 473 43.53 -37.20 25.03
C LEU B 473 42.69 -38.03 26.00
N ALA B 474 42.52 -37.53 27.23
CA ALA B 474 41.68 -38.20 28.23
C ALA B 474 40.19 -38.16 27.76
N PHE B 475 39.78 -37.08 27.09
CA PHE B 475 38.42 -36.92 26.55
C PHE B 475 38.18 -37.90 25.40
N LEU B 476 39.13 -37.98 24.44
CA LEU B 476 39.04 -38.86 23.28
C LEU B 476 39.01 -40.34 23.64
N ARG B 477 39.71 -40.71 24.73
CA ARG B 477 39.75 -42.08 25.27
C ARG B 477 38.33 -42.49 25.72
N ALA B 479 35.48 -40.81 24.81
CA ALA B 479 34.56 -40.62 23.69
C ALA B 479 34.65 -41.66 22.58
N PHE B 480 35.77 -42.43 22.50
CA PHE B 480 36.01 -43.38 21.40
C PHE B 480 34.85 -44.37 21.10
N PRO B 481 34.23 -45.11 22.08
CA PRO B 481 33.16 -46.05 21.68
C PRO B 481 31.97 -45.37 20.99
N ARG B 482 31.63 -44.14 21.41
CA ARG B 482 30.56 -43.32 20.82
C ARG B 482 30.93 -42.83 19.40
N LEU B 483 32.16 -42.32 19.20
CA LEU B 483 32.64 -41.85 17.88
C LEU B 483 32.65 -43.03 16.89
N HIS B 484 33.07 -44.22 17.37
CA HIS B 484 33.11 -45.44 16.58
C HIS B 484 31.71 -45.97 16.19
N ALA B 485 30.76 -45.98 17.14
CA ALA B 485 29.36 -46.39 16.92
C ALA B 485 28.69 -45.49 15.86
N TRP B 486 28.92 -44.17 15.97
CA TRP B 486 28.38 -43.16 15.07
C TRP B 486 28.92 -43.31 13.64
N PHE B 487 30.25 -43.55 13.51
CA PHE B 487 30.86 -43.73 12.19
C PHE B 487 30.39 -45.02 11.54
N SER B 488 30.31 -46.11 12.34
CA SER B 488 29.89 -47.43 11.86
C SER B 488 28.46 -47.34 11.33
N TRP B 489 27.57 -46.61 12.04
CA TRP B 489 26.18 -46.38 11.62
C TRP B 489 26.19 -45.72 10.22
N LEU B 490 27.02 -44.70 10.02
CA LEU B 490 27.06 -44.00 8.72
C LEU B 490 27.39 -44.92 7.54
N HIS B 491 28.48 -45.70 7.58
CA HIS B 491 28.80 -46.47 6.38
C HIS B 491 27.92 -47.72 6.20
N GLN B 492 27.34 -48.26 7.31
CA GLN B 492 26.41 -49.38 7.23
C GLN B 492 25.00 -48.96 6.76
N SER B 493 24.46 -47.87 7.33
CA SER B 493 23.11 -47.38 6.99
C SER B 493 23.03 -46.75 5.58
N GLN B 494 24.13 -46.23 5.07
CA GLN B 494 24.13 -45.57 3.76
C GLN B 494 24.88 -46.37 2.66
N ALA B 495 25.01 -47.70 2.82
CA ALA B 495 25.68 -48.59 1.85
C ALA B 495 25.05 -48.46 0.43
N GLY B 496 25.89 -48.36 -0.60
CA GLY B 496 25.44 -48.23 -1.99
C GLY B 496 25.10 -49.56 -2.66
N PRO B 497 24.81 -49.55 -3.98
CA PRO B 497 24.43 -50.80 -4.67
C PRO B 497 25.57 -51.81 -4.88
N VAL B 498 26.83 -51.35 -4.93
CA VAL B 498 28.02 -52.19 -5.14
C VAL B 498 29.04 -51.99 -3.98
N PRO B 499 30.03 -52.91 -3.79
CA PRO B 499 31.00 -52.70 -2.71
C PRO B 499 31.82 -51.42 -2.86
N LEU B 500 32.08 -50.75 -1.72
CA LEU B 500 32.82 -49.51 -1.55
C LEU B 500 32.06 -48.29 -2.18
N SER B 501 30.74 -48.44 -2.40
CA SER B 501 29.90 -47.36 -2.90
C SER B 501 28.89 -46.97 -1.80
N TYR B 502 28.43 -45.72 -1.81
CA TYR B 502 27.49 -45.20 -0.82
C TYR B 502 26.41 -44.36 -1.48
N ARG B 503 25.20 -44.37 -0.89
CA ARG B 503 24.08 -43.63 -1.47
C ARG B 503 23.31 -42.92 -0.33
N TRP B 504 23.20 -41.57 -0.40
CA TRP B 504 22.44 -40.81 0.63
C TRP B 504 20.97 -41.26 0.61
N ARG B 505 20.46 -41.73 1.75
CA ARG B 505 19.03 -42.01 1.87
C ARG B 505 18.34 -40.65 2.08
N GLY B 506 17.10 -40.55 1.66
CA GLY B 506 16.31 -39.34 1.88
C GLY B 506 16.22 -38.30 0.78
N ARG B 507 16.52 -38.67 -0.49
CA ARG B 507 16.30 -37.70 -1.57
C ARG B 507 14.77 -37.51 -1.68
N ASP B 508 14.30 -36.34 -2.16
CA ASP B 508 12.86 -36.10 -2.28
C ASP B 508 12.16 -37.15 -3.14
N LEU B 509 10.92 -37.47 -2.79
CA LEU B 509 10.07 -38.34 -3.58
C LEU B 509 9.70 -37.54 -4.85
N ALA B 510 9.94 -38.15 -6.03
CA ALA B 510 9.69 -37.55 -7.34
C ALA B 510 8.28 -36.97 -7.42
N LEU B 511 8.19 -35.65 -7.64
CA LEU B 511 6.92 -34.92 -7.75
C LEU B 511 6.90 -34.18 -9.09
N PRO B 512 5.70 -33.95 -9.70
CA PRO B 512 5.67 -33.20 -10.97
C PRO B 512 6.11 -31.74 -10.87
N THR B 513 6.15 -31.18 -9.64
CA THR B 513 6.54 -29.79 -9.36
C THR B 513 8.05 -29.57 -9.25
N LEU B 514 8.83 -30.62 -8.88
CA LEU B 514 10.29 -30.56 -8.65
C LEU B 514 11.11 -30.73 -9.90
N LEU B 515 11.98 -29.75 -10.24
CA LEU B 515 12.88 -29.85 -11.41
C LEU B 515 13.88 -31.01 -11.21
N ASN B 516 14.52 -31.04 -10.03
CA ASN B 516 15.47 -32.06 -9.63
C ASN B 516 15.27 -32.36 -8.15
N PRO B 517 14.95 -33.62 -7.77
CA PRO B 517 14.74 -33.93 -6.34
C PRO B 517 15.95 -33.58 -5.48
N THR B 519 18.57 -33.36 -2.04
CA THR B 519 19.27 -34.33 -1.18
C THR B 519 19.57 -33.63 0.16
N LEU B 520 18.51 -33.26 0.90
CA LEU B 520 18.62 -32.55 2.20
C LEU B 520 19.63 -33.19 3.18
N PRO B 521 19.69 -34.54 3.39
CA PRO B 521 20.68 -35.11 4.33
C PRO B 521 22.15 -34.85 3.98
N SER B 522 22.46 -34.63 2.67
CA SER B 522 23.83 -34.32 2.21
C SER B 522 24.37 -32.96 2.70
N GLY B 523 23.48 -32.03 3.07
CA GLY B 523 23.85 -30.68 3.46
C GLY B 523 23.83 -29.72 2.27
N LEU B 524 23.91 -30.21 1.02
CA LEU B 524 23.88 -29.35 -0.19
C LEU B 524 22.51 -29.56 -0.86
N ASP B 525 21.48 -29.03 -0.21
CA ASP B 525 20.04 -29.16 -0.47
C ASP B 525 19.65 -29.36 -1.90
N ASP B 526 19.85 -28.35 -2.78
CA ASP B 526 19.45 -28.43 -4.18
C ASP B 526 20.60 -28.67 -5.20
N TYR B 527 21.75 -29.19 -4.73
CA TYR B 527 22.84 -29.52 -5.65
C TYR B 527 22.29 -30.59 -6.63
N PRO B 528 22.43 -30.36 -7.96
CA PRO B 528 21.83 -31.30 -8.90
C PRO B 528 22.49 -32.66 -8.92
N ARG B 529 21.64 -33.69 -8.83
CA ARG B 529 22.04 -35.09 -8.88
C ARG B 529 21.15 -35.79 -9.92
N ALA B 530 21.09 -37.14 -9.98
CA ALA B 530 20.30 -37.82 -11.02
C ALA B 530 18.83 -37.40 -11.06
N SER B 531 18.34 -37.06 -12.27
CA SER B 531 16.97 -36.59 -12.52
C SER B 531 15.88 -37.54 -12.04
N HIS B 532 16.12 -38.87 -12.10
CA HIS B 532 15.15 -39.89 -11.70
C HIS B 532 15.77 -40.80 -10.62
N PRO B 533 15.58 -40.44 -9.32
CA PRO B 533 16.19 -41.23 -8.23
C PRO B 533 15.84 -42.72 -8.22
N SER B 534 16.82 -43.55 -7.81
CA SER B 534 16.70 -45.00 -7.67
C SER B 534 17.79 -45.56 -6.72
N THR B 535 17.72 -46.87 -6.42
CA THR B 535 18.69 -47.57 -5.56
C THR B 535 20.01 -47.86 -6.29
N ALA B 536 20.09 -47.56 -7.61
CA ALA B 536 21.29 -47.75 -8.43
C ALA B 536 22.27 -46.55 -8.35
N GLU B 537 21.87 -45.49 -7.65
CA GLU B 537 22.68 -44.28 -7.47
C GLU B 537 23.96 -44.53 -6.67
N ARG B 538 25.02 -43.78 -7.02
CA ARG B 538 26.31 -43.79 -6.33
C ARG B 538 26.65 -42.32 -6.06
N HIS B 539 26.83 -41.94 -4.75
CA HIS B 539 27.13 -40.54 -4.39
C HIS B 539 28.58 -40.32 -3.98
N LEU B 540 29.26 -39.44 -4.73
CA LEU B 540 30.68 -39.11 -4.56
C LEU B 540 31.04 -38.46 -3.22
N ASP B 541 30.34 -37.40 -2.82
CA ASP B 541 30.63 -36.69 -1.58
C ASP B 541 30.53 -37.59 -0.34
N LEU B 542 29.49 -38.44 -0.27
CA LEU B 542 29.29 -39.41 0.81
C LEU B 542 30.47 -40.43 0.86
N ARG B 543 30.88 -41.00 -0.29
CA ARG B 543 32.02 -41.92 -0.31
C ARG B 543 33.29 -41.23 0.28
N CYS B 544 33.53 -39.96 -0.09
CA CYS B 544 34.65 -39.17 0.39
C CYS B 544 34.61 -38.92 1.91
N TRP B 545 33.41 -38.63 2.49
CA TRP B 545 33.23 -38.43 3.93
C TRP B 545 33.53 -39.71 4.70
N VAL B 546 33.15 -40.88 4.13
CA VAL B 546 33.40 -42.20 4.72
C VAL B 546 34.92 -42.50 4.73
N ALA B 547 35.62 -42.19 3.60
CA ALA B 547 37.07 -42.41 3.49
C ALA B 547 37.82 -41.57 4.54
N LEU B 548 37.45 -40.29 4.70
CA LEU B 548 38.03 -39.38 5.70
C LEU B 548 37.77 -39.88 7.13
N GLY B 549 36.52 -40.23 7.41
CA GLY B 549 36.08 -40.72 8.71
C GLY B 549 36.81 -41.97 9.16
N ALA B 550 37.01 -42.92 8.23
CA ALA B 550 37.73 -44.17 8.51
C ALA B 550 39.20 -43.87 8.83
N ARG B 551 39.82 -42.93 8.08
CA ARG B 551 41.21 -42.52 8.31
C ARG B 551 41.39 -41.82 9.67
N VAL B 552 40.53 -40.85 10.00
CA VAL B 552 40.57 -40.13 11.27
C VAL B 552 40.45 -41.10 12.48
N LEU B 553 39.48 -42.01 12.42
CA LEU B 553 39.21 -42.97 13.49
C LEU B 553 40.26 -44.10 13.59
N SER B 554 40.92 -44.49 12.48
CA SER B 554 41.97 -45.50 12.57
C SER B 554 43.19 -44.89 13.28
N GLN B 555 43.52 -43.62 12.97
CA GLN B 555 44.61 -42.86 13.59
C GLN B 555 44.35 -42.72 15.10
N LEU B 556 43.11 -42.37 15.50
CA LEU B 556 42.70 -42.26 16.90
C LEU B 556 42.85 -43.61 17.63
N ALA B 557 42.34 -44.71 17.01
CA ALA B 557 42.43 -46.08 17.53
C ALA B 557 43.86 -46.47 17.79
N GLU B 558 44.79 -46.12 16.86
CA GLU B 558 46.22 -46.47 17.00
C GLU B 558 46.83 -45.71 18.18
N GLN B 559 46.53 -44.41 18.30
CA GLN B 559 47.03 -43.59 19.39
C GLN B 559 46.54 -44.06 20.78
N LEU B 560 45.29 -44.54 20.87
CA LEU B 560 44.65 -44.99 22.11
C LEU B 560 44.97 -46.43 22.52
N GLY B 561 45.38 -47.26 21.56
CA GLY B 561 45.68 -48.67 21.80
C GLY B 561 44.45 -49.54 21.63
N GLU B 562 43.47 -49.08 20.82
CA GLU B 562 42.22 -49.76 20.50
C GLU B 562 42.51 -50.75 19.36
N THR B 563 43.24 -51.84 19.70
CA THR B 563 43.76 -52.85 18.76
C THR B 563 42.72 -53.42 17.78
N GLU B 564 41.59 -53.94 18.29
CA GLU B 564 40.54 -54.51 17.45
C GLU B 564 39.86 -53.44 16.52
N ALA B 565 39.61 -52.21 17.04
CA ALA B 565 39.02 -51.13 16.25
C ALA B 565 39.96 -50.71 15.08
N ALA B 566 41.27 -50.53 15.35
CA ALA B 566 42.33 -50.22 14.36
C ALA B 566 42.44 -51.32 13.28
N ALA B 567 42.30 -52.60 13.66
CA ALA B 567 42.32 -53.75 12.75
C ALA B 567 41.13 -53.75 11.78
N GLU B 568 40.06 -53.06 12.13
CA GLU B 568 38.88 -52.93 11.28
C GLU B 568 38.96 -51.62 10.45
N LEU B 569 39.22 -50.49 11.11
CA LEU B 569 39.26 -49.14 10.55
C LEU B 569 40.45 -48.88 9.59
N GLY B 570 41.62 -49.40 9.91
CA GLY B 570 42.82 -49.29 9.07
C GLY B 570 42.59 -49.84 7.68
N PRO B 571 42.23 -51.15 7.52
CA PRO B 571 41.97 -51.69 6.17
C PRO B 571 40.80 -51.05 5.42
N LEU B 572 39.75 -50.57 6.12
CA LEU B 572 38.63 -49.89 5.46
C LEU B 572 39.13 -48.55 4.84
N ALA B 573 39.93 -47.76 5.61
CA ALA B 573 40.50 -46.49 5.17
C ALA B 573 41.37 -46.71 3.95
N ALA B 574 42.27 -47.74 3.96
CA ALA B 574 43.12 -48.06 2.82
C ALA B 574 42.29 -48.45 1.58
N SER B 575 41.25 -49.30 1.76
CA SER B 575 40.41 -49.73 0.64
C SER B 575 39.68 -48.55 -0.05
N LEU B 576 39.37 -47.49 0.70
CA LEU B 576 38.66 -46.32 0.16
C LEU B 576 39.59 -45.23 -0.40
N GLU B 577 40.86 -45.22 0.03
CA GLU B 577 41.86 -44.28 -0.47
C GLU B 577 42.48 -44.79 -1.77
N GLU B 578 42.38 -46.12 -2.02
CA GLU B 578 42.93 -46.79 -3.21
C GLU B 578 42.41 -46.12 -4.52
N PRO B 579 43.27 -45.68 -5.46
CA PRO B 579 42.78 -44.94 -6.63
C PRO B 579 41.93 -45.73 -7.64
N GLY B 580 42.22 -47.02 -7.82
CA GLY B 580 41.50 -47.89 -8.75
C GLY B 580 40.01 -47.95 -8.50
N SER B 581 39.61 -48.25 -7.25
CA SER B 581 38.20 -48.32 -6.87
C SER B 581 37.48 -46.96 -7.04
N LEU B 582 38.09 -45.84 -6.57
CA LEU B 582 37.50 -44.51 -6.74
C LEU B 582 37.27 -44.18 -8.23
N ASP B 583 38.23 -44.54 -9.10
CA ASP B 583 38.14 -44.31 -10.55
C ASP B 583 36.99 -45.12 -11.17
N GLU B 584 36.93 -46.43 -10.86
CA GLU B 584 35.91 -47.36 -11.33
C GLU B 584 34.49 -46.89 -10.92
N LEU B 585 34.36 -46.33 -9.71
CA LEU B 585 33.06 -45.91 -9.21
C LEU B 585 32.65 -44.49 -9.52
N HIS B 586 33.62 -43.56 -9.64
CA HIS B 586 33.27 -42.17 -9.83
C HIS B 586 34.03 -41.38 -10.94
N TRP B 587 35.07 -41.94 -11.60
CA TRP B 587 35.73 -41.16 -12.68
C TRP B 587 34.91 -41.18 -14.01
N ALA B 588 34.47 -39.99 -14.47
CA ALA B 588 33.70 -39.84 -15.71
C ALA B 588 34.58 -39.27 -16.84
N PRO B 589 35.15 -40.13 -17.73
CA PRO B 589 36.05 -39.61 -18.79
C PRO B 589 35.40 -38.68 -19.82
N GLU B 590 34.11 -38.89 -20.12
CA GLU B 590 33.34 -38.04 -21.04
C GLU B 590 33.10 -36.64 -20.45
N LEU B 591 33.24 -36.51 -19.11
CA LEU B 591 33.06 -35.25 -18.38
C LEU B 591 34.38 -34.62 -17.92
N GLY B 592 35.43 -35.45 -17.85
CA GLY B 592 36.77 -35.05 -17.38
C GLY B 592 36.81 -34.68 -15.91
N VAL B 593 35.87 -35.23 -15.10
CA VAL B 593 35.73 -35.02 -13.63
C VAL B 593 35.26 -36.30 -12.92
N PHE B 594 35.23 -36.24 -11.58
CA PHE B 594 34.61 -37.23 -10.70
C PHE B 594 33.12 -36.83 -10.62
N ALA B 595 32.20 -37.82 -10.69
CA ALA B 595 30.77 -37.52 -10.69
C ALA B 595 29.87 -38.53 -9.94
N ASP B 596 28.62 -38.10 -9.63
CA ASP B 596 27.56 -38.95 -9.07
C ASP B 596 27.06 -39.78 -10.27
N PHE B 597 26.42 -40.91 -9.99
CA PHE B 597 25.89 -41.84 -11.00
C PHE B 597 24.44 -42.12 -10.67
N GLY B 598 23.63 -42.35 -11.72
CA GLY B 598 22.22 -42.69 -11.61
C GLY B 598 21.43 -42.58 -12.89
N ASN B 599 20.09 -42.85 -12.80
CA ASN B 599 19.12 -42.79 -13.91
C ASN B 599 18.79 -41.30 -14.14
N HIS B 600 19.43 -40.71 -15.16
CA HIS B 600 19.39 -39.28 -15.39
C HIS B 600 19.22 -38.85 -16.85
N THR B 601 18.60 -37.67 -17.05
CA THR B 601 18.49 -36.99 -18.35
C THR B 601 18.74 -35.50 -18.16
N LYS B 602 19.46 -34.88 -19.11
CA LYS B 602 19.69 -33.44 -19.12
C LYS B 602 18.41 -32.75 -19.60
N ALA B 603 17.55 -33.48 -20.38
CA ALA B 603 16.30 -32.97 -20.96
C ALA B 603 15.14 -32.85 -19.95
N VAL B 604 15.28 -31.93 -18.97
CA VAL B 604 14.27 -31.65 -17.95
C VAL B 604 14.16 -30.13 -17.80
N GLN B 605 12.93 -29.60 -17.82
CA GLN B 605 12.68 -28.17 -17.70
C GLN B 605 11.43 -27.88 -16.92
N LEU B 606 11.35 -26.69 -16.30
CA LEU B 606 10.10 -26.22 -15.67
C LEU B 606 9.36 -25.29 -16.64
N SER B 608 5.28 -23.75 -17.70
CA SER B 608 3.90 -23.54 -17.26
C SER B 608 2.91 -24.28 -18.16
N ARG B 609 2.13 -25.21 -17.57
CA ARG B 609 1.11 -26.01 -18.24
C ARG B 609 -0.24 -25.81 -17.54
N PRO B 610 -1.16 -25.00 -18.12
CA PRO B 610 -2.48 -24.85 -17.48
C PRO B 610 -3.29 -26.15 -17.60
N PRO B 611 -4.03 -26.60 -16.56
CA PRO B 611 -4.33 -25.94 -15.28
C PRO B 611 -3.35 -26.13 -14.10
N GLN B 612 -2.55 -27.21 -14.12
CA GLN B 612 -1.62 -27.60 -13.04
C GLN B 612 -0.71 -26.48 -12.52
N GLY B 613 -0.20 -25.65 -13.44
CA GLY B 613 0.74 -24.57 -13.12
C GLY B 613 2.14 -24.90 -13.57
N LEU B 614 3.16 -24.35 -12.89
CA LEU B 614 4.56 -24.60 -13.22
C LEU B 614 4.93 -26.06 -12.88
N VAL B 615 5.22 -26.88 -13.91
CA VAL B 615 5.53 -28.31 -13.77
C VAL B 615 6.78 -28.75 -14.54
N ARG B 616 7.28 -29.93 -14.20
CA ARG B 616 8.44 -30.62 -14.75
C ARG B 616 8.09 -31.24 -16.11
N VAL B 617 8.89 -30.95 -17.16
CA VAL B 617 8.69 -31.52 -18.49
C VAL B 617 9.94 -32.30 -18.91
N VAL B 618 9.82 -33.64 -18.93
CA VAL B 618 10.90 -34.53 -19.33
C VAL B 618 10.76 -34.74 -20.83
N GLY B 619 11.81 -34.37 -21.56
CA GLY B 619 11.85 -34.48 -23.01
C GLY B 619 12.74 -35.60 -23.48
N ARG B 620 13.35 -35.42 -24.65
CA ARG B 620 14.24 -36.40 -25.27
C ARG B 620 15.71 -35.91 -25.24
N PRO B 621 16.71 -36.77 -24.96
CA PRO B 621 16.62 -38.23 -24.75
C PRO B 621 16.03 -38.65 -23.41
N PRO B 622 15.39 -39.84 -23.33
CA PRO B 622 14.83 -40.30 -22.03
C PRO B 622 15.92 -40.61 -21.00
N PRO B 623 15.62 -40.68 -19.67
CA PRO B 623 16.69 -40.98 -18.71
C PRO B 623 17.28 -42.38 -18.84
N ARG B 624 18.57 -42.51 -18.54
CA ARG B 624 19.31 -43.76 -18.57
C ARG B 624 20.41 -43.69 -17.50
N LEU B 625 20.91 -44.86 -17.05
CA LEU B 625 21.99 -44.95 -16.05
C LEU B 625 23.30 -44.44 -16.66
N GLN B 626 23.89 -43.40 -16.06
CA GLN B 626 25.14 -42.76 -16.54
C GLN B 626 25.65 -41.78 -15.47
N TYR B 627 26.85 -41.21 -15.67
CA TYR B 627 27.38 -40.19 -14.78
C TYR B 627 26.64 -38.87 -14.99
N VAL B 628 26.38 -38.15 -13.89
CA VAL B 628 25.63 -36.91 -13.89
C VAL B 628 26.52 -35.67 -14.16
N ASP B 629 26.21 -34.92 -15.21
CA ASP B 629 26.90 -33.67 -15.56
C ASP B 629 26.36 -32.53 -14.65
N ALA B 630 27.11 -32.19 -13.62
CA ALA B 630 26.78 -31.17 -12.62
C ALA B 630 28.10 -30.80 -11.98
N LEU B 631 28.89 -29.98 -12.68
CA LEU B 631 30.22 -29.56 -12.27
C LEU B 631 30.16 -28.49 -11.17
N GLY B 632 30.68 -28.81 -9.97
CA GLY B 632 30.66 -27.91 -8.81
C GLY B 632 31.31 -28.51 -7.57
N TYR B 633 30.88 -28.12 -6.37
CA TYR B 633 31.46 -28.61 -5.10
C TYR B 633 31.54 -30.11 -4.93
N VAL B 634 30.51 -30.84 -5.38
CA VAL B 634 30.51 -32.31 -5.27
C VAL B 634 31.67 -32.91 -6.08
N SER B 635 31.93 -32.37 -7.31
CA SER B 635 32.99 -32.79 -8.23
C SER B 635 34.39 -32.78 -7.60
N LEU B 636 34.64 -31.75 -6.76
CA LEU B 636 35.90 -31.48 -6.09
C LEU B 636 36.19 -32.30 -4.82
N PHE B 637 35.21 -33.06 -4.24
CA PHE B 637 35.36 -33.78 -2.96
C PHE B 637 36.66 -34.61 -2.83
N PRO B 638 37.13 -35.42 -3.79
CA PRO B 638 38.43 -36.10 -3.61
C PRO B 638 39.62 -35.12 -3.40
N LEU B 639 39.53 -33.89 -3.97
CA LEU B 639 40.50 -32.83 -3.74
C LEU B 639 40.25 -32.12 -2.37
N LEU B 640 39.01 -31.65 -2.12
CA LEU B 640 38.60 -30.97 -0.88
C LEU B 640 38.99 -31.69 0.41
N LEU B 641 38.85 -33.03 0.42
CA LEU B 641 39.12 -33.84 1.62
C LEU B 641 40.51 -34.49 1.61
N GLN B 642 41.41 -33.98 0.71
CA GLN B 642 42.82 -34.39 0.55
C GLN B 642 43.01 -35.90 0.41
N LEU B 643 42.16 -36.54 -0.43
CA LEU B 643 42.22 -37.99 -0.65
C LEU B 643 43.09 -38.40 -1.84
N LEU B 644 43.38 -37.45 -2.75
CA LEU B 644 44.20 -37.72 -3.91
C LEU B 644 45.68 -37.67 -3.54
N ASP B 645 46.47 -38.58 -4.11
CA ASP B 645 47.92 -38.55 -3.94
C ASP B 645 48.41 -37.31 -4.71
N PRO B 646 49.50 -36.63 -4.24
CA PRO B 646 50.02 -35.47 -5.00
C PRO B 646 50.37 -35.79 -6.47
N SER B 647 50.69 -37.05 -6.78
CA SER B 647 51.02 -37.50 -8.15
C SER B 647 49.81 -38.17 -8.87
N SER B 648 48.60 -38.04 -8.32
CA SER B 648 47.38 -38.59 -8.92
C SER B 648 47.12 -38.02 -10.33
N PRO B 649 46.86 -38.88 -11.35
CA PRO B 649 46.52 -38.35 -12.71
C PRO B 649 45.21 -37.52 -12.78
N ARG B 650 44.40 -37.53 -11.69
CA ARG B 650 43.12 -36.82 -11.59
C ARG B 650 43.23 -35.47 -10.89
N LEU B 651 44.35 -35.21 -10.17
CA LEU B 651 44.57 -33.94 -9.46
C LEU B 651 44.64 -32.71 -10.41
N GLY B 652 45.44 -32.79 -11.47
CA GLY B 652 45.57 -31.73 -12.49
C GLY B 652 44.22 -31.31 -13.06
N PRO B 653 43.43 -32.25 -13.65
CA PRO B 653 42.07 -31.90 -14.14
C PRO B 653 41.14 -31.17 -13.14
N LEU B 654 41.19 -31.53 -11.84
CA LEU B 654 40.34 -30.91 -10.81
C LEU B 654 40.78 -29.49 -10.51
N LEU B 655 42.12 -29.27 -10.48
CA LEU B 655 42.71 -27.95 -10.29
C LEU B 655 42.31 -26.98 -11.44
N ASP B 656 42.32 -27.49 -12.69
CA ASP B 656 41.98 -26.74 -13.90
C ASP B 656 40.51 -26.24 -13.89
N VAL B 657 39.52 -27.09 -13.51
CA VAL B 657 38.09 -26.72 -13.45
C VAL B 657 37.81 -25.71 -12.30
N LEU B 658 38.54 -25.85 -11.18
CA LEU B 658 38.46 -24.96 -10.02
C LEU B 658 38.96 -23.54 -10.43
N ALA B 659 40.06 -23.47 -11.23
CA ALA B 659 40.68 -22.21 -11.68
C ALA B 659 39.96 -21.53 -12.87
N ASP B 660 39.05 -22.24 -13.55
CA ASP B 660 38.35 -21.79 -14.74
C ASP B 660 37.18 -20.83 -14.41
N SER B 661 37.26 -19.59 -14.97
CA SER B 661 36.24 -18.54 -14.83
C SER B 661 34.89 -18.95 -15.41
N ARG B 662 34.88 -19.82 -16.46
CA ARG B 662 33.66 -20.34 -17.08
C ARG B 662 32.98 -21.38 -16.16
N HIS B 663 33.74 -21.91 -15.17
CA HIS B 663 33.22 -22.91 -14.25
C HIS B 663 33.05 -22.38 -12.82
N LEU B 664 34.04 -22.65 -11.95
CA LEU B 664 33.98 -22.38 -10.52
C LEU B 664 34.70 -21.13 -10.02
N TRP B 665 35.61 -20.56 -10.81
CA TRP B 665 36.37 -19.39 -10.40
C TRP B 665 35.65 -18.04 -10.60
N SER B 666 35.13 -17.43 -9.50
CA SER B 666 34.51 -16.10 -9.52
C SER B 666 35.47 -15.08 -8.83
N PRO B 667 35.29 -13.73 -8.99
CA PRO B 667 36.19 -12.80 -8.28
C PRO B 667 36.00 -12.78 -6.74
N PHE B 668 35.03 -13.53 -6.22
CA PHE B 668 34.67 -13.51 -4.80
C PHE B 668 34.84 -14.85 -4.08
N GLY B 669 35.38 -15.84 -4.79
CA GLY B 669 35.59 -17.18 -4.29
C GLY B 669 35.05 -18.23 -5.23
N LEU B 670 35.03 -19.49 -4.77
CA LEU B 670 34.56 -20.63 -5.55
C LEU B 670 33.04 -20.74 -5.60
N ARG B 671 32.48 -20.90 -6.81
CA ARG B 671 31.03 -21.07 -7.03
C ARG B 671 30.60 -22.46 -6.61
N SER B 672 29.34 -22.57 -6.05
CA SER B 672 28.81 -23.89 -5.68
C SER B 672 28.56 -24.78 -6.89
N LEU B 673 28.20 -24.18 -8.04
CA LEU B 673 27.92 -24.85 -9.31
C LEU B 673 28.46 -23.99 -10.47
N SER B 674 28.99 -24.67 -11.51
CA SER B 674 29.55 -24.06 -12.74
C SER B 674 28.58 -23.04 -13.39
N ALA B 675 29.10 -21.89 -13.85
CA ALA B 675 28.35 -20.82 -14.53
C ALA B 675 27.87 -21.29 -15.92
N SER B 676 28.45 -22.38 -16.41
CA SER B 676 28.12 -23.01 -17.69
C SER B 676 27.07 -24.14 -17.55
N SER B 677 26.65 -24.47 -16.32
CA SER B 677 25.66 -25.51 -16.06
C SER B 677 24.23 -25.05 -16.41
N LEU B 678 23.40 -25.97 -16.92
CA LEU B 678 21.99 -25.71 -17.23
C LEU B 678 21.18 -25.48 -15.95
N PHE B 679 21.73 -25.87 -14.78
CA PHE B 679 21.09 -25.64 -13.46
C PHE B 679 21.55 -24.33 -12.78
N TYR B 680 22.54 -23.63 -13.37
CA TYR B 680 23.07 -22.39 -12.79
C TYR B 680 21.97 -21.31 -12.63
N GLN B 682 19.12 -21.67 -11.28
CA GLN B 682 17.78 -22.17 -11.58
C GLN B 682 17.02 -22.54 -10.34
N ARG B 683 15.78 -22.03 -10.23
CA ARG B 683 14.87 -22.36 -9.13
C ARG B 683 14.39 -23.82 -9.30
N ASN B 684 14.14 -24.50 -8.19
CA ASN B 684 13.70 -25.91 -8.25
C ASN B 684 12.18 -26.07 -8.36
N THR B 685 11.43 -25.06 -7.86
CA THR B 685 9.97 -24.94 -7.91
C THR B 685 9.66 -23.42 -7.94
N GLU B 686 8.39 -23.08 -7.93
CA GLU B 686 7.89 -21.71 -7.87
C GLU B 686 8.30 -21.05 -6.54
N HIS B 687 8.36 -21.83 -5.44
CA HIS B 687 8.69 -21.33 -4.11
C HIS B 687 10.13 -21.61 -3.63
N ASP B 688 10.95 -22.32 -4.46
CA ASP B 688 12.32 -22.63 -4.07
C ASP B 688 13.38 -21.98 -4.98
N PRO B 689 13.98 -20.86 -4.54
CA PRO B 689 15.05 -20.22 -5.32
C PRO B 689 16.34 -21.04 -5.35
N PRO B 690 17.30 -20.74 -6.26
CA PRO B 690 18.58 -21.47 -6.25
C PRO B 690 19.33 -21.24 -4.94
N TYR B 691 19.97 -22.29 -4.41
CA TYR B 691 20.64 -22.24 -3.11
C TYR B 691 22.13 -22.63 -3.18
N TRP B 692 22.41 -23.87 -3.69
CA TRP B 692 23.73 -24.45 -3.92
C TRP B 692 23.94 -24.58 -5.46
N ARG B 693 23.38 -23.63 -6.25
CA ARG B 693 23.42 -23.60 -7.72
C ARG B 693 24.15 -22.36 -8.31
N GLY B 694 25.24 -21.93 -7.66
CA GLY B 694 26.03 -20.80 -8.13
C GLY B 694 26.70 -19.95 -7.07
N ALA B 695 26.02 -19.75 -5.94
CA ALA B 695 26.49 -18.89 -4.85
C ALA B 695 27.78 -19.41 -4.15
N VAL B 696 28.53 -18.48 -3.51
CA VAL B 696 29.77 -18.73 -2.80
C VAL B 696 29.50 -19.05 -1.32
N TRP B 697 29.99 -20.22 -0.83
CA TRP B 697 29.81 -20.66 0.56
C TRP B 697 31.14 -20.76 1.26
N LEU B 698 31.19 -20.26 2.49
CA LEU B 698 32.44 -20.19 3.24
C LEU B 698 32.99 -21.49 3.78
N ASN B 699 32.11 -22.47 4.07
CA ASN B 699 32.61 -23.74 4.61
C ASN B 699 33.37 -24.54 3.55
N ILE B 700 32.83 -24.63 2.32
CA ILE B 700 33.48 -25.36 1.24
C ILE B 700 34.73 -24.61 0.74
N ASN B 701 34.69 -23.26 0.73
CA ASN B 701 35.84 -22.44 0.36
C ASN B 701 36.98 -22.62 1.36
N TYR B 702 36.65 -22.80 2.67
CA TYR B 702 37.62 -23.07 3.74
C TYR B 702 38.31 -24.44 3.46
N LEU B 703 37.52 -25.48 3.11
CA LEU B 703 38.04 -26.81 2.81
C LEU B 703 38.92 -26.79 1.57
N ALA B 704 38.52 -26.03 0.52
CA ALA B 704 39.32 -25.85 -0.71
C ALA B 704 40.66 -25.17 -0.38
N LEU B 705 40.62 -24.16 0.52
CA LEU B 705 41.82 -23.44 0.94
C LEU B 705 42.77 -24.32 1.74
N GLY B 706 42.24 -25.20 2.58
CA GLY B 706 43.04 -26.16 3.33
C GLY B 706 43.72 -27.16 2.42
N ALA B 707 42.95 -27.70 1.45
CA ALA B 707 43.41 -28.66 0.45
C ALA B 707 44.50 -28.02 -0.47
N LEU B 708 44.33 -26.75 -0.90
CA LEU B 708 45.35 -26.06 -1.72
C LEU B 708 46.64 -25.71 -0.95
N HIS B 709 46.51 -25.38 0.34
CA HIS B 709 47.64 -25.11 1.22
C HIS B 709 48.44 -26.43 1.39
N HIS B 710 47.72 -27.58 1.49
CA HIS B 710 48.33 -28.90 1.61
C HIS B 710 49.12 -29.26 0.34
N TYR B 711 48.46 -29.24 -0.84
CA TYR B 711 49.10 -29.62 -2.09
C TYR B 711 50.18 -28.65 -2.54
N GLY B 712 50.11 -27.39 -2.09
CA GLY B 712 51.12 -26.38 -2.38
C GLY B 712 52.35 -26.47 -1.48
N HIS B 713 52.32 -27.33 -0.43
CA HIS B 713 53.42 -27.46 0.53
C HIS B 713 54.09 -28.87 0.56
N VAL B 714 53.53 -29.84 -0.19
CA VAL B 714 54.12 -31.17 -0.31
C VAL B 714 54.70 -31.30 -1.72
N GLU B 715 55.72 -32.15 -1.89
CA GLU B 715 56.37 -32.36 -3.18
C GLU B 715 55.44 -33.09 -4.15
N GLY B 716 55.42 -32.62 -5.39
CA GLY B 716 54.55 -33.19 -6.40
C GLY B 716 54.52 -32.36 -7.66
N PRO B 717 53.97 -32.91 -8.76
CA PRO B 717 54.02 -32.19 -10.05
C PRO B 717 53.09 -30.98 -10.16
N HIS B 718 52.15 -30.80 -9.19
CA HIS B 718 51.19 -29.68 -9.20
C HIS B 718 51.38 -28.73 -8.01
N LYS B 719 52.49 -28.88 -7.24
CA LYS B 719 52.81 -28.05 -6.06
C LYS B 719 52.77 -26.54 -6.37
N VAL B 720 53.40 -26.12 -7.49
CA VAL B 720 53.49 -24.71 -7.92
C VAL B 720 52.11 -24.12 -8.21
N GLN B 721 51.30 -24.79 -9.05
CA GLN B 721 49.94 -24.33 -9.41
C GLN B 721 49.02 -24.28 -8.16
N ALA B 722 49.12 -25.28 -7.23
CA ALA B 722 48.30 -25.29 -6.02
C ALA B 722 48.64 -24.11 -5.09
N ALA B 723 49.95 -23.85 -4.84
CA ALA B 723 50.35 -22.74 -3.97
C ALA B 723 49.90 -21.38 -4.54
N LEU B 725 47.24 -20.86 -6.67
CA LEU B 725 45.79 -20.83 -6.53
C LEU B 725 45.36 -20.53 -5.10
N TYR B 726 46.11 -21.07 -4.11
CA TYR B 726 45.88 -20.83 -2.69
C TYR B 726 45.93 -19.31 -2.38
N HIS B 727 46.98 -18.60 -2.81
CA HIS B 727 47.16 -17.17 -2.56
C HIS B 727 46.09 -16.30 -3.19
N GLU B 728 45.76 -16.60 -4.47
CA GLU B 728 44.73 -15.89 -5.22
C GLU B 728 43.34 -16.08 -4.60
N LEU B 729 42.97 -17.34 -4.24
CA LEU B 729 41.67 -17.65 -3.64
C LEU B 729 41.52 -17.02 -2.26
N ARG B 730 42.57 -17.09 -1.42
CA ARG B 730 42.58 -16.51 -0.07
C ARG B 730 42.32 -14.99 -0.13
N ALA B 731 43.03 -14.27 -1.05
CA ALA B 731 42.90 -12.83 -1.27
C ALA B 731 41.47 -12.45 -1.66
N ASN B 732 40.86 -13.19 -2.63
CA ASN B 732 39.48 -12.99 -3.10
C ASN B 732 38.43 -13.15 -2.00
N VAL B 733 38.51 -14.24 -1.21
CA VAL B 733 37.55 -14.58 -0.16
C VAL B 733 37.62 -13.56 0.98
N VAL B 734 38.83 -13.30 1.51
CA VAL B 734 39.02 -12.35 2.62
C VAL B 734 38.53 -10.93 2.25
N ARG B 735 38.92 -10.43 1.07
CA ARG B 735 38.54 -9.11 0.57
C ARG B 735 37.02 -8.92 0.54
N ASN B 736 36.29 -9.84 -0.11
CA ASN B 736 34.85 -9.74 -0.23
C ASN B 736 34.11 -9.80 1.11
N VAL B 737 34.49 -10.74 1.99
CA VAL B 737 33.85 -10.86 3.31
C VAL B 737 34.07 -9.58 4.12
N ARG B 738 35.30 -9.01 4.07
CA ARG B 738 35.64 -7.75 4.73
C ARG B 738 34.80 -6.57 4.17
N GLN B 739 34.74 -6.41 2.83
CA GLN B 739 34.01 -5.33 2.17
C GLN B 739 32.51 -5.38 2.46
N GLN B 740 31.90 -6.59 2.43
CA GLN B 740 30.47 -6.75 2.70
C GLN B 740 30.15 -6.45 4.14
N TYR B 741 31.10 -6.76 5.06
CA TYR B 741 30.94 -6.46 6.48
C TYR B 741 30.98 -4.95 6.69
N GLN B 742 31.83 -4.24 5.94
CA GLN B 742 31.93 -2.79 6.00
C GLN B 742 30.66 -2.12 5.50
N ALA B 743 30.12 -2.63 4.38
CA ALA B 743 28.93 -2.09 3.74
C ALA B 743 27.63 -2.40 4.50
N THR B 744 27.53 -3.56 5.19
CA THR B 744 26.29 -4.01 5.85
C THR B 744 26.34 -4.22 7.37
N GLY B 745 27.52 -4.43 7.92
CA GLY B 745 27.67 -4.73 9.35
C GLY B 745 27.35 -6.18 9.69
N PHE B 746 27.28 -7.05 8.68
CA PHE B 746 26.97 -8.48 8.87
C PHE B 746 27.93 -9.44 8.12
N LEU B 747 28.02 -10.68 8.65
CA LEU B 747 28.66 -11.86 8.06
C LEU B 747 27.43 -12.64 7.57
N TRP B 748 27.38 -13.00 6.28
CA TRP B 748 26.20 -13.63 5.66
C TRP B 748 26.31 -15.13 5.42
N GLU B 749 25.13 -15.77 5.21
CA GLU B 749 25.02 -17.21 4.92
C GLU B 749 25.78 -17.60 3.64
N GLN B 750 25.70 -16.75 2.59
CA GLN B 750 26.32 -16.95 1.29
C GLN B 750 26.53 -15.60 0.59
N TYR B 751 27.33 -15.62 -0.49
CA TYR B 751 27.72 -14.42 -1.25
C TYR B 751 27.49 -14.60 -2.74
N SER B 752 27.08 -13.51 -3.42
CA SER B 752 26.86 -13.52 -4.86
C SER B 752 28.18 -13.76 -5.62
N ASP B 753 28.13 -14.63 -6.63
CA ASP B 753 29.30 -14.92 -7.47
C ASP B 753 29.45 -13.83 -8.56
N GLN B 754 28.41 -12.97 -8.77
CA GLN B 754 28.39 -11.86 -9.75
C GLN B 754 28.89 -10.52 -9.18
N ASP B 755 28.41 -10.09 -7.97
CA ASP B 755 28.86 -8.83 -7.39
C ASP B 755 29.40 -8.94 -5.95
N GLY B 756 29.39 -10.13 -5.38
CA GLY B 756 29.90 -10.37 -4.04
C GLY B 756 29.00 -10.04 -2.87
N ARG B 757 27.81 -9.48 -3.17
CA ARG B 757 26.87 -9.08 -2.10
C ARG B 757 26.38 -10.23 -1.25
N GLY B 758 26.31 -9.98 0.06
CA GLY B 758 25.81 -10.92 1.05
C GLY B 758 24.36 -11.23 0.76
N MET B 759 24.02 -12.52 0.83
CA MET B 759 22.67 -13.03 0.53
C MET B 759 22.26 -14.01 1.63
N GLY B 760 20.97 -14.35 1.63
CA GLY B 760 20.42 -15.34 2.55
C GLY B 760 20.25 -14.79 3.96
N CYS B 761 20.45 -15.64 4.97
CA CYS B 761 20.32 -15.29 6.39
CA CYS B 761 20.28 -15.15 6.32
C CYS B 761 21.55 -14.53 6.89
N ARG B 762 21.34 -13.70 7.92
CA ARG B 762 22.37 -12.95 8.62
C ARG B 762 21.84 -12.54 10.03
N PRO B 763 22.70 -12.45 11.07
CA PRO B 763 24.13 -12.83 11.12
C PRO B 763 24.28 -14.34 10.94
N PHE B 764 25.33 -14.76 10.23
CA PHE B 764 25.53 -16.18 10.03
C PHE B 764 26.85 -16.60 10.65
N GLN B 765 26.85 -16.75 11.99
CA GLN B 765 28.02 -17.14 12.78
C GLN B 765 27.73 -18.37 13.66
N GLY B 766 27.63 -19.57 13.07
CA GLY B 766 27.71 -19.85 11.64
C GLY B 766 29.11 -20.07 11.11
N TRP B 767 29.23 -20.91 10.06
CA TRP B 767 30.53 -21.27 9.50
C TRP B 767 31.21 -20.12 8.72
N THR B 768 30.52 -18.96 8.51
CA THR B 768 31.17 -17.79 7.84
C THR B 768 32.34 -17.27 8.75
N SER B 769 32.26 -17.58 10.06
CA SER B 769 33.29 -17.31 11.06
C SER B 769 34.61 -17.94 10.69
N LEU B 770 34.61 -18.97 9.77
CA LEU B 770 35.84 -19.63 9.28
C LEU B 770 36.81 -18.64 8.61
N VAL B 771 36.32 -17.44 8.25
CA VAL B 771 37.10 -16.34 7.65
C VAL B 771 38.28 -16.00 8.56
N LEU B 772 38.12 -16.17 9.89
CA LEU B 772 39.20 -15.94 10.85
C LEU B 772 40.33 -16.97 10.64
N LEU B 773 39.99 -18.27 10.45
CA LEU B 773 40.98 -19.35 10.22
C LEU B 773 41.65 -19.18 8.86
N ILE B 774 40.94 -18.60 7.87
CA ILE B 774 41.52 -18.30 6.56
C ILE B 774 42.59 -17.21 6.73
N MET B 775 42.26 -16.12 7.47
CA MET B 775 43.21 -15.02 7.74
C MET B 775 44.43 -15.50 8.55
N ALA B 776 44.22 -16.39 9.53
CA ALA B 776 45.28 -16.93 10.38
C ALA B 776 46.04 -18.06 9.67
N GLU B 777 45.47 -18.60 8.56
CA GLU B 777 46.05 -19.72 7.80
C GLU B 777 46.20 -20.96 8.71
N GLU B 778 45.12 -21.26 9.45
CA GLU B 778 45.07 -22.38 10.38
C GLU B 778 44.12 -23.46 9.81
N TYR B 779 44.72 -24.51 9.23
CA TYR B 779 44.02 -25.64 8.62
C TYR B 779 44.46 -26.93 9.32
N ALA B 780 43.50 -27.76 9.73
CA ALA B 780 43.77 -29.04 10.40
C ALA B 780 44.19 -30.07 9.37
N SER B 781 45.35 -30.74 9.57
CA SER B 781 45.83 -31.72 8.61
C SER B 781 45.83 -33.13 9.15
N TRP B 782 45.16 -34.01 8.40
CA TRP B 782 44.97 -35.43 8.66
C TRP B 782 45.84 -36.31 7.74
N SER B 783 47.06 -35.80 7.37
CA SER B 783 48.05 -36.45 6.51
C SER B 783 49.44 -36.46 7.17
N GLU C 1 10.76 -54.10 40.66
CA GLU C 1 11.41 -54.20 39.35
C GLU C 1 11.15 -55.57 38.71
N THR C 2 10.46 -55.54 37.56
CA THR C 2 10.09 -56.75 36.82
C THR C 2 11.11 -57.16 35.74
N GLY C 3 11.90 -56.21 35.26
CA GLY C 3 12.83 -56.47 34.17
C GLY C 3 12.19 -56.23 32.82
N TRP C 4 13.00 -56.21 31.76
CA TRP C 4 12.61 -55.88 30.38
C TRP C 4 11.46 -56.66 29.76
N VAL C 5 11.28 -57.95 30.12
CA VAL C 5 10.23 -58.78 29.52
C VAL C 5 8.84 -58.19 29.83
N LEU C 6 8.50 -58.06 31.13
CA LEU C 6 7.22 -57.46 31.54
C LEU C 6 7.13 -55.95 31.25
N ALA C 7 8.23 -55.21 31.47
CA ALA C 7 8.29 -53.77 31.24
C ALA C 7 7.98 -53.43 29.76
N TRP C 8 8.57 -54.20 28.79
CA TRP C 8 8.32 -53.97 27.36
C TRP C 8 6.87 -54.27 26.95
N LEU C 9 6.24 -55.31 27.55
CA LEU C 9 4.83 -55.68 27.33
C LEU C 9 3.96 -54.56 27.87
N ARG C 10 4.31 -54.05 29.08
CA ARG C 10 3.53 -53.00 29.73
C ARG C 10 3.49 -51.72 28.93
N VAL C 11 4.65 -51.20 28.49
CA VAL C 11 4.79 -49.96 27.72
C VAL C 11 4.08 -50.06 26.35
N ARG C 12 4.21 -51.24 25.67
CA ARG C 12 3.56 -51.54 24.39
C ARG C 12 2.02 -51.51 24.50
N ARG C 13 1.43 -52.21 25.46
CA ARG C 13 -0.03 -52.16 25.63
C ARG C 13 -0.55 -50.75 25.96
N ALA C 14 0.24 -49.97 26.72
CA ALA C 14 -0.19 -48.63 27.15
C ALA C 14 -0.30 -47.64 26.01
N LEU C 15 0.54 -47.78 24.97
CA LEU C 15 0.60 -46.86 23.84
C LEU C 15 0.02 -47.42 22.52
N THR C 16 -0.70 -48.53 22.60
CA THR C 16 -1.32 -49.19 21.44
C THR C 16 -2.86 -49.08 21.56
N LEU C 17 -3.58 -48.85 20.43
CA LEU C 17 -5.05 -48.80 20.42
C LEU C 17 -5.57 -50.20 20.69
N HIS C 18 -6.73 -50.30 21.37
CA HIS C 18 -7.32 -51.60 21.71
C HIS C 18 -7.58 -52.43 20.44
N PRO C 19 -7.24 -53.74 20.43
CA PRO C 19 -7.44 -54.55 19.20
C PRO C 19 -8.89 -54.92 18.84
N ALA C 20 -9.87 -54.69 19.74
CA ALA C 20 -11.29 -55.04 19.52
C ALA C 20 -11.91 -54.31 18.30
N PRO C 21 -12.95 -54.88 17.64
CA PRO C 21 -13.57 -54.16 16.50
C PRO C 21 -14.05 -52.74 16.86
N SER C 22 -14.01 -51.82 15.89
CA SER C 22 -14.43 -50.43 16.08
C SER C 22 -15.94 -50.36 16.35
N ALA C 23 -16.36 -49.42 17.20
CA ALA C 23 -17.78 -49.21 17.52
C ALA C 23 -18.44 -48.37 16.40
N LEU C 24 -17.62 -47.77 15.52
CA LEU C 24 -18.05 -46.96 14.38
C LEU C 24 -17.79 -47.63 13.04
N PRO C 25 -18.63 -47.37 12.00
CA PRO C 25 -18.33 -47.89 10.66
C PRO C 25 -16.96 -47.45 10.09
N PRO C 26 -16.39 -48.21 9.11
CA PRO C 26 -15.04 -47.91 8.58
C PRO C 26 -14.63 -46.45 8.30
N ASP C 27 -15.40 -45.71 7.49
CA ASP C 27 -15.11 -44.32 7.15
C ASP C 27 -16.34 -43.49 7.59
N SER C 28 -16.69 -43.60 8.89
CA SER C 28 -17.86 -43.02 9.52
C SER C 28 -18.07 -41.49 9.29
N SER C 29 -16.99 -40.69 9.17
CA SER C 29 -17.16 -39.24 9.00
C SER C 29 -17.13 -38.74 7.54
N SER C 30 -16.87 -39.63 6.56
CA SER C 30 -16.82 -39.22 5.14
C SER C 30 -18.20 -38.70 4.63
N PRO C 31 -18.25 -37.71 3.69
CA PRO C 31 -19.55 -37.24 3.18
C PRO C 31 -20.40 -38.36 2.53
N ALA C 32 -19.76 -39.45 2.07
CA ALA C 32 -20.45 -40.59 1.46
C ALA C 32 -21.29 -41.34 2.51
N VAL C 33 -20.77 -41.44 3.74
CA VAL C 33 -21.40 -42.13 4.86
C VAL C 33 -22.31 -41.18 5.68
N ALA C 34 -21.77 -40.04 6.15
CA ALA C 34 -22.54 -39.09 6.97
C ALA C 34 -22.60 -37.68 6.33
N PRO C 35 -23.38 -37.49 5.22
CA PRO C 35 -23.45 -36.16 4.58
C PRO C 35 -24.00 -35.04 5.44
N GLU C 36 -25.00 -35.34 6.28
CA GLU C 36 -25.66 -34.34 7.13
C GLU C 36 -24.75 -33.73 8.21
N LEU C 37 -23.72 -34.46 8.64
CA LEU C 37 -22.81 -34.00 9.68
C LEU C 37 -21.40 -33.59 9.21
N PHE C 38 -21.10 -33.65 7.89
CA PHE C 38 -19.74 -33.32 7.42
C PHE C 38 -19.29 -31.91 7.80
N TRP C 39 -20.14 -30.91 7.58
CA TRP C 39 -19.89 -29.52 7.97
C TRP C 39 -20.62 -29.25 9.30
N GLY C 40 -20.10 -28.31 10.06
CA GLY C 40 -20.73 -27.88 11.32
C GLY C 40 -19.91 -26.87 12.09
N THR C 41 -20.50 -26.30 13.15
CA THR C 41 -19.85 -25.35 14.07
C THR C 41 -18.99 -26.16 15.08
N TYR C 42 -17.99 -26.88 14.56
CA TYR C 42 -17.18 -27.83 15.32
C TYR C 42 -15.87 -27.26 15.91
N ARG C 43 -15.82 -25.94 16.11
CA ARG C 43 -14.70 -25.22 16.70
C ARG C 43 -15.31 -24.43 17.88
N PRO C 44 -15.57 -25.09 19.04
CA PRO C 44 -16.30 -24.42 20.14
C PRO C 44 -15.65 -23.19 20.80
N HIS C 45 -14.32 -23.12 20.83
CA HIS C 45 -13.58 -22.02 21.49
C HIS C 45 -13.50 -20.72 20.61
N VAL C 46 -14.07 -20.74 19.41
CA VAL C 46 -14.14 -19.53 18.53
C VAL C 46 -15.60 -19.03 18.57
N TYR C 47 -15.86 -17.70 18.69
CA TYR C 47 -17.22 -17.17 18.75
C TYR C 47 -18.14 -17.72 17.67
N PHE C 48 -17.68 -17.69 16.41
CA PHE C 48 -18.46 -18.12 15.24
C PHE C 48 -17.52 -18.59 14.14
N GLY C 49 -17.68 -19.85 13.70
CA GLY C 49 -16.90 -20.49 12.65
C GLY C 49 -17.35 -21.90 12.29
N MET C 50 -16.78 -22.49 11.23
CA MET C 50 -17.13 -23.86 10.79
C MET C 50 -15.89 -24.64 10.37
N LYS C 51 -16.02 -25.98 10.28
CA LYS C 51 -15.00 -26.90 9.80
C LYS C 51 -15.66 -28.20 9.36
N THR C 52 -14.88 -29.04 8.66
CA THR C 52 -15.28 -30.37 8.20
C THR C 52 -14.81 -31.45 9.21
N ARG C 53 -15.48 -32.63 9.23
CA ARG C 53 -15.15 -33.75 10.11
C ARG C 53 -14.04 -34.55 9.41
N SER C 54 -12.82 -34.04 9.51
CA SER C 54 -11.72 -34.63 8.77
C SER C 54 -10.35 -34.40 9.43
N PRO C 55 -9.34 -35.30 9.21
CA PRO C 55 -7.99 -35.03 9.73
C PRO C 55 -7.26 -33.87 9.00
N PRO C 57 -8.88 -30.76 7.59
CA PRO C 57 -10.10 -30.00 7.32
C PRO C 57 -9.96 -28.65 6.61
N LEU C 58 -11.09 -28.15 6.07
CA LEU C 58 -11.23 -26.79 5.55
C LEU C 58 -11.88 -26.04 6.73
N LEU C 59 -11.35 -24.86 7.07
CA LEU C 59 -11.83 -24.06 8.21
C LEU C 59 -12.24 -22.65 7.79
N THR C 60 -13.31 -22.12 8.41
CA THR C 60 -13.78 -20.75 8.20
C THR C 60 -14.07 -20.14 9.57
N GLY C 61 -14.01 -18.81 9.65
CA GLY C 61 -14.29 -18.13 10.90
C GLY C 61 -14.55 -16.67 10.77
N LEU C 62 -14.98 -16.08 11.89
CA LEU C 62 -15.29 -14.66 12.02
C LEU C 62 -14.42 -13.97 13.07
N MET C 63 -14.09 -12.71 12.83
CA MET C 63 -13.43 -11.80 13.77
C MET C 63 -14.19 -10.44 13.68
N TRP C 64 -14.10 -9.59 14.72
CA TRP C 64 -14.68 -8.26 14.72
C TRP C 64 -13.91 -7.31 15.61
N ALA C 65 -13.99 -6.01 15.31
CA ALA C 65 -13.33 -4.94 16.05
C ALA C 65 -14.10 -3.65 15.89
N GLN C 66 -14.45 -3.01 17.01
CA GLN C 66 -15.12 -1.72 17.00
C GLN C 66 -14.04 -0.66 16.84
N GLN C 67 -14.21 0.23 15.85
CA GLN C 67 -13.26 1.30 15.55
C GLN C 67 -13.53 2.56 16.38
N GLY C 68 -12.46 3.30 16.69
CA GLY C 68 -12.55 4.52 17.49
C GLY C 68 -12.12 4.35 18.94
N ALA C 69 -11.18 3.41 19.18
CA ALA C 69 -10.62 3.11 20.50
C ALA C 69 -9.48 4.11 20.80
N THR C 70 -8.95 4.10 22.04
CA THR C 70 -7.83 4.97 22.43
C THR C 70 -6.64 4.78 21.46
N PRO C 71 -6.08 5.86 20.87
CA PRO C 71 -4.95 5.69 19.93
C PRO C 71 -3.65 5.22 20.60
N GLY C 72 -2.81 4.49 19.87
CA GLY C 72 -1.56 3.90 20.36
C GLY C 72 -1.78 2.54 21.01
N THR C 73 -3.04 2.29 21.38
CA THR C 73 -3.55 1.05 21.94
C THR C 73 -4.34 0.46 20.77
N PRO C 74 -4.07 -0.78 20.37
CA PRO C 74 -4.80 -1.33 19.21
C PRO C 74 -6.26 -1.65 19.56
N PRO C 75 -7.22 -1.51 18.59
CA PRO C 75 -8.61 -1.90 18.90
C PRO C 75 -8.71 -3.37 19.29
N LEU C 77 -9.67 -6.83 19.02
CA LEU C 77 -10.07 -7.78 18.00
C LEU C 77 -10.63 -9.03 18.71
N ARG C 78 -11.87 -9.38 18.44
CA ARG C 78 -12.51 -10.56 19.02
C ARG C 78 -12.42 -11.72 18.04
N HIS C 79 -12.08 -12.92 18.55
CA HIS C 79 -11.98 -14.12 17.71
C HIS C 79 -12.30 -15.38 18.54
N THR C 80 -11.53 -15.63 19.61
CA THR C 80 -11.76 -16.77 20.52
C THR C 80 -12.50 -16.36 21.81
N CYS C 81 -13.21 -17.29 22.41
CA CYS C 81 -14.01 -17.03 23.61
C CYS C 81 -13.16 -16.90 24.90
N GLU C 82 -12.43 -15.77 25.06
CA GLU C 82 -11.57 -15.53 26.23
C GLU C 82 -12.45 -14.93 27.33
N GLN C 83 -12.49 -15.54 28.53
CA GLN C 83 -13.40 -15.13 29.61
C GLN C 83 -13.21 -13.69 30.16
N GLY C 84 -12.00 -13.12 30.08
CA GLY C 84 -11.77 -11.76 30.57
C GLY C 84 -11.58 -10.69 29.51
N ASP C 85 -12.09 -10.92 28.28
CA ASP C 85 -11.95 -10.00 27.14
C ASP C 85 -12.98 -8.84 27.11
N GLY C 86 -13.98 -8.85 28.00
CA GLY C 86 -14.98 -7.79 28.07
C GLY C 86 -16.27 -8.04 27.31
N VAL C 87 -16.34 -9.15 26.55
CA VAL C 87 -17.54 -9.51 25.79
C VAL C 87 -18.49 -10.22 26.78
N GLY C 88 -19.79 -10.14 26.48
CA GLY C 88 -20.78 -10.90 27.22
C GLY C 88 -21.98 -10.11 27.66
N PRO C 89 -23.16 -10.79 27.85
CA PRO C 89 -23.46 -12.20 27.56
C PRO C 89 -23.55 -12.55 26.08
N TYR C 90 -23.36 -13.84 25.80
CA TYR C 90 -23.42 -14.41 24.47
C TYR C 90 -23.84 -15.87 24.58
N GLY C 91 -24.42 -16.39 23.50
CA GLY C 91 -24.77 -17.80 23.47
C GLY C 91 -25.72 -18.16 22.36
N TRP C 92 -25.90 -19.46 22.13
CA TRP C 92 -26.86 -19.95 21.13
C TRP C 92 -28.28 -19.85 21.69
N GLU C 93 -29.19 -19.24 20.91
CA GLU C 93 -30.62 -19.13 21.24
C GLU C 93 -31.30 -20.38 20.64
N PHE C 94 -30.91 -20.70 19.39
CA PHE C 94 -31.33 -21.88 18.64
C PHE C 94 -30.10 -22.52 18.04
N HIS C 95 -30.07 -23.85 18.04
CA HIS C 95 -29.08 -24.73 17.44
C HIS C 95 -29.63 -26.14 17.55
N ASP C 96 -29.87 -26.80 16.39
CA ASP C 96 -30.42 -28.16 16.34
C ASP C 96 -29.34 -29.24 16.17
N GLY C 97 -28.07 -28.82 16.13
CA GLY C 97 -26.91 -29.70 15.97
C GLY C 97 -26.73 -30.27 14.57
N ARG C 98 -27.53 -29.80 13.60
CA ARG C 98 -27.53 -30.37 12.26
C ARG C 98 -27.76 -29.43 11.09
N THR C 99 -28.78 -28.58 11.15
CA THR C 99 -29.16 -27.77 9.99
C THR C 99 -29.08 -26.25 10.16
N PHE C 100 -29.29 -25.72 11.38
CA PHE C 100 -29.32 -24.27 11.57
C PHE C 100 -28.96 -23.85 12.98
N GLY C 101 -28.69 -22.55 13.12
CA GLY C 101 -28.40 -21.94 14.41
C GLY C 101 -28.49 -20.43 14.41
N ARG C 102 -28.84 -19.86 15.57
CA ARG C 102 -28.90 -18.42 15.83
C ARG C 102 -28.25 -18.13 17.20
N GLN C 103 -27.23 -17.24 17.20
CA GLN C 103 -26.50 -16.81 18.40
C GLN C 103 -26.49 -15.30 18.53
N HIS C 104 -26.55 -14.82 19.79
CA HIS C 104 -26.47 -13.38 20.07
C HIS C 104 -25.18 -13.10 20.85
N ILE C 105 -24.51 -11.97 20.54
CA ILE C 105 -23.26 -11.58 21.21
C ILE C 105 -23.37 -10.13 21.65
N HIS C 106 -23.30 -9.89 22.97
CA HIS C 106 -23.35 -8.53 23.50
C HIS C 106 -21.92 -8.07 23.77
N ASP C 107 -21.51 -6.96 23.16
CA ASP C 107 -20.13 -6.46 23.32
C ASP C 107 -20.12 -4.97 23.51
N GLY C 108 -20.23 -4.56 24.77
CA GLY C 108 -20.30 -3.14 25.13
C GLY C 108 -21.48 -2.45 24.47
N ALA C 109 -21.19 -1.46 23.59
CA ALA C 109 -22.19 -0.68 22.85
C ALA C 109 -22.83 -1.40 21.64
N LEU C 110 -22.33 -2.62 21.29
CA LEU C 110 -22.82 -3.39 20.15
C LEU C 110 -23.59 -4.64 20.54
N ARG C 111 -24.47 -5.08 19.63
CA ARG C 111 -25.17 -6.36 19.69
C ARG C 111 -24.97 -7.05 18.33
N LEU C 112 -24.33 -8.22 18.34
CA LEU C 112 -24.09 -9.03 17.15
C LEU C 112 -25.03 -10.25 17.10
N THR C 113 -25.55 -10.59 15.91
CA THR C 113 -26.37 -11.77 15.66
C THR C 113 -25.70 -12.58 14.57
N THR C 114 -25.32 -13.84 14.90
CA THR C 114 -24.61 -14.73 13.98
C THR C 114 -25.50 -15.94 13.71
N GLU C 115 -26.03 -16.05 12.48
CA GLU C 115 -26.95 -17.14 12.10
C GLU C 115 -26.39 -17.94 10.92
N PHE C 116 -26.76 -19.24 10.83
CA PHE C 116 -26.35 -20.13 9.73
C PHE C 116 -27.47 -21.10 9.36
N VAL C 117 -27.48 -21.54 8.10
CA VAL C 117 -28.40 -22.54 7.54
C VAL C 117 -27.54 -23.43 6.63
N LYS C 118 -27.67 -24.77 6.79
CA LYS C 118 -26.97 -25.75 5.95
C LYS C 118 -27.99 -26.33 4.97
N ARG C 119 -27.60 -26.43 3.70
CA ARG C 119 -28.48 -26.97 2.68
C ARG C 119 -27.83 -28.21 2.04
N PRO C 120 -28.46 -29.41 2.16
CA PRO C 120 -27.87 -30.61 1.56
C PRO C 120 -27.92 -30.59 0.02
N GLY C 121 -27.08 -31.41 -0.59
CA GLY C 121 -26.96 -31.51 -2.05
C GLY C 121 -25.57 -31.95 -2.43
N GLY C 122 -25.48 -32.61 -3.59
CA GLY C 122 -24.20 -33.10 -4.10
C GLY C 122 -23.71 -34.34 -3.39
N GLN C 123 -22.38 -34.57 -3.44
CA GLN C 123 -21.75 -35.76 -2.85
C GLN C 123 -20.67 -35.41 -1.80
N HIS C 124 -20.50 -34.10 -1.49
CA HIS C 124 -19.42 -33.60 -0.62
C HIS C 124 -19.87 -32.87 0.66
N GLY C 125 -21.10 -33.10 1.11
CA GLY C 125 -21.59 -32.51 2.36
C GLY C 125 -22.49 -31.28 2.26
N GLY C 126 -22.83 -30.89 1.03
CA GLY C 126 -23.72 -29.75 0.76
C GLY C 126 -23.15 -28.35 0.88
N ASP C 127 -24.07 -27.37 1.01
CA ASP C 127 -23.80 -25.94 1.10
C ASP C 127 -24.15 -25.37 2.47
N TRP C 128 -23.72 -24.11 2.72
CA TRP C 128 -24.04 -23.32 3.91
C TRP C 128 -23.93 -21.83 3.65
N SER C 129 -24.69 -21.03 4.43
CA SER C 129 -24.69 -19.57 4.36
C SER C 129 -24.73 -18.99 5.77
N TRP C 130 -24.00 -17.90 5.98
CA TRP C 130 -23.97 -17.19 7.25
C TRP C 130 -24.56 -15.79 7.05
N ARG C 131 -25.22 -15.26 8.11
CA ARG C 131 -25.67 -13.89 8.16
C ARG C 131 -25.17 -13.32 9.50
N VAL C 132 -24.41 -12.22 9.45
CA VAL C 132 -23.89 -11.51 10.63
C VAL C 132 -24.51 -10.11 10.63
N THR C 133 -25.28 -9.80 11.68
CA THR C 133 -25.98 -8.51 11.85
C THR C 133 -25.33 -7.74 13.00
N VAL C 134 -25.05 -6.45 12.77
CA VAL C 134 -24.42 -5.57 13.76
C VAL C 134 -25.40 -4.43 14.04
N GLU C 135 -25.86 -4.30 15.28
CA GLU C 135 -26.76 -3.23 15.65
C GLU C 135 -26.25 -2.51 16.90
N PRO C 136 -26.57 -1.20 17.08
CA PRO C 136 -26.20 -0.53 18.33
C PRO C 136 -27.12 -0.99 19.48
N GLN C 137 -26.60 -0.97 20.72
CA GLN C 137 -27.35 -1.35 21.91
C GLN C 137 -28.42 -0.27 22.18
N ALA C 138 -29.68 -0.71 22.36
CA ALA C 138 -30.83 0.17 22.61
C ALA C 138 -30.61 1.09 23.81
N SER C 139 -30.43 2.40 23.53
CA SER C 139 -30.13 3.43 24.53
C SER C 139 -30.83 4.77 24.27
N GLY C 140 -30.79 5.65 25.27
CA GLY C 140 -31.41 6.98 25.24
C GLY C 140 -30.87 7.95 24.20
N THR C 141 -29.53 7.92 23.96
CA THR C 141 -28.83 8.78 22.99
C THR C 141 -28.53 8.04 21.66
N PRO C 142 -28.63 8.71 20.49
CA PRO C 142 -28.34 8.03 19.20
C PRO C 142 -26.89 7.60 19.05
N SER C 143 -26.66 6.35 18.59
CA SER C 143 -25.32 5.81 18.37
C SER C 143 -25.22 5.03 17.06
N PHE C 144 -24.19 5.34 16.27
CA PHE C 144 -23.90 4.67 15.00
C PHE C 144 -22.41 4.35 15.02
N PRO C 145 -22.05 3.23 15.71
CA PRO C 145 -20.63 2.90 15.81
C PRO C 145 -20.08 2.31 14.52
N LEU C 146 -18.83 2.68 14.22
CA LEU C 146 -18.11 2.18 13.06
C LEU C 146 -17.51 0.82 13.47
N VAL C 147 -17.83 -0.22 12.71
CA VAL C 147 -17.42 -1.59 12.99
C VAL C 147 -16.76 -2.27 11.76
N SER C 148 -15.69 -3.02 12.02
CA SER C 148 -15.02 -3.89 11.05
C SER C 148 -15.37 -5.35 11.38
N LEU C 149 -15.83 -6.12 10.36
CA LEU C 149 -16.08 -7.57 10.45
C LEU C 149 -15.03 -8.27 9.57
N PHE C 150 -14.50 -9.42 10.02
CA PHE C 150 -13.48 -10.18 9.27
C PHE C 150 -13.99 -11.59 9.02
N PHE C 151 -13.90 -12.07 7.78
CA PHE C 151 -14.36 -13.40 7.38
C PHE C 151 -13.17 -14.10 6.76
N TYR C 152 -12.75 -15.24 7.33
CA TYR C 152 -11.56 -15.94 6.87
C TYR C 152 -11.81 -17.40 6.48
N VAL C 153 -10.82 -17.98 5.77
CA VAL C 153 -10.77 -19.38 5.34
C VAL C 153 -9.31 -19.85 5.50
N VAL C 154 -9.14 -21.09 5.99
CA VAL C 154 -7.84 -21.76 6.17
C VAL C 154 -7.92 -23.11 5.44
N THR C 155 -6.97 -23.35 4.51
CA THR C 155 -6.87 -24.61 3.78
C THR C 155 -5.81 -25.48 4.46
N ASP C 156 -5.61 -26.71 3.94
CA ASP C 156 -4.66 -27.70 4.44
C ASP C 156 -3.56 -28.04 3.39
N GLY C 157 -2.33 -28.22 3.88
CA GLY C 157 -1.17 -28.63 3.11
C GLY C 157 -0.87 -27.86 1.84
N GLN C 158 -0.99 -28.55 0.70
CA GLN C 158 -0.70 -28.00 -0.63
C GLN C 158 -1.91 -27.35 -1.31
N GLU C 159 -3.08 -27.28 -0.64
CA GLU C 159 -4.29 -26.71 -1.23
C GLU C 159 -4.20 -25.20 -1.38
N VAL C 160 -4.60 -24.71 -2.56
CA VAL C 160 -4.50 -23.29 -2.92
C VAL C 160 -5.88 -22.67 -3.18
N LEU C 161 -5.97 -21.34 -3.02
CA LEU C 161 -7.19 -20.58 -3.24
C LEU C 161 -7.05 -19.73 -4.51
N LEU C 162 -8.09 -19.73 -5.36
CA LEU C 162 -8.13 -18.98 -6.60
C LEU C 162 -9.09 -17.78 -6.52
N PRO C 163 -8.54 -16.56 -6.32
CA PRO C 163 -9.40 -15.36 -6.22
C PRO C 163 -10.04 -14.92 -7.52
N GLU C 164 -11.29 -14.41 -7.44
CA GLU C 164 -12.08 -13.83 -8.53
C GLU C 164 -12.23 -12.32 -8.25
N ILE C 165 -11.77 -11.48 -9.16
CA ILE C 165 -11.79 -10.02 -9.00
C ILE C 165 -12.84 -9.34 -9.91
N GLN C 170 -10.78 -5.37 -6.67
CA GLN C 170 -12.00 -5.72 -5.94
C GLN C 170 -12.23 -7.25 -5.90
N LEU C 171 -12.43 -7.84 -4.70
CA LEU C 171 -12.55 -9.29 -4.48
C LEU C 171 -14.01 -9.82 -4.45
N SER C 173 -15.17 -13.27 -5.24
CA SER C 173 -15.29 -14.60 -4.66
C SER C 173 -13.95 -15.32 -4.63
N ILE C 174 -13.93 -16.53 -4.03
CA ILE C 174 -12.75 -17.39 -3.94
C ILE C 174 -13.19 -18.80 -4.31
N SER C 175 -12.46 -19.44 -5.25
CA SER C 175 -12.72 -20.83 -5.61
C SER C 175 -11.58 -21.73 -5.09
N GLY C 176 -11.91 -22.99 -4.83
CA GLY C 176 -10.94 -23.97 -4.34
C GLY C 176 -11.26 -25.39 -4.73
N HIS C 177 -10.37 -26.31 -4.36
CA HIS C 177 -10.52 -27.75 -4.59
C HIS C 177 -9.75 -28.53 -3.54
N THR C 178 -10.41 -29.56 -2.97
CA THR C 178 -9.83 -30.51 -2.02
C THR C 178 -10.31 -31.90 -2.42
N SER C 179 -9.60 -32.95 -1.98
CA SER C 179 -9.95 -34.34 -2.25
C SER C 179 -11.32 -34.68 -1.66
N GLU C 180 -11.60 -34.16 -0.44
CA GLU C 180 -12.85 -34.42 0.25
C GLU C 180 -14.03 -33.56 -0.16
N LEU C 181 -13.80 -32.30 -0.56
CA LEU C 181 -14.88 -31.39 -0.91
C LEU C 181 -15.11 -31.23 -2.41
N GLY C 182 -14.13 -31.63 -3.22
CA GLY C 182 -14.17 -31.41 -4.66
C GLY C 182 -14.05 -29.92 -4.93
N ASP C 183 -14.73 -29.43 -5.97
CA ASP C 183 -14.73 -28.00 -6.30
C ASP C 183 -15.73 -27.23 -5.41
N PHE C 184 -15.33 -26.03 -4.95
CA PHE C 184 -16.20 -25.19 -4.11
C PHE C 184 -15.95 -23.68 -4.32
N ARG C 185 -16.91 -22.85 -3.88
CA ARG C 185 -16.81 -21.40 -3.95
C ARG C 185 -17.26 -20.74 -2.65
N LEU C 186 -16.52 -19.69 -2.22
CA LEU C 186 -16.82 -18.85 -1.05
C LEU C 186 -17.05 -17.41 -1.54
N THR C 187 -18.18 -16.76 -1.15
CA THR C 187 -18.52 -15.39 -1.57
C THR C 187 -18.94 -14.50 -0.40
N LEU C 188 -18.30 -13.34 -0.27
CA LEU C 188 -18.68 -12.34 0.73
C LEU C 188 -19.54 -11.32 -0.01
N LEU C 189 -20.85 -11.30 0.30
CA LEU C 189 -21.78 -10.40 -0.39
C LEU C 189 -21.79 -9.00 0.18
N PRO C 190 -22.08 -7.96 -0.66
CA PRO C 190 -22.13 -6.58 -0.13
C PRO C 190 -23.11 -6.37 1.03
N PRO C 191 -22.76 -5.53 2.01
CA PRO C 191 -23.67 -5.32 3.16
C PRO C 191 -24.97 -4.57 2.82
N THR C 192 -26.00 -4.79 3.65
CA THR C 192 -27.32 -4.18 3.55
C THR C 192 -27.73 -3.68 4.92
N SER C 193 -28.84 -2.92 5.02
CA SER C 193 -29.35 -2.59 6.34
C SER C 193 -30.19 -3.81 6.81
N PRO C 194 -30.32 -4.04 8.14
CA PRO C 194 -30.99 -5.26 8.62
C PRO C 194 -32.44 -5.38 8.20
N GLY C 195 -32.79 -6.53 7.61
CA GLY C 195 -34.13 -6.81 7.11
C GLY C 195 -34.49 -6.20 5.77
N ASP C 196 -33.48 -5.69 5.03
CA ASP C 196 -33.64 -5.06 3.70
C ASP C 196 -32.62 -5.68 2.72
N THR C 197 -32.88 -5.49 1.42
CA THR C 197 -32.07 -6.01 0.31
C THR C 197 -31.22 -4.91 -0.38
N VAL C 198 -31.45 -3.64 -0.01
CA VAL C 198 -30.76 -2.50 -0.61
C VAL C 198 -29.31 -2.40 -0.13
N PRO C 199 -28.33 -2.44 -1.08
CA PRO C 199 -26.92 -2.37 -0.68
C PRO C 199 -26.51 -1.06 -0.02
N LYS C 200 -25.63 -1.18 0.96
CA LYS C 200 -25.07 -0.12 1.78
C LYS C 200 -23.58 -0.08 1.49
N HIS C 201 -23.01 1.12 1.45
CA HIS C 201 -21.61 1.32 1.17
C HIS C 201 -20.67 0.80 2.28
N GLY C 202 -19.70 -0.01 1.89
CA GLY C 202 -18.68 -0.54 2.76
C GLY C 202 -17.28 -0.26 2.21
N SER C 203 -16.28 -0.37 3.10
CA SER C 203 -14.85 -0.20 2.82
C SER C 203 -14.21 -1.61 2.94
N TYR C 204 -13.32 -1.95 2.00
CA TYR C 204 -12.73 -3.30 1.94
C TYR C 204 -11.24 -3.35 2.04
N ASN C 205 -10.73 -4.31 2.83
CA ASN C 205 -9.32 -4.60 3.04
C ASN C 205 -9.17 -6.13 3.09
N VAL C 206 -8.00 -6.65 2.70
CA VAL C 206 -7.78 -8.10 2.63
C VAL C 206 -6.31 -8.49 2.87
N PHE C 207 -6.10 -9.63 3.53
CA PHE C 207 -4.79 -10.21 3.81
C PHE C 207 -4.77 -11.64 3.27
N TRP C 208 -3.66 -12.05 2.61
CA TRP C 208 -3.52 -13.38 2.03
C TRP C 208 -2.07 -13.87 2.09
N SER C 209 -1.82 -14.99 2.78
CA SER C 209 -0.50 -15.61 2.93
C SER C 209 -0.62 -17.09 3.41
N SER C 210 0.48 -17.69 3.90
CA SER C 210 0.44 -19.06 4.39
C SER C 210 -0.06 -19.11 5.81
N ASN C 211 -0.75 -20.20 6.11
CA ASN C 211 -1.30 -20.40 7.41
C ASN C 211 -0.22 -20.38 8.48
N PRO C 212 -0.28 -19.41 9.42
CA PRO C 212 0.73 -19.40 10.50
C PRO C 212 0.40 -20.38 11.64
N GLY C 213 -0.68 -21.15 11.49
CA GLY C 213 -1.18 -22.05 12.52
C GLY C 213 -2.40 -21.44 13.14
N LEU C 214 -3.40 -22.27 13.47
CA LEU C 214 -4.69 -21.81 14.01
C LEU C 214 -4.57 -21.06 15.36
N PRO C 215 -3.71 -21.40 16.35
CA PRO C 215 -3.65 -20.58 17.57
C PRO C 215 -2.91 -19.25 17.34
N GLN C 216 -2.30 -19.04 16.13
CA GLN C 216 -1.59 -17.80 15.75
C GLN C 216 -2.43 -16.77 14.94
N LEU C 217 -3.67 -17.13 14.49
CA LEU C 217 -4.47 -16.24 13.63
C LEU C 217 -4.77 -14.86 14.23
N THR C 218 -5.18 -14.79 15.52
CA THR C 218 -5.52 -13.50 16.15
C THR C 218 -4.32 -12.50 16.14
N ASP C 219 -3.12 -12.95 16.53
CA ASP C 219 -1.90 -12.13 16.58
C ASP C 219 -1.39 -11.71 15.21
N MET C 220 -1.51 -12.58 14.21
CA MET C 220 -1.14 -12.32 12.83
C MET C 220 -2.02 -11.16 12.29
N VAL C 221 -3.35 -11.20 12.57
CA VAL C 221 -4.30 -10.15 12.17
C VAL C 221 -3.96 -8.84 12.91
N LYS C 222 -3.77 -8.88 14.25
CA LYS C 222 -3.40 -7.71 15.06
C LYS C 222 -2.15 -7.00 14.53
N SER C 223 -1.14 -7.80 14.10
CA SER C 223 0.11 -7.27 13.57
C SER C 223 -0.07 -6.58 12.21
N ARG C 224 -1.02 -7.05 11.39
CA ARG C 224 -1.24 -6.50 10.06
C ARG C 224 -2.32 -5.39 10.00
N LEU C 225 -2.89 -4.96 11.16
CA LEU C 225 -3.83 -3.81 11.20
C LEU C 225 -2.95 -2.60 11.58
N ASN C 226 -1.99 -2.29 10.70
CA ASN C 226 -0.96 -1.30 10.96
C ASN C 226 -1.08 0.01 10.17
N SER C 227 -2.16 0.19 9.38
CA SER C 227 -2.28 1.44 8.61
C SER C 227 -3.71 2.01 8.55
N TRP C 228 -3.76 3.34 8.43
CA TRP C 228 -5.01 4.12 8.40
C TRP C 228 -5.61 4.23 7.02
N PHE C 229 -6.95 4.16 6.99
CA PHE C 229 -7.75 4.27 5.77
C PHE C 229 -8.94 5.17 6.05
N GLN C 230 -9.69 5.54 5.02
CA GLN C 230 -10.90 6.36 5.22
C GLN C 230 -12.12 5.70 4.63
N HIS C 231 -13.16 5.61 5.47
CA HIS C 231 -14.47 5.08 5.11
C HIS C 231 -15.30 6.29 4.65
N ARG C 232 -15.70 6.31 3.38
CA ARG C 232 -16.41 7.43 2.78
C ARG C 232 -17.86 7.10 2.33
N PRO C 233 -18.83 7.01 3.27
CA PRO C 233 -20.21 6.74 2.87
C PRO C 233 -20.90 7.97 2.25
N PRO C 234 -22.00 7.78 1.48
CA PRO C 234 -22.69 8.94 0.88
C PRO C 234 -23.43 9.81 1.89
N GLY C 235 -23.35 11.13 1.72
CA GLY C 235 -24.02 12.14 2.53
C GLY C 235 -23.62 12.23 3.99
N ALA C 236 -22.39 11.80 4.30
CA ALA C 236 -21.84 11.83 5.64
C ALA C 236 -20.36 12.24 5.61
N SER C 237 -19.85 12.70 6.76
CA SER C 237 -18.42 13.03 6.89
C SER C 237 -17.62 11.68 6.92
N PRO C 238 -16.40 11.62 6.36
CA PRO C 238 -15.63 10.37 6.39
C PRO C 238 -15.16 9.96 7.78
N ASP C 239 -14.84 8.68 7.96
CA ASP C 239 -14.32 8.13 9.21
C ASP C 239 -13.00 7.40 9.00
N ARG C 240 -12.02 7.68 9.85
CA ARG C 240 -10.76 6.94 9.76
C ARG C 240 -10.81 5.62 10.54
N TYR C 241 -10.17 4.59 9.99
CA TYR C 241 -10.11 3.26 10.60
C TYR C 241 -8.78 2.57 10.29
N LEU C 242 -8.45 1.56 11.13
CA LEU C 242 -7.28 0.69 11.00
C LEU C 242 -7.65 -0.54 10.20
N GLY C 243 -6.91 -0.77 9.13
CA GLY C 243 -7.14 -1.91 8.25
C GLY C 243 -5.91 -2.69 7.81
N LEU C 244 -6.21 -3.79 7.14
CA LEU C 244 -5.30 -4.71 6.47
C LEU C 244 -5.01 -4.07 5.09
N PRO C 245 -4.17 -4.65 4.18
CA PRO C 245 -3.95 -4.00 2.88
C PRO C 245 -5.24 -3.71 2.10
N GLY C 246 -5.25 -2.58 1.39
CA GLY C 246 -6.36 -2.10 0.58
C GLY C 246 -6.66 -2.90 -0.67
N SER C 247 -5.69 -3.70 -1.14
CA SER C 247 -5.83 -4.52 -2.34
C SER C 247 -5.20 -5.90 -2.11
N LEU C 248 -5.66 -6.90 -2.87
CA LEU C 248 -5.21 -8.27 -2.77
C LEU C 248 -3.80 -8.49 -3.34
N TRP C 250 -0.55 -11.63 -2.72
CA TRP C 250 -0.02 -12.79 -1.99
C TRP C 250 1.24 -12.37 -1.26
N GLU C 251 1.32 -12.69 0.05
CA GLU C 251 2.51 -12.40 0.85
C GLU C 251 3.32 -13.69 1.07
N GLU C 252 4.67 -13.60 1.05
CA GLU C 252 5.55 -14.76 1.28
C GLU C 252 5.51 -15.25 2.77
N SER C 256 6.24 -23.65 1.35
CA SER C 256 5.90 -24.04 2.71
C SER C 256 4.45 -24.50 2.77
N GLY C 257 4.29 -25.80 2.58
CA GLY C 257 3.00 -26.47 2.50
C GLY C 257 2.29 -26.72 3.81
N GLN C 258 1.84 -25.64 4.48
CA GLN C 258 1.08 -25.71 5.73
C GLN C 258 -0.33 -25.10 5.51
N GLY C 259 -0.77 -25.05 4.25
CA GLY C 259 -2.06 -24.47 3.85
C GLY C 259 -2.01 -22.96 3.68
N GLN C 260 -3.12 -22.38 3.17
CA GLN C 260 -3.27 -20.93 2.95
C GLN C 260 -4.25 -20.28 3.96
N PHE C 261 -4.06 -18.97 4.24
CA PHE C 261 -4.90 -18.15 5.12
C PHE C 261 -5.28 -16.87 4.36
N LEU C 262 -6.61 -16.64 4.16
CA LEU C 262 -7.14 -15.48 3.46
C LEU C 262 -8.28 -14.89 4.28
N ILE C 263 -8.09 -13.66 4.77
CA ILE C 263 -9.05 -12.95 5.61
C ILE C 263 -9.52 -11.65 4.94
N GLN C 264 -10.86 -11.49 4.80
CA GLN C 264 -11.53 -10.32 4.19
C GLN C 264 -12.15 -9.42 5.26
N GLN C 265 -11.80 -8.13 5.22
CA GLN C 265 -12.30 -7.13 6.16
C GLN C 265 -13.31 -6.20 5.48
N VAL C 266 -14.44 -5.96 6.17
CA VAL C 266 -15.51 -5.06 5.73
C VAL C 266 -15.81 -4.07 6.87
N THR C 267 -15.78 -2.75 6.58
CA THR C 267 -15.98 -1.69 7.58
C THR C 267 -17.07 -0.68 7.15
N LEU C 268 -17.99 -0.38 8.07
CA LEU C 268 -19.06 0.61 7.84
C LEU C 268 -19.76 0.93 9.19
N LYS C 269 -20.75 1.84 9.19
CA LYS C 269 -21.46 2.24 10.41
C LYS C 269 -22.64 1.33 10.64
N ALA C 270 -22.85 0.88 11.90
CA ALA C 270 -23.99 0.07 12.30
C ALA C 270 -25.26 0.94 12.21
N PRO C 271 -26.48 0.36 11.96
CA PRO C 271 -26.78 -1.06 11.77
C PRO C 271 -26.61 -1.59 10.34
N PHE C 272 -26.12 -2.85 10.22
CA PHE C 272 -25.95 -3.53 8.93
C PHE C 272 -25.96 -5.04 9.08
N SER C 273 -26.22 -5.75 7.96
CA SER C 273 -26.15 -7.21 7.80
C SER C 273 -25.19 -7.53 6.67
N VAL C 274 -24.45 -8.63 6.80
CA VAL C 274 -23.54 -9.11 5.76
C VAL C 274 -23.60 -10.66 5.70
N GLU C 275 -23.65 -11.20 4.46
CA GLU C 275 -23.74 -12.63 4.21
C GLU C 275 -22.46 -13.26 3.65
N PHE C 276 -22.07 -14.44 4.18
CA PHE C 276 -20.90 -15.23 3.75
C PHE C 276 -21.42 -16.61 3.34
N VAL C 277 -21.39 -16.87 2.02
CA VAL C 277 -21.96 -18.05 1.34
C VAL C 277 -20.93 -19.08 0.81
N PHE C 278 -21.15 -20.38 1.13
CA PHE C 278 -20.35 -21.53 0.66
C PHE C 278 -21.18 -22.35 -0.33
N GLU C 279 -20.64 -22.57 -1.54
CA GLU C 279 -21.34 -23.34 -2.58
C GLU C 279 -20.48 -24.49 -3.09
N SER C 280 -21.05 -25.71 -3.03
CA SER C 280 -20.44 -26.98 -3.44
C SER C 280 -20.68 -27.21 -4.92
N GLY C 281 -19.61 -27.54 -5.65
CA GLY C 281 -19.63 -27.82 -7.08
C GLY C 281 -20.56 -28.94 -7.48
N SER C 282 -20.57 -30.04 -6.69
CA SER C 282 -21.44 -31.20 -6.93
C SER C 282 -22.92 -30.91 -6.66
N ALA C 283 -23.20 -29.94 -5.75
CA ALA C 283 -24.56 -29.52 -5.39
C ALA C 283 -25.20 -28.58 -6.44
N ALA C 284 -24.39 -28.02 -7.38
CA ALA C 284 -24.82 -27.10 -8.44
C ALA C 284 -25.82 -27.68 -9.43
N THR C 285 -25.84 -28.99 -9.65
CA THR C 285 -26.80 -29.64 -10.58
C THR C 285 -28.24 -29.67 -10.02
N SER C 291 -32.45 -23.65 -9.11
CA SER C 291 -33.66 -23.38 -8.34
C SER C 291 -33.40 -22.89 -6.88
N GLY C 292 -33.18 -21.57 -6.76
CA GLY C 292 -32.97 -20.84 -5.52
C GLY C 292 -31.55 -20.77 -4.96
N ARG C 293 -31.04 -19.53 -4.73
CA ARG C 293 -29.73 -19.27 -4.08
C ARG C 293 -29.98 -18.85 -2.61
N LEU C 294 -29.21 -19.43 -1.66
CA LEU C 294 -29.37 -19.19 -0.22
C LEU C 294 -28.77 -17.85 0.23
N VAL C 295 -29.42 -16.76 -0.19
CA VAL C 295 -29.04 -15.37 0.08
C VAL C 295 -30.32 -14.56 0.26
N GLY C 296 -30.19 -13.35 0.80
CA GLY C 296 -31.26 -12.39 1.00
C GLY C 296 -32.59 -12.92 1.52
N SER C 297 -33.65 -12.71 0.74
CA SER C 297 -35.02 -13.11 1.09
C SER C 297 -35.19 -14.62 1.23
N GLN C 298 -34.51 -15.42 0.38
CA GLN C 298 -34.58 -16.87 0.50
C GLN C 298 -33.89 -17.41 1.78
N LEU C 299 -32.81 -16.72 2.22
CA LEU C 299 -32.10 -17.07 3.45
C LEU C 299 -32.98 -16.72 4.67
N THR C 300 -33.68 -15.57 4.62
CA THR C 300 -34.63 -15.11 5.65
C THR C 300 -35.76 -16.13 5.89
N GLN C 301 -36.35 -16.67 4.79
CA GLN C 301 -37.45 -17.65 4.91
C GLN C 301 -36.94 -18.99 5.38
N ALA C 302 -35.68 -19.36 5.03
CA ALA C 302 -35.09 -20.62 5.48
C ALA C 302 -34.91 -20.59 7.01
N LEU C 303 -34.40 -19.46 7.55
CA LEU C 303 -34.19 -19.24 8.98
C LEU C 303 -35.51 -19.31 9.76
N GLU C 304 -36.58 -18.60 9.27
CA GLU C 304 -37.90 -18.61 9.92
C GLU C 304 -38.57 -20.00 9.90
N SER C 305 -38.40 -20.75 8.79
CA SER C 305 -38.93 -22.10 8.62
C SER C 305 -38.23 -23.07 9.60
N HIS C 306 -36.89 -22.91 9.76
CA HIS C 306 -36.09 -23.73 10.65
C HIS C 306 -36.39 -23.46 12.13
N ALA C 307 -36.55 -22.16 12.51
CA ALA C 307 -36.88 -21.74 13.88
C ALA C 307 -38.27 -22.27 14.32
N ALA C 308 -39.25 -22.25 13.38
CA ALA C 308 -40.59 -22.74 13.64
C ALA C 308 -40.59 -24.27 13.82
N ALA C 309 -39.89 -24.99 12.91
CA ALA C 309 -39.74 -26.45 12.95
C ALA C 309 -39.03 -26.90 14.24
N PHE C 310 -38.03 -26.12 14.70
CA PHE C 310 -37.29 -26.37 15.94
C PHE C 310 -38.24 -26.33 17.16
N GLU C 312 -41.55 -26.65 17.24
CA GLU C 312 -42.49 -27.75 17.11
C GLU C 312 -41.86 -29.06 17.61
N ARG C 313 -40.62 -29.35 17.17
CA ARG C 313 -39.85 -30.53 17.55
C ARG C 313 -39.50 -30.51 19.05
N PHE C 314 -39.13 -29.33 19.61
CA PHE C 314 -38.78 -29.15 21.03
C PHE C 314 -39.95 -29.49 21.97
N GLU C 315 -41.19 -29.08 21.60
CA GLU C 315 -42.39 -29.34 22.37
C GLU C 315 -42.75 -30.82 22.34
N THR C 317 -40.70 -33.30 21.79
CA THR C 317 -39.61 -34.00 22.45
C THR C 317 -39.69 -33.89 23.98
N PHE C 318 -39.72 -32.66 24.53
CA PHE C 318 -39.64 -32.42 25.96
C PHE C 318 -40.97 -32.11 26.66
N GLN C 319 -42.04 -31.75 25.90
CA GLN C 319 -43.41 -31.50 26.38
C GLN C 319 -43.54 -30.50 27.56
N LEU C 320 -42.65 -29.49 27.60
CA LEU C 320 -42.64 -28.49 28.68
C LEU C 320 -43.94 -27.66 28.77
N GLU C 322 -46.98 -28.80 27.82
CA GLU C 322 -47.94 -29.79 28.29
C GLU C 322 -47.74 -30.10 29.78
N GLY C 324 -46.83 -28.03 32.04
CA GLY C 324 -47.12 -26.81 32.80
C GLY C 324 -45.97 -25.89 33.14
N LEU C 325 -44.85 -25.95 32.37
CA LEU C 325 -43.71 -25.04 32.57
C LEU C 325 -44.09 -23.66 32.02
N SER C 326 -43.62 -22.57 32.66
CA SER C 326 -43.89 -21.19 32.26
C SER C 326 -43.19 -20.86 30.92
N PRO C 327 -43.62 -19.80 30.17
CA PRO C 327 -42.90 -19.45 28.91
C PRO C 327 -41.41 -19.15 29.13
N GLU C 328 -41.08 -18.56 30.29
CA GLU C 328 -39.74 -18.21 30.72
C GLU C 328 -38.90 -19.49 30.98
N GLU C 329 -39.51 -20.52 31.60
CA GLU C 329 -38.86 -21.81 31.85
C GLU C 329 -38.65 -22.54 30.53
N GLN C 330 -39.62 -22.41 29.59
CA GLN C 330 -39.56 -23.00 28.24
C GLN C 330 -38.38 -22.37 27.45
N ALA C 331 -38.19 -21.03 27.60
CA ALA C 331 -37.11 -20.26 26.97
C ALA C 331 -35.75 -20.72 27.53
N LEU C 332 -35.68 -20.97 28.85
CA LEU C 332 -34.48 -21.50 29.53
C LEU C 332 -34.13 -22.89 28.97
N GLY C 333 -35.16 -23.74 28.82
CA GLY C 333 -35.01 -25.09 28.31
C GLY C 333 -34.39 -25.12 26.92
N GLN C 334 -34.93 -24.28 26.03
CA GLN C 334 -34.49 -24.11 24.64
C GLN C 334 -33.01 -23.73 24.54
N VAL C 335 -32.60 -22.75 25.35
CA VAL C 335 -31.25 -22.22 25.52
C VAL C 335 -30.26 -23.29 26.01
N ALA C 336 -30.64 -24.08 27.04
CA ALA C 336 -29.82 -25.14 27.61
C ALA C 336 -29.49 -26.18 26.54
N LEU C 337 -30.50 -26.55 25.72
CA LEU C 337 -30.22 -27.53 24.67
C LEU C 337 -29.39 -26.92 23.50
N SER C 338 -29.65 -25.66 23.14
CA SER C 338 -28.99 -24.97 22.02
C SER C 338 -27.53 -24.71 22.26
N GLY C 339 -27.17 -24.33 23.48
CA GLY C 339 -25.80 -24.09 23.89
C GLY C 339 -24.96 -25.35 23.92
N LEU C 340 -25.56 -26.49 24.33
CA LEU C 340 -24.89 -27.80 24.38
C LEU C 340 -24.61 -28.32 22.96
N LEU C 341 -25.64 -28.26 22.06
CA LEU C 341 -25.47 -28.69 20.66
C LEU C 341 -24.48 -27.76 19.92
N GLY C 342 -24.49 -26.46 20.26
CA GLY C 342 -23.57 -25.47 19.70
C GLY C 342 -22.12 -25.60 20.14
N GLY C 343 -21.87 -26.36 21.20
CA GLY C 343 -20.53 -26.60 21.73
C GLY C 343 -19.91 -27.93 21.34
N ILE C 344 -20.61 -28.72 20.48
CA ILE C 344 -20.08 -30.00 19.96
C ILE C 344 -18.92 -29.67 18.98
N GLY C 345 -17.77 -30.31 19.21
CA GLY C 345 -16.59 -30.10 18.38
C GLY C 345 -16.04 -31.36 17.76
N TYR C 346 -15.13 -31.18 16.79
CA TYR C 346 -14.42 -32.26 16.10
C TYR C 346 -12.93 -32.00 16.27
N PHE C 347 -12.20 -32.97 16.82
CA PHE C 347 -10.76 -32.86 17.11
C PHE C 347 -10.00 -34.05 16.51
N TYR C 348 -8.74 -33.85 16.14
CA TYR C 348 -7.87 -34.90 15.57
C TYR C 348 -6.42 -34.68 16.01
N GLY C 349 -5.73 -35.75 16.42
CA GLY C 349 -4.32 -35.66 16.80
C GLY C 349 -3.80 -36.73 17.75
N GLN C 350 -2.55 -36.53 18.19
CA GLN C 350 -1.83 -37.39 19.11
C GLN C 350 -1.80 -36.75 20.51
N GLY C 351 -2.35 -37.44 21.50
CA GLY C 351 -2.29 -36.98 22.89
C GLY C 351 -1.00 -37.43 23.54
N LEU C 352 -0.67 -36.83 24.71
CA LEU C 352 0.53 -37.19 25.48
C LEU C 352 0.11 -38.14 26.60
N VAL C 353 0.88 -39.22 26.78
CA VAL C 353 0.61 -40.28 27.75
C VAL C 353 1.83 -40.61 28.60
N LEU C 354 1.62 -40.85 29.90
CA LEU C 354 2.66 -41.32 30.80
C LEU C 354 2.32 -42.77 31.22
N PRO C 355 3.03 -43.82 30.69
CA PRO C 355 2.70 -45.20 31.10
C PRO C 355 2.88 -45.42 32.60
N ASP C 356 2.06 -46.29 33.19
CA ASP C 356 2.12 -46.59 34.59
C ASP C 356 3.33 -47.49 34.88
N THR C 357 4.24 -47.01 35.75
CA THR C 357 5.45 -47.72 36.17
C THR C 357 5.12 -48.86 37.15
N ASP C 367 9.32 -41.16 31.12
CA ASP C 367 9.10 -39.92 30.37
C ASP C 367 7.81 -39.92 29.51
N PRO C 368 7.29 -38.73 29.12
CA PRO C 368 6.06 -38.72 28.29
C PRO C 368 6.26 -39.31 26.90
N ALA C 369 5.20 -39.90 26.36
CA ALA C 369 5.16 -40.52 25.03
C ALA C 369 3.90 -40.08 24.26
N LEU C 370 3.94 -40.16 22.95
CA LEU C 370 2.77 -39.84 22.09
C LEU C 370 1.88 -41.08 21.91
N PHE C 371 0.57 -40.88 21.90
CA PHE C 371 -0.43 -41.93 21.67
C PHE C 371 -0.71 -41.98 20.12
N PRO C 372 -1.29 -43.04 19.50
CA PRO C 372 -1.58 -42.97 18.05
C PRO C 372 -2.57 -41.85 17.65
N PRO C 373 -2.51 -41.26 16.42
CA PRO C 373 -3.48 -40.21 16.05
C PRO C 373 -4.89 -40.77 15.97
N VAL C 374 -5.85 -40.03 16.51
CA VAL C 374 -7.27 -40.45 16.58
C VAL C 374 -8.25 -39.29 16.41
N PRO C 375 -9.45 -39.53 15.86
CA PRO C 375 -10.46 -38.47 15.85
C PRO C 375 -11.33 -38.47 17.12
N LEU C 376 -11.94 -37.32 17.43
CA LEU C 376 -12.89 -37.21 18.55
C LEU C 376 -14.02 -36.26 18.21
N PHE C 377 -15.26 -36.74 18.32
CA PHE C 377 -16.48 -35.98 18.09
C PHE C 377 -17.15 -35.92 19.45
N SER C 378 -17.21 -34.73 20.07
CA SER C 378 -17.65 -34.65 21.48
C SER C 378 -18.20 -33.27 21.90
N GLY C 379 -19.05 -33.26 22.93
CA GLY C 379 -19.50 -32.03 23.57
C GLY C 379 -18.35 -31.47 24.39
N VAL C 380 -18.37 -30.18 24.73
CA VAL C 380 -17.33 -29.56 25.56
C VAL C 380 -17.96 -28.95 26.82
N PRO C 381 -17.27 -28.94 27.99
CA PRO C 381 -17.89 -28.32 29.18
C PRO C 381 -18.12 -26.81 29.09
N SER C 382 -17.23 -26.05 28.45
CA SER C 382 -17.32 -24.58 28.33
C SER C 382 -16.67 -24.08 27.02
N ARG C 383 -17.27 -23.07 26.38
CA ARG C 383 -16.71 -22.45 25.16
C ARG C 383 -15.48 -21.61 25.57
N SER C 384 -15.43 -21.19 26.84
CA SER C 384 -14.32 -20.41 27.42
C SER C 384 -13.01 -21.21 27.57
N PHE C 385 -13.08 -22.55 27.54
CA PHE C 385 -11.97 -23.52 27.69
CA PHE C 385 -11.85 -23.32 27.69
C PHE C 385 -11.28 -23.85 26.36
N PHE C 386 -9.96 -24.20 26.37
CA PHE C 386 -9.27 -24.68 25.14
C PHE C 386 -10.04 -25.89 24.59
N PRO C 387 -10.25 -26.03 23.26
CA PRO C 387 -11.15 -27.08 22.76
C PRO C 387 -10.73 -28.53 23.14
N ARG C 388 -11.27 -29.02 24.31
CA ARG C 388 -10.92 -30.32 24.92
C ARG C 388 -12.10 -31.19 25.35
N GLY C 389 -11.92 -32.51 25.25
CA GLY C 389 -12.91 -33.47 25.72
C GLY C 389 -12.61 -33.90 27.14
N PHE C 390 -13.65 -34.04 27.99
CA PHE C 390 -13.50 -34.47 29.38
C PHE C 390 -14.44 -35.66 29.57
N LEU C 391 -13.85 -36.81 29.99
CA LEU C 391 -14.46 -38.11 30.11
C LEU C 391 -15.75 -38.17 30.99
N TRP C 392 -15.73 -37.76 32.28
CA TRP C 392 -16.97 -37.88 33.07
C TRP C 392 -18.01 -36.77 32.73
N ASP C 393 -17.58 -35.61 32.19
CA ASP C 393 -18.51 -34.56 31.76
C ASP C 393 -19.35 -35.07 30.59
N GLU C 394 -18.74 -35.79 29.62
CA GLU C 394 -19.39 -36.33 28.42
C GLU C 394 -20.59 -37.24 28.69
N GLY C 395 -20.54 -38.08 29.75
CA GLY C 395 -21.66 -38.91 30.14
C GLY C 395 -22.91 -38.09 30.45
N PHE C 396 -22.72 -36.95 31.17
CA PHE C 396 -23.80 -36.02 31.51
C PHE C 396 -24.30 -35.26 30.27
N HIS C 397 -23.37 -34.80 29.37
CA HIS C 397 -23.71 -34.11 28.12
C HIS C 397 -24.63 -34.97 27.22
N GLN C 398 -24.28 -36.27 27.08
CA GLN C 398 -24.99 -37.22 26.21
C GLN C 398 -26.36 -37.64 26.77
N LEU C 399 -26.63 -37.46 28.09
CA LEU C 399 -27.94 -37.74 28.66
C LEU C 399 -28.96 -36.77 28.04
N VAL C 400 -28.54 -35.51 27.80
CA VAL C 400 -29.37 -34.44 27.19
C VAL C 400 -29.45 -34.66 25.66
N VAL C 401 -28.30 -34.79 24.99
CA VAL C 401 -28.21 -34.99 23.52
C VAL C 401 -29.06 -36.18 23.02
N GLN C 402 -28.98 -37.36 23.67
CA GLN C 402 -29.68 -38.58 23.23
C GLN C 402 -31.21 -38.42 23.15
N ARG C 403 -31.81 -37.58 24.02
CA ARG C 403 -33.26 -37.31 24.00
C ARG C 403 -33.64 -36.51 22.71
N TRP C 404 -32.74 -35.62 22.24
CA TRP C 404 -32.96 -34.80 21.05
C TRP C 404 -32.58 -35.52 19.75
N ASP C 405 -31.40 -36.13 19.70
CA ASP C 405 -30.87 -36.81 18.50
C ASP C 405 -30.06 -38.06 18.88
N PRO C 406 -30.67 -39.27 18.82
CA PRO C 406 -29.92 -40.49 19.21
C PRO C 406 -28.69 -40.82 18.36
N HIS C 407 -28.72 -40.45 17.07
CA HIS C 407 -27.61 -40.66 16.15
C HIS C 407 -26.35 -39.87 16.58
N LEU C 408 -26.53 -38.63 17.10
CA LEU C 408 -25.42 -37.78 17.57
C LEU C 408 -24.70 -38.45 18.76
N THR C 409 -25.49 -39.09 19.65
CA THR C 409 -24.98 -39.82 20.81
C THR C 409 -24.14 -41.03 20.40
N ARG C 410 -24.62 -41.81 19.40
CA ARG C 410 -23.91 -42.99 18.88
C ARG C 410 -22.57 -42.55 18.28
N GLU C 411 -22.54 -41.40 17.54
CA GLU C 411 -21.34 -40.77 16.96
C GLU C 411 -20.32 -40.37 18.05
N ALA C 412 -20.76 -39.63 19.11
CA ALA C 412 -19.90 -39.24 20.24
C ALA C 412 -19.42 -40.43 21.10
N LEU C 413 -20.28 -41.42 21.39
CA LEU C 413 -19.85 -42.58 22.18
C LEU C 413 -18.90 -43.49 21.41
N GLY C 414 -19.17 -43.66 20.11
CA GLY C 414 -18.33 -44.45 19.20
C GLY C 414 -16.91 -43.89 19.11
N HIS C 415 -16.76 -42.55 19.10
CA HIS C 415 -15.46 -41.86 19.08
C HIS C 415 -14.73 -42.01 20.43
N TRP C 416 -15.43 -41.78 21.58
CA TRP C 416 -14.79 -41.95 22.91
C TRP C 416 -14.29 -43.38 23.11
N LEU C 417 -15.06 -44.39 22.65
CA LEU C 417 -14.65 -45.81 22.73
C LEU C 417 -13.47 -46.14 21.81
N GLY C 418 -13.23 -45.30 20.79
CA GLY C 418 -12.10 -45.43 19.88
C GLY C 418 -10.79 -44.95 20.49
N LEU C 419 -10.84 -44.35 21.70
CA LEU C 419 -9.67 -43.84 22.43
C LEU C 419 -9.00 -44.86 23.38
N LEU C 420 -9.60 -46.06 23.53
CA LEU C 420 -9.08 -47.10 24.43
C LEU C 420 -7.69 -47.61 24.04
N ASN C 421 -6.80 -47.77 25.02
CA ASN C 421 -5.51 -48.41 24.78
C ASN C 421 -5.73 -49.93 24.98
N ALA C 422 -4.72 -50.77 24.69
CA ALA C 422 -4.80 -52.24 24.82
C ALA C 422 -5.11 -52.75 26.25
N ASP C 423 -4.91 -51.90 27.30
CA ASP C 423 -5.25 -52.23 28.69
C ASP C 423 -6.71 -51.86 29.04
N GLY C 424 -7.33 -51.06 28.17
CA GLY C 424 -8.71 -50.59 28.37
C GLY C 424 -8.82 -49.22 29.04
N TRP C 425 -7.73 -48.43 29.06
CA TRP C 425 -7.72 -47.08 29.66
C TRP C 425 -8.08 -46.00 28.60
N ILE C 426 -8.79 -44.95 29.03
CA ILE C 426 -9.09 -43.75 28.24
C ILE C 426 -8.59 -42.54 29.06
N GLY C 427 -7.73 -41.69 28.47
CA GLY C 427 -7.28 -40.46 29.12
C GLY C 427 -8.46 -39.56 29.48
N ARG C 428 -8.49 -39.03 30.72
CA ARG C 428 -9.61 -38.26 31.28
C ARG C 428 -9.79 -36.89 30.61
N GLU C 429 -8.73 -36.32 30.04
CA GLU C 429 -8.76 -35.02 29.34
C GLU C 429 -8.11 -35.23 27.97
N GLN C 430 -8.90 -35.07 26.89
CA GLN C 430 -8.45 -35.28 25.51
C GLN C 430 -8.04 -34.00 24.84
N ILE C 431 -6.73 -33.80 24.67
CA ILE C 431 -6.09 -32.60 24.10
C ILE C 431 -5.53 -32.93 22.71
N LEU C 432 -6.40 -32.86 21.69
CA LEU C 432 -6.03 -33.29 20.33
C LEU C 432 -5.96 -32.18 19.31
N GLY C 433 -4.75 -31.94 18.81
CA GLY C 433 -4.47 -30.89 17.84
C GLY C 433 -3.97 -29.59 18.44
N ASP C 434 -3.46 -28.71 17.55
CA ASP C 434 -2.87 -27.40 17.84
C ASP C 434 -3.72 -26.44 18.71
N GLU C 435 -5.00 -26.23 18.37
CA GLU C 435 -5.85 -25.35 19.17
C GLU C 435 -6.10 -25.89 20.57
N ALA C 436 -6.24 -27.24 20.73
CA ALA C 436 -6.51 -27.87 22.04
C ALA C 436 -5.30 -27.73 22.96
N ARG C 437 -4.07 -27.85 22.38
CA ARG C 437 -2.80 -27.72 23.11
C ARG C 437 -2.57 -26.30 23.58
N ALA C 438 -3.04 -25.32 22.77
CA ALA C 438 -3.06 -23.87 23.04
C ALA C 438 -1.85 -23.30 23.79
N ARG C 439 -0.64 -23.56 23.28
CA ARG C 439 0.64 -23.04 23.78
C ARG C 439 0.98 -23.38 25.25
N VAL C 440 0.41 -24.47 25.80
CA VAL C 440 0.73 -24.92 27.15
C VAL C 440 1.94 -25.86 27.01
N PRO C 441 3.00 -25.74 27.86
CA PRO C 441 4.13 -26.69 27.75
C PRO C 441 3.69 -28.15 27.91
N PRO C 442 4.29 -29.08 27.13
CA PRO C 442 3.89 -30.50 27.19
C PRO C 442 3.83 -31.16 28.56
N GLU C 443 4.64 -30.66 29.52
CA GLU C 443 4.74 -31.16 30.90
C GLU C 443 3.38 -31.16 31.59
N PHE C 444 2.54 -30.16 31.24
CA PHE C 444 1.21 -29.96 31.82
C PHE C 444 0.08 -30.52 30.93
N LEU C 445 0.43 -31.18 29.82
CA LEU C 445 -0.55 -31.80 28.91
C LEU C 445 -0.66 -33.32 29.03
N VAL C 446 0.37 -33.97 29.61
CA VAL C 446 0.48 -35.43 29.70
C VAL C 446 -0.62 -36.08 30.63
N GLN C 447 -1.31 -37.10 30.06
CA GLN C 447 -2.33 -37.90 30.73
C GLN C 447 -1.67 -39.12 31.33
N ARG C 448 -2.04 -39.45 32.56
CA ARG C 448 -1.47 -40.58 33.25
C ARG C 448 -2.31 -41.83 33.09
N ALA C 449 -1.70 -42.87 32.47
CA ALA C 449 -2.30 -44.17 32.23
C ALA C 449 -2.78 -44.87 33.54
N ALA C 450 -2.24 -44.47 34.72
CA ALA C 450 -2.64 -45.06 36.01
C ALA C 450 -3.93 -44.44 36.56
N HIS C 451 -4.33 -43.26 36.02
CA HIS C 451 -5.44 -42.46 36.54
C HIS C 451 -6.77 -42.63 35.78
N ALA C 452 -7.87 -42.70 36.56
CA ALA C 452 -9.22 -42.91 36.06
C ALA C 452 -10.07 -41.63 36.07
N ASN C 453 -11.36 -41.79 35.81
CA ASN C 453 -12.42 -40.78 35.88
C ASN C 453 -13.74 -41.51 36.00
N PRO C 454 -14.79 -40.96 36.69
CA PRO C 454 -16.07 -41.68 36.80
C PRO C 454 -16.60 -42.19 35.44
N PRO C 455 -17.13 -43.43 35.39
CA PRO C 455 -17.62 -43.99 34.12
C PRO C 455 -19.05 -43.57 33.76
N THR C 456 -19.30 -42.26 33.70
CA THR C 456 -20.63 -41.70 33.39
C THR C 456 -21.09 -42.02 31.97
N LEU C 457 -20.18 -42.44 31.06
CA LEU C 457 -20.55 -42.85 29.69
C LEU C 457 -21.57 -44.00 29.72
N LEU C 458 -21.63 -44.76 30.86
CA LEU C 458 -22.55 -45.86 31.05
C LEU C 458 -23.99 -45.40 31.36
N LEU C 459 -24.18 -44.13 31.82
CA LEU C 459 -25.51 -43.56 32.10
C LEU C 459 -26.34 -43.42 30.81
N PRO C 460 -25.88 -42.80 29.67
CA PRO C 460 -26.71 -42.84 28.45
C PRO C 460 -26.95 -44.27 27.90
N VAL C 461 -26.06 -45.25 28.22
CA VAL C 461 -26.19 -46.66 27.82
C VAL C 461 -27.47 -47.28 28.42
N VAL C 462 -27.78 -46.97 29.71
CA VAL C 462 -28.99 -47.46 30.38
C VAL C 462 -30.26 -47.01 29.64
N HIS C 463 -30.28 -45.73 29.16
CA HIS C 463 -31.43 -45.20 28.43
C HIS C 463 -31.56 -45.87 27.08
N LEU C 465 -30.79 -48.89 26.49
CA LEU C 465 -31.36 -50.18 26.80
C LEU C 465 -32.87 -50.14 27.04
N GLU C 466 -33.38 -49.07 27.70
CA GLU C 466 -34.82 -48.86 27.97
C GLU C 466 -35.62 -48.69 26.68
N GLY C 467 -35.10 -47.88 25.76
CA GLY C 467 -35.76 -47.49 24.53
C GLY C 467 -35.98 -48.57 23.48
N HIS C 468 -35.16 -49.64 23.54
CA HIS C 468 -35.16 -50.79 22.61
C HIS C 468 -35.25 -50.41 21.10
N ASP C 469 -34.59 -49.28 20.72
CA ASP C 469 -34.54 -48.84 19.31
C ASP C 469 -33.53 -49.73 18.57
N PRO C 470 -33.85 -50.22 17.35
CA PRO C 470 -32.95 -51.15 16.65
C PRO C 470 -31.55 -50.63 16.34
N ASP C 471 -31.44 -49.35 15.96
CA ASP C 471 -30.16 -48.72 15.65
C ASP C 471 -29.28 -48.61 16.90
N ASP C 472 -29.88 -48.31 18.06
CA ASP C 472 -29.20 -48.23 19.35
C ASP C 472 -28.69 -49.62 19.80
N LEU C 473 -29.52 -50.66 19.61
CA LEU C 473 -29.20 -52.04 19.97
C LEU C 473 -28.13 -52.63 19.07
N ALA C 474 -28.15 -52.27 17.76
CA ALA C 474 -27.12 -52.72 16.81
C ALA C 474 -25.77 -52.09 17.18
N PHE C 475 -25.79 -50.83 17.66
CA PHE C 475 -24.61 -50.09 18.10
C PHE C 475 -24.00 -50.71 19.36
N LEU C 476 -24.84 -51.02 20.37
CA LEU C 476 -24.42 -51.62 21.64
C LEU C 476 -23.84 -53.02 21.48
N ARG C 477 -24.33 -53.78 20.49
CA ARG C 477 -23.85 -55.11 20.15
C ARG C 477 -22.37 -55.01 19.67
N ALA C 479 -20.39 -52.24 20.16
CA ALA C 479 -19.62 -51.56 21.20
C ALA C 479 -19.32 -52.40 22.46
N PHE C 480 -20.05 -53.52 22.70
CA PHE C 480 -19.90 -54.31 23.93
C PHE C 480 -18.44 -54.73 24.29
N PRO C 481 -17.58 -55.30 23.39
CA PRO C 481 -16.22 -55.67 23.83
C PRO C 481 -15.40 -54.49 24.36
N ARG C 482 -15.57 -53.30 23.78
CA ARG C 482 -14.91 -52.07 24.20
C ARG C 482 -15.42 -51.56 25.55
N LEU C 483 -16.76 -51.54 25.75
CA LEU C 483 -17.39 -51.11 27.03
C LEU C 483 -16.93 -52.05 28.17
N HIS C 484 -16.86 -53.36 27.87
CA HIS C 484 -16.42 -54.37 28.82
C HIS C 484 -14.93 -54.26 29.19
N ALA C 485 -14.06 -54.01 28.20
CA ALA C 485 -12.61 -53.83 28.39
C ALA C 485 -12.35 -52.59 29.29
N TRP C 486 -13.09 -51.48 29.03
CA TRP C 486 -12.99 -50.22 29.77
C TRP C 486 -13.44 -50.40 31.24
N PHE C 487 -14.55 -51.11 31.47
CA PHE C 487 -15.02 -51.39 32.83
C PHE C 487 -14.04 -52.29 33.60
N SER C 488 -13.55 -53.36 32.94
CA SER C 488 -12.61 -54.30 33.55
C SER C 488 -11.32 -53.56 33.96
N TRP C 489 -10.88 -52.58 33.14
CA TRP C 489 -9.71 -51.76 33.46
C TRP C 489 -9.96 -50.99 34.75
N LEU C 490 -11.16 -50.38 34.91
CA LEU C 490 -11.48 -49.59 36.10
C LEU C 490 -11.43 -50.42 37.40
N HIS C 491 -12.12 -51.58 37.42
CA HIS C 491 -12.19 -52.54 38.54
C HIS C 491 -10.80 -53.01 38.98
N GLN C 492 -9.96 -53.37 38.01
CA GLN C 492 -8.61 -53.91 38.20
C GLN C 492 -7.57 -52.84 38.59
N SER C 493 -7.53 -51.72 37.81
CA SER C 493 -6.52 -50.67 38.01
C SER C 493 -6.71 -49.86 39.30
N GLN C 494 -7.96 -49.72 39.77
CA GLN C 494 -8.23 -48.93 40.98
C GLN C 494 -8.59 -49.79 42.23
N ALA C 495 -8.23 -51.07 42.24
CA ALA C 495 -8.49 -51.96 43.37
C ALA C 495 -7.89 -51.41 44.68
N GLY C 496 -8.66 -51.47 45.76
CA GLY C 496 -8.25 -50.98 47.07
C GLY C 496 -7.42 -51.96 47.89
N PRO C 497 -7.14 -51.64 49.18
CA PRO C 497 -6.29 -52.55 49.99
C PRO C 497 -6.91 -53.88 50.38
N VAL C 498 -8.26 -53.94 50.48
CA VAL C 498 -9.01 -55.14 50.88
C VAL C 498 -10.05 -55.54 49.80
N PRO C 499 -10.54 -56.79 49.78
CA PRO C 499 -11.55 -57.18 48.79
C PRO C 499 -12.81 -56.30 48.78
N LEU C 500 -13.29 -55.98 47.57
CA LEU C 500 -14.47 -55.16 47.25
C LEU C 500 -14.29 -53.68 47.67
N SER C 501 -13.04 -53.24 47.88
CA SER C 501 -12.71 -51.85 48.18
C SER C 501 -11.94 -51.26 46.99
N TYR C 502 -12.02 -49.92 46.83
CA TYR C 502 -11.39 -49.21 45.71
C TYR C 502 -10.72 -47.93 46.17
N ARG C 503 -9.62 -47.56 45.52
CA ARG C 503 -8.87 -46.37 45.90
C ARG C 503 -8.47 -45.58 44.63
N TRP C 504 -8.88 -44.29 44.52
CA TRP C 504 -8.50 -43.47 43.36
C TRP C 504 -6.97 -43.29 43.33
N ARG C 505 -6.33 -43.70 42.23
CA ARG C 505 -4.90 -43.42 42.07
C ARG C 505 -4.78 -41.95 41.66
N GLY C 506 -3.69 -41.29 42.03
CA GLY C 506 -3.45 -39.92 41.61
C GLY C 506 -3.77 -38.78 42.54
N ARG C 507 -3.93 -39.04 43.88
CA ARG C 507 -4.13 -37.97 44.86
C ARG C 507 -2.82 -37.15 44.86
N ASP C 508 -2.87 -35.81 45.07
CA ASP C 508 -1.65 -34.98 45.04
C ASP C 508 -0.58 -35.54 45.98
N LEU C 509 0.69 -35.34 45.60
CA LEU C 509 1.80 -35.71 46.45
C LEU C 509 1.83 -34.65 47.56
N ALA C 510 1.86 -35.11 48.82
CA ALA C 510 1.87 -34.25 50.02
C ALA C 510 2.93 -33.15 49.89
N LEU C 511 2.47 -31.90 49.89
CA LEU C 511 3.30 -30.71 49.81
C LEU C 511 3.02 -29.84 51.03
N PRO C 512 4.01 -29.05 51.52
CA PRO C 512 3.74 -28.21 52.70
C PRO C 512 2.75 -27.09 52.43
N THR C 513 2.49 -26.76 51.14
CA THR C 513 1.58 -25.70 50.71
C THR C 513 0.09 -26.11 50.68
N LEU C 514 -0.21 -27.42 50.51
CA LEU C 514 -1.58 -27.95 50.40
C LEU C 514 -2.22 -28.23 51.73
N LEU C 515 -3.42 -27.66 51.98
CA LEU C 515 -4.19 -27.93 53.21
C LEU C 515 -4.64 -29.39 53.22
N ASN C 516 -5.16 -29.86 52.09
CA ASN C 516 -5.62 -31.24 51.92
C ASN C 516 -5.32 -31.64 50.48
N PRO C 517 -4.55 -32.73 50.26
CA PRO C 517 -4.23 -33.14 48.88
C PRO C 517 -5.48 -33.41 48.05
N THR C 519 -7.95 -34.82 44.78
CA THR C 519 -8.20 -36.10 44.12
C THR C 519 -8.76 -35.79 42.72
N LEU C 520 -7.94 -35.15 41.85
CA LEU C 520 -8.31 -34.76 40.48
C LEU C 520 -8.98 -35.89 39.66
N PRO C 521 -8.49 -37.15 39.67
CA PRO C 521 -9.17 -38.21 38.88
C PRO C 521 -10.61 -38.51 39.27
N SER C 522 -11.00 -38.27 40.54
CA SER C 522 -12.37 -38.50 41.03
C SER C 522 -13.43 -37.55 40.43
N GLY C 523 -12.99 -36.38 39.96
CA GLY C 523 -13.85 -35.34 39.39
C GLY C 523 -14.17 -34.29 40.43
N LEU C 524 -14.03 -34.62 41.70
CA LEU C 524 -14.37 -33.68 42.76
C LEU C 524 -13.08 -33.17 43.32
N ASP C 525 -12.47 -32.29 42.56
CA ASP C 525 -11.11 -31.77 42.71
C ASP C 525 -10.64 -31.62 44.16
N ASP C 526 -11.24 -30.69 44.92
CA ASP C 526 -10.80 -30.42 46.29
C ASP C 526 -11.73 -30.94 47.42
N TYR C 527 -12.61 -31.91 47.11
CA TYR C 527 -13.44 -32.50 48.15
C TYR C 527 -12.47 -33.10 49.20
N PRO C 528 -12.63 -32.78 50.50
CA PRO C 528 -11.68 -33.27 51.50
C PRO C 528 -11.73 -34.76 51.74
N ARG C 529 -10.54 -35.39 51.73
CA ARG C 529 -10.33 -36.80 52.00
C ARG C 529 -9.24 -36.90 53.06
N ALA C 530 -8.64 -38.09 53.30
CA ALA C 530 -7.63 -38.27 54.36
C ALA C 530 -6.49 -37.27 54.21
N SER C 531 -6.15 -36.57 55.31
CA SER C 531 -5.11 -35.54 55.33
C SER C 531 -3.71 -36.03 54.97
N HIS C 532 -3.42 -37.33 55.24
CA HIS C 532 -2.11 -37.95 54.96
C HIS C 532 -2.32 -39.17 54.04
N PRO C 533 -2.31 -38.95 52.69
CA PRO C 533 -2.55 -40.07 51.75
C PRO C 533 -1.63 -41.27 51.89
N SER C 534 -2.21 -42.48 51.64
CA SER C 534 -1.50 -43.77 51.71
C SER C 534 -2.30 -44.84 50.93
N THR C 535 -1.71 -46.04 50.78
CA THR C 535 -2.32 -47.20 50.10
C THR C 535 -3.40 -47.90 50.98
N ALA C 536 -3.58 -47.45 52.23
CA ALA C 536 -4.61 -47.98 53.14
C ALA C 536 -5.99 -47.31 52.95
N GLU C 537 -6.05 -46.27 52.09
CA GLU C 537 -7.29 -45.53 51.82
C GLU C 537 -8.35 -46.37 51.14
N ARG C 538 -9.64 -46.07 51.47
CA ARG C 538 -10.83 -46.70 50.87
C ARG C 538 -11.74 -45.54 50.45
N HIS C 539 -12.09 -45.45 49.13
CA HIS C 539 -12.92 -44.34 48.60
C HIS C 539 -14.34 -44.79 48.26
N LEU C 540 -15.32 -44.17 48.92
CA LEU C 540 -16.74 -44.47 48.80
C LEU C 540 -17.33 -44.24 47.41
N ASP C 541 -17.09 -43.06 46.81
CA ASP C 541 -17.66 -42.72 45.49
C ASP C 541 -17.22 -43.69 44.41
N LEU C 542 -15.92 -44.03 44.40
CA LEU C 542 -15.34 -45.00 43.46
C LEU C 542 -16.00 -46.39 43.60
N ARG C 543 -16.15 -46.91 44.84
CA ARG C 543 -16.81 -48.19 45.05
C ARG C 543 -18.21 -48.19 44.43
N CYS C 544 -18.99 -47.11 44.66
CA CYS C 544 -20.34 -46.92 44.12
C CYS C 544 -20.38 -46.90 42.57
N TRP C 545 -19.41 -46.21 41.92
CA TRP C 545 -19.31 -46.18 40.45
C TRP C 545 -19.05 -47.58 39.88
N VAL C 546 -18.21 -48.39 40.56
CA VAL C 546 -17.88 -49.77 40.16
C VAL C 546 -19.13 -50.68 40.29
N ALA C 547 -19.91 -50.51 41.40
CA ALA C 547 -21.14 -51.28 41.64
C ALA C 547 -22.16 -50.99 40.52
N LEU C 548 -22.35 -49.70 40.17
CA LEU C 548 -23.24 -49.29 39.09
C LEU C 548 -22.79 -49.83 37.72
N GLY C 549 -21.50 -49.69 37.42
CA GLY C 549 -20.88 -50.17 36.18
C GLY C 549 -21.06 -51.66 35.97
N ALA C 550 -20.86 -52.46 37.04
CA ALA C 550 -21.02 -53.91 36.98
C ALA C 550 -22.47 -54.29 36.69
N ARG C 551 -23.43 -53.59 37.33
CA ARG C 551 -24.86 -53.79 37.14
C ARG C 551 -25.30 -53.44 35.71
N VAL C 552 -24.90 -52.26 35.20
CA VAL C 552 -25.23 -51.79 33.85
C VAL C 552 -24.74 -52.79 32.79
N LEU C 553 -23.47 -53.21 32.90
CA LEU C 553 -22.86 -54.13 31.95
C LEU C 553 -23.35 -55.59 32.06
N SER C 554 -23.79 -56.05 33.24
CA SER C 554 -24.35 -57.40 33.33
C SER C 554 -25.72 -57.41 32.61
N GLN C 555 -26.52 -56.35 32.79
CA GLN C 555 -27.82 -56.18 32.12
C GLN C 555 -27.65 -56.18 30.59
N LEU C 556 -26.66 -55.42 30.09
CA LEU C 556 -26.34 -55.33 28.67
C LEU C 556 -25.91 -56.71 28.14
N ALA C 557 -24.98 -57.40 28.85
CA ALA C 557 -24.50 -58.75 28.50
C ALA C 557 -25.63 -59.77 28.40
N GLU C 558 -26.62 -59.69 29.32
CA GLU C 558 -27.77 -60.60 29.29
C GLU C 558 -28.69 -60.34 28.11
N GLN C 559 -28.92 -59.07 27.79
CA GLN C 559 -29.75 -58.66 26.66
C GLN C 559 -29.14 -59.02 25.30
N LEU C 560 -27.79 -58.98 25.17
CA LEU C 560 -27.07 -59.29 23.94
C LEU C 560 -26.73 -60.77 23.73
N GLY C 561 -26.82 -61.57 24.80
CA GLY C 561 -26.50 -62.99 24.74
C GLY C 561 -25.02 -63.29 24.93
N GLU C 562 -24.30 -62.37 25.62
CA GLU C 562 -22.87 -62.46 25.95
C GLU C 562 -22.74 -63.35 27.21
N THR C 563 -22.98 -64.65 27.06
CA THR C 563 -23.03 -65.66 28.12
C THR C 563 -21.85 -65.63 29.11
N GLU C 564 -20.61 -65.71 28.62
CA GLU C 564 -19.44 -65.73 29.50
C GLU C 564 -19.20 -64.38 30.21
N ALA C 565 -19.49 -63.23 29.55
CA ALA C 565 -19.33 -61.90 30.16
C ALA C 565 -20.36 -61.75 31.31
N ALA C 566 -21.63 -62.14 31.07
CA ALA C 566 -22.74 -62.12 32.04
C ALA C 566 -22.43 -62.97 33.28
N ALA C 567 -21.76 -64.12 33.07
CA ALA C 567 -21.36 -65.06 34.13
C ALA C 567 -20.27 -64.50 35.04
N GLU C 568 -19.52 -63.50 34.55
CA GLU C 568 -18.48 -62.82 35.32
C GLU C 568 -19.04 -61.54 36.02
N LEU C 569 -19.71 -60.68 35.22
CA LEU C 569 -20.28 -59.42 35.67
C LEU C 569 -21.45 -59.55 36.67
N GLY C 570 -22.37 -60.48 36.43
CA GLY C 570 -23.51 -60.76 37.32
C GLY C 570 -23.10 -60.96 38.77
N PRO C 571 -22.23 -61.95 39.07
CA PRO C 571 -21.77 -62.16 40.47
C PRO C 571 -21.00 -60.98 41.09
N LEU C 572 -20.21 -60.23 40.28
CA LEU C 572 -19.51 -59.05 40.78
C LEU C 572 -20.52 -57.94 41.20
N ALA C 573 -21.56 -57.70 40.36
CA ALA C 573 -22.61 -56.70 40.67
C ALA C 573 -23.33 -57.07 41.97
N ALA C 574 -23.71 -58.35 42.14
CA ALA C 574 -24.40 -58.81 43.36
C ALA C 574 -23.51 -58.67 44.61
N SER C 575 -22.20 -58.99 44.49
CA SER C 575 -21.24 -58.87 45.61
C SER C 575 -21.09 -57.43 46.09
N LEU C 576 -21.17 -56.47 45.14
CA LEU C 576 -21.00 -55.05 45.42
C LEU C 576 -22.25 -54.34 45.87
N GLU C 577 -23.45 -54.94 45.65
CA GLU C 577 -24.75 -54.40 46.09
C GLU C 577 -25.12 -54.95 47.50
N GLU C 578 -24.44 -56.03 47.93
CA GLU C 578 -24.68 -56.67 49.24
C GLU C 578 -24.51 -55.65 50.42
N PRO C 579 -25.48 -55.47 51.35
CA PRO C 579 -25.35 -54.42 52.38
C PRO C 579 -24.26 -54.62 53.44
N GLY C 580 -23.99 -55.87 53.82
CA GLY C 580 -22.97 -56.20 54.82
C GLY C 580 -21.58 -55.71 54.46
N SER C 581 -21.10 -56.01 53.24
CA SER C 581 -19.79 -55.56 52.78
C SER C 581 -19.69 -54.01 52.71
N LEU C 582 -20.70 -53.32 52.15
CA LEU C 582 -20.71 -51.85 52.11
C LEU C 582 -20.62 -51.25 53.54
N ASP C 583 -21.34 -51.85 54.52
CA ASP C 583 -21.33 -51.38 55.90
C ASP C 583 -19.94 -51.56 56.56
N GLU C 584 -19.35 -52.74 56.38
CA GLU C 584 -18.03 -53.10 56.89
C GLU C 584 -16.96 -52.15 56.34
N LEU C 585 -17.07 -51.79 55.06
CA LEU C 585 -16.06 -50.94 54.42
C LEU C 585 -16.29 -49.44 54.52
N HIS C 586 -17.54 -48.97 54.62
CA HIS C 586 -17.79 -47.52 54.59
C HIS C 586 -18.77 -46.98 55.64
N TRP C 587 -19.52 -47.80 56.41
CA TRP C 587 -20.42 -47.21 57.41
C TRP C 587 -19.67 -46.71 58.67
N ALA C 588 -19.74 -45.38 58.94
CA ALA C 588 -19.10 -44.74 60.10
C ALA C 588 -20.15 -44.39 61.18
N PRO C 589 -20.33 -45.26 62.22
CA PRO C 589 -21.37 -44.99 63.25
C PRO C 589 -21.16 -43.72 64.08
N GLU C 590 -19.89 -43.34 64.34
CA GLU C 590 -19.56 -42.12 65.08
C GLU C 590 -19.90 -40.84 64.28
N LEU C 591 -20.08 -40.99 62.95
CA LEU C 591 -20.42 -39.89 62.03
C LEU C 591 -21.86 -39.95 61.56
N GLY C 592 -22.49 -41.13 61.68
CA GLY C 592 -23.86 -41.38 61.25
C GLY C 592 -24.04 -41.30 59.74
N VAL C 593 -22.97 -41.55 58.97
CA VAL C 593 -22.95 -41.49 57.52
C VAL C 593 -21.90 -42.44 56.95
N PHE C 594 -21.99 -42.77 55.65
CA PHE C 594 -21.02 -43.51 54.88
C PHE C 594 -19.84 -42.56 54.66
N ALA C 595 -18.58 -43.07 54.78
CA ALA C 595 -17.40 -42.19 54.64
C ALA C 595 -16.16 -42.83 53.98
N ASP C 596 -15.23 -41.97 53.53
CA ASP C 596 -13.92 -42.41 53.02
C ASP C 596 -13.12 -42.79 54.29
N PHE C 597 -12.07 -43.63 54.12
CA PHE C 597 -11.19 -44.11 55.20
C PHE C 597 -9.75 -43.81 54.81
N GLY C 598 -8.88 -43.58 55.81
CA GLY C 598 -7.45 -43.36 55.62
C GLY C 598 -6.77 -42.74 56.83
N ASN C 599 -5.45 -42.46 56.71
CA ASN C 599 -4.64 -41.82 57.76
C ASN C 599 -5.02 -40.34 57.78
N HIS C 600 -5.77 -39.93 58.83
CA HIS C 600 -6.36 -38.60 58.92
C HIS C 600 -6.37 -37.98 60.33
N THR C 601 -6.34 -36.64 60.36
CA THR C 601 -6.51 -35.75 61.51
C THR C 601 -7.26 -34.49 61.10
N LYS C 602 -8.17 -34.03 61.97
CA LYS C 602 -8.92 -32.81 61.75
C LYS C 602 -8.03 -31.56 62.00
N ALA C 603 -6.95 -31.77 62.78
CA ALA C 603 -6.01 -30.74 63.22
C ALA C 603 -4.98 -30.32 62.17
N VAL C 604 -5.46 -29.69 61.10
CA VAL C 604 -4.65 -29.16 60.00
C VAL C 604 -5.15 -27.77 59.65
N GLN C 605 -4.22 -26.82 59.54
CA GLN C 605 -4.54 -25.43 59.24
C GLN C 605 -3.51 -24.82 58.31
N LEU C 606 -3.91 -23.81 57.53
CA LEU C 606 -2.97 -23.06 56.71
C LEU C 606 -2.67 -21.78 57.48
N SER C 608 0.60 -18.45 57.95
CA SER C 608 1.82 -17.83 57.42
C SER C 608 2.91 -17.87 58.48
N ARG C 609 3.98 -18.63 58.20
CA ARG C 609 5.14 -18.80 59.06
C ARG C 609 6.39 -18.36 58.24
N PRO C 610 6.91 -17.12 58.42
CA PRO C 610 8.11 -16.72 57.67
C PRO C 610 9.33 -17.55 58.15
N PRO C 611 10.28 -17.95 57.26
CA PRO C 611 10.43 -17.58 55.83
C PRO C 611 9.77 -18.49 54.79
N GLN C 612 9.25 -19.67 55.21
CA GLN C 612 8.64 -20.68 54.33
C GLN C 612 7.32 -20.27 53.57
N GLY C 613 6.72 -19.12 53.94
CA GLY C 613 5.47 -18.61 53.34
C GLY C 613 4.21 -19.25 53.92
N LEU C 614 3.04 -19.12 53.23
CA LEU C 614 1.78 -19.75 53.68
C LEU C 614 1.93 -21.28 53.61
N VAL C 615 1.81 -21.98 54.75
CA VAL C 615 2.03 -23.45 54.85
C VAL C 615 1.00 -24.17 55.72
N ARG C 616 0.94 -25.51 55.58
CA ARG C 616 0.05 -26.29 56.42
C ARG C 616 0.74 -26.67 57.73
N VAL C 617 0.00 -26.57 58.84
CA VAL C 617 0.46 -26.85 60.19
C VAL C 617 -0.38 -27.97 60.80
N VAL C 618 0.27 -29.11 61.05
CA VAL C 618 -0.38 -30.27 61.65
C VAL C 618 -0.26 -30.17 63.16
N GLY C 619 -1.41 -30.18 63.81
CA GLY C 619 -1.50 -30.07 65.25
C GLY C 619 -1.87 -31.38 65.92
N ARG C 620 -2.45 -31.28 67.11
CA ARG C 620 -2.87 -32.44 67.89
C ARG C 620 -4.40 -32.62 67.81
N PRO C 621 -4.92 -33.86 67.69
CA PRO C 621 -4.20 -35.15 67.68
C PRO C 621 -3.45 -35.47 66.39
N PRO C 622 -2.36 -36.28 66.45
CA PRO C 622 -1.66 -36.66 65.21
C PRO C 622 -2.52 -37.55 64.28
N PRO C 623 -2.19 -37.71 62.97
CA PRO C 623 -3.04 -38.57 62.12
C PRO C 623 -3.00 -40.04 62.49
N ARG C 624 -4.12 -40.74 62.28
CA ARG C 624 -4.31 -42.16 62.53
C ARG C 624 -5.36 -42.70 61.54
N LEU C 625 -5.38 -44.02 61.29
CA LEU C 625 -6.35 -44.65 60.39
C LEU C 625 -7.76 -44.57 61.01
N GLN C 626 -8.69 -43.94 60.29
CA GLN C 626 -10.09 -43.75 60.76
C GLN C 626 -10.96 -43.24 59.60
N TYR C 627 -12.29 -43.17 59.81
CA TYR C 627 -13.20 -42.63 58.81
C TYR C 627 -13.05 -41.11 58.78
N VAL C 628 -13.11 -40.52 57.59
CA VAL C 628 -12.92 -39.09 57.38
C VAL C 628 -14.23 -38.30 57.53
N ASP C 629 -14.25 -37.33 58.46
CA ASP C 629 -15.41 -36.45 58.69
C ASP C 629 -15.39 -35.36 57.60
N ALA C 630 -16.23 -35.54 56.56
CA ALA C 630 -16.36 -34.66 55.39
C ALA C 630 -17.74 -34.92 54.80
N LEU C 631 -18.76 -34.38 55.45
CA LEU C 631 -20.14 -34.56 55.06
C LEU C 631 -20.49 -33.71 53.83
N GLY C 632 -20.82 -34.37 52.72
CA GLY C 632 -21.16 -33.72 51.46
C GLY C 632 -21.60 -34.69 50.40
N TYR C 633 -21.40 -34.33 49.12
CA TYR C 633 -21.73 -35.16 47.95
C TYR C 633 -21.22 -36.61 48.03
N VAL C 634 -19.96 -36.83 48.45
CA VAL C 634 -19.35 -38.18 48.52
C VAL C 634 -20.16 -39.09 49.50
N SER C 635 -20.55 -38.55 50.67
CA SER C 635 -21.35 -39.19 51.72
C SER C 635 -22.66 -39.79 51.20
N LEU C 636 -23.23 -39.18 50.17
CA LEU C 636 -24.52 -39.49 49.55
C LEU C 636 -24.50 -40.53 48.41
N PHE C 637 -23.32 -40.95 47.93
CA PHE C 637 -23.19 -41.82 46.75
C PHE C 637 -24.06 -43.11 46.76
N PRO C 638 -24.23 -43.89 47.88
CA PRO C 638 -25.11 -45.08 47.82
C PRO C 638 -26.58 -44.72 47.49
N LEU C 639 -27.00 -43.54 47.93
CA LEU C 639 -28.29 -42.97 47.62
C LEU C 639 -28.31 -42.46 46.17
N LEU C 640 -27.34 -41.58 45.78
CA LEU C 640 -27.26 -40.99 44.44
C LEU C 640 -27.31 -42.02 43.34
N LEU C 641 -26.64 -43.18 43.52
CA LEU C 641 -26.58 -44.20 42.48
C LEU C 641 -27.58 -45.35 42.70
N GLN C 642 -28.57 -45.10 43.56
CA GLN C 642 -29.70 -45.98 43.85
C GLN C 642 -29.27 -47.42 44.22
N LEU C 643 -28.26 -47.51 45.09
CA LEU C 643 -27.66 -48.78 45.51
C LEU C 643 -28.29 -49.35 46.81
N LEU C 644 -28.95 -48.50 47.59
CA LEU C 644 -29.60 -48.90 48.83
C LEU C 644 -30.97 -49.48 48.57
N ASP C 645 -31.33 -50.54 49.33
CA ASP C 645 -32.67 -51.10 49.27
C ASP C 645 -33.61 -50.04 49.90
N PRO C 646 -34.88 -49.90 49.44
CA PRO C 646 -35.79 -48.91 50.04
C PRO C 646 -35.99 -49.12 51.56
N SER C 647 -35.77 -50.36 52.03
CA SER C 647 -35.88 -50.74 53.42
C SER C 647 -34.53 -50.75 54.17
N SER C 648 -33.43 -50.22 53.57
CA SER C 648 -32.13 -50.12 54.23
C SER C 648 -32.15 -49.25 55.48
N PRO C 649 -31.57 -49.73 56.63
CA PRO C 649 -31.48 -48.87 57.82
C PRO C 649 -30.57 -47.63 57.64
N ARG C 650 -29.85 -47.53 56.49
CA ARG C 650 -28.94 -46.42 56.21
C ARG C 650 -29.56 -45.33 55.32
N LEU C 651 -30.70 -45.64 54.67
CA LEU C 651 -31.41 -44.70 53.78
C LEU C 651 -31.93 -43.47 54.54
N GLY C 652 -32.64 -43.66 55.67
CA GLY C 652 -33.16 -42.58 56.51
C GLY C 652 -32.08 -41.59 56.91
N PRO C 653 -30.98 -42.04 57.58
CA PRO C 653 -29.86 -41.11 57.92
C PRO C 653 -29.30 -40.25 56.76
N LEU C 654 -29.21 -40.81 55.53
CA LEU C 654 -28.72 -40.08 54.35
C LEU C 654 -29.72 -39.00 53.89
N LEU C 655 -31.04 -39.29 53.97
CA LEU C 655 -32.08 -38.32 53.62
C LEU C 655 -32.08 -37.17 54.62
N ASP C 656 -31.86 -37.47 55.91
CA ASP C 656 -31.83 -36.46 56.97
C ASP C 656 -30.69 -35.47 56.79
N VAL C 657 -29.46 -35.93 56.45
CA VAL C 657 -28.31 -35.04 56.21
C VAL C 657 -28.49 -34.16 54.92
N LEU C 658 -29.13 -34.73 53.89
CA LEU C 658 -29.46 -34.08 52.62
C LEU C 658 -30.49 -32.93 52.89
N ALA C 659 -31.50 -33.18 53.73
CA ALA C 659 -32.59 -32.25 54.07
C ALA C 659 -32.22 -31.19 55.11
N ASP C 660 -31.11 -31.37 55.83
CA ASP C 660 -30.68 -30.47 56.91
C ASP C 660 -30.03 -29.18 56.42
N SER C 661 -30.61 -28.02 56.82
CA SER C 661 -30.13 -26.67 56.47
C SER C 661 -28.72 -26.40 57.02
N ARG C 662 -28.35 -27.05 58.17
CA ARG C 662 -27.03 -26.93 58.80
C ARG C 662 -25.99 -27.73 58.01
N HIS C 663 -26.45 -28.65 57.13
CA HIS C 663 -25.57 -29.46 56.32
C HIS C 663 -25.63 -29.12 54.83
N LEU C 664 -26.41 -29.89 54.05
CA LEU C 664 -26.46 -29.84 52.60
C LEU C 664 -27.63 -29.07 51.97
N TRP C 665 -28.70 -28.80 52.74
CA TRP C 665 -29.86 -28.12 52.21
C TRP C 665 -29.77 -26.59 52.18
N SER C 666 -29.53 -26.00 50.98
CA SER C 666 -29.50 -24.54 50.80
C SER C 666 -30.78 -24.09 50.02
N PRO C 667 -31.14 -22.78 50.00
CA PRO C 667 -32.34 -22.36 49.22
C PRO C 667 -32.17 -22.50 47.70
N PHE C 668 -30.96 -22.88 47.22
CA PHE C 668 -30.63 -22.92 45.79
C PHE C 668 -30.26 -24.33 45.28
N GLY C 669 -30.37 -25.32 46.15
CA GLY C 669 -30.04 -26.70 45.84
C GLY C 669 -29.10 -27.30 46.88
N LEU C 670 -28.59 -28.50 46.58
CA LEU C 670 -27.68 -29.21 47.48
C LEU C 670 -26.25 -28.70 47.47
N ARG C 671 -25.71 -28.45 48.69
CA ARG C 671 -24.32 -28.02 48.89
C ARG C 671 -23.34 -29.17 48.64
N SER C 672 -22.14 -28.87 48.04
CA SER C 672 -21.09 -29.87 47.77
C SER C 672 -20.45 -30.37 49.06
N LEU C 673 -20.45 -29.53 50.10
CA LEU C 673 -19.88 -29.80 51.42
C LEU C 673 -20.68 -29.05 52.49
N SER C 674 -21.00 -29.74 53.62
CA SER C 674 -21.74 -29.23 54.78
C SER C 674 -21.28 -27.85 55.25
N ALA C 675 -22.25 -26.94 55.58
CA ALA C 675 -21.98 -25.58 56.08
C ALA C 675 -21.35 -25.61 57.47
N SER C 676 -21.46 -26.76 58.15
CA SER C 676 -20.90 -27.02 59.48
C SER C 676 -19.48 -27.66 59.44
N SER C 677 -18.97 -27.96 58.25
CA SER C 677 -17.63 -28.54 58.07
C SER C 677 -16.53 -27.51 58.29
N LEU C 678 -15.38 -27.95 58.86
CA LEU C 678 -14.22 -27.09 59.05
C LEU C 678 -13.55 -26.72 57.72
N PHE C 679 -13.89 -27.46 56.62
CA PHE C 679 -13.39 -27.19 55.27
C PHE C 679 -14.34 -26.29 54.45
N TYR C 680 -15.53 -25.97 55.00
CA TYR C 680 -16.52 -25.14 54.29
C TYR C 680 -15.96 -23.78 53.85
N GLN C 682 -13.23 -23.05 52.40
CA GLN C 682 -11.81 -22.90 52.70
C GLN C 682 -10.95 -23.11 51.48
N ARG C 683 -10.02 -22.17 51.25
CA ARG C 683 -9.06 -22.28 50.16
C ARG C 683 -8.04 -23.41 50.48
N ASN C 684 -7.51 -24.07 49.44
CA ASN C 684 -6.55 -25.14 49.67
C ASN C 684 -5.10 -24.65 49.70
N THR C 685 -4.83 -23.53 49.02
CA THR C 685 -3.53 -22.84 48.94
C THR C 685 -3.85 -21.35 48.75
N GLU C 686 -2.79 -20.52 48.64
CA GLU C 686 -2.88 -19.08 48.38
C GLU C 686 -3.56 -18.83 47.00
N HIS C 687 -3.33 -19.73 46.03
CA HIS C 687 -3.85 -19.61 44.67
C HIS C 687 -5.07 -20.48 44.35
N ASP C 688 -5.53 -21.31 45.30
CA ASP C 688 -6.65 -22.22 45.06
C ASP C 688 -7.89 -21.94 45.92
N PRO C 689 -8.89 -21.23 45.37
CA PRO C 689 -10.14 -20.97 46.14
C PRO C 689 -10.98 -22.25 46.37
N PRO C 690 -11.97 -22.25 47.31
CA PRO C 690 -12.83 -23.45 47.46
C PRO C 690 -13.59 -23.74 46.17
N TYR C 691 -13.74 -25.03 45.83
CA TYR C 691 -14.33 -25.43 44.55
C TYR C 691 -15.51 -26.40 44.75
N TRP C 692 -15.29 -27.51 45.44
CA TRP C 692 -16.28 -28.53 45.81
C TRP C 692 -16.38 -28.54 47.36
N ARG C 693 -16.37 -27.34 47.98
CA ARG C 693 -16.39 -27.12 49.45
C ARG C 693 -17.57 -26.24 49.95
N GLY C 694 -18.72 -26.39 49.30
CA GLY C 694 -19.93 -25.67 49.68
C GLY C 694 -20.84 -25.32 48.52
N ALA C 695 -20.26 -24.95 47.35
CA ALA C 695 -21.01 -24.55 46.16
C ALA C 695 -22.00 -25.60 45.61
N VAL C 696 -23.05 -25.10 44.92
CA VAL C 696 -24.11 -25.91 44.30
C VAL C 696 -23.67 -26.34 42.86
N TRP C 697 -23.56 -27.65 42.61
CA TRP C 697 -23.21 -28.20 41.30
C TRP C 697 -24.42 -28.94 40.70
N LEU C 698 -24.70 -28.69 39.41
CA LEU C 698 -25.87 -29.24 38.70
C LEU C 698 -25.83 -30.75 38.38
N ASN C 699 -24.63 -31.33 38.10
CA ASN C 699 -24.51 -32.76 37.79
C ASN C 699 -24.93 -33.66 38.96
N ILE C 700 -24.46 -33.33 40.18
CA ILE C 700 -24.78 -34.10 41.38
C ILE C 700 -26.21 -33.85 41.83
N ASN C 701 -26.71 -32.59 41.66
CA ASN C 701 -28.09 -32.25 41.97
C ASN C 701 -29.06 -33.01 41.05
N TYR C 702 -28.69 -33.19 39.75
CA TYR C 702 -29.48 -33.99 38.80
C TYR C 702 -29.57 -35.45 39.28
N LEU C 703 -28.42 -36.05 39.72
CA LEU C 703 -28.38 -37.42 40.21
C LEU C 703 -29.21 -37.57 41.48
N ALA C 704 -29.15 -36.58 42.40
CA ALA C 704 -29.96 -36.55 43.64
C ALA C 704 -31.45 -36.51 43.29
N LEU C 705 -31.82 -35.74 42.24
CA LEU C 705 -33.21 -35.64 41.80
C LEU C 705 -33.71 -36.96 41.18
N GLY C 706 -32.86 -37.66 40.44
CA GLY C 706 -33.21 -38.96 39.88
C GLY C 706 -33.43 -40.01 40.97
N ALA C 707 -32.59 -39.97 42.03
CA ALA C 707 -32.64 -40.88 43.19
C ALA C 707 -33.88 -40.62 44.05
N LEU C 708 -34.20 -39.35 44.33
CA LEU C 708 -35.39 -38.95 45.10
C LEU C 708 -36.68 -39.29 44.33
N HIS C 709 -36.66 -39.19 43.00
CA HIS C 709 -37.80 -39.55 42.15
C HIS C 709 -37.99 -41.09 42.26
N HIS C 710 -36.87 -41.85 42.27
CA HIS C 710 -36.90 -43.30 42.41
C HIS C 710 -37.46 -43.76 43.76
N TYR C 711 -36.86 -43.27 44.87
CA TYR C 711 -37.28 -43.70 46.21
C TYR C 711 -38.67 -43.18 46.58
N GLY C 712 -39.10 -42.09 45.95
CA GLY C 712 -40.44 -41.53 46.16
C GLY C 712 -41.53 -42.25 45.38
N HIS C 713 -41.16 -43.18 44.46
CA HIS C 713 -42.12 -43.90 43.62
C HIS C 713 -42.14 -45.43 43.84
N VAL C 714 -41.26 -45.96 44.70
CA VAL C 714 -41.26 -47.38 45.07
C VAL C 714 -41.74 -47.51 46.52
N GLU C 715 -42.36 -48.66 46.88
CA GLU C 715 -42.84 -48.89 48.25
C GLU C 715 -41.68 -49.02 49.25
N GLY C 716 -41.84 -48.38 50.40
CA GLY C 716 -40.81 -48.38 51.43
C GLY C 716 -41.14 -47.41 52.55
N PRO C 717 -40.41 -47.49 53.69
CA PRO C 717 -40.72 -46.60 54.83
C PRO C 717 -40.34 -45.13 54.66
N HIS C 718 -39.55 -44.80 53.63
CA HIS C 718 -39.11 -43.42 53.36
C HIS C 718 -39.67 -42.83 52.05
N LYS C 719 -40.63 -43.54 51.41
CA LYS C 719 -41.27 -43.10 50.16
C LYS C 719 -41.85 -41.68 50.25
N VAL C 720 -42.58 -41.37 51.34
CA VAL C 720 -43.24 -40.08 51.59
C VAL C 720 -42.22 -38.92 51.70
N GLN C 721 -41.17 -39.07 52.52
CA GLN C 721 -40.11 -38.07 52.71
C GLN C 721 -39.34 -37.83 51.40
N ALA C 722 -39.04 -38.91 50.64
CA ALA C 722 -38.31 -38.80 49.36
C ALA C 722 -39.15 -38.03 48.33
N ALA C 723 -40.48 -38.36 48.20
CA ALA C 723 -41.41 -37.68 47.26
C ALA C 723 -41.49 -36.19 47.55
N LEU C 725 -39.16 -34.27 49.28
CA LEU C 725 -37.84 -33.67 49.04
C LEU C 725 -37.56 -33.51 47.56
N TYR C 726 -38.08 -34.45 46.74
CA TYR C 726 -37.97 -34.38 45.28
C TYR C 726 -38.62 -33.07 44.75
N HIS C 727 -39.88 -32.78 45.16
CA HIS C 727 -40.61 -31.60 44.71
C HIS C 727 -39.96 -30.28 45.14
N GLU C 728 -39.53 -30.21 46.42
CA GLU C 728 -38.88 -29.05 47.00
C GLU C 728 -37.52 -28.78 46.32
N LEU C 729 -36.68 -29.83 46.17
CA LEU C 729 -35.37 -29.68 45.54
C LEU C 729 -35.46 -29.25 44.07
N ARG C 730 -36.37 -29.89 43.29
CA ARG C 730 -36.60 -29.55 41.88
C ARG C 730 -36.97 -28.06 41.72
N ALA C 731 -37.92 -27.58 42.55
CA ALA C 731 -38.40 -26.19 42.53
C ALA C 731 -37.28 -25.18 42.79
N ASN C 732 -36.41 -25.46 43.81
CA ASN C 732 -35.29 -24.60 44.19
C ASN C 732 -34.22 -24.49 43.12
N VAL C 733 -33.85 -25.64 42.51
CA VAL C 733 -32.81 -25.71 41.48
C VAL C 733 -33.28 -24.97 40.21
N VAL C 734 -34.45 -25.30 39.67
CA VAL C 734 -35.00 -24.67 38.46
C VAL C 734 -35.15 -23.13 38.63
N ARG C 735 -35.74 -22.68 39.75
CA ARG C 735 -35.93 -21.26 40.04
C ARG C 735 -34.61 -20.47 40.01
N ASN C 736 -33.58 -20.94 40.74
CA ASN C 736 -32.29 -20.25 40.78
C ASN C 736 -31.57 -20.18 39.42
N VAL C 737 -31.53 -21.31 38.67
CA VAL C 737 -30.86 -21.35 37.36
C VAL C 737 -31.58 -20.39 36.41
N ARG C 738 -32.93 -20.35 36.45
CA ARG C 738 -33.76 -19.41 35.65
C ARG C 738 -33.48 -17.94 36.01
N GLN C 739 -33.49 -17.60 37.32
CA GLN C 739 -33.26 -16.24 37.80
C GLN C 739 -31.86 -15.72 37.48
N GLN C 740 -30.83 -16.57 37.63
CA GLN C 740 -29.46 -16.18 37.32
C GLN C 740 -29.26 -15.99 35.84
N TYR C 741 -29.98 -16.77 35.01
CA TYR C 741 -29.93 -16.62 33.56
C TYR C 741 -30.57 -15.27 33.17
N GLN C 742 -31.63 -14.87 33.86
CA GLN C 742 -32.32 -13.59 33.63
C GLN C 742 -31.42 -12.43 34.01
N ALA C 743 -30.75 -12.52 35.18
CA ALA C 743 -29.87 -11.48 35.68
C ALA C 743 -28.52 -11.34 34.89
N THR C 744 -27.97 -12.46 34.37
CA THR C 744 -26.65 -12.47 33.72
C THR C 744 -26.58 -12.87 32.24
N GLY C 745 -27.59 -13.59 31.76
CA GLY C 745 -27.58 -14.11 30.39
C GLY C 745 -26.70 -15.35 30.23
N PHE C 746 -26.31 -15.98 31.32
CA PHE C 746 -25.47 -17.20 31.29
C PHE C 746 -25.98 -18.35 32.20
N LEU C 747 -25.56 -19.59 31.85
CA LEU C 747 -25.69 -20.83 32.61
C LEU C 747 -24.25 -21.00 33.10
N TRP C 748 -24.05 -21.13 34.42
CA TRP C 748 -22.73 -21.15 35.05
C TRP C 748 -22.24 -22.52 35.50
N GLU C 749 -20.94 -22.63 35.75
CA GLU C 749 -20.27 -23.85 36.24
C GLU C 749 -20.80 -24.30 37.60
N GLN C 750 -21.08 -23.34 38.49
CA GLN C 750 -21.59 -23.59 39.85
C GLN C 750 -22.34 -22.37 40.34
N TYR C 751 -23.09 -22.55 41.45
CA TYR C 751 -23.90 -21.50 42.06
C TYR C 751 -23.65 -21.36 43.53
N SER C 752 -23.64 -20.11 44.03
CA SER C 752 -23.41 -19.84 45.45
C SER C 752 -24.54 -20.45 46.30
N ASP C 753 -24.15 -21.11 47.41
CA ASP C 753 -25.12 -21.71 48.33
C ASP C 753 -25.69 -20.63 49.28
N GLN C 754 -25.07 -19.42 49.30
CA GLN C 754 -25.46 -18.28 50.16
C GLN C 754 -26.45 -17.32 49.47
N ASP C 755 -26.20 -16.93 48.20
CA ASP C 755 -27.12 -16.01 47.48
C ASP C 755 -27.56 -16.53 46.11
N GLY C 756 -27.06 -17.71 45.73
CA GLY C 756 -27.38 -18.38 44.48
C GLY C 756 -26.67 -17.88 43.24
N ARG C 757 -25.89 -16.78 43.34
CA ARG C 757 -25.21 -16.18 42.19
C ARG C 757 -24.31 -17.17 41.45
N GLY C 758 -24.36 -17.09 40.12
CA GLY C 758 -23.51 -17.88 39.25
C GLY C 758 -22.06 -17.54 39.51
N MET C 759 -21.21 -18.59 39.58
CA MET C 759 -19.78 -18.47 39.83
C MET C 759 -19.01 -19.40 38.93
N GLY C 760 -17.69 -19.20 38.90
CA GLY C 760 -16.78 -20.02 38.12
C GLY C 760 -16.83 -19.67 36.66
N CYS C 761 -16.66 -20.68 35.78
CA CYS C 761 -16.68 -20.51 34.32
CA CYS C 761 -16.68 -20.36 34.36
C CYS C 761 -18.10 -20.36 33.77
N ARG C 762 -18.22 -19.67 32.63
CA ARG C 762 -19.43 -19.48 31.89
C ARG C 762 -19.06 -19.09 30.46
N PRO C 763 -19.82 -19.56 29.44
CA PRO C 763 -20.99 -20.43 29.55
C PRO C 763 -20.57 -21.84 29.94
N PHE C 764 -21.40 -22.54 30.70
CA PHE C 764 -21.07 -23.90 31.07
C PHE C 764 -22.14 -24.86 30.54
N GLN C 765 -22.05 -25.15 29.24
CA GLN C 765 -22.98 -26.07 28.58
C GLN C 765 -22.22 -27.21 27.86
N GLY C 766 -21.64 -28.16 28.60
CA GLY C 766 -21.62 -28.24 30.05
C GLY C 766 -22.81 -28.94 30.67
N TRP C 767 -22.59 -29.62 31.81
CA TRP C 767 -23.66 -30.34 32.49
C TRP C 767 -24.74 -29.42 33.13
N THR C 768 -24.54 -28.06 33.13
CA THR C 768 -25.58 -27.17 33.67
C THR C 768 -26.86 -27.25 32.79
N SER C 769 -26.69 -27.74 31.54
CA SER C 769 -27.74 -28.06 30.56
C SER C 769 -28.73 -29.10 31.09
N LEU C 770 -28.33 -29.92 32.11
CA LEU C 770 -29.19 -30.94 32.76
C LEU C 770 -30.49 -30.34 33.33
N VAL C 771 -30.51 -29.00 33.53
CA VAL C 771 -31.68 -28.24 34.00
C VAL C 771 -32.90 -28.53 33.10
N LEU C 772 -32.66 -28.82 31.81
CA LEU C 772 -33.72 -29.19 30.86
C LEU C 772 -34.36 -30.54 31.29
N LEU C 773 -33.52 -31.54 31.63
CA LEU C 773 -33.99 -32.87 32.06
C LEU C 773 -34.71 -32.81 33.40
N ILE C 774 -34.29 -31.86 34.27
CA ILE C 774 -34.95 -31.64 35.55
C ILE C 774 -36.37 -31.09 35.31
N MET C 775 -36.51 -30.07 34.40
CA MET C 775 -37.80 -29.48 34.04
C MET C 775 -38.72 -30.52 33.37
N ALA C 776 -38.16 -31.38 32.50
CA ALA C 776 -38.92 -32.41 31.79
C ALA C 776 -39.19 -33.63 32.68
N GLU C 777 -38.46 -33.76 33.82
CA GLU C 777 -38.54 -34.89 34.75
C GLU C 777 -38.18 -36.20 34.03
N GLU C 778 -37.06 -36.16 33.28
CA GLU C 778 -36.53 -37.25 32.49
C GLU C 778 -35.24 -37.80 33.14
N TYR C 779 -35.37 -38.90 33.90
CA TYR C 779 -34.27 -39.57 34.61
C TYR C 779 -34.16 -41.02 34.14
N ALA C 780 -32.93 -41.45 33.87
CA ALA C 780 -32.63 -42.81 33.43
C ALA C 780 -32.62 -43.76 34.64
N SER C 781 -33.40 -44.85 34.56
CA SER C 781 -33.46 -45.82 35.64
C SER C 781 -32.89 -47.17 35.25
N TRP C 782 -31.94 -47.64 36.07
CA TRP C 782 -31.17 -48.86 35.91
C TRP C 782 -31.59 -49.92 36.95
N GLU D 1 -11.62 54.51 -39.51
CA GLU D 1 -12.36 53.26 -39.50
C GLU D 1 -13.36 53.16 -40.68
N THR D 2 -13.55 51.92 -41.19
CA THR D 2 -14.50 51.62 -42.29
C THR D 2 -15.96 51.51 -41.78
N GLY D 3 -16.15 51.30 -40.48
CA GLY D 3 -17.47 51.10 -39.89
C GLY D 3 -17.87 49.63 -39.90
N TRP D 4 -18.96 49.30 -39.18
CA TRP D 4 -19.46 47.95 -38.96
C TRP D 4 -19.73 47.10 -40.21
N VAL D 5 -20.14 47.69 -41.33
CA VAL D 5 -20.50 46.91 -42.52
C VAL D 5 -19.26 46.15 -43.03
N LEU D 6 -18.17 46.87 -43.38
CA LEU D 6 -16.92 46.24 -43.83
C LEU D 6 -16.18 45.49 -42.72
N ALA D 7 -16.18 46.03 -41.49
CA ALA D 7 -15.51 45.42 -40.34
C ALA D 7 -16.12 44.05 -40.04
N TRP D 8 -17.47 43.93 -40.09
CA TRP D 8 -18.13 42.67 -39.79
C TRP D 8 -17.79 41.58 -40.81
N LEU D 9 -17.79 41.92 -42.11
CA LEU D 9 -17.46 41.00 -43.21
C LEU D 9 -15.98 40.61 -43.13
N ARG D 10 -15.13 41.57 -42.73
CA ARG D 10 -13.70 41.38 -42.53
C ARG D 10 -13.39 40.36 -41.43
N VAL D 11 -13.97 40.53 -40.23
CA VAL D 11 -13.73 39.65 -39.06
C VAL D 11 -14.29 38.23 -39.30
N ARG D 12 -15.46 38.13 -39.98
CA ARG D 12 -16.11 36.87 -40.35
C ARG D 12 -15.27 36.07 -41.34
N ARG D 13 -14.78 36.71 -42.41
CA ARG D 13 -13.93 35.98 -43.36
C ARG D 13 -12.61 35.49 -42.72
N ALA D 14 -12.10 36.24 -41.71
CA ALA D 14 -10.84 35.88 -41.08
C ALA D 14 -10.92 34.64 -40.21
N LEU D 15 -12.10 34.41 -39.59
CA LEU D 15 -12.32 33.29 -38.65
C LEU D 15 -13.20 32.16 -39.19
N THR D 16 -13.45 32.14 -40.50
CA THR D 16 -14.26 31.12 -41.17
C THR D 16 -13.34 30.31 -42.11
N LEU D 17 -13.57 28.98 -42.21
CA LEU D 17 -12.82 28.11 -43.12
C LEU D 17 -13.22 28.46 -44.56
N HIS D 18 -12.27 28.37 -45.50
CA HIS D 18 -12.52 28.68 -46.92
C HIS D 18 -13.70 27.83 -47.47
N PRO D 19 -14.63 28.47 -48.24
CA PRO D 19 -15.79 27.72 -48.78
C PRO D 19 -15.53 26.74 -49.93
N ALA D 20 -14.32 26.75 -50.54
CA ALA D 20 -13.99 25.89 -51.68
C ALA D 20 -14.05 24.38 -51.35
N PRO D 21 -14.28 23.47 -52.34
CA PRO D 21 -14.30 22.03 -52.01
C PRO D 21 -13.00 21.54 -51.33
N SER D 22 -13.13 20.52 -50.47
CA SER D 22 -12.00 19.95 -49.75
C SER D 22 -11.02 19.25 -50.71
N ALA D 23 -9.72 19.35 -50.42
CA ALA D 23 -8.69 18.68 -51.21
C ALA D 23 -8.58 17.19 -50.79
N LEU D 24 -9.22 16.83 -49.66
CA LEU D 24 -9.25 15.47 -49.11
C LEU D 24 -10.64 14.83 -49.23
N PRO D 25 -10.71 13.48 -49.38
CA PRO D 25 -12.04 12.83 -49.39
C PRO D 25 -12.85 13.07 -48.08
N PRO D 26 -14.20 12.90 -48.13
CA PRO D 26 -15.06 13.22 -46.94
C PRO D 26 -14.59 12.78 -45.54
N ASP D 27 -14.31 11.49 -45.33
CA ASP D 27 -13.87 10.95 -44.04
C ASP D 27 -12.53 10.27 -44.26
N SER D 28 -11.57 11.05 -44.81
CA SER D 28 -10.23 10.65 -45.23
C SER D 28 -9.41 9.86 -44.21
N SER D 29 -9.54 10.11 -42.89
CA SER D 29 -8.75 9.40 -41.87
C SER D 29 -9.42 8.15 -41.25
N SER D 30 -10.70 7.87 -41.57
CA SER D 30 -11.42 6.72 -40.98
C SER D 30 -10.78 5.39 -41.41
N PRO D 31 -10.80 4.33 -40.54
CA PRO D 31 -10.20 3.04 -40.96
C PRO D 31 -10.83 2.41 -42.21
N ALA D 32 -12.09 2.80 -42.53
CA ALA D 32 -12.81 2.33 -43.71
C ALA D 32 -12.16 2.90 -45.00
N VAL D 33 -11.67 4.14 -44.93
CA VAL D 33 -11.05 4.84 -46.05
C VAL D 33 -9.51 4.61 -46.10
N ALA D 34 -8.81 4.90 -45.00
CA ALA D 34 -7.35 4.74 -44.92
C ALA D 34 -6.92 3.75 -43.80
N PRO D 35 -7.13 2.42 -43.97
CA PRO D 35 -6.76 1.46 -42.92
C PRO D 35 -5.27 1.40 -42.58
N GLU D 36 -4.39 1.52 -43.59
CA GLU D 36 -2.94 1.45 -43.41
C GLU D 36 -2.34 2.58 -42.58
N LEU D 37 -3.01 3.75 -42.53
CA LEU D 37 -2.51 4.90 -41.77
C LEU D 37 -3.27 5.21 -40.46
N PHE D 38 -4.31 4.43 -40.09
CA PHE D 38 -5.10 4.75 -38.88
C PHE D 38 -4.26 4.83 -37.61
N TRP D 39 -3.39 3.83 -37.38
CA TRP D 39 -2.44 3.80 -36.27
C TRP D 39 -1.08 4.27 -36.76
N GLY D 40 -0.28 4.84 -35.86
CA GLY D 40 1.08 5.27 -36.17
C GLY D 40 1.76 5.99 -35.03
N THR D 41 3.08 6.24 -35.16
CA THR D 41 3.91 6.97 -34.20
C THR D 41 3.68 8.49 -34.43
N TYR D 42 2.42 8.93 -34.21
CA TYR D 42 1.95 10.29 -34.51
C TYR D 42 2.03 11.29 -33.35
N ARG D 43 2.91 11.01 -32.36
CA ARG D 43 3.14 11.88 -31.19
C ARG D 43 4.65 12.15 -31.20
N PRO D 44 5.15 13.08 -32.07
CA PRO D 44 6.61 13.28 -32.21
C PRO D 44 7.39 13.74 -30.99
N HIS D 45 6.77 14.49 -30.09
CA HIS D 45 7.44 15.01 -28.88
C HIS D 45 7.61 13.95 -27.75
N VAL D 46 7.11 12.73 -27.95
CA VAL D 46 7.26 11.61 -26.97
C VAL D 46 8.34 10.63 -27.55
N TYR D 47 9.30 10.12 -26.74
CA TYR D 47 10.37 9.22 -27.24
C TYR D 47 9.83 8.03 -28.03
N PHE D 48 8.79 7.35 -27.48
CA PHE D 48 8.16 6.19 -28.10
C PHE D 48 6.68 6.09 -27.68
N GLY D 49 5.78 6.08 -28.65
CA GLY D 49 4.33 5.99 -28.43
C GLY D 49 3.53 5.95 -29.72
N MET D 50 2.21 5.69 -29.61
CA MET D 50 1.30 5.62 -30.77
C MET D 50 -0.05 6.27 -30.48
N LYS D 51 -0.81 6.58 -31.56
CA LYS D 51 -2.16 7.13 -31.49
C LYS D 51 -2.89 6.89 -32.80
N THR D 52 -4.21 7.07 -32.78
CA THR D 52 -5.07 6.94 -33.95
C THR D 52 -5.28 8.33 -34.61
N ARG D 53 -5.61 8.36 -35.92
CA ARG D 53 -5.87 9.62 -36.63
C ARG D 53 -7.32 9.94 -36.43
N SER D 54 -7.61 10.53 -35.28
CA SER D 54 -8.97 10.80 -34.85
C SER D 54 -9.07 12.02 -33.91
N PRO D 55 -10.22 12.77 -33.91
CA PRO D 55 -10.38 13.88 -32.92
C PRO D 55 -10.56 13.35 -31.48
N PRO D 57 -8.86 10.32 -29.97
CA PRO D 57 -7.98 9.15 -30.16
C PRO D 57 -7.72 8.27 -28.94
N LEU D 58 -7.24 7.03 -29.22
CA LEU D 58 -6.70 6.12 -28.22
C LEU D 58 -5.20 6.35 -28.28
N LEU D 59 -4.55 6.50 -27.12
CA LEU D 59 -3.11 6.80 -27.05
C LEU D 59 -2.36 5.80 -26.18
N THR D 60 -1.14 5.46 -26.59
CA THR D 60 -0.23 4.57 -25.85
C THR D 60 1.15 5.21 -25.82
N GLY D 61 1.93 4.88 -24.81
CA GLY D 61 3.27 5.43 -24.71
C GLY D 61 4.18 4.68 -23.77
N LEU D 62 5.47 5.05 -23.82
CA LEU D 62 6.52 4.50 -23.00
C LEU D 62 7.15 5.57 -22.10
N MET D 63 7.57 5.17 -20.90
CA MET D 63 8.39 5.94 -19.97
C MET D 63 9.49 4.98 -19.44
N TRP D 64 10.60 5.53 -18.93
CA TRP D 64 11.66 4.73 -18.31
C TRP D 64 12.39 5.50 -17.23
N ALA D 65 13.03 4.76 -16.31
CA ALA D 65 13.77 5.31 -15.19
C ALA D 65 14.82 4.34 -14.70
N GLN D 66 16.06 4.84 -14.57
CA GLN D 66 17.16 4.05 -14.05
C GLN D 66 17.14 4.22 -12.52
N GLN D 67 17.11 3.07 -11.78
CA GLN D 67 17.04 3.03 -10.32
C GLN D 67 18.44 2.93 -9.71
N GLY D 68 18.67 3.73 -8.66
CA GLY D 68 19.94 3.81 -7.94
C GLY D 68 20.55 5.20 -7.99
N ALA D 69 19.67 6.24 -7.98
CA ALA D 69 20.06 7.67 -7.98
C ALA D 69 20.41 8.09 -6.55
N THR D 70 21.20 9.18 -6.37
CA THR D 70 21.58 9.69 -5.04
C THR D 70 20.30 10.07 -4.26
N PRO D 71 20.11 9.59 -3.01
CA PRO D 71 18.83 9.82 -2.31
C PRO D 71 18.44 11.28 -2.06
N GLY D 72 17.13 11.48 -1.91
CA GLY D 72 16.47 12.78 -1.73
C GLY D 72 16.07 13.34 -3.07
N THR D 73 16.53 12.69 -4.13
CA THR D 73 16.28 13.10 -5.50
C THR D 73 15.29 12.14 -6.11
N PRO D 74 14.31 12.64 -6.84
CA PRO D 74 13.51 11.68 -7.60
C PRO D 74 14.35 11.17 -8.80
N PRO D 75 14.40 9.85 -9.08
CA PRO D 75 15.13 9.39 -10.29
C PRO D 75 14.57 10.04 -11.55
N LEU D 77 12.84 10.50 -14.70
CA LEU D 77 11.81 9.84 -15.48
C LEU D 77 11.73 10.46 -16.88
N ARG D 78 11.95 9.64 -17.90
CA ARG D 78 11.96 10.02 -19.29
C ARG D 78 10.66 9.66 -19.96
N HIS D 79 10.06 10.64 -20.68
CA HIS D 79 8.79 10.49 -21.38
C HIS D 79 8.81 11.31 -22.69
N THR D 80 9.01 12.63 -22.57
CA THR D 80 9.05 13.58 -23.70
C THR D 80 10.47 13.98 -24.03
N CYS D 81 10.71 14.35 -25.30
CA CYS D 81 12.04 14.70 -25.83
C CYS D 81 12.49 16.11 -25.37
N GLU D 82 12.92 16.25 -24.12
CA GLU D 82 13.38 17.56 -23.62
C GLU D 82 14.89 17.66 -23.94
N GLN D 83 15.35 18.73 -24.64
CA GLN D 83 16.74 18.84 -25.11
C GLN D 83 17.84 18.87 -24.00
N GLY D 84 17.52 19.30 -22.78
CA GLY D 84 18.51 19.32 -21.70
C GLY D 84 18.33 18.30 -20.60
N ASP D 85 17.66 17.16 -20.91
CA ASP D 85 17.37 16.09 -19.94
C ASP D 85 18.54 15.06 -19.73
N GLY D 86 19.61 15.17 -20.51
CA GLY D 86 20.75 14.27 -20.39
C GLY D 86 20.78 13.06 -21.31
N VAL D 87 19.68 12.82 -22.04
CA VAL D 87 19.56 11.71 -23.00
C VAL D 87 20.24 12.16 -24.29
N GLY D 88 20.71 11.22 -25.09
CA GLY D 88 21.30 11.52 -26.40
C GLY D 88 22.62 10.84 -26.59
N PRO D 89 22.93 10.38 -27.84
CA PRO D 89 22.08 10.48 -29.04
C PRO D 89 20.92 9.48 -29.10
N TYR D 90 19.93 9.79 -29.95
CA TYR D 90 18.74 8.97 -30.18
C TYR D 90 18.17 9.27 -31.55
N GLY D 91 17.44 8.32 -32.12
CA GLY D 91 16.80 8.54 -33.40
C GLY D 91 16.36 7.27 -34.08
N TRP D 92 15.55 7.42 -35.12
CA TRP D 92 15.08 6.32 -35.95
C TRP D 92 16.19 5.87 -36.90
N GLU D 93 16.49 4.54 -36.91
CA GLU D 93 17.46 3.90 -37.80
C GLU D 93 16.69 3.48 -39.06
N PHE D 94 15.50 2.90 -38.84
CA PHE D 94 14.53 2.49 -39.85
C PHE D 94 13.16 3.01 -39.44
N HIS D 95 12.43 3.58 -40.40
CA HIS D 95 11.03 4.02 -40.29
C HIS D 95 10.51 4.17 -41.70
N ASP D 96 9.50 3.38 -42.07
CA ASP D 96 8.96 3.43 -43.43
C ASP D 96 7.70 4.29 -43.59
N GLY D 97 7.27 4.90 -42.47
CA GLY D 97 6.08 5.74 -42.35
C GLY D 97 4.76 4.99 -42.40
N ARG D 98 4.80 3.66 -42.39
CA ARG D 98 3.61 2.84 -42.58
C ARG D 98 3.51 1.51 -41.83
N THR D 99 4.54 0.65 -41.92
CA THR D 99 4.46 -0.70 -41.41
C THR D 99 5.39 -1.06 -40.24
N PHE D 100 6.56 -0.42 -40.14
CA PHE D 100 7.51 -0.80 -39.09
C PHE D 100 8.52 0.30 -38.77
N GLY D 101 9.23 0.14 -37.67
CA GLY D 101 10.29 1.06 -37.26
C GLY D 101 11.23 0.52 -36.20
N ARG D 102 12.49 1.01 -36.20
CA ARG D 102 13.53 0.68 -35.22
C ARG D 102 14.27 1.96 -34.83
N GLN D 103 14.30 2.25 -33.52
CA GLN D 103 14.95 3.44 -32.96
C GLN D 103 15.91 3.07 -31.82
N HIS D 104 17.03 3.78 -31.73
CA HIS D 104 17.99 3.56 -30.65
C HIS D 104 18.03 4.79 -29.74
N ILE D 105 18.14 4.59 -28.42
CA ILE D 105 18.19 5.68 -27.44
C ILE D 105 19.38 5.45 -26.51
N HIS D 106 20.34 6.39 -26.50
CA HIS D 106 21.49 6.30 -25.60
C HIS D 106 21.21 7.19 -24.40
N ASP D 107 21.26 6.60 -23.19
CA ASP D 107 20.97 7.36 -21.97
C ASP D 107 21.96 6.98 -20.88
N GLY D 108 23.08 7.71 -20.84
CA GLY D 108 24.15 7.46 -19.89
C GLY D 108 24.72 6.06 -20.03
N ALA D 109 24.57 5.25 -18.98
CA ALA D 109 25.05 3.86 -18.91
C ALA D 109 24.16 2.85 -19.67
N LEU D 110 22.98 3.29 -20.20
CA LEU D 110 22.04 2.41 -20.90
C LEU D 110 21.95 2.68 -22.38
N ARG D 111 21.53 1.65 -23.11
CA ARG D 111 21.17 1.71 -24.53
C ARG D 111 19.80 1.05 -24.70
N LEU D 112 18.80 1.83 -25.14
CA LEU D 112 17.46 1.34 -25.37
C LEU D 112 17.18 1.15 -26.86
N THR D 113 16.47 0.05 -27.23
CA THR D 113 16.03 -0.20 -28.60
C THR D 113 14.50 -0.31 -28.59
N THR D 114 13.81 0.55 -29.36
CA THR D 114 12.36 0.58 -29.41
C THR D 114 11.93 0.25 -30.84
N GLU D 115 11.32 -0.92 -31.05
CA GLU D 115 10.89 -1.39 -32.37
C GLU D 115 9.38 -1.66 -32.41
N PHE D 116 8.77 -1.53 -33.61
CA PHE D 116 7.34 -1.80 -33.81
C PHE D 116 7.08 -2.44 -35.18
N VAL D 117 6.01 -3.22 -35.29
CA VAL D 117 5.52 -3.84 -36.52
C VAL D 117 3.99 -3.70 -36.47
N LYS D 118 3.37 -3.21 -37.57
CA LYS D 118 1.92 -3.10 -37.73
C LYS D 118 1.43 -4.24 -38.63
N ARG D 119 0.35 -4.93 -38.23
CA ARG D 119 -0.19 -6.04 -39.01
C ARG D 119 -1.64 -5.71 -39.40
N PRO D 120 -1.93 -5.61 -40.73
CA PRO D 120 -3.31 -5.26 -41.14
C PRO D 120 -4.28 -6.42 -40.91
N GLY D 121 -5.57 -6.08 -40.90
CA GLY D 121 -6.65 -7.03 -40.66
C GLY D 121 -7.83 -6.37 -39.99
N GLY D 122 -9.01 -6.94 -40.22
CA GLY D 122 -10.26 -6.44 -39.66
C GLY D 122 -10.78 -5.20 -40.35
N GLN D 123 -11.62 -4.42 -39.64
CA GLN D 123 -12.25 -3.21 -40.20
C GLN D 123 -11.86 -1.96 -39.41
N HIS D 124 -10.97 -2.09 -38.40
CA HIS D 124 -10.63 -1.00 -37.50
C HIS D 124 -9.15 -0.55 -37.45
N GLY D 125 -8.40 -0.81 -38.52
CA GLY D 125 -7.00 -0.36 -38.61
C GLY D 125 -5.92 -1.36 -38.27
N GLY D 126 -6.31 -2.61 -37.98
CA GLY D 126 -5.39 -3.70 -37.68
C GLY D 126 -4.77 -3.75 -36.30
N ASP D 127 -3.66 -4.52 -36.19
CA ASP D 127 -2.91 -4.78 -34.96
C ASP D 127 -1.52 -4.17 -35.01
N TRP D 128 -0.84 -4.15 -33.83
CA TRP D 128 0.55 -3.72 -33.67
C TRP D 128 1.20 -4.36 -32.44
N SER D 129 2.54 -4.47 -32.46
CA SER D 129 3.35 -5.02 -31.37
C SER D 129 4.63 -4.18 -31.22
N TRP D 130 5.02 -3.89 -29.95
CA TRP D 130 6.26 -3.19 -29.64
C TRP D 130 7.22 -4.19 -28.97
N ARG D 131 8.55 -3.95 -29.16
CA ARG D 131 9.60 -4.64 -28.45
C ARG D 131 10.56 -3.56 -27.95
N VAL D 132 10.80 -3.51 -26.63
CA VAL D 132 11.72 -2.57 -25.99
C VAL D 132 12.84 -3.41 -25.35
N THR D 133 14.07 -3.18 -25.80
CA THR D 133 15.28 -3.87 -25.33
C THR D 133 16.16 -2.92 -24.53
N VAL D 134 16.62 -3.36 -23.35
CA VAL D 134 17.45 -2.54 -22.46
C VAL D 134 18.79 -3.28 -22.29
N GLU D 135 19.88 -2.64 -22.71
CA GLU D 135 21.20 -3.25 -22.58
C GLU D 135 22.18 -2.27 -21.94
N PRO D 136 23.22 -2.76 -21.21
CA PRO D 136 24.24 -1.84 -20.69
C PRO D 136 25.15 -1.34 -21.82
N GLN D 137 25.71 -0.13 -21.67
CA GLN D 137 26.64 0.46 -22.65
C GLN D 137 27.96 -0.30 -22.55
N ALA D 138 28.49 -0.76 -23.71
CA ALA D 138 29.75 -1.52 -23.79
C ALA D 138 30.93 -0.75 -23.16
N SER D 139 31.39 -1.25 -21.99
CA SER D 139 32.45 -0.62 -21.19
C SER D 139 33.46 -1.61 -20.58
N GLY D 140 34.56 -1.05 -20.04
CA GLY D 140 35.66 -1.80 -19.43
C GLY D 140 35.31 -2.66 -18.23
N THR D 141 34.46 -2.13 -17.32
CA THR D 141 34.01 -2.85 -16.11
C THR D 141 32.57 -3.39 -16.28
N PRO D 142 32.24 -4.59 -15.74
CA PRO D 142 30.88 -5.11 -15.91
C PRO D 142 29.78 -4.28 -15.23
N SER D 143 28.65 -4.10 -15.94
CA SER D 143 27.52 -3.34 -15.42
C SER D 143 26.18 -3.97 -15.71
N PHE D 144 25.34 -4.05 -14.68
CA PHE D 144 23.99 -4.62 -14.76
C PHE D 144 23.07 -3.65 -14.04
N PRO D 145 22.67 -2.56 -14.75
CA PRO D 145 21.84 -1.54 -14.10
C PRO D 145 20.39 -1.98 -13.95
N LEU D 146 19.79 -1.59 -12.83
CA LEU D 146 18.40 -1.86 -12.51
C LEU D 146 17.55 -0.76 -13.21
N VAL D 147 16.61 -1.20 -14.07
CA VAL D 147 15.78 -0.30 -14.86
C VAL D 147 14.28 -0.59 -14.73
N SER D 148 13.46 0.50 -14.62
CA SER D 148 12.00 0.44 -14.67
C SER D 148 11.53 0.94 -16.04
N LEU D 149 10.66 0.15 -16.71
CA LEU D 149 10.00 0.53 -17.96
C LEU D 149 8.51 0.71 -17.63
N PHE D 150 7.86 1.72 -18.23
CA PHE D 150 6.45 2.03 -18.01
C PHE D 150 5.73 2.00 -19.36
N PHE D 151 4.58 1.31 -19.43
CA PHE D 151 3.77 1.20 -20.64
C PHE D 151 2.39 1.67 -20.29
N TYR D 152 1.90 2.71 -20.96
CA TYR D 152 0.60 3.28 -20.62
C TYR D 152 -0.38 3.34 -21.79
N VAL D 153 -1.66 3.57 -21.46
CA VAL D 153 -2.78 3.76 -22.38
C VAL D 153 -3.66 4.87 -21.82
N VAL D 154 -4.17 5.74 -22.70
CA VAL D 154 -5.08 6.86 -22.40
C VAL D 154 -6.31 6.72 -23.32
N THR D 155 -7.52 6.66 -22.70
CA THR D 155 -8.81 6.60 -23.39
C THR D 155 -9.40 8.00 -23.46
N ASP D 156 -10.49 8.13 -24.23
CA ASP D 156 -11.21 9.38 -24.44
C ASP D 156 -12.62 9.36 -23.81
N GLY D 157 -13.03 10.50 -23.25
CA GLY D 157 -14.33 10.75 -22.65
C GLY D 157 -14.83 9.74 -21.66
N GLN D 158 -15.92 9.03 -22.03
CA GLN D 158 -16.59 8.03 -21.19
C GLN D 158 -16.06 6.60 -21.39
N GLU D 159 -15.01 6.40 -22.22
CA GLU D 159 -14.45 5.07 -22.47
C GLU D 159 -13.74 4.50 -21.27
N VAL D 160 -14.02 3.22 -20.96
CA VAL D 160 -13.50 2.50 -19.79
C VAL D 160 -12.64 1.30 -20.18
N LEU D 161 -11.70 0.94 -19.29
CA LEU D 161 -10.79 -0.18 -19.47
C LEU D 161 -11.17 -1.32 -18.53
N LEU D 162 -11.17 -2.56 -19.05
CA LEU D 162 -11.53 -3.77 -18.32
C LEU D 162 -10.30 -4.65 -18.06
N PRO D 163 -9.75 -4.58 -16.83
CA PRO D 163 -8.55 -5.39 -16.50
C PRO D 163 -8.79 -6.89 -16.35
N GLU D 164 -7.77 -7.68 -16.75
CA GLU D 164 -7.74 -9.16 -16.65
C GLU D 164 -6.58 -9.52 -15.70
N ILE D 165 -6.90 -10.21 -14.61
CA ILE D 165 -5.93 -10.61 -13.58
C ILE D 165 -5.56 -12.10 -13.71
N GLN D 170 -1.53 -9.64 -10.11
CA GLN D 170 -0.83 -9.93 -11.38
C GLN D 170 -1.73 -9.52 -12.58
N LEU D 171 -1.40 -8.42 -13.27
CA LEU D 171 -2.17 -7.88 -14.41
C LEU D 171 -1.81 -8.53 -15.76
N SER D 173 -3.81 -8.68 -18.87
CA SER D 173 -4.17 -7.87 -20.04
C SER D 173 -5.25 -6.84 -19.70
N ILE D 174 -5.63 -6.02 -20.69
CA ILE D 174 -6.67 -5.00 -20.58
C ILE D 174 -7.49 -5.05 -21.85
N SER D 175 -8.81 -5.08 -21.70
CA SER D 175 -9.70 -5.04 -22.85
C SER D 175 -10.46 -3.70 -22.87
N GLY D 176 -10.86 -3.28 -24.07
CA GLY D 176 -11.59 -2.04 -24.25
C GLY D 176 -12.51 -2.04 -25.44
N HIS D 177 -13.26 -0.97 -25.60
CA HIS D 177 -14.17 -0.75 -26.70
C HIS D 177 -14.36 0.74 -26.96
N THR D 178 -14.27 1.12 -28.24
CA THR D 178 -14.49 2.49 -28.73
C THR D 178 -15.33 2.39 -30.01
N SER D 179 -15.99 3.48 -30.37
CA SER D 179 -16.79 3.56 -31.60
C SER D 179 -15.94 3.33 -32.84
N GLU D 180 -14.71 3.88 -32.84
CA GLU D 180 -13.80 3.79 -33.97
C GLU D 180 -12.98 2.52 -34.04
N LEU D 181 -12.63 1.92 -32.89
CA LEU D 181 -11.78 0.72 -32.86
C LEU D 181 -12.55 -0.58 -32.63
N GLY D 182 -13.78 -0.49 -32.14
CA GLY D 182 -14.56 -1.66 -31.78
C GLY D 182 -13.92 -2.30 -30.56
N ASP D 183 -13.97 -3.64 -30.46
CA ASP D 183 -13.34 -4.36 -29.35
C ASP D 183 -11.83 -4.52 -29.58
N PHE D 184 -11.02 -4.34 -28.52
CA PHE D 184 -9.57 -4.50 -28.61
C PHE D 184 -8.95 -5.01 -27.28
N ARG D 185 -7.71 -5.51 -27.36
CA ARG D 185 -6.96 -5.98 -26.19
C ARG D 185 -5.52 -5.48 -26.23
N LEU D 186 -5.00 -5.06 -25.05
CA LEU D 186 -3.59 -4.66 -24.82
C LEU D 186 -2.96 -5.63 -23.81
N THR D 187 -1.78 -6.20 -24.15
CA THR D 187 -1.05 -7.17 -23.30
C THR D 187 0.43 -6.85 -23.11
N LEU D 188 0.87 -6.82 -21.84
CA LEU D 188 2.28 -6.65 -21.50
C LEU D 188 2.81 -8.05 -21.13
N LEU D 189 3.65 -8.58 -22.02
CA LEU D 189 4.20 -9.92 -21.85
C LEU D 189 5.40 -9.97 -20.92
N PRO D 190 5.62 -11.09 -20.19
CA PRO D 190 6.78 -11.18 -19.31
C PRO D 190 8.12 -10.95 -19.99
N PRO D 191 9.09 -10.28 -19.31
CA PRO D 191 10.40 -10.06 -19.94
C PRO D 191 11.24 -11.31 -20.18
N THR D 192 12.15 -11.21 -21.16
CA THR D 192 13.09 -12.24 -21.57
C THR D 192 14.48 -11.63 -21.69
N SER D 193 15.52 -12.47 -21.88
CA SER D 193 16.82 -11.90 -22.20
C SER D 193 16.83 -11.61 -23.72
N PRO D 194 17.63 -10.63 -24.18
CA PRO D 194 17.55 -10.24 -25.60
C PRO D 194 17.92 -11.33 -26.58
N GLY D 195 17.05 -11.51 -27.56
CA GLY D 195 17.22 -12.50 -28.61
C GLY D 195 16.76 -13.89 -28.25
N ASP D 196 16.11 -14.06 -27.07
CA ASP D 196 15.60 -15.37 -26.69
C ASP D 196 14.16 -15.29 -26.12
N THR D 197 13.55 -16.47 -25.95
CA THR D 197 12.16 -16.69 -25.53
C THR D 197 12.05 -17.13 -24.06
N VAL D 198 13.19 -17.38 -23.37
CA VAL D 198 13.19 -17.85 -21.97
C VAL D 198 12.80 -16.72 -21.00
N PRO D 199 11.71 -16.88 -20.21
CA PRO D 199 11.30 -15.81 -19.29
C PRO D 199 12.29 -15.52 -18.17
N LYS D 200 12.38 -14.25 -17.81
CA LYS D 200 13.25 -13.68 -16.79
C LYS D 200 12.36 -13.04 -15.73
N HIS D 201 12.80 -13.11 -14.46
CA HIS D 201 12.04 -12.57 -13.34
C HIS D 201 11.98 -11.03 -13.31
N GLY D 202 10.77 -10.50 -13.22
CA GLY D 202 10.50 -9.08 -13.12
C GLY D 202 9.63 -8.76 -11.91
N SER D 203 9.65 -7.47 -11.51
CA SER D 203 8.86 -6.89 -10.43
C SER D 203 7.79 -5.98 -11.06
N TYR D 204 6.53 -6.06 -10.57
CA TYR D 204 5.43 -5.32 -11.17
C TYR D 204 4.71 -4.36 -10.25
N ASN D 205 4.38 -3.17 -10.79
CA ASN D 205 3.63 -2.10 -10.12
C ASN D 205 2.70 -1.48 -11.15
N VAL D 206 1.55 -0.92 -10.72
CA VAL D 206 0.56 -0.34 -11.64
C VAL D 206 -0.24 0.83 -11.00
N PHE D 207 -0.56 1.84 -11.84
CA PHE D 207 -1.36 2.99 -11.45
C PHE D 207 -2.55 3.11 -12.41
N TRP D 208 -3.74 3.43 -11.85
CA TRP D 208 -4.96 3.52 -12.62
C TRP D 208 -6.00 4.51 -12.06
N SER D 209 -6.38 5.52 -12.87
CA SER D 209 -7.40 6.52 -12.53
C SER D 209 -7.82 7.26 -13.78
N SER D 210 -8.50 8.41 -13.61
CA SER D 210 -8.90 9.24 -14.74
C SER D 210 -7.72 10.03 -15.25
N ASN D 211 -7.78 10.32 -16.54
CA ASN D 211 -6.76 11.03 -17.29
C ASN D 211 -6.61 12.47 -16.80
N PRO D 212 -5.41 12.85 -16.32
CA PRO D 212 -5.22 14.23 -15.85
C PRO D 212 -4.90 15.24 -16.98
N GLY D 213 -4.89 14.76 -18.22
CA GLY D 213 -4.51 15.54 -19.39
C GLY D 213 -3.14 15.08 -19.84
N LEU D 214 -2.91 15.04 -21.17
CA LEU D 214 -1.66 14.55 -21.74
C LEU D 214 -0.40 15.33 -21.30
N PRO D 215 -0.37 16.69 -21.16
CA PRO D 215 0.87 17.33 -20.68
C PRO D 215 1.12 17.11 -19.19
N GLN D 216 0.14 16.51 -18.47
CA GLN D 216 0.23 16.25 -17.03
C GLN D 216 0.72 14.82 -16.65
N LEU D 217 0.87 13.89 -17.64
CA LEU D 217 1.22 12.49 -17.33
C LEU D 217 2.54 12.32 -16.58
N THR D 218 3.64 12.98 -17.05
CA THR D 218 4.97 12.85 -16.42
C THR D 218 4.95 13.21 -14.92
N ASP D 219 4.30 14.34 -14.53
CA ASP D 219 4.22 14.82 -13.15
C ASP D 219 3.35 13.94 -12.26
N MET D 220 2.25 13.43 -12.83
CA MET D 220 1.33 12.52 -12.16
C MET D 220 2.09 11.21 -11.79
N VAL D 221 2.92 10.67 -12.73
CA VAL D 221 3.74 9.46 -12.50
C VAL D 221 4.80 9.76 -11.43
N LYS D 222 5.56 10.89 -11.56
CA LYS D 222 6.56 11.32 -10.58
C LYS D 222 6.00 11.40 -9.16
N SER D 223 4.78 11.93 -9.03
CA SER D 223 4.11 12.08 -7.73
C SER D 223 3.73 10.74 -7.12
N ARG D 224 3.39 9.73 -7.95
CA ARG D 224 2.96 8.42 -7.45
C ARG D 224 4.09 7.39 -7.31
N LEU D 225 5.38 7.78 -7.54
CA LEU D 225 6.53 6.89 -7.28
C LEU D 225 7.00 7.29 -5.88
N ASN D 226 6.14 7.05 -4.89
CA ASN D 226 6.35 7.52 -3.53
C ASN D 226 6.64 6.42 -2.49
N SER D 227 6.80 5.16 -2.92
CA SER D 227 7.11 4.09 -1.96
C SER D 227 8.12 3.07 -2.48
N TRP D 228 8.89 2.51 -1.52
CA TRP D 228 9.95 1.54 -1.77
C TRP D 228 9.48 0.11 -1.85
N PHE D 229 10.09 -0.65 -2.77
CA PHE D 229 9.79 -2.05 -3.01
C PHE D 229 11.09 -2.81 -3.15
N GLN D 230 11.03 -4.14 -3.19
CA GLN D 230 12.21 -4.97 -3.36
C GLN D 230 12.07 -5.88 -4.56
N HIS D 231 13.06 -5.84 -5.45
CA HIS D 231 13.20 -6.69 -6.62
C HIS D 231 14.03 -7.88 -6.18
N ARG D 232 13.44 -9.08 -6.20
CA ARG D 232 14.08 -10.31 -5.72
C ARG D 232 14.32 -11.37 -6.81
N PRO D 233 15.34 -11.18 -7.68
CA PRO D 233 15.63 -12.18 -8.71
C PRO D 233 16.33 -13.43 -8.13
N PRO D 234 16.29 -14.59 -8.86
CA PRO D 234 16.95 -15.81 -8.36
C PRO D 234 18.47 -15.73 -8.40
N GLY D 235 19.12 -16.22 -7.35
CA GLY D 235 20.57 -16.32 -7.21
C GLY D 235 21.33 -15.01 -7.15
N ALA D 236 20.64 -13.96 -6.67
CA ALA D 236 21.22 -12.62 -6.56
C ALA D 236 20.72 -11.94 -5.28
N SER D 237 21.45 -10.91 -4.81
CA SER D 237 21.02 -10.13 -3.66
C SER D 237 19.84 -9.22 -4.10
N PRO D 238 18.84 -8.95 -3.24
CA PRO D 238 17.71 -8.10 -3.65
C PRO D 238 18.10 -6.63 -3.88
N ASP D 239 17.31 -5.91 -4.68
CA ASP D 239 17.51 -4.50 -4.99
C ASP D 239 16.29 -3.67 -4.66
N ARG D 240 16.51 -2.54 -3.97
CA ARG D 240 15.52 -1.56 -3.56
C ARG D 240 15.19 -0.63 -4.74
N TYR D 241 13.89 -0.36 -5.03
CA TYR D 241 13.45 0.55 -6.09
C TYR D 241 12.17 1.32 -5.68
N LEU D 242 11.98 2.53 -6.28
CA LEU D 242 10.79 3.36 -6.08
C LEU D 242 9.73 2.93 -7.10
N GLY D 243 8.53 2.64 -6.60
CA GLY D 243 7.45 2.17 -7.45
C GLY D 243 6.06 2.74 -7.19
N LEU D 244 5.19 2.48 -8.16
CA LEU D 244 3.77 2.80 -8.14
C LEU D 244 3.09 1.71 -7.26
N PRO D 245 1.75 1.71 -6.99
CA PRO D 245 1.18 0.64 -6.15
C PRO D 245 1.50 -0.78 -6.66
N GLY D 246 1.68 -1.69 -5.70
CA GLY D 246 2.01 -3.10 -5.92
C GLY D 246 0.91 -3.94 -6.54
N SER D 247 -0.34 -3.49 -6.46
CA SER D 247 -1.46 -4.20 -7.10
C SER D 247 -2.49 -3.20 -7.59
N LEU D 248 -3.34 -3.63 -8.51
CA LEU D 248 -4.33 -2.79 -9.16
C LEU D 248 -5.48 -2.35 -8.25
N TRP D 250 -8.48 1.03 -8.55
CA TRP D 250 -8.95 2.25 -9.22
C TRP D 250 -8.88 3.41 -8.24
N GLU D 251 -8.30 4.55 -8.67
CA GLU D 251 -8.23 5.75 -7.85
C GLU D 251 -9.35 6.74 -8.26
N GLU D 252 -10.10 7.28 -7.27
CA GLU D 252 -11.20 8.21 -7.51
C GLU D 252 -10.71 9.65 -7.77
N SER D 256 -16.08 12.67 -13.93
CA SER D 256 -14.82 13.13 -14.53
C SER D 256 -14.54 12.40 -15.87
N GLY D 257 -15.43 12.62 -16.84
CA GLY D 257 -15.37 12.02 -18.17
C GLY D 257 -14.38 12.65 -19.13
N GLN D 258 -13.08 12.57 -18.81
CA GLN D 258 -11.99 13.06 -19.66
C GLN D 258 -11.09 11.85 -20.02
N GLY D 259 -11.69 10.65 -20.03
CA GLY D 259 -11.04 9.37 -20.31
C GLY D 259 -10.30 8.77 -19.12
N GLN D 260 -9.72 7.55 -19.30
CA GLN D 260 -8.95 6.82 -18.27
C GLN D 260 -7.43 6.74 -18.58
N PHE D 261 -6.61 6.65 -17.52
CA PHE D 261 -5.15 6.55 -17.62
C PHE D 261 -4.69 5.34 -16.80
N LEU D 262 -4.01 4.36 -17.47
CA LEU D 262 -3.51 3.16 -16.81
C LEU D 262 -2.08 2.91 -17.27
N ILE D 263 -1.13 2.97 -16.31
CA ILE D 263 0.29 2.81 -16.56
C ILE D 263 0.86 1.60 -15.78
N GLN D 264 1.53 0.68 -16.49
CA GLN D 264 2.13 -0.55 -15.97
C GLN D 264 3.65 -0.42 -15.88
N GLN D 265 4.20 -0.70 -14.69
CA GLN D 265 5.64 -0.62 -14.43
C GLN D 265 6.24 -2.03 -14.29
N VAL D 266 7.38 -2.26 -14.97
CA VAL D 266 8.16 -3.51 -14.92
C VAL D 266 9.62 -3.14 -14.58
N THR D 267 10.23 -3.81 -13.57
CA THR D 267 11.58 -3.52 -13.08
C THR D 267 12.45 -4.81 -13.03
N LEU D 268 13.65 -4.76 -13.67
CA LEU D 268 14.62 -5.88 -13.76
C LEU D 268 16.00 -5.28 -13.82
N LYS D 269 17.03 -6.16 -13.84
CA LYS D 269 18.39 -5.79 -14.15
C LYS D 269 18.58 -6.04 -15.66
N ALA D 270 19.24 -5.08 -16.35
CA ALA D 270 19.60 -5.20 -17.76
C ALA D 270 20.67 -6.31 -17.91
N PRO D 271 20.77 -7.02 -19.07
CA PRO D 271 19.97 -6.87 -20.31
C PRO D 271 18.66 -7.66 -20.34
N PHE D 272 17.61 -7.06 -20.94
CA PHE D 272 16.29 -7.68 -21.10
C PHE D 272 15.49 -7.07 -22.24
N SER D 273 14.49 -7.82 -22.75
CA SER D 273 13.51 -7.42 -23.77
C SER D 273 12.11 -7.59 -23.17
N VAL D 274 11.19 -6.70 -23.55
CA VAL D 274 9.77 -6.71 -23.14
C VAL D 274 8.88 -6.39 -24.37
N GLU D 275 7.76 -7.10 -24.50
CA GLU D 275 6.82 -6.89 -25.59
C GLU D 275 5.45 -6.37 -25.13
N PHE D 276 4.92 -5.35 -25.85
CA PHE D 276 3.61 -4.69 -25.65
C PHE D 276 2.78 -4.91 -26.92
N VAL D 277 1.71 -5.70 -26.80
CA VAL D 277 0.91 -6.21 -27.93
C VAL D 277 -0.57 -5.71 -27.97
N PHE D 278 -0.96 -5.08 -29.11
CA PHE D 278 -2.33 -4.57 -29.38
C PHE D 278 -3.03 -5.52 -30.35
N GLU D 279 -4.21 -6.04 -29.96
CA GLU D 279 -4.98 -6.95 -30.81
C GLU D 279 -6.41 -6.46 -31.02
N SER D 280 -6.80 -6.31 -32.30
CA SER D 280 -8.11 -5.85 -32.79
C SER D 280 -9.07 -7.02 -32.87
N GLY D 281 -10.26 -6.85 -32.29
CA GLY D 281 -11.32 -7.87 -32.26
C GLY D 281 -11.76 -8.34 -33.64
N SER D 282 -11.91 -7.38 -34.59
CA SER D 282 -12.30 -7.67 -35.99
C SER D 282 -11.21 -8.40 -36.77
N ALA D 283 -9.94 -8.18 -36.40
CA ALA D 283 -8.77 -8.80 -37.05
C ALA D 283 -8.54 -10.26 -36.62
N ALA D 284 -9.18 -10.69 -35.51
CA ALA D 284 -9.05 -12.04 -34.95
C ALA D 284 -9.44 -13.17 -35.90
N THR D 285 -10.42 -12.94 -36.80
CA THR D 285 -10.85 -13.95 -37.77
C THR D 285 -10.04 -13.90 -39.08
N GLY D 286 -9.16 -14.88 -39.28
CA GLY D 286 -8.36 -15.04 -40.49
C GLY D 286 -7.24 -14.06 -40.78
N GLY D 287 -6.98 -13.85 -42.08
CA GLY D 287 -5.93 -12.98 -42.60
C GLY D 287 -4.52 -13.40 -42.25
N ASN D 288 -3.66 -12.40 -41.97
CA ASN D 288 -2.26 -12.59 -41.56
C ASN D 288 -2.17 -13.28 -40.19
N GLN D 289 -3.22 -13.06 -39.35
CA GLN D 289 -3.42 -13.59 -38.01
C GLN D 289 -3.57 -15.11 -37.95
N ALA D 290 -4.04 -15.75 -39.05
CA ALA D 290 -4.27 -17.20 -39.17
C ALA D 290 -3.01 -18.00 -38.84
N SER D 291 -1.83 -17.47 -39.23
CA SER D 291 -0.50 -18.06 -39.00
C SER D 291 -0.23 -18.16 -37.50
N GLY D 292 -0.25 -17.01 -36.82
CA GLY D 292 0.00 -16.94 -35.39
C GLY D 292 0.24 -15.53 -34.89
N ARG D 293 0.31 -15.42 -33.58
CA ARG D 293 0.46 -14.22 -32.77
C ARG D 293 1.78 -13.48 -33.01
N LEU D 294 1.71 -12.13 -33.13
CA LEU D 294 2.88 -11.27 -33.35
C LEU D 294 3.69 -11.02 -32.06
N VAL D 295 4.35 -12.08 -31.59
CA VAL D 295 5.16 -12.07 -30.37
C VAL D 295 6.33 -12.99 -30.59
N GLY D 296 7.34 -12.88 -29.73
CA GLY D 296 8.52 -13.75 -29.71
C GLY D 296 9.20 -13.98 -31.04
N SER D 297 9.35 -15.26 -31.42
CA SER D 297 10.05 -15.65 -32.65
C SER D 297 9.36 -15.16 -33.92
N GLN D 298 8.01 -15.12 -33.95
CA GLN D 298 7.28 -14.61 -35.12
C GLN D 298 7.47 -13.10 -35.34
N LEU D 299 7.63 -12.36 -34.24
CA LEU D 299 7.88 -10.92 -34.27
C LEU D 299 9.30 -10.63 -34.79
N THR D 300 10.30 -11.42 -34.37
CA THR D 300 11.71 -11.34 -34.79
C THR D 300 11.83 -11.56 -36.31
N GLN D 301 11.03 -12.52 -36.84
CA GLN D 301 10.94 -12.86 -38.27
C GLN D 301 10.35 -11.65 -39.02
N ALA D 302 9.25 -11.07 -38.49
CA ALA D 302 8.54 -9.93 -39.06
C ALA D 302 9.46 -8.71 -39.17
N LEU D 303 10.22 -8.43 -38.08
CA LEU D 303 11.19 -7.33 -38.01
C LEU D 303 12.30 -7.47 -39.06
N GLU D 304 12.90 -8.67 -39.20
CA GLU D 304 13.95 -8.97 -40.19
C GLU D 304 13.45 -8.86 -41.62
N SER D 305 12.21 -9.33 -41.88
CA SER D 305 11.57 -9.30 -43.19
C SER D 305 11.29 -7.85 -43.61
N HIS D 306 10.85 -7.01 -42.65
CA HIS D 306 10.56 -5.60 -42.87
C HIS D 306 11.83 -4.76 -43.12
N ALA D 307 12.90 -5.02 -42.34
CA ALA D 307 14.19 -4.35 -42.47
C ALA D 307 14.83 -4.64 -43.85
N ALA D 308 14.71 -5.89 -44.33
CA ALA D 308 15.24 -6.32 -45.62
C ALA D 308 14.45 -5.65 -46.77
N ALA D 309 13.10 -5.66 -46.68
CA ALA D 309 12.20 -5.05 -47.66
C ALA D 309 12.43 -3.53 -47.75
N PHE D 310 12.67 -2.85 -46.59
CA PHE D 310 12.98 -1.41 -46.53
C PHE D 310 14.25 -1.10 -47.32
N GLU D 312 15.77 -2.78 -49.69
CA GLU D 312 15.52 -3.07 -51.10
C GLU D 312 14.78 -1.88 -51.75
N ARG D 313 13.71 -1.42 -51.09
CA ARG D 313 12.87 -0.31 -51.54
C ARG D 313 13.68 1.00 -51.55
N PHE D 314 14.48 1.25 -50.50
CA PHE D 314 15.34 2.44 -50.37
C PHE D 314 16.31 2.60 -51.58
N GLU D 315 16.92 1.47 -52.02
CA GLU D 315 17.80 1.41 -53.18
C GLU D 315 17.06 1.72 -54.47
N THR D 317 14.32 3.35 -54.85
CA THR D 317 13.86 4.73 -54.81
C THR D 317 14.96 5.77 -54.98
N PHE D 318 16.04 5.68 -54.19
CA PHE D 318 17.07 6.72 -54.18
C PHE D 318 18.33 6.42 -54.96
N GLN D 319 18.52 5.18 -55.43
CA GLN D 319 19.64 4.71 -56.27
C GLN D 319 21.05 5.14 -55.78
N LEU D 320 21.28 5.25 -54.45
CA LEU D 320 22.57 5.68 -53.88
C LEU D 320 23.77 4.73 -54.17
N GLU D 322 23.94 2.57 -56.72
CA GLU D 322 24.04 2.73 -58.18
C GLU D 322 24.71 4.06 -58.54
N GLY D 324 27.05 5.47 -56.85
CA GLY D 324 28.41 5.38 -56.31
C GLY D 324 28.67 6.00 -54.94
N LEU D 325 27.62 6.17 -54.10
CA LEU D 325 27.79 6.70 -52.73
C LEU D 325 28.42 5.61 -51.84
N SER D 326 29.22 6.02 -50.84
CA SER D 326 29.89 5.10 -49.91
C SER D 326 28.87 4.41 -48.97
N PRO D 327 29.21 3.25 -48.31
CA PRO D 327 28.25 2.64 -47.37
C PRO D 327 27.84 3.58 -46.23
N GLU D 328 28.77 4.44 -45.79
CA GLU D 328 28.58 5.44 -44.73
C GLU D 328 27.58 6.54 -45.20
N GLU D 329 27.71 6.98 -46.46
CA GLU D 329 26.81 7.97 -47.04
C GLU D 329 25.40 7.34 -47.23
N GLN D 330 25.35 6.03 -47.59
CA GLN D 330 24.11 5.26 -47.76
C GLN D 330 23.38 5.15 -46.40
N ALA D 331 24.14 4.91 -45.31
CA ALA D 331 23.65 4.81 -43.93
C ALA D 331 23.09 6.15 -43.48
N LEU D 332 23.77 7.26 -43.85
CA LEU D 332 23.33 8.63 -43.59
C LEU D 332 21.99 8.91 -44.28
N GLY D 333 21.86 8.44 -45.53
CA GLY D 333 20.66 8.62 -46.35
C GLY D 333 19.44 7.98 -45.71
N GLN D 334 19.63 6.76 -45.21
CA GLN D 334 18.63 5.94 -44.54
C GLN D 334 18.11 6.60 -43.26
N VAL D 335 19.01 7.17 -42.46
CA VAL D 335 18.72 7.89 -41.20
C VAL D 335 17.96 9.23 -41.48
N ALA D 336 18.42 10.00 -42.50
CA ALA D 336 17.78 11.25 -42.91
C ALA D 336 16.29 10.99 -43.26
N LEU D 337 16.01 9.89 -43.99
CA LEU D 337 14.62 9.56 -44.33
C LEU D 337 13.79 9.05 -43.12
N SER D 338 14.36 8.10 -42.31
CA SER D 338 13.69 7.49 -41.16
C SER D 338 13.31 8.47 -40.08
N GLY D 339 14.19 9.39 -39.77
CA GLY D 339 13.93 10.44 -38.79
C GLY D 339 12.81 11.38 -39.20
N LEU D 340 12.71 11.68 -40.50
CA LEU D 340 11.67 12.56 -41.05
C LEU D 340 10.29 11.86 -41.01
N LEU D 341 10.22 10.59 -41.47
CA LEU D 341 8.99 9.78 -41.43
C LEU D 341 8.58 9.49 -39.98
N GLY D 342 9.58 9.29 -39.11
CA GLY D 342 9.37 9.07 -37.67
C GLY D 342 8.87 10.27 -36.89
N GLY D 343 8.93 11.47 -37.46
CA GLY D 343 8.47 12.72 -36.85
C GLY D 343 7.15 13.24 -37.38
N ILE D 344 6.46 12.46 -38.26
CA ILE D 344 5.13 12.80 -38.77
C ILE D 344 4.12 12.64 -37.63
N GLY D 345 3.34 13.70 -37.38
CA GLY D 345 2.33 13.71 -36.33
C GLY D 345 0.92 13.96 -36.79
N TYR D 346 -0.06 13.72 -35.90
CA TYR D 346 -1.47 13.96 -36.11
C TYR D 346 -1.94 14.88 -34.99
N PHE D 347 -2.50 16.04 -35.35
CA PHE D 347 -2.96 17.07 -34.41
C PHE D 347 -4.42 17.45 -34.68
N TYR D 348 -5.16 17.87 -33.65
CA TYR D 348 -6.56 18.29 -33.77
C TYR D 348 -6.87 19.36 -32.72
N GLY D 349 -7.55 20.42 -33.14
CA GLY D 349 -7.95 21.49 -32.22
C GLY D 349 -8.21 22.85 -32.83
N GLN D 350 -8.44 23.85 -31.96
CA GLN D 350 -8.68 25.25 -32.30
C GLN D 350 -7.41 26.09 -32.04
N GLY D 351 -6.90 26.73 -33.10
CA GLY D 351 -5.76 27.65 -32.98
C GLY D 351 -6.25 29.05 -32.59
N LEU D 352 -5.32 29.90 -32.14
CA LEU D 352 -5.61 31.29 -31.78
C LEU D 352 -5.23 32.19 -32.96
N VAL D 353 -6.12 33.13 -33.31
CA VAL D 353 -5.95 34.04 -34.45
C VAL D 353 -6.19 35.51 -34.05
N LEU D 354 -5.37 36.42 -34.61
CA LEU D 354 -5.61 37.86 -34.46
C LEU D 354 -6.01 38.43 -35.83
N PRO D 355 -7.33 38.79 -36.06
CA PRO D 355 -7.69 39.34 -37.39
C PRO D 355 -6.94 40.64 -37.72
N ASP D 356 -6.69 40.87 -38.99
CA ASP D 356 -6.00 42.07 -39.44
C ASP D 356 -7.03 43.20 -39.48
N THR D 357 -6.81 44.28 -38.71
CA THR D 357 -7.77 45.39 -38.66
C THR D 357 -7.54 46.40 -39.81
N ASP D 367 -8.60 41.97 -30.20
CA ASP D 367 -8.29 40.88 -29.26
C ASP D 367 -8.24 39.49 -29.92
N PRO D 368 -7.53 38.51 -29.31
CA PRO D 368 -7.46 37.17 -29.93
C PRO D 368 -8.80 36.45 -29.97
N ALA D 369 -8.97 35.59 -31.00
CA ALA D 369 -10.14 34.77 -31.24
C ALA D 369 -9.74 33.33 -31.57
N LEU D 370 -10.64 32.38 -31.37
CA LEU D 370 -10.44 30.97 -31.70
C LEU D 370 -10.85 30.72 -33.16
N PHE D 371 -10.10 29.88 -33.86
CA PHE D 371 -10.37 29.47 -35.24
C PHE D 371 -11.24 28.18 -35.18
N PRO D 372 -11.96 27.72 -36.23
CA PRO D 372 -12.70 26.44 -36.12
C PRO D 372 -11.83 25.21 -35.83
N PRO D 373 -12.34 24.14 -35.14
CA PRO D 373 -11.49 22.93 -34.92
C PRO D 373 -11.17 22.23 -36.24
N VAL D 374 -9.91 21.83 -36.41
CA VAL D 374 -9.43 21.21 -37.64
C VAL D 374 -8.38 20.13 -37.40
N PRO D 375 -8.28 19.10 -38.27
CA PRO D 375 -7.19 18.15 -38.14
C PRO D 375 -5.93 18.60 -38.93
N LEU D 376 -4.76 18.10 -38.52
CA LEU D 376 -3.51 18.34 -39.24
C LEU D 376 -2.62 17.10 -39.20
N PHE D 377 -2.22 16.62 -40.37
CA PHE D 377 -1.34 15.48 -40.56
C PHE D 377 -0.09 16.09 -41.22
N SER D 378 1.05 16.12 -40.47
CA SER D 378 2.21 16.88 -40.93
C SER D 378 3.56 16.43 -40.32
N GLY D 379 4.65 16.69 -41.05
CA GLY D 379 6.01 16.49 -40.54
C GLY D 379 6.31 17.59 -39.53
N VAL D 380 7.29 17.41 -38.66
CA VAL D 380 7.65 18.42 -37.66
C VAL D 380 9.14 18.81 -37.83
N PRO D 381 9.57 20.07 -37.56
CA PRO D 381 11.01 20.39 -37.71
C PRO D 381 11.95 19.69 -36.73
N SER D 382 11.50 19.45 -35.47
CA SER D 382 12.33 18.77 -34.46
C SER D 382 11.48 18.03 -33.47
N ARG D 383 11.94 16.89 -32.99
CA ARG D 383 11.22 16.13 -31.96
C ARG D 383 11.34 16.82 -30.60
N SER D 384 12.43 17.62 -30.41
CA SER D 384 12.73 18.43 -29.22
C SER D 384 11.75 19.62 -29.00
N PHE D 385 10.93 19.94 -30.03
CA PHE D 385 9.93 21.02 -30.04
CA PHE D 385 9.98 21.03 -29.92
C PHE D 385 8.55 20.53 -29.56
N PHE D 386 7.69 21.45 -29.07
CA PHE D 386 6.31 21.09 -28.74
C PHE D 386 5.61 20.63 -30.05
N PRO D 387 4.71 19.61 -30.04
CA PRO D 387 4.23 19.07 -31.34
C PRO D 387 3.44 20.05 -32.21
N ARG D 388 4.15 20.76 -33.14
CA ARG D 388 3.58 21.83 -33.99
C ARG D 388 3.96 21.78 -35.47
N GLY D 389 3.06 22.30 -36.32
CA GLY D 389 3.33 22.40 -37.76
C GLY D 389 3.85 23.77 -38.12
N PHE D 390 4.83 23.84 -39.03
CA PHE D 390 5.43 25.10 -39.52
C PHE D 390 5.31 25.11 -41.03
N LEU D 391 4.63 26.15 -41.56
CA LEU D 391 4.25 26.31 -42.96
C LEU D 391 5.43 26.22 -43.99
N TRP D 392 6.49 27.06 -43.89
CA TRP D 392 7.56 26.96 -44.91
C TRP D 392 8.49 25.75 -44.69
N ASP D 393 8.56 25.22 -43.45
CA ASP D 393 9.36 24.00 -43.21
C ASP D 393 8.73 22.81 -43.93
N GLU D 394 7.38 22.70 -43.90
CA GLU D 394 6.62 21.60 -44.51
C GLU D 394 6.85 21.41 -46.00
N GLY D 395 7.03 22.50 -46.77
CA GLY D 395 7.35 22.43 -48.20
C GLY D 395 8.64 21.65 -48.43
N PHE D 396 9.67 21.91 -47.60
CA PHE D 396 10.96 21.22 -47.67
C PHE D 396 10.85 19.76 -47.20
N HIS D 397 10.05 19.48 -46.11
CA HIS D 397 9.82 18.11 -45.60
C HIS D 397 9.19 17.21 -46.69
N GLN D 398 8.18 17.76 -47.41
CA GLN D 398 7.42 17.02 -48.42
C GLN D 398 8.20 16.76 -49.71
N LEU D 399 9.29 17.52 -49.98
CA LEU D 399 10.16 17.25 -51.13
C LEU D 399 10.83 15.88 -50.96
N VAL D 400 11.17 15.53 -49.70
CA VAL D 400 11.79 14.24 -49.34
C VAL D 400 10.72 13.13 -49.29
N VAL D 401 9.62 13.35 -48.55
CA VAL D 401 8.52 12.39 -48.37
C VAL D 401 7.92 11.92 -49.72
N GLN D 402 7.64 12.86 -50.67
CA GLN D 402 6.99 12.52 -51.94
C GLN D 402 7.80 11.52 -52.80
N ARG D 403 9.14 11.51 -52.70
CA ARG D 403 9.99 10.56 -53.43
C ARG D 403 9.81 9.14 -52.88
N TRP D 404 9.55 9.02 -51.56
CA TRP D 404 9.35 7.73 -50.89
C TRP D 404 7.91 7.23 -50.97
N ASP D 405 6.94 8.10 -50.65
CA ASP D 405 5.52 7.73 -50.60
C ASP D 405 4.65 8.89 -51.07
N PRO D 406 4.20 8.89 -52.34
CA PRO D 406 3.38 10.02 -52.83
C PRO D 406 2.05 10.20 -52.12
N HIS D 407 1.45 9.10 -51.65
CA HIS D 407 0.18 9.14 -50.92
C HIS D 407 0.30 9.94 -49.61
N LEU D 408 1.44 9.81 -48.88
CA LEU D 408 1.70 10.52 -47.63
C LEU D 408 1.72 12.04 -47.86
N THR D 409 2.31 12.46 -48.99
CA THR D 409 2.39 13.86 -49.42
C THR D 409 1.00 14.44 -49.71
N ARG D 410 0.14 13.67 -50.41
CA ARG D 410 -1.23 14.09 -50.75
C ARG D 410 -2.04 14.29 -49.46
N GLU D 411 -1.85 13.38 -48.47
CA GLU D 411 -2.45 13.43 -47.13
C GLU D 411 -1.99 14.69 -46.39
N ALA D 412 -0.66 14.95 -46.31
CA ALA D 412 -0.13 16.16 -45.65
C ALA D 412 -0.51 17.47 -46.33
N LEU D 413 -0.43 17.55 -47.69
CA LEU D 413 -0.81 18.78 -48.41
C LEU D 413 -2.29 19.06 -48.33
N GLY D 414 -3.10 17.99 -48.42
CA GLY D 414 -4.55 18.05 -48.28
C GLY D 414 -4.96 18.60 -46.92
N HIS D 415 -4.24 18.24 -45.83
CA HIS D 415 -4.52 18.75 -44.49
C HIS D 415 -4.11 20.25 -44.34
N TRP D 416 -2.92 20.64 -44.84
CA TRP D 416 -2.48 22.05 -44.78
C TRP D 416 -3.43 22.97 -45.55
N LEU D 417 -3.93 22.53 -46.72
CA LEU D 417 -4.89 23.28 -47.53
C LEU D 417 -6.27 23.40 -46.85
N GLY D 418 -6.56 22.50 -45.91
CA GLY D 418 -7.78 22.51 -45.11
C GLY D 418 -7.76 23.55 -43.99
N LEU D 419 -6.62 24.25 -43.80
CA LEU D 419 -6.42 25.28 -42.78
C LEU D 419 -6.71 26.71 -43.25
N LEU D 420 -7.00 26.89 -44.56
CA LEU D 420 -7.26 28.21 -45.14
C LEU D 420 -8.49 28.88 -44.54
N ASN D 421 -8.40 30.18 -44.29
CA ASN D 421 -9.57 30.95 -43.88
C ASN D 421 -10.21 31.46 -45.20
N ALA D 422 -11.40 32.11 -45.11
CA ALA D 422 -12.12 32.62 -46.28
C ALA D 422 -11.33 33.68 -47.12
N ASP D 423 -10.27 34.30 -46.56
CA ASP D 423 -9.41 35.24 -47.30
C ASP D 423 -8.24 34.53 -48.01
N GLY D 424 -7.98 33.28 -47.67
CA GLY D 424 -6.87 32.54 -48.25
C GLY D 424 -5.61 32.50 -47.39
N TRP D 425 -5.71 32.86 -46.10
CA TRP D 425 -4.57 32.85 -45.17
C TRP D 425 -4.45 31.51 -44.42
N ILE D 426 -3.19 31.07 -44.18
CA ILE D 426 -2.85 29.90 -43.36
C ILE D 426 -1.87 30.40 -42.27
N GLY D 427 -2.20 30.19 -40.98
CA GLY D 427 -1.28 30.53 -39.89
C GLY D 427 0.06 29.81 -40.04
N ARG D 428 1.18 30.54 -39.89
CA ARG D 428 2.53 30.04 -40.13
C ARG D 428 2.98 28.96 -39.12
N GLU D 429 2.45 28.97 -37.91
CA GLU D 429 2.73 28.02 -36.84
C GLU D 429 1.40 27.43 -36.34
N GLN D 430 1.20 26.12 -36.51
CA GLN D 430 -0.04 25.42 -36.15
C GLN D 430 0.06 24.74 -34.82
N ILE D 431 -0.59 25.32 -33.79
CA ILE D 431 -0.54 24.84 -32.38
C ILE D 431 -1.92 24.27 -32.01
N LEU D 432 -2.12 22.98 -32.33
CA LEU D 432 -3.45 22.34 -32.18
C LEU D 432 -3.47 21.25 -31.11
N GLY D 433 -4.27 21.48 -30.06
CA GLY D 433 -4.41 20.59 -28.92
C GLY D 433 -3.55 20.93 -27.72
N ASP D 434 -3.84 20.30 -26.55
CA ASP D 434 -3.15 20.58 -25.28
C ASP D 434 -1.65 20.29 -25.27
N GLU D 435 -1.15 19.20 -25.87
CA GLU D 435 0.32 18.98 -25.89
C GLU D 435 1.05 20.03 -26.73
N ALA D 436 0.44 20.48 -27.84
CA ALA D 436 1.06 21.50 -28.71
C ALA D 436 1.15 22.85 -28.01
N ARG D 437 0.08 23.23 -27.21
CA ARG D 437 0.03 24.47 -26.44
C ARG D 437 1.05 24.48 -25.31
N ALA D 438 1.31 23.30 -24.72
CA ALA D 438 2.30 22.99 -23.69
C ALA D 438 2.56 24.06 -22.62
N ARG D 439 1.50 24.52 -21.95
CA ARG D 439 1.57 25.50 -20.84
C ARG D 439 2.18 26.87 -21.18
N VAL D 440 2.15 27.28 -22.46
CA VAL D 440 2.62 28.60 -22.88
C VAL D 440 1.41 29.54 -22.76
N PRO D 441 1.52 30.76 -22.17
CA PRO D 441 0.36 31.66 -22.12
C PRO D 441 -0.20 31.97 -23.51
N PRO D 442 -1.55 32.07 -23.64
CA PRO D 442 -2.16 32.34 -24.97
C PRO D 442 -1.63 33.54 -25.75
N GLU D 443 -1.09 34.55 -25.04
CA GLU D 443 -0.54 35.78 -25.63
C GLU D 443 0.58 35.48 -26.64
N PHE D 444 1.33 34.40 -26.39
CA PHE D 444 2.46 33.94 -27.19
C PHE D 444 2.09 32.82 -28.17
N LEU D 445 0.79 32.43 -28.22
CA LEU D 445 0.29 31.38 -29.12
C LEU D 445 -0.47 31.92 -30.33
N VAL D 446 -0.88 33.19 -30.27
CA VAL D 446 -1.71 33.84 -31.28
C VAL D 446 -0.98 34.05 -32.64
N GLN D 447 -1.65 33.59 -33.72
CA GLN D 447 -1.18 33.72 -35.08
C GLN D 447 -1.83 34.96 -35.69
N ARG D 448 -1.04 35.77 -36.37
CA ARG D 448 -1.54 37.00 -36.96
C ARG D 448 -1.95 36.81 -38.40
N ALA D 449 -3.26 37.05 -38.67
CA ALA D 449 -3.86 36.95 -39.99
C ALA D 449 -3.20 37.87 -41.06
N ALA D 450 -2.49 38.94 -40.64
CA ALA D 450 -1.77 39.85 -41.54
C ALA D 450 -0.42 39.30 -42.00
N HIS D 451 0.12 38.30 -41.26
CA HIS D 451 1.47 37.76 -41.49
C HIS D 451 1.54 36.47 -42.33
N ALA D 452 2.51 36.44 -43.24
CA ALA D 452 2.74 35.36 -44.18
C ALA D 452 3.93 34.46 -43.79
N ASN D 453 4.30 33.58 -44.69
CA ASN D 453 5.45 32.67 -44.63
C ASN D 453 5.77 32.24 -46.06
N PRO D 454 7.06 31.96 -46.44
CA PRO D 454 7.33 31.54 -47.81
C PRO D 454 6.44 30.38 -48.29
N PRO D 455 5.94 30.46 -49.54
CA PRO D 455 5.03 29.41 -50.06
C PRO D 455 5.75 28.17 -50.61
N THR D 456 6.59 27.54 -49.79
CA THR D 456 7.36 26.34 -50.18
C THR D 456 6.48 25.13 -50.45
N LEU D 457 5.19 25.12 -50.01
CA LEU D 457 4.24 24.03 -50.33
C LEU D 457 4.08 23.85 -51.84
N LEU D 458 4.42 24.89 -52.64
CA LEU D 458 4.37 24.88 -54.09
C LEU D 458 5.54 24.11 -54.72
N LEU D 459 6.67 23.93 -53.97
CA LEU D 459 7.84 23.17 -54.46
C LEU D 459 7.47 21.66 -54.69
N PRO D 460 6.87 20.88 -53.72
CA PRO D 460 6.44 19.52 -54.09
C PRO D 460 5.38 19.44 -55.20
N VAL D 461 4.60 20.53 -55.43
CA VAL D 461 3.60 20.63 -56.50
C VAL D 461 4.27 20.53 -57.88
N VAL D 462 5.44 21.20 -58.06
CA VAL D 462 6.19 21.17 -59.32
C VAL D 462 6.59 19.73 -59.68
N HIS D 463 7.03 18.93 -58.67
CA HIS D 463 7.43 17.54 -58.89
C HIS D 463 6.24 16.67 -59.28
N LEU D 465 3.57 17.61 -60.89
CA LEU D 465 3.25 18.00 -62.24
C LEU D 465 4.18 17.29 -63.25
N GLU D 466 5.49 17.23 -62.93
CA GLU D 466 6.55 16.62 -63.72
C GLU D 466 6.38 15.11 -63.91
N GLY D 467 5.90 14.42 -62.89
CA GLY D 467 5.73 12.96 -62.88
C GLY D 467 4.53 12.38 -63.60
N HIS D 468 3.52 13.23 -63.89
CA HIS D 468 2.26 12.89 -64.57
C HIS D 468 1.56 11.61 -64.03
N ASP D 469 1.64 11.35 -62.71
CA ASP D 469 0.96 10.20 -62.10
C ASP D 469 -0.53 10.53 -61.98
N PRO D 470 -1.45 9.59 -62.33
CA PRO D 470 -2.89 9.90 -62.31
C PRO D 470 -3.48 10.30 -60.98
N ASP D 471 -3.03 9.66 -59.89
CA ASP D 471 -3.51 9.96 -58.54
C ASP D 471 -3.08 11.36 -58.10
N ASP D 472 -1.86 11.77 -58.47
CA ASP D 472 -1.32 13.10 -58.18
C ASP D 472 -2.09 14.18 -58.95
N LEU D 473 -2.38 13.93 -60.24
CA LEU D 473 -3.09 14.84 -61.14
C LEU D 473 -4.56 15.02 -60.74
N ALA D 474 -5.20 13.91 -60.28
CA ALA D 474 -6.58 13.95 -59.80
C ALA D 474 -6.64 14.80 -58.51
N PHE D 475 -5.59 14.71 -57.66
CA PHE D 475 -5.46 15.47 -56.41
C PHE D 475 -5.30 16.96 -56.70
N LEU D 476 -4.40 17.30 -57.66
CA LEU D 476 -4.10 18.66 -58.09
C LEU D 476 -5.30 19.40 -58.69
N ARG D 477 -6.19 18.65 -59.38
CA ARG D 477 -7.43 19.14 -59.98
C ARG D 477 -8.40 19.59 -58.87
N ALA D 479 -7.46 20.18 -55.61
CA ALA D 479 -6.78 21.17 -54.78
C ALA D 479 -6.60 22.56 -55.42
N PHE D 480 -6.74 22.70 -56.77
CA PHE D 480 -6.48 23.97 -57.46
C PHE D 480 -7.19 25.21 -56.88
N PRO D 481 -8.52 25.23 -56.61
CA PRO D 481 -9.11 26.47 -56.08
C PRO D 481 -8.49 26.95 -54.75
N ARG D 482 -8.11 26.02 -53.89
CA ARG D 482 -7.45 26.30 -52.60
C ARG D 482 -6.00 26.82 -52.79
N LEU D 483 -5.20 26.19 -53.68
CA LEU D 483 -3.82 26.63 -53.97
C LEU D 483 -3.85 28.07 -54.57
N HIS D 484 -4.83 28.32 -55.45
CA HIS D 484 -5.02 29.62 -56.09
C HIS D 484 -5.45 30.73 -55.10
N ALA D 485 -6.39 30.41 -54.19
CA ALA D 485 -6.87 31.34 -53.14
C ALA D 485 -5.69 31.74 -52.21
N TRP D 486 -4.86 30.75 -51.82
CA TRP D 486 -3.69 30.93 -50.95
C TRP D 486 -2.63 31.82 -51.62
N PHE D 487 -2.34 31.58 -52.91
CA PHE D 487 -1.37 32.40 -53.64
C PHE D 487 -1.88 33.84 -53.82
N SER D 488 -3.16 33.99 -54.19
CA SER D 488 -3.79 35.31 -54.39
C SER D 488 -3.74 36.13 -53.10
N TRP D 489 -3.94 35.46 -51.94
CA TRP D 489 -3.83 36.10 -50.62
C TRP D 489 -2.41 36.66 -50.45
N LEU D 490 -1.37 35.87 -50.77
CA LEU D 490 0.02 36.32 -50.61
C LEU D 490 0.34 37.57 -51.41
N HIS D 491 -0.03 37.57 -52.73
CA HIS D 491 0.17 38.67 -53.70
C HIS D 491 -0.51 39.97 -53.27
N GLN D 492 -1.75 39.85 -52.78
CA GLN D 492 -2.57 40.99 -52.36
C GLN D 492 -2.21 41.50 -50.95
N SER D 493 -2.06 40.59 -49.96
CA SER D 493 -1.82 41.00 -48.56
C SER D 493 -0.42 41.55 -48.30
N GLN D 494 0.56 41.13 -49.11
CA GLN D 494 1.93 41.56 -48.90
C GLN D 494 2.44 42.57 -49.96
N ALA D 495 1.53 43.21 -50.73
CA ALA D 495 1.88 44.21 -51.76
C ALA D 495 2.74 45.37 -51.19
N GLY D 496 3.80 45.73 -51.91
CA GLY D 496 4.72 46.80 -51.50
C GLY D 496 4.25 48.21 -51.84
N PRO D 497 5.12 49.24 -51.66
CA PRO D 497 4.69 50.63 -51.92
C PRO D 497 4.46 50.98 -53.38
N VAL D 498 5.15 50.31 -54.31
CA VAL D 498 5.08 50.55 -55.76
C VAL D 498 4.68 49.29 -56.53
N PRO D 499 4.22 49.39 -57.81
CA PRO D 499 3.85 48.18 -58.56
C PRO D 499 4.95 47.15 -58.71
N LEU D 500 4.61 45.87 -58.55
CA LEU D 500 5.47 44.68 -58.64
C LEU D 500 6.51 44.62 -57.50
N SER D 501 6.27 45.36 -56.41
CA SER D 501 7.12 45.32 -55.21
C SER D 501 6.33 44.69 -54.06
N TYR D 502 7.05 44.07 -53.09
CA TYR D 502 6.43 43.38 -51.96
C TYR D 502 7.12 43.68 -50.66
N ARG D 503 6.38 43.72 -49.57
CA ARG D 503 6.93 44.03 -48.26
C ARG D 503 6.34 43.08 -47.18
N TRP D 504 7.22 42.33 -46.48
CA TRP D 504 6.77 41.42 -45.41
C TRP D 504 6.10 42.23 -44.29
N ARG D 505 4.84 41.90 -43.96
CA ARG D 505 4.21 42.51 -42.79
C ARG D 505 4.74 41.78 -41.56
N GLY D 506 4.81 42.47 -40.43
CA GLY D 506 5.22 41.84 -39.19
C GLY D 506 6.66 41.97 -38.74
N ARG D 507 7.42 42.96 -39.27
CA ARG D 507 8.75 43.26 -38.77
C ARG D 507 8.57 43.76 -37.32
N ASP D 508 9.53 43.47 -36.41
CA ASP D 508 9.39 43.91 -35.00
C ASP D 508 9.15 45.40 -34.91
N LEU D 509 8.38 45.80 -33.89
CA LEU D 509 8.18 47.20 -33.57
C LEU D 509 9.50 47.69 -32.99
N ALA D 510 10.02 48.80 -33.55
CA ALA D 510 11.30 49.40 -33.14
C ALA D 510 11.35 49.60 -31.62
N LEU D 511 12.29 48.91 -30.97
CA LEU D 511 12.50 48.97 -29.53
C LEU D 511 13.92 49.44 -29.26
N PRO D 512 14.19 50.14 -28.14
CA PRO D 512 15.57 50.58 -27.87
C PRO D 512 16.54 49.43 -27.61
N THR D 513 16.02 48.21 -27.31
CA THR D 513 16.81 47.01 -27.01
C THR D 513 17.31 46.25 -28.25
N LEU D 514 16.59 46.37 -29.39
CA LEU D 514 16.87 45.66 -30.64
C LEU D 514 17.91 46.32 -31.52
N LEU D 515 18.99 45.62 -31.89
CA LEU D 515 20.02 46.16 -32.80
C LEU D 515 19.41 46.39 -34.20
N ASN D 516 18.67 45.40 -34.69
CA ASN D 516 17.99 45.43 -35.98
C ASN D 516 16.68 44.67 -35.84
N PRO D 517 15.52 45.33 -36.10
CA PRO D 517 14.23 44.62 -35.96
C PRO D 517 14.15 43.36 -36.83
N THR D 519 12.43 39.95 -38.88
CA THR D 519 11.37 39.73 -39.86
C THR D 519 10.95 38.26 -39.76
N LEU D 520 10.36 37.87 -38.61
CA LEU D 520 9.91 36.50 -38.31
C LEU D 520 9.04 35.86 -39.42
N PRO D 521 8.07 36.55 -40.05
CA PRO D 521 7.28 35.91 -41.14
C PRO D 521 8.09 35.47 -42.36
N SER D 522 9.26 36.09 -42.66
CA SER D 522 10.11 35.67 -43.81
C SER D 522 10.79 34.31 -43.62
N GLY D 523 10.91 33.88 -42.36
CA GLY D 523 11.59 32.64 -42.01
C GLY D 523 13.06 32.86 -41.68
N LEU D 524 13.64 33.98 -42.12
CA LEU D 524 15.03 34.33 -41.85
C LEU D 524 15.03 35.36 -40.72
N ASP D 525 14.59 34.91 -39.53
CA ASP D 525 14.34 35.68 -38.30
C ASP D 525 15.17 36.95 -38.15
N ASP D 526 16.50 36.82 -37.94
CA ASP D 526 17.37 37.98 -37.67
C ASP D 526 18.29 38.42 -38.83
N TYR D 527 17.96 38.00 -40.06
CA TYR D 527 18.71 38.47 -41.22
C TYR D 527 18.51 40.00 -41.28
N PRO D 528 19.62 40.77 -41.37
CA PRO D 528 19.50 42.24 -41.32
C PRO D 528 18.82 42.88 -42.50
N ARG D 529 17.88 43.78 -42.18
CA ARG D 529 17.13 44.57 -43.15
C ARG D 529 17.20 46.04 -42.70
N ALA D 530 16.37 46.95 -43.26
CA ALA D 530 16.42 48.38 -42.93
C ALA D 530 16.34 48.61 -41.41
N SER D 531 17.31 49.40 -40.88
CA SER D 531 17.41 49.69 -39.44
C SER D 531 16.18 50.35 -38.86
N HIS D 532 15.51 51.18 -39.66
CA HIS D 532 14.31 51.94 -39.25
C HIS D 532 13.13 51.52 -40.13
N PRO D 533 12.37 50.47 -39.72
CA PRO D 533 11.23 50.01 -40.54
C PRO D 533 10.18 51.06 -40.87
N SER D 534 9.60 50.94 -42.09
CA SER D 534 8.53 51.81 -42.60
C SER D 534 7.79 51.10 -43.76
N THR D 535 6.70 51.73 -44.24
CA THR D 535 5.89 51.25 -45.38
C THR D 535 6.58 51.50 -46.74
N ALA D 536 7.74 52.18 -46.75
CA ALA D 536 8.54 52.44 -47.97
C ALA D 536 9.49 51.27 -48.32
N GLU D 537 9.57 50.26 -47.45
CA GLU D 537 10.44 49.10 -47.66
C GLU D 537 10.05 48.25 -48.85
N ARG D 538 11.08 47.64 -49.51
CA ARG D 538 10.92 46.71 -50.63
C ARG D 538 11.77 45.48 -50.28
N HIS D 539 11.14 44.27 -50.20
CA HIS D 539 11.85 43.03 -49.83
C HIS D 539 12.09 42.09 -51.01
N LEU D 540 13.35 41.82 -51.30
CA LEU D 540 13.81 40.99 -52.41
C LEU D 540 13.34 39.53 -52.37
N ASP D 541 13.53 38.84 -51.24
CA ASP D 541 13.16 37.42 -51.12
C ASP D 541 11.67 37.19 -51.36
N LEU D 542 10.83 38.06 -50.80
CA LEU D 542 9.37 38.00 -50.96
C LEU D 542 8.97 38.18 -52.45
N ARG D 543 9.55 39.19 -53.14
CA ARG D 543 9.26 39.38 -54.57
C ARG D 543 9.56 38.10 -55.35
N CYS D 544 10.71 37.46 -55.07
CA CYS D 544 11.15 36.23 -55.72
C CYS D 544 10.20 35.04 -55.46
N TRP D 545 9.69 34.88 -54.20
CA TRP D 545 8.72 33.83 -53.86
C TRP D 545 7.41 34.02 -54.63
N VAL D 546 6.96 35.29 -54.82
CA VAL D 546 5.74 35.64 -55.57
C VAL D 546 5.92 35.30 -57.06
N ALA D 547 7.12 35.62 -57.65
CA ALA D 547 7.42 35.33 -59.06
C ALA D 547 7.38 33.81 -59.31
N LEU D 548 8.00 33.02 -58.41
CA LEU D 548 7.99 31.55 -58.48
C LEU D 548 6.56 30.99 -58.35
N GLY D 549 5.81 31.48 -57.35
CA GLY D 549 4.43 31.07 -57.09
C GLY D 549 3.50 31.29 -58.26
N ALA D 550 3.63 32.48 -58.89
CA ALA D 550 2.87 32.88 -60.07
C ALA D 550 3.15 31.93 -61.25
N ARG D 551 4.44 31.56 -61.47
CA ARG D 551 4.89 30.66 -62.53
C ARG D 551 4.38 29.22 -62.29
N VAL D 552 4.55 28.70 -61.07
CA VAL D 552 4.10 27.34 -60.70
C VAL D 552 2.60 27.17 -60.94
N LEU D 553 1.79 28.13 -60.46
CA LEU D 553 0.34 28.11 -60.59
C LEU D 553 -0.19 28.40 -62.01
N SER D 554 0.55 29.16 -62.87
CA SER D 554 0.08 29.33 -64.26
C SER D 554 0.27 28.00 -64.98
N GLN D 555 1.41 27.31 -64.74
CA GLN D 555 1.72 26.00 -65.33
C GLN D 555 0.64 24.98 -64.95
N LEU D 556 0.28 24.95 -63.64
CA LEU D 556 -0.78 24.10 -63.11
C LEU D 556 -2.14 24.41 -63.78
N ALA D 557 -2.53 25.70 -63.86
CA ALA D 557 -3.77 26.17 -64.48
C ALA D 557 -3.86 25.79 -65.96
N GLU D 558 -2.73 25.87 -66.70
CA GLU D 558 -2.70 25.50 -68.12
C GLU D 558 -2.86 23.99 -68.33
N GLN D 559 -2.21 23.18 -67.49
CA GLN D 559 -2.32 21.73 -67.53
C GLN D 559 -3.73 21.21 -67.18
N LEU D 560 -4.43 21.91 -66.27
CA LEU D 560 -5.78 21.54 -65.84
C LEU D 560 -6.93 22.07 -66.73
N GLY D 561 -6.65 23.09 -67.53
CA GLY D 561 -7.65 23.73 -68.38
C GLY D 561 -8.45 24.80 -67.65
N GLU D 562 -7.82 25.42 -66.61
CA GLU D 562 -8.38 26.51 -65.79
C GLU D 562 -8.15 27.82 -66.56
N THR D 563 -8.91 28.02 -67.66
CA THR D 563 -8.76 29.11 -68.62
C THR D 563 -8.64 30.51 -68.02
N GLU D 564 -9.62 30.93 -67.20
CA GLU D 564 -9.61 32.27 -66.62
C GLU D 564 -8.50 32.47 -65.57
N ALA D 565 -8.13 31.41 -64.79
CA ALA D 565 -7.05 31.49 -63.80
C ALA D 565 -5.71 31.70 -64.54
N ALA D 566 -5.50 30.91 -65.61
CA ALA D 566 -4.33 30.96 -66.51
C ALA D 566 -4.17 32.35 -67.11
N ALA D 567 -5.30 32.99 -67.50
CA ALA D 567 -5.36 34.32 -68.10
C ALA D 567 -4.89 35.43 -67.16
N GLU D 568 -5.01 35.20 -65.84
CA GLU D 568 -4.62 36.13 -64.80
C GLU D 568 -3.16 35.87 -64.37
N LEU D 569 -2.85 34.60 -64.10
CA LEU D 569 -1.57 34.13 -63.61
C LEU D 569 -0.41 34.26 -64.61
N GLY D 570 -0.66 33.88 -65.86
CA GLY D 570 0.33 33.95 -66.94
C GLY D 570 0.96 35.33 -67.05
N PRO D 571 0.16 36.40 -67.27
CA PRO D 571 0.74 37.76 -67.36
C PRO D 571 1.42 38.26 -66.08
N LEU D 572 0.93 37.86 -64.88
CA LEU D 572 1.58 38.23 -63.63
C LEU D 572 3.01 37.58 -63.52
N ALA D 573 3.11 36.27 -63.86
CA ALA D 573 4.40 35.55 -63.85
C ALA D 573 5.40 36.22 -64.82
N ALA D 574 4.95 36.55 -66.05
CA ALA D 574 5.82 37.22 -67.05
C ALA D 574 6.27 38.60 -66.57
N SER D 575 5.36 39.39 -65.97
CA SER D 575 5.68 40.74 -65.44
C SER D 575 6.74 40.69 -64.32
N LEU D 576 6.73 39.63 -63.51
CA LEU D 576 7.67 39.49 -62.41
C LEU D 576 9.02 38.85 -62.81
N GLU D 577 9.08 38.14 -63.96
CA GLU D 577 10.31 37.53 -64.47
C GLU D 577 11.10 38.55 -65.35
N GLU D 578 10.41 39.61 -65.84
CA GLU D 578 10.98 40.67 -66.70
C GLU D 578 12.24 41.32 -66.04
N PRO D 579 13.42 41.40 -66.72
CA PRO D 579 14.64 41.89 -66.02
C PRO D 579 14.66 43.37 -65.64
N GLY D 580 14.03 44.22 -66.45
CA GLY D 580 13.95 45.66 -66.22
C GLY D 580 13.33 46.05 -64.88
N SER D 581 12.13 45.51 -64.59
CA SER D 581 11.44 45.78 -63.32
C SER D 581 12.25 45.28 -62.10
N LEU D 582 12.80 44.05 -62.14
CA LEU D 582 13.64 43.52 -61.06
C LEU D 582 14.87 44.44 -60.79
N ASP D 583 15.50 44.96 -61.87
CA ASP D 583 16.67 45.84 -61.76
C ASP D 583 16.30 47.18 -61.11
N GLU D 584 15.21 47.79 -61.60
CA GLU D 584 14.68 49.06 -61.11
C GLU D 584 14.33 48.98 -59.62
N LEU D 585 13.76 47.85 -59.18
CA LEU D 585 13.34 47.68 -57.80
C LEU D 585 14.39 47.14 -56.84
N HIS D 586 15.35 46.32 -57.31
CA HIS D 586 16.30 45.68 -56.39
C HIS D 586 17.79 45.71 -56.78
N TRP D 587 18.17 46.12 -58.01
CA TRP D 587 19.60 46.14 -58.33
C TRP D 587 20.33 47.35 -57.69
N ALA D 588 21.32 47.07 -56.81
CA ALA D 588 22.11 48.10 -56.11
C ALA D 588 23.54 48.18 -56.72
N PRO D 589 23.79 49.14 -57.66
CA PRO D 589 25.12 49.20 -58.30
C PRO D 589 26.29 49.54 -57.37
N GLU D 590 26.06 50.36 -56.33
CA GLU D 590 27.07 50.71 -55.33
C GLU D 590 27.45 49.48 -54.45
N LEU D 591 26.59 48.44 -54.44
CA LEU D 591 26.81 47.22 -53.67
C LEU D 591 27.20 46.04 -54.56
N GLY D 592 26.90 46.14 -55.87
CA GLY D 592 27.16 45.09 -56.84
C GLY D 592 26.33 43.83 -56.63
N VAL D 593 25.15 43.97 -56.00
CA VAL D 593 24.23 42.87 -55.71
C VAL D 593 22.80 43.40 -55.71
N PHE D 594 21.82 42.47 -55.71
CA PHE D 594 20.41 42.71 -55.51
C PHE D 594 20.23 42.91 -54.00
N ALA D 595 19.41 43.90 -53.59
CA ALA D 595 19.23 44.20 -52.15
C ALA D 595 17.81 44.63 -51.73
N ASP D 596 17.55 44.57 -50.40
CA ASP D 596 16.32 45.11 -49.80
C ASP D 596 16.51 46.64 -49.79
N PHE D 597 15.41 47.40 -49.71
CA PHE D 597 15.39 48.87 -49.71
C PHE D 597 14.59 49.34 -48.49
N GLY D 598 14.97 50.50 -47.95
CA GLY D 598 14.29 51.13 -46.82
C GLY D 598 15.10 52.22 -46.13
N ASN D 599 14.55 52.79 -45.05
CA ASN D 599 15.17 53.85 -44.25
C ASN D 599 16.23 53.21 -43.36
N HIS D 600 17.51 53.39 -43.74
CA HIS D 600 18.62 52.66 -43.14
C HIS D 600 19.90 53.47 -42.88
N THR D 601 20.60 53.09 -41.81
CA THR D 601 21.94 53.53 -41.46
C THR D 601 22.77 52.34 -40.94
N LYS D 602 24.04 52.27 -41.36
CA LYS D 602 25.02 51.29 -40.92
C LYS D 602 25.52 51.67 -39.50
N ALA D 603 25.33 52.95 -39.11
CA ALA D 603 25.77 53.50 -37.83
C ALA D 603 24.84 53.17 -36.65
N VAL D 604 24.76 51.87 -36.31
CA VAL D 604 23.95 51.38 -35.18
C VAL D 604 24.80 50.37 -34.39
N GLN D 605 24.80 50.52 -33.07
CA GLN D 605 25.57 49.67 -32.18
C GLN D 605 24.79 49.38 -30.89
N LEU D 606 25.06 48.23 -30.26
CA LEU D 606 24.50 47.93 -28.95
C LEU D 606 25.60 48.33 -27.95
N SER D 608 26.57 49.78 -23.77
CA SER D 608 26.10 49.75 -22.38
C SER D 608 26.01 51.15 -21.77
N ARG D 609 24.77 51.60 -21.53
CA ARG D 609 24.52 52.94 -21.00
C ARG D 609 23.59 52.93 -19.77
N PRO D 610 24.14 52.98 -18.53
CA PRO D 610 23.29 53.01 -17.33
C PRO D 610 22.51 54.33 -17.24
N PRO D 611 21.24 54.35 -16.78
CA PRO D 611 20.46 53.26 -16.16
C PRO D 611 19.58 52.42 -17.09
N GLN D 612 19.43 52.82 -18.38
CA GLN D 612 18.58 52.14 -19.38
C GLN D 612 19.01 50.69 -19.78
N GLY D 613 20.22 50.26 -19.42
CA GLY D 613 20.76 48.94 -19.74
C GLY D 613 21.34 48.85 -21.15
N LEU D 614 21.56 47.61 -21.68
CA LEU D 614 22.09 47.40 -23.03
C LEU D 614 21.07 47.93 -24.03
N VAL D 615 21.41 49.02 -24.75
CA VAL D 615 20.52 49.69 -25.71
C VAL D 615 21.20 49.96 -27.06
N ARG D 616 20.39 50.18 -28.11
CA ARG D 616 20.95 50.52 -29.41
C ARG D 616 21.22 52.04 -29.48
N VAL D 617 22.36 52.40 -30.08
CA VAL D 617 22.85 53.76 -30.23
C VAL D 617 23.00 54.07 -31.72
N VAL D 618 22.15 54.98 -32.23
CA VAL D 618 22.17 55.39 -33.63
C VAL D 618 23.09 56.59 -33.72
N GLY D 619 24.14 56.45 -34.51
CA GLY D 619 25.16 57.49 -34.71
C GLY D 619 25.02 58.18 -36.04
N ARG D 620 26.16 58.64 -36.59
CA ARG D 620 26.20 59.35 -37.88
C ARG D 620 26.82 58.48 -38.99
N PRO D 621 26.29 58.49 -40.23
CA PRO D 621 25.19 59.32 -40.75
C PRO D 621 23.79 58.89 -40.29
N PRO D 622 22.82 59.83 -40.21
CA PRO D 622 21.45 59.43 -39.81
C PRO D 622 20.77 58.53 -40.87
N PRO D 623 19.68 57.78 -40.54
CA PRO D 623 19.05 56.93 -41.58
C PRO D 623 18.40 57.72 -42.71
N ARG D 624 18.43 57.13 -43.91
CA ARG D 624 17.85 57.66 -45.14
C ARG D 624 17.43 56.48 -46.01
N LEU D 625 16.49 56.71 -46.95
CA LEU D 625 16.03 55.67 -47.88
C LEU D 625 17.16 55.30 -48.85
N GLN D 626 17.55 54.02 -48.85
CA GLN D 626 18.64 53.50 -49.69
C GLN D 626 18.62 51.98 -49.68
N TYR D 627 19.46 51.34 -50.52
CA TYR D 627 19.58 49.88 -50.53
C TYR D 627 20.37 49.45 -49.28
N VAL D 628 19.97 48.33 -48.67
CA VAL D 628 20.58 47.82 -47.45
C VAL D 628 21.78 46.91 -47.74
N ASP D 629 22.95 47.27 -47.19
CA ASP D 629 24.18 46.47 -47.34
C ASP D 629 24.11 45.29 -46.32
N ALA D 630 23.75 44.09 -46.81
CA ALA D 630 23.58 42.87 -46.03
C ALA D 630 23.75 41.68 -46.99
N LEU D 631 24.99 41.45 -47.39
CA LEU D 631 25.32 40.39 -48.33
C LEU D 631 25.18 38.98 -47.71
N GLY D 632 24.25 38.17 -48.20
CA GLY D 632 23.97 36.83 -47.69
C GLY D 632 22.92 36.09 -48.49
N TYR D 633 22.21 35.14 -47.85
CA TYR D 633 21.12 34.36 -48.49
C TYR D 633 20.10 35.21 -49.29
N VAL D 634 19.62 36.33 -48.72
CA VAL D 634 18.59 37.19 -49.36
C VAL D 634 19.10 37.75 -50.71
N SER D 635 20.36 38.19 -50.76
CA SER D 635 21.07 38.73 -51.93
C SER D 635 21.02 37.78 -53.15
N LEU D 636 21.01 36.47 -52.89
CA LEU D 636 21.06 35.37 -53.85
C LEU D 636 19.69 34.89 -54.39
N PHE D 637 18.55 35.37 -53.85
CA PHE D 637 17.23 34.86 -54.21
C PHE D 637 16.93 34.79 -55.74
N PRO D 638 17.30 35.78 -56.60
CA PRO D 638 17.04 35.60 -58.06
C PRO D 638 17.76 34.37 -58.66
N LEU D 639 18.92 34.01 -58.07
CA LEU D 639 19.67 32.84 -58.45
C LEU D 639 19.03 31.62 -57.79
N LEU D 640 18.80 31.66 -56.43
CA LEU D 640 18.24 30.52 -55.71
C LEU D 640 16.96 30.00 -56.35
N LEU D 641 16.08 30.90 -56.81
CA LEU D 641 14.78 30.47 -57.36
C LEU D 641 14.76 30.41 -58.89
N GLN D 642 15.96 30.39 -59.52
CA GLN D 642 16.22 30.24 -60.95
C GLN D 642 15.44 31.25 -61.81
N LEU D 643 15.42 32.53 -61.37
CA LEU D 643 14.67 33.59 -62.05
C LEU D 643 15.47 34.36 -63.11
N LEU D 644 16.82 34.28 -63.02
CA LEU D 644 17.69 34.97 -63.97
C LEU D 644 17.87 34.18 -65.25
N ASP D 645 17.95 34.90 -66.37
CA ASP D 645 18.25 34.26 -67.66
C ASP D 645 19.73 33.81 -67.58
N PRO D 646 20.12 32.68 -68.22
CA PRO D 646 21.55 32.28 -68.18
C PRO D 646 22.53 33.35 -68.71
N SER D 647 22.05 34.26 -69.60
CA SER D 647 22.86 35.34 -70.15
C SER D 647 22.63 36.69 -69.41
N SER D 648 22.00 36.66 -68.23
CA SER D 648 21.79 37.87 -67.45
C SER D 648 23.12 38.48 -66.96
N PRO D 649 23.27 39.82 -67.13
CA PRO D 649 24.48 40.50 -66.62
C PRO D 649 24.58 40.51 -65.10
N ARG D 650 23.53 40.05 -64.42
CA ARG D 650 23.55 40.02 -62.96
C ARG D 650 23.93 38.65 -62.39
N LEU D 651 23.88 37.60 -63.22
CA LEU D 651 24.22 36.22 -62.83
C LEU D 651 25.69 36.08 -62.38
N GLY D 652 26.66 36.55 -63.17
CA GLY D 652 28.09 36.53 -62.86
C GLY D 652 28.39 37.14 -61.49
N PRO D 653 28.01 38.43 -61.24
CA PRO D 653 28.22 39.02 -59.89
C PRO D 653 27.68 38.20 -58.69
N LEU D 654 26.52 37.52 -58.83
CA LEU D 654 25.94 36.71 -57.76
C LEU D 654 26.75 35.43 -57.52
N LEU D 655 27.29 34.82 -58.61
CA LEU D 655 28.15 33.62 -58.50
C LEU D 655 29.47 33.97 -57.83
N ASP D 656 30.02 35.16 -58.11
CA ASP D 656 31.28 35.62 -57.51
C ASP D 656 31.17 35.80 -55.99
N VAL D 657 30.08 36.42 -55.50
CA VAL D 657 29.85 36.61 -54.06
C VAL D 657 29.58 35.26 -53.29
N LEU D 658 28.86 34.32 -53.95
CA LEU D 658 28.55 32.97 -53.47
C LEU D 658 29.90 32.16 -53.31
N ALA D 659 30.83 32.26 -54.32
CA ALA D 659 32.15 31.58 -54.38
C ALA D 659 33.27 32.22 -53.55
N ASP D 660 33.06 33.47 -53.12
CA ASP D 660 34.03 34.22 -52.33
C ASP D 660 34.12 33.77 -50.87
N SER D 661 35.36 33.41 -50.43
CA SER D 661 35.67 33.00 -49.05
C SER D 661 35.50 34.14 -48.05
N ARG D 662 35.69 35.41 -48.50
CA ARG D 662 35.52 36.63 -47.69
C ARG D 662 34.02 36.92 -47.52
N HIS D 663 33.17 36.26 -48.31
CA HIS D 663 31.73 36.45 -48.24
C HIS D 663 30.99 35.20 -47.80
N LEU D 664 30.40 34.46 -48.75
CA LEU D 664 29.51 33.32 -48.49
C LEU D 664 30.12 31.92 -48.55
N TRP D 665 31.33 31.77 -49.10
CA TRP D 665 31.98 30.46 -49.22
C TRP D 665 32.79 30.00 -47.99
N SER D 666 32.24 29.04 -47.19
CA SER D 666 32.95 28.44 -46.05
C SER D 666 33.36 26.99 -46.41
N PRO D 667 34.28 26.31 -45.66
CA PRO D 667 34.61 24.90 -45.99
C PRO D 667 33.46 23.91 -45.75
N PHE D 668 32.33 24.37 -45.17
CA PHE D 668 31.21 23.51 -44.77
C PHE D 668 29.88 23.83 -45.49
N GLY D 669 29.93 24.73 -46.45
CA GLY D 669 28.76 25.17 -47.20
C GLY D 669 28.62 26.68 -47.25
N LEU D 670 27.49 27.17 -47.79
CA LEU D 670 27.20 28.59 -47.91
C LEU D 670 26.74 29.24 -46.60
N ARG D 671 27.40 30.35 -46.22
CA ARG D 671 27.06 31.13 -45.03
C ARG D 671 25.76 31.94 -45.24
N SER D 672 24.90 32.02 -44.17
CA SER D 672 23.66 32.83 -44.19
C SER D 672 23.94 34.30 -44.41
N LEU D 673 25.09 34.79 -43.93
CA LEU D 673 25.53 36.18 -44.05
C LEU D 673 27.07 36.27 -44.18
N SER D 674 27.56 37.21 -45.02
CA SER D 674 28.97 37.48 -45.31
C SER D 674 29.86 37.64 -44.06
N ALA D 675 31.08 37.02 -44.07
CA ALA D 675 32.07 37.10 -42.98
C ALA D 675 32.65 38.53 -42.86
N SER D 676 32.45 39.35 -43.90
CA SER D 676 32.88 40.75 -43.98
C SER D 676 31.79 41.75 -43.49
N SER D 677 30.58 41.26 -43.19
CA SER D 677 29.47 42.09 -42.70
C SER D 677 29.66 42.53 -41.25
N LEU D 678 29.20 43.76 -40.93
CA LEU D 678 29.23 44.30 -39.57
C LEU D 678 28.23 43.58 -38.66
N PHE D 679 27.28 42.81 -39.26
CA PHE D 679 26.31 41.99 -38.52
C PHE D 679 26.76 40.54 -38.31
N TYR D 680 27.85 40.09 -38.95
CA TYR D 680 28.32 38.70 -38.84
C TYR D 680 28.62 38.31 -37.39
N GLN D 682 26.78 38.69 -34.86
CA GLN D 682 26.35 39.69 -33.89
C GLN D 682 25.02 39.34 -33.28
N ARG D 683 24.95 39.39 -31.93
CA ARG D 683 23.70 39.17 -31.20
C ARG D 683 22.76 40.40 -31.44
N ASN D 684 21.45 40.17 -31.42
CA ASN D 684 20.50 41.26 -31.63
C ASN D 684 20.10 41.96 -30.33
N THR D 685 20.15 41.24 -29.21
CA THR D 685 19.83 41.71 -27.87
C THR D 685 20.69 40.89 -26.93
N GLU D 686 20.59 41.15 -25.61
CA GLU D 686 21.29 40.43 -24.56
C GLU D 686 20.84 38.94 -24.57
N HIS D 687 19.58 38.66 -24.95
CA HIS D 687 19.01 37.31 -24.93
C HIS D 687 18.93 36.63 -26.32
N ASP D 688 19.31 37.34 -27.41
CA ASP D 688 19.20 36.79 -28.75
C ASP D 688 20.54 36.63 -29.46
N PRO D 689 21.10 35.39 -29.47
CA PRO D 689 22.37 35.16 -30.18
C PRO D 689 22.20 35.22 -31.72
N PRO D 690 23.30 35.32 -32.50
CA PRO D 690 23.14 35.33 -33.99
C PRO D 690 22.51 34.01 -34.47
N TYR D 691 21.64 34.08 -35.46
CA TYR D 691 20.87 32.91 -35.92
C TYR D 691 21.04 32.70 -37.44
N TRP D 692 20.70 33.73 -38.23
CA TRP D 692 20.87 33.74 -39.69
C TRP D 692 21.92 34.80 -40.05
N ARG D 693 23.00 34.87 -39.23
CA ARG D 693 24.09 35.86 -39.37
C ARG D 693 25.49 35.23 -39.58
N GLY D 694 25.55 34.19 -40.40
CA GLY D 694 26.83 33.52 -40.69
C GLY D 694 26.74 32.02 -40.77
N ALA D 695 25.90 31.37 -39.92
CA ALA D 695 25.73 29.90 -39.87
C ALA D 695 25.22 29.28 -41.19
N VAL D 696 25.49 28.01 -41.39
CA VAL D 696 25.14 27.27 -42.59
C VAL D 696 23.77 26.58 -42.37
N TRP D 697 22.83 26.81 -43.28
CA TRP D 697 21.50 26.21 -43.20
C TRP D 697 21.31 25.29 -44.40
N LEU D 698 20.78 24.08 -44.16
CA LEU D 698 20.57 23.06 -45.19
C LEU D 698 19.49 23.38 -46.23
N ASN D 699 18.34 23.99 -45.81
CA ASN D 699 17.28 24.35 -46.75
C ASN D 699 17.74 25.30 -47.88
N ILE D 700 18.49 26.38 -47.56
CA ILE D 700 18.96 27.34 -48.57
C ILE D 700 20.12 26.76 -49.38
N ASN D 701 20.99 25.92 -48.73
CA ASN D 701 22.08 25.26 -49.44
C ASN D 701 21.54 24.26 -50.47
N TYR D 702 20.39 23.58 -50.15
CA TYR D 702 19.69 22.68 -51.09
C TYR D 702 19.20 23.48 -52.31
N LEU D 703 18.58 24.65 -52.08
CA LEU D 703 18.09 25.51 -53.16
C LEU D 703 19.24 26.02 -54.04
N ALA D 704 20.38 26.44 -53.41
CA ALA D 704 21.59 26.87 -54.13
C ALA D 704 22.15 25.73 -54.99
N LEU D 705 22.13 24.49 -54.44
CA LEU D 705 22.60 23.32 -55.20
C LEU D 705 21.70 22.99 -56.40
N GLY D 706 20.39 23.13 -56.24
CA GLY D 706 19.47 22.94 -57.35
C GLY D 706 19.67 23.97 -58.45
N ALA D 707 19.96 25.23 -58.06
CA ALA D 707 20.19 26.34 -58.99
C ALA D 707 21.51 26.16 -59.74
N LEU D 708 22.59 25.83 -59.03
CA LEU D 708 23.93 25.55 -59.63
C LEU D 708 23.90 24.35 -60.58
N HIS D 709 23.07 23.35 -60.28
CA HIS D 709 22.88 22.17 -61.14
C HIS D 709 22.16 22.65 -62.42
N HIS D 710 21.15 23.56 -62.27
CA HIS D 710 20.43 24.12 -63.39
C HIS D 710 21.33 24.97 -64.32
N TYR D 711 22.01 26.00 -63.77
CA TYR D 711 22.86 26.90 -64.57
C TYR D 711 24.12 26.24 -65.09
N GLY D 712 24.51 25.11 -64.51
CA GLY D 712 25.64 24.32 -64.97
C GLY D 712 25.29 23.32 -66.07
N HIS D 713 23.98 23.15 -66.38
CA HIS D 713 23.50 22.20 -67.39
C HIS D 713 22.77 22.86 -68.59
N VAL D 714 22.58 24.18 -68.56
CA VAL D 714 22.00 24.92 -69.68
C VAL D 714 23.08 25.77 -70.34
N GLU D 715 22.95 26.06 -71.65
CA GLU D 715 23.95 26.86 -72.37
C GLU D 715 23.94 28.31 -71.91
N GLY D 716 25.13 28.87 -71.75
CA GLY D 716 25.29 30.23 -71.28
C GLY D 716 26.72 30.57 -70.94
N PRO D 717 27.03 31.88 -70.71
CA PRO D 717 28.44 32.27 -70.46
C PRO D 717 29.00 31.88 -69.08
N HIS D 718 28.13 31.46 -68.15
CA HIS D 718 28.54 31.06 -66.80
C HIS D 718 28.33 29.57 -66.50
N LYS D 719 27.97 28.76 -67.51
CA LYS D 719 27.73 27.32 -67.37
C LYS D 719 28.90 26.58 -66.70
N VAL D 720 30.15 26.86 -67.14
CA VAL D 720 31.39 26.22 -66.64
C VAL D 720 31.63 26.52 -65.14
N GLN D 721 31.56 27.81 -64.74
CA GLN D 721 31.71 28.23 -63.34
C GLN D 721 30.60 27.63 -62.45
N ALA D 722 29.35 27.59 -62.93
CA ALA D 722 28.24 27.05 -62.13
C ALA D 722 28.42 25.52 -61.92
N ALA D 723 28.83 24.77 -62.99
CA ALA D 723 29.08 23.31 -62.92
C ALA D 723 30.15 22.99 -61.92
N LEU D 725 31.21 24.94 -59.23
CA LEU D 725 30.76 25.29 -57.88
C LEU D 725 29.75 24.28 -57.37
N TYR D 726 28.92 23.73 -58.28
CA TYR D 726 27.97 22.69 -57.94
C TYR D 726 28.71 21.49 -57.29
N HIS D 727 29.75 20.97 -57.94
CA HIS D 727 30.51 19.80 -57.46
C HIS D 727 31.23 20.05 -56.14
N GLU D 728 31.89 21.21 -56.02
CA GLU D 728 32.60 21.63 -54.82
C GLU D 728 31.65 21.84 -53.65
N LEU D 729 30.51 22.56 -53.86
CA LEU D 729 29.55 22.82 -52.80
C LEU D 729 28.89 21.53 -52.30
N ARG D 730 28.49 20.62 -53.24
CA ARG D 730 27.86 19.33 -52.89
C ARG D 730 28.80 18.50 -52.00
N ALA D 731 30.10 18.39 -52.37
CA ALA D 731 31.13 17.66 -51.64
C ALA D 731 31.29 18.21 -50.21
N ASN D 732 31.35 19.55 -50.03
CA ASN D 732 31.52 20.19 -48.72
C ASN D 732 30.33 20.00 -47.79
N VAL D 733 29.11 20.13 -48.31
CA VAL D 733 27.87 19.99 -47.53
C VAL D 733 27.71 18.53 -47.07
N VAL D 734 27.79 17.55 -48.00
CA VAL D 734 27.63 16.12 -47.69
C VAL D 734 28.68 15.65 -46.66
N ARG D 735 29.96 16.01 -46.88
CA ARG D 735 31.08 15.64 -46.01
C ARG D 735 30.86 16.10 -44.57
N ASN D 736 30.56 17.40 -44.35
CA ASN D 736 30.33 17.93 -43.01
C ASN D 736 29.14 17.32 -42.29
N VAL D 737 27.98 17.16 -42.97
CA VAL D 737 26.78 16.58 -42.36
C VAL D 737 27.07 15.13 -41.95
N ARG D 738 27.78 14.38 -42.81
CA ARG D 738 28.22 12.99 -42.51
C ARG D 738 29.17 12.92 -41.30
N GLN D 739 30.23 13.78 -41.29
CA GLN D 739 31.21 13.81 -40.20
C GLN D 739 30.60 14.21 -38.84
N GLN D 740 29.70 15.21 -38.84
CA GLN D 740 29.04 15.64 -37.61
C GLN D 740 28.09 14.57 -37.09
N TYR D 741 27.47 13.81 -38.00
CA TYR D 741 26.61 12.70 -37.61
C TYR D 741 27.44 11.58 -36.96
N GLN D 742 28.67 11.36 -37.46
CA GLN D 742 29.61 10.38 -36.92
C GLN D 742 30.08 10.78 -35.54
N ALA D 743 30.42 12.07 -35.36
CA ALA D 743 30.90 12.61 -34.10
C ALA D 743 29.80 12.73 -32.99
N THR D 744 28.54 13.05 -33.39
CA THR D 744 27.46 13.32 -32.42
C THR D 744 26.24 12.40 -32.46
N GLY D 745 26.01 11.70 -33.56
CA GLY D 745 24.81 10.87 -33.71
C GLY D 745 23.56 11.67 -34.04
N PHE D 746 23.72 12.93 -34.44
CA PHE D 746 22.59 13.81 -34.80
C PHE D 746 22.76 14.56 -36.12
N LEU D 747 21.62 14.97 -36.67
CA LEU D 747 21.41 15.90 -37.79
C LEU D 747 20.93 17.14 -37.05
N TRP D 748 21.60 18.26 -37.27
CA TRP D 748 21.37 19.51 -36.54
C TRP D 748 20.63 20.57 -37.33
N GLU D 749 20.06 21.56 -36.59
CA GLU D 749 19.34 22.72 -37.16
C GLU D 749 20.23 23.56 -38.08
N GLN D 750 21.50 23.75 -37.70
CA GLN D 750 22.48 24.56 -38.44
C GLN D 750 23.89 24.09 -38.10
N TYR D 751 24.87 24.53 -38.90
CA TYR D 751 26.26 24.15 -38.75
C TYR D 751 27.16 25.35 -38.71
N SER D 752 28.16 25.34 -37.81
CA SER D 752 29.13 26.43 -37.72
C SER D 752 29.89 26.58 -39.04
N ASP D 753 30.07 27.82 -39.51
CA ASP D 753 30.80 28.15 -40.74
C ASP D 753 32.31 28.18 -40.46
N GLN D 754 32.72 28.14 -39.15
CA GLN D 754 34.12 28.18 -38.71
C GLN D 754 34.74 26.78 -38.53
N ASP D 755 34.04 25.85 -37.86
CA ASP D 755 34.56 24.48 -37.64
C ASP D 755 33.57 23.39 -38.08
N GLY D 756 32.41 23.82 -38.58
CA GLY D 756 31.35 22.94 -39.09
C GLY D 756 30.53 22.23 -38.05
N ARG D 757 30.82 22.40 -36.75
CA ARG D 757 30.09 21.73 -35.67
C ARG D 757 28.59 22.04 -35.72
N GLY D 758 27.79 21.00 -35.45
CA GLY D 758 26.35 21.09 -35.35
C GLY D 758 25.99 22.02 -34.21
N MET D 759 25.00 22.91 -34.44
CA MET D 759 24.53 23.89 -33.46
C MET D 759 23.02 23.97 -33.50
N GLY D 760 22.47 24.64 -32.50
CA GLY D 760 21.04 24.86 -32.39
C GLY D 760 20.33 23.63 -31.92
N CYS D 761 19.09 23.43 -32.39
CA CYS D 761 18.26 22.29 -32.01
CA CYS D 761 18.34 22.27 -31.94
C CYS D 761 18.62 21.00 -32.76
N ARG D 762 18.42 19.85 -32.11
CA ARG D 762 18.65 18.52 -32.66
C ARG D 762 17.78 17.51 -31.90
N PRO D 763 17.31 16.42 -32.55
CA PRO D 763 17.39 16.10 -33.98
C PRO D 763 16.61 17.11 -34.83
N PHE D 764 17.16 17.51 -35.98
CA PHE D 764 16.42 18.45 -36.80
C PHE D 764 16.01 17.78 -38.09
N GLN D 765 14.97 16.97 -38.01
CA GLN D 765 14.48 16.25 -39.19
C GLN D 765 12.96 16.53 -39.47
N GLY D 766 12.62 17.72 -39.96
CA GLY D 766 13.53 18.82 -40.25
C GLY D 766 14.05 18.82 -41.67
N TRP D 767 14.29 20.02 -42.20
CA TRP D 767 14.83 20.16 -43.55
C TRP D 767 16.31 19.70 -43.68
N THR D 768 17.00 19.39 -42.53
CA THR D 768 18.38 18.87 -42.62
C THR D 768 18.37 17.49 -43.35
N SER D 769 17.19 16.82 -43.40
CA SER D 769 16.92 15.59 -44.13
C SER D 769 17.13 15.75 -45.64
N LEU D 770 17.11 17.02 -46.17
CA LEU D 770 17.37 17.35 -47.59
C LEU D 770 18.73 16.83 -48.06
N VAL D 771 19.66 16.52 -47.12
CA VAL D 771 20.98 15.93 -47.39
C VAL D 771 20.84 14.64 -48.22
N LEU D 772 19.71 13.92 -48.07
CA LEU D 772 19.44 12.72 -48.87
C LEU D 772 19.23 13.12 -50.34
N LEU D 773 18.43 14.19 -50.61
CA LEU D 773 18.17 14.68 -51.97
C LEU D 773 19.43 15.25 -52.62
N ILE D 774 20.34 15.83 -51.79
CA ILE D 774 21.63 16.32 -52.28
C ILE D 774 22.48 15.13 -52.75
N MET D 775 22.57 14.04 -51.92
CA MET D 775 23.31 12.82 -52.28
C MET D 775 22.71 12.14 -53.54
N ALA D 776 21.39 12.11 -53.66
CA ALA D 776 20.71 11.51 -54.80
C ALA D 776 20.70 12.44 -56.02
N GLU D 777 21.00 13.75 -55.83
CA GLU D 777 20.99 14.79 -56.88
C GLU D 777 19.59 14.90 -57.53
N GLU D 778 18.57 15.00 -56.68
CA GLU D 778 17.16 15.10 -57.07
C GLU D 778 16.67 16.51 -56.69
N TYR D 779 16.55 17.38 -57.70
CA TYR D 779 16.13 18.77 -57.57
C TYR D 779 14.94 19.01 -58.50
N ALA D 780 13.84 19.49 -57.95
CA ALA D 780 12.63 19.77 -58.72
C ALA D 780 12.87 20.99 -59.63
N SER D 781 12.59 20.83 -60.93
CA SER D 781 12.80 21.93 -61.88
C SER D 781 11.49 22.42 -62.45
N TRP D 782 11.29 23.74 -62.34
CA TRP D 782 10.11 24.50 -62.75
C TRP D 782 10.45 25.39 -63.98
#